data_7MXD
#
_entry.id   7MXD
#
_cell.length_a   1.00
_cell.length_b   1.00
_cell.length_c   1.00
_cell.angle_alpha   90.00
_cell.angle_beta   90.00
_cell.angle_gamma   90.00
#
_symmetry.space_group_name_H-M   'P 1'
#
loop_
_entity.id
_entity.type
_entity.pdbx_description
1 polymer 'Envelope glycoprotein gp120'
2 polymer '3BNC117 antibody heavy chain'
3 polymer '3BNC117 antibody light chain'
4 polymer 'J038 antibody heavy chain'
5 polymer 'J038 antibody light chain'
6 polymer 'Envelope glycoprotein gp41'
7 branched 2-acetamido-2-deoxy-beta-D-glucopyranose-(1-4)-2-acetamido-2-deoxy-beta-D-glucopyranose
8 branched alpha-D-mannopyranose-(1-2)-alpha-D-mannopyranose-(1-2)-alpha-D-mannopyranose-(1-3)-[alpha-D-mannopyranose-(1-3)-alpha-D-mannopyranose-(1-6)]beta-D-mannopyranose-(1-4)-2-acetamido-2-deoxy-beta-D-glucopyranose-(1-4)-2-acetamido-2-deoxy-beta-D-glucopyranose
9 branched alpha-D-mannopyranose-(1-3)-[alpha-D-mannopyranose-(1-6)]alpha-D-mannopyranose-(1-6)-[alpha-D-mannopyranose-(1-3)]beta-D-mannopyranose-(1-4)-2-acetamido-2-deoxy-beta-D-glucopyranose-(1-4)-2-acetamido-2-deoxy-beta-D-glucopyranose
10 branched beta-D-mannopyranose-(1-4)-2-acetamido-2-deoxy-beta-D-glucopyranose-(1-4)-2-acetamido-2-deoxy-beta-D-glucopyranose
11 branched alpha-D-mannopyranose-(1-2)-alpha-D-mannopyranose-(1-3)-[alpha-D-mannopyranose-(1-6)]beta-D-mannopyranose-(1-4)-2-acetamido-2-deoxy-beta-D-glucopyranose-(1-4)-2-acetamido-2-deoxy-beta-D-glucopyranose
12 non-polymer 2-acetamido-2-deoxy-beta-D-glucopyranose
13 non-polymer 'PHOSPHATE ION'
#
loop_
_entity_poly.entity_id
_entity_poly.type
_entity_poly.pdbx_seq_one_letter_code
_entity_poly.pdbx_strand_id
1 'polypeptide(L)'
;AENLWVTVYYGVPVWKDADTTLFCASDAKAHETEAHNIWATHACVPTDPNPQEIYMENVTENFNMWKNNMVEQMQEDIIS
LWDQSLKPCVKLTPLCVTLSCTNVTLTNVNYTNNFPNIGNITDEVRNCSFNVTTEIRDKKQKVYALFYKLDIVQMENKNS
YRLINCNTSVCKQACPKISFDPIPIHYCTPAGYAILKCNEKNFNGTGPCKNVSSVQCTHGIKPVVSTQLLLNGSLAEGEI
IIRSENLTNNAKTIIVHLNKSVEINCTRPSNNTRTSVTIGPGQVFYRTGDIIGDIRKAYCEINGTKWNETLKQVVGKLKE
HFPNKTISFQPPSGGDLEITMHHFNCRGEFFYCNTTQLFNSTWINSTTIKEYNDTIIYLPCKIKQIINMWQGVGQCMYAP
PIRGKINCVSNITGILLTRDGGDANATNDTETFRPGGGNIKDNWRSELYKYKVVQIEPLGIAPTKCKRRVVERRRRRR
;
A,F,G
2 'polypeptide(L)'
;QVQLLQSGAAVTKPGASVRVSCEASGYNIRDYFIHWWRQAPGQGLQWVGWINPKTGQPNNPRQFQGRVSLTRHASWDFDT
YSFYMDLKALRSDDTAVYFCARQRSDYWDFDVWGSGTQVTVSSASTKGPSVFPLAPSSKSTSGGTAALGCLVKDYFPEPV
TVSWNSGALTSGVHTFPAVLQSSGLYSLSSVVTVPSSSLGTQTYICNVNHKPSNTKVDKKVEPKSC
;
C,J,S
3 'polypeptide(L)'
;DIQMTQSPSSLSASVGDTVTITCQANGYLNWYQQRRGKAPKLLIYDGSKLERGVPSRFSGRRWGQEYNLTINNLQPEDIA
TYFCQVYEFVVPGTRLDLKRTVAAPSVFIFPPSDEQLKSGTASVVCLLNNFYPREAKVQWKVDNALQSGNSQESVTEQDS
KDSTYSLSSTLTLSKADYEKHKVYACEVTHQGLSSPVTKSFNRGEC
;
D,K,U
4 'polypeptide(L)'
;QLHLQESGPGLVRPSETLSLTCDVSGGAFNDAYCSWIRRFPGGGLEWIGRISGRDGYVESNPALTGRVTMSIDATWKKIV
LRLTSMTASDTATYFCAGETPEDDFGYYQPYFKTWGQGLGVTVSSASTKGPSVFPLAPCSRSTSESTAALGCLVKDYFPE
PVTVSWNSGSLTSGVHTFPAVLQSSGLYSLSSVVTVPSSSLGTQTYVCNVNHKPSNTKVDKRVEIKTC
;
X
5 'polypeptide(L)'
;DIQLIQSPSSVSASLGDRVTITCRSTQGIGSDLAWYQATPGTAPKLLIYNSFALHKGVPSRFSGSGSGTEFSLTITGLQP
EDFATYYCQHYRRLPLTFGGGTNIEVKRAVAAPSVFIFPPSEDQVKSGTVSVVCLLNNFYPREASVKWKVDGVLKTGNSQ
ESVTEQDSKDNTYSLSSTLTLSNTDYQSHNVYACEVTHQGLSSPVTKSFNRGEC
;
Y
6 'polypeptide(L)'
;AVGIGAMIFGFLGAAGSTMGAASNTLTVQARQLLSGIVQQQSNLPRAPEAQQHLLQLTVWGIKQLQARVLAVERYLEVQK
FLGLWGCSGKIICCTAVPWNSTWSNKSFEQIWNNMTWIEWEREISNYTSQIYDILTESQFQQDINEVDLLELD
;
B,I,H
#
# COMPACT_ATOMS: atom_id res chain seq x y z
N ALA A 1 29.85 -5.53 67.29
CA ALA A 1 30.26 -4.41 66.44
C ALA A 1 31.17 -4.88 65.32
N GLU A 2 32.17 -5.70 65.68
CA GLU A 2 33.10 -6.27 64.71
C GLU A 2 32.63 -7.63 64.20
N ASN A 3 31.45 -8.08 64.61
CA ASN A 3 30.94 -9.38 64.22
C ASN A 3 29.68 -9.24 63.36
N LEU A 4 29.69 -8.31 62.42
CA LEU A 4 28.58 -8.08 61.51
C LEU A 4 29.02 -8.40 60.09
N TRP A 5 28.22 -9.19 59.39
CA TRP A 5 28.54 -9.63 58.03
C TRP A 5 27.33 -9.38 57.14
N VAL A 6 27.60 -9.10 55.87
CA VAL A 6 26.53 -8.80 54.92
C VAL A 6 25.71 -10.07 54.67
N THR A 7 24.40 -9.96 54.80
CA THR A 7 23.48 -11.07 54.56
C THR A 7 22.45 -10.64 53.54
N VAL A 8 22.15 -11.53 52.60
CA VAL A 8 21.28 -11.23 51.47
C VAL A 8 19.94 -11.91 51.67
N TYR A 9 18.87 -11.12 51.72
CA TYR A 9 17.51 -11.62 51.83
C TYR A 9 16.81 -11.45 50.49
N TYR A 10 16.20 -12.53 50.00
CA TYR A 10 15.54 -12.55 48.70
C TYR A 10 14.04 -12.55 48.90
N GLY A 11 13.38 -11.50 48.45
CA GLY A 11 11.96 -11.36 48.57
C GLY A 11 11.47 -10.33 49.58
N VAL A 12 12.30 -9.36 49.94
CA VAL A 12 11.93 -8.35 50.92
C VAL A 12 10.80 -7.50 50.35
N PRO A 13 9.86 -7.04 51.17
CA PRO A 13 8.76 -6.20 50.67
C PRO A 13 9.18 -4.75 50.43
N VAL A 14 9.89 -4.54 49.32
CA VAL A 14 10.38 -3.22 48.93
C VAL A 14 9.99 -2.97 47.49
N TRP A 15 9.52 -1.76 47.21
CA TRP A 15 9.11 -1.37 45.87
C TRP A 15 9.70 0.00 45.53
N LYS A 16 9.59 0.37 44.26
CA LYS A 16 9.96 1.70 43.81
C LYS A 16 9.07 2.09 42.65
N ASP A 17 8.82 3.39 42.53
CA ASP A 17 7.89 3.88 41.51
C ASP A 17 8.49 3.71 40.12
N ALA A 18 7.67 3.22 39.20
CA ALA A 18 8.14 2.92 37.85
C ALA A 18 6.95 2.91 36.90
N ASP A 19 7.26 2.77 35.62
CA ASP A 19 6.25 2.73 34.57
C ASP A 19 6.46 1.48 33.72
N THR A 20 5.37 0.90 33.25
CA THR A 20 5.43 -0.39 32.57
C THR A 20 4.34 -0.45 31.50
N THR A 21 4.14 -1.64 30.95
CA THR A 21 3.22 -1.89 29.84
C THR A 21 2.07 -2.74 30.34
N LEU A 22 1.02 -2.08 30.82
CA LEU A 22 -0.15 -2.79 31.31
C LEU A 22 -0.91 -3.44 30.16
N PHE A 23 -1.34 -4.66 30.35
CA PHE A 23 -2.13 -5.38 29.34
C PHE A 23 -3.57 -5.49 29.81
N CYS A 24 -4.42 -6.05 28.95
CA CYS A 24 -5.86 -6.05 29.17
C CYS A 24 -6.33 -7.45 29.56
N ALA A 25 -7.04 -7.53 30.68
CA ALA A 25 -7.77 -8.71 31.09
C ALA A 25 -9.24 -8.34 31.20
N SER A 26 -10.11 -9.19 30.68
CA SER A 26 -11.53 -8.90 30.62
C SER A 26 -12.35 -10.06 31.17
N ASP A 27 -13.50 -9.73 31.74
CA ASP A 27 -14.43 -10.73 32.23
C ASP A 27 -15.01 -11.51 31.06
N ALA A 28 -15.10 -12.84 31.22
CA ALA A 28 -15.67 -13.67 30.17
C ALA A 28 -17.19 -13.68 30.19
N LYS A 29 -17.82 -13.26 31.29
CA LYS A 29 -19.27 -13.23 31.36
C LYS A 29 -19.85 -12.17 30.42
N ALA A 30 -19.24 -11.00 30.35
CA ALA A 30 -19.73 -9.95 29.46
C ALA A 30 -19.47 -10.26 28.00
N HIS A 31 -18.33 -10.88 27.70
CA HIS A 31 -17.99 -11.26 26.33
C HIS A 31 -18.71 -12.55 25.96
N GLU A 32 -18.28 -13.19 24.87
CA GLU A 32 -18.93 -14.38 24.30
C GLU A 32 -20.32 -14.06 23.76
N THR A 33 -20.55 -12.80 23.40
CA THR A 33 -21.75 -12.41 22.68
C THR A 33 -21.55 -12.45 21.17
N GLU A 34 -20.31 -12.62 20.71
CA GLU A 34 -19.97 -12.65 19.28
C GLU A 34 -20.43 -11.39 18.55
N ALA A 35 -20.44 -10.26 19.26
CA ALA A 35 -20.80 -8.98 18.65
C ALA A 35 -19.60 -8.20 18.15
N HIS A 36 -18.37 -8.63 18.47
CA HIS A 36 -17.15 -7.97 18.04
C HIS A 36 -17.13 -6.50 18.48
N ASN A 37 -17.11 -6.33 19.80
CA ASN A 37 -16.96 -5.01 20.39
C ASN A 37 -15.69 -4.33 19.87
N ILE A 38 -15.72 -3.01 19.84
CA ILE A 38 -14.53 -2.25 19.44
C ILE A 38 -13.46 -2.34 20.52
N TRP A 39 -13.83 -2.05 21.77
CA TRP A 39 -12.80 -1.83 22.78
C TRP A 39 -12.29 -3.14 23.37
N ALA A 40 -13.15 -3.82 24.13
CA ALA A 40 -12.73 -4.99 24.92
C ALA A 40 -12.74 -6.24 24.05
N THR A 41 -11.86 -6.22 23.05
CA THR A 41 -11.82 -7.28 22.06
C THR A 41 -11.48 -8.62 22.72
N HIS A 42 -11.65 -9.68 21.93
CA HIS A 42 -11.39 -11.04 22.39
C HIS A 42 -9.93 -11.28 22.73
N ALA A 43 -9.02 -10.40 22.31
CA ALA A 43 -7.60 -10.61 22.57
C ALA A 43 -7.24 -10.47 24.05
N CYS A 44 -8.12 -9.89 24.86
CA CYS A 44 -7.82 -9.74 26.28
C CYS A 44 -7.88 -11.09 26.98
N VAL A 45 -6.85 -11.39 27.75
CA VAL A 45 -6.77 -12.64 28.50
C VAL A 45 -7.89 -12.68 29.53
N PRO A 46 -8.45 -13.85 29.84
CA PRO A 46 -9.45 -13.93 30.91
C PRO A 46 -8.86 -13.49 32.23
N THR A 47 -9.68 -12.81 33.03
CA THR A 47 -9.22 -12.26 34.29
C THR A 47 -9.19 -13.33 35.37
N ASP A 48 -8.61 -12.97 36.51
CA ASP A 48 -8.55 -13.86 37.65
C ASP A 48 -9.95 -14.07 38.20
N PRO A 49 -10.44 -15.31 38.30
CA PRO A 49 -11.76 -15.54 38.90
C PRO A 49 -11.83 -15.16 40.37
N ASN A 50 -10.69 -15.08 41.06
CA ASN A 50 -10.62 -14.68 42.46
C ASN A 50 -9.59 -13.57 42.60
N PRO A 51 -9.98 -12.33 42.31
CA PRO A 51 -9.04 -11.22 42.44
C PRO A 51 -8.58 -11.06 43.89
N GLN A 52 -7.32 -10.67 44.04
CA GLN A 52 -6.68 -10.55 45.34
C GLN A 52 -6.45 -9.08 45.67
N GLU A 53 -6.77 -8.71 46.91
CA GLU A 53 -6.52 -7.35 47.40
C GLU A 53 -6.01 -7.47 48.83
N ILE A 54 -4.76 -7.08 49.06
CA ILE A 54 -4.10 -7.23 50.35
C ILE A 54 -3.95 -5.85 50.97
N TYR A 55 -4.33 -5.73 52.24
CA TYR A 55 -4.27 -4.45 52.95
C TYR A 55 -2.89 -4.31 53.61
N MET A 56 -2.06 -3.44 53.06
CA MET A 56 -0.78 -3.11 53.67
C MET A 56 -1.03 -2.15 54.82
N GLU A 57 -0.63 -2.54 56.02
CA GLU A 57 -1.18 -1.89 57.21
C GLU A 57 -0.51 -0.55 57.52
N ASN A 58 0.77 -0.57 57.86
CA ASN A 58 1.47 0.63 58.30
C ASN A 58 2.19 1.32 57.16
N VAL A 59 1.50 1.56 56.05
CA VAL A 59 2.13 2.05 54.83
C VAL A 59 1.52 3.39 54.46
N THR A 60 2.36 4.42 54.41
CA THR A 60 1.99 5.73 53.89
C THR A 60 2.68 5.91 52.54
N GLU A 61 1.90 6.15 51.50
CA GLU A 61 2.44 6.23 50.15
C GLU A 61 1.95 7.50 49.46
N ASN A 62 2.84 8.16 48.73
CA ASN A 62 2.50 9.42 48.08
C ASN A 62 1.84 9.14 46.73
N PHE A 63 0.56 9.51 46.61
CA PHE A 63 -0.14 9.44 45.34
C PHE A 63 -0.21 10.83 44.72
N ASN A 64 -0.24 10.85 43.39
CA ASN A 64 -0.26 12.12 42.66
C ASN A 64 -1.02 11.90 41.36
N MET A 65 -2.32 12.20 41.38
CA MET A 65 -3.10 12.25 40.15
C MET A 65 -2.57 13.41 39.29
N TRP A 66 -3.07 13.47 38.05
CA TRP A 66 -2.69 14.49 37.06
C TRP A 66 -1.28 14.23 36.54
N LYS A 67 -0.58 13.27 37.13
CA LYS A 67 0.74 12.86 36.67
C LYS A 67 0.87 11.35 36.71
N ASN A 68 -0.23 10.65 36.52
CA ASN A 68 -0.26 9.20 36.53
C ASN A 68 -0.11 8.70 35.10
N ASN A 69 0.95 7.92 34.84
CA ASN A 69 1.15 7.40 33.50
C ASN A 69 0.13 6.35 33.11
N MET A 70 -0.70 5.89 34.04
CA MET A 70 -1.75 4.94 33.70
C MET A 70 -2.82 5.58 32.83
N VAL A 71 -2.84 6.90 32.72
CA VAL A 71 -3.87 7.60 31.95
C VAL A 71 -3.43 7.82 30.50
N GLU A 72 -2.18 8.25 30.29
CA GLU A 72 -1.70 8.41 28.93
C GLU A 72 -1.68 7.08 28.18
N GLN A 73 -1.34 5.99 28.88
CA GLN A 73 -1.39 4.68 28.27
C GLN A 73 -2.80 4.35 27.80
N MET A 74 -3.79 4.65 28.63
CA MET A 74 -5.18 4.38 28.26
C MET A 74 -5.60 5.26 27.07
N GLN A 75 -5.14 6.51 27.03
CA GLN A 75 -5.42 7.36 25.89
C GLN A 75 -4.86 6.79 24.59
N GLU A 76 -3.59 6.39 24.60
CA GLU A 76 -3.01 5.81 23.39
C GLU A 76 -3.72 4.52 23.00
N ASP A 77 -4.08 3.69 23.97
CA ASP A 77 -4.75 2.44 23.65
C ASP A 77 -6.12 2.70 23.05
N ILE A 78 -6.87 3.65 23.59
CA ILE A 78 -8.19 3.97 23.06
C ILE A 78 -8.07 4.46 21.62
N ILE A 79 -7.13 5.37 21.38
CA ILE A 79 -6.96 5.91 20.03
C ILE A 79 -6.56 4.80 19.06
N SER A 80 -5.63 3.93 19.48
CA SER A 80 -5.16 2.86 18.61
C SER A 80 -6.26 1.87 18.29
N LEU A 81 -7.06 1.48 19.28
CA LEU A 81 -8.16 0.56 19.01
C LEU A 81 -9.20 1.19 18.09
N TRP A 82 -9.51 2.47 18.31
CA TRP A 82 -10.45 3.15 17.42
C TRP A 82 -9.93 3.17 15.99
N ASP A 83 -8.64 3.47 15.81
CA ASP A 83 -8.07 3.48 14.48
C ASP A 83 -8.08 2.09 13.85
N GLN A 84 -7.77 1.07 14.64
CA GLN A 84 -7.70 -0.29 14.13
C GLN A 84 -9.06 -0.85 13.72
N SER A 85 -10.12 -0.51 14.46
CA SER A 85 -11.43 -1.05 14.12
C SER A 85 -12.00 -0.44 12.85
N LEU A 86 -11.61 0.79 12.52
CA LEU A 86 -12.12 1.47 11.34
C LEU A 86 -11.29 1.22 10.09
N LYS A 87 -10.14 0.59 10.22
CA LYS A 87 -9.28 0.39 9.05
C LYS A 87 -9.87 -0.53 7.99
N PRO A 88 -10.40 -1.73 8.30
CA PRO A 88 -10.50 -2.76 7.27
C PRO A 88 -11.75 -2.74 6.41
N CYS A 89 -12.50 -1.64 6.40
CA CYS A 89 -13.76 -1.64 5.64
C CYS A 89 -13.99 -0.25 5.05
N VAL A 90 -15.24 -0.02 4.59
CA VAL A 90 -15.51 0.85 3.46
C VAL A 90 -15.03 2.29 3.68
N LYS A 91 -14.55 2.90 2.60
CA LYS A 91 -14.23 4.33 2.56
C LYS A 91 -15.41 5.13 2.03
N LEU A 92 -15.25 6.45 1.97
CA LEU A 92 -16.26 7.36 1.46
C LEU A 92 -15.65 8.43 0.58
N THR A 93 -14.68 8.05 -0.26
CA THR A 93 -14.13 9.01 -1.22
C THR A 93 -15.14 9.48 -2.26
N PRO A 94 -16.00 8.64 -2.86
CA PRO A 94 -16.88 9.14 -3.93
C PRO A 94 -17.97 10.06 -3.45
N LEU A 95 -18.15 10.25 -2.14
CA LEU A 95 -19.20 11.11 -1.63
C LEU A 95 -18.80 12.58 -1.57
N CYS A 96 -17.53 12.91 -1.81
CA CYS A 96 -17.11 14.30 -1.91
C CYS A 96 -17.50 14.83 -3.29
N VAL A 97 -18.79 15.11 -3.43
CA VAL A 97 -19.37 15.66 -4.65
C VAL A 97 -20.27 16.83 -4.27
N THR A 98 -20.92 17.40 -5.27
CA THR A 98 -21.83 18.53 -5.06
C THR A 98 -23.22 18.00 -4.78
N LEU A 99 -23.73 18.27 -3.58
CA LEU A 99 -25.09 17.89 -3.22
C LEU A 99 -26.06 18.99 -3.62
N SER A 100 -27.27 18.58 -3.98
CA SER A 100 -28.35 19.51 -4.32
C SER A 100 -29.49 19.26 -3.34
N CYS A 101 -29.45 19.93 -2.20
CA CYS A 101 -30.32 19.64 -1.08
C CYS A 101 -31.59 20.48 -1.14
N THR A 102 -32.66 19.95 -0.55
CA THR A 102 -33.94 20.64 -0.44
C THR A 102 -34.68 20.08 0.77
N ASN A 103 -35.77 20.74 1.15
CA ASN A 103 -36.55 20.26 2.28
C ASN A 103 -37.19 18.92 1.97
N VAL A 104 -37.67 18.26 3.01
CA VAL A 104 -38.24 16.92 2.90
C VAL A 104 -39.76 17.01 2.85
N THR A 105 -40.38 15.98 2.28
CA THR A 105 -41.83 15.83 2.25
C THR A 105 -42.17 14.53 2.94
N LEU A 106 -42.89 14.62 4.07
CA LEU A 106 -43.16 13.48 4.93
C LEU A 106 -44.66 13.23 5.00
N THR A 107 -45.06 11.98 4.78
CA THR A 107 -46.45 11.54 4.89
C THR A 107 -46.58 10.62 6.10
N ASN A 108 -46.85 11.22 7.26
CA ASN A 108 -46.78 10.55 8.54
C ASN A 108 -48.11 10.65 9.28
N VAL A 109 -48.12 10.19 10.53
CA VAL A 109 -49.25 10.40 11.41
C VAL A 109 -49.29 11.86 11.85
N ASN A 110 -50.50 12.40 12.00
CA ASN A 110 -50.63 13.82 12.33
C ASN A 110 -50.30 14.09 13.80
N TYR A 111 -50.76 13.23 14.71
CA TYR A 111 -50.64 13.53 16.13
C TYR A 111 -49.21 13.39 16.64
N THR A 112 -48.48 12.39 16.14
CA THR A 112 -47.06 12.18 16.44
C THR A 112 -46.77 11.97 17.93
N ASN A 113 -47.80 11.73 18.74
CA ASN A 113 -47.65 11.48 20.18
C ASN A 113 -46.86 12.62 20.84
N ASN A 114 -47.45 13.82 20.78
CA ASN A 114 -46.79 15.03 21.27
C ASN A 114 -46.89 15.13 22.79
N PHE A 115 -46.30 14.15 23.46
CA PHE A 115 -46.28 14.11 24.92
C PHE A 115 -45.19 15.02 25.49
N PRO A 116 -43.94 14.98 24.97
CA PRO A 116 -42.94 15.94 25.46
C PRO A 116 -42.93 17.26 24.72
N ASN A 117 -43.72 17.39 23.66
CA ASN A 117 -43.95 18.61 22.87
C ASN A 117 -42.71 19.51 22.78
N ILE A 118 -41.63 18.92 22.28
CA ILE A 118 -40.37 19.64 22.13
C ILE A 118 -40.20 20.12 20.69
N GLY A 119 -40.80 19.40 19.75
CA GLY A 119 -40.67 19.75 18.35
C GLY A 119 -40.66 18.51 17.49
N ASN A 120 -40.05 18.65 16.31
CA ASN A 120 -40.04 17.59 15.31
C ASN A 120 -38.88 17.84 14.33
N ILE A 121 -38.51 16.79 13.61
CA ILE A 121 -37.23 16.76 12.92
C ILE A 121 -37.37 17.30 11.50
N THR A 122 -38.48 17.94 11.20
CA THR A 122 -38.50 18.82 10.05
C THR A 122 -37.66 20.06 10.35
N ASP A 123 -37.17 20.69 9.29
CA ASP A 123 -36.22 21.80 9.37
C ASP A 123 -34.92 21.40 10.06
N GLU A 124 -34.66 20.11 10.23
CA GLU A 124 -33.37 19.62 10.70
C GLU A 124 -32.68 18.69 9.71
N VAL A 125 -33.41 18.08 8.78
CA VAL A 125 -32.83 17.21 7.78
C VAL A 125 -32.98 17.87 6.42
N ARG A 126 -32.17 17.42 5.47
CA ARG A 126 -32.20 17.90 4.10
C ARG A 126 -32.15 16.70 3.18
N ASN A 127 -32.91 16.77 2.09
CA ASN A 127 -32.99 15.70 1.10
C ASN A 127 -32.07 16.06 -0.05
N CYS A 128 -30.85 15.54 -0.01
CA CYS A 128 -29.81 15.90 -0.97
C CYS A 128 -29.67 14.82 -2.03
N SER A 129 -29.64 15.23 -3.29
CA SER A 129 -29.41 14.34 -4.42
C SER A 129 -28.04 14.60 -5.02
N PHE A 130 -27.35 13.53 -5.38
CA PHE A 130 -25.99 13.65 -5.90
C PHE A 130 -25.76 12.54 -6.91
N ASN A 131 -24.58 12.55 -7.52
CA ASN A 131 -24.19 11.55 -8.49
C ASN A 131 -23.02 10.72 -7.98
N VAL A 132 -23.17 9.39 -8.05
CA VAL A 132 -22.11 8.47 -7.71
C VAL A 132 -21.89 7.54 -8.90
N THR A 133 -20.90 6.66 -8.76
CA THR A 133 -20.60 5.69 -9.80
C THR A 133 -21.11 4.32 -9.39
N THR A 134 -21.50 3.53 -10.38
CA THR A 134 -22.00 2.19 -10.14
C THR A 134 -20.80 1.27 -9.91
N GLU A 135 -21.01 -0.05 -9.91
CA GLU A 135 -19.89 -0.97 -9.78
C GLU A 135 -18.89 -0.76 -10.90
N ILE A 136 -19.38 -0.59 -12.13
CA ILE A 136 -18.56 -0.23 -13.27
C ILE A 136 -18.42 1.29 -13.31
N ARG A 137 -17.21 1.77 -13.61
CA ARG A 137 -16.93 3.18 -13.44
C ARG A 137 -17.72 4.05 -14.42
N ASP A 138 -17.79 3.63 -15.67
CA ASP A 138 -18.21 4.50 -16.78
C ASP A 138 -19.68 4.90 -16.72
N LYS A 139 -20.56 4.34 -15.89
CA LYS A 139 -21.96 4.74 -15.86
C LYS A 139 -22.28 5.34 -14.50
N LYS A 140 -22.60 6.63 -14.49
CA LYS A 140 -22.97 7.32 -13.27
C LYS A 140 -24.44 7.06 -12.93
N GLN A 141 -24.82 7.42 -11.71
CA GLN A 141 -26.20 7.32 -11.28
C GLN A 141 -26.50 8.43 -10.28
N LYS A 142 -27.79 8.75 -10.16
CA LYS A 142 -28.27 9.79 -9.27
C LYS A 142 -28.95 9.16 -8.07
N VAL A 143 -28.50 9.54 -6.88
CA VAL A 143 -28.92 8.94 -5.62
C VAL A 143 -29.32 10.04 -4.65
N TYR A 144 -30.42 9.83 -3.93
CA TYR A 144 -30.89 10.76 -2.92
C TYR A 144 -30.61 10.20 -1.53
N ALA A 145 -30.44 11.10 -0.57
CA ALA A 145 -30.18 10.70 0.81
C ALA A 145 -30.61 11.82 1.74
N LEU A 146 -30.98 11.43 2.96
CA LEU A 146 -31.42 12.39 3.98
C LEU A 146 -30.27 12.67 4.93
N PHE A 147 -29.70 13.86 4.83
CA PHE A 147 -28.55 14.27 5.63
C PHE A 147 -28.98 15.27 6.68
N TYR A 148 -28.53 15.08 7.90
CA TYR A 148 -28.79 16.06 8.95
C TYR A 148 -28.08 17.36 8.64
N LYS A 149 -28.70 18.47 9.04
CA LYS A 149 -28.17 19.78 8.69
C LYS A 149 -26.84 20.10 9.35
N LEU A 150 -26.41 19.29 10.32
CA LEU A 150 -25.10 19.47 10.94
C LEU A 150 -23.98 18.81 10.17
N ASP A 151 -24.28 18.08 9.10
CA ASP A 151 -23.29 17.33 8.35
C ASP A 151 -23.00 17.91 6.97
N ILE A 152 -23.66 19.00 6.59
CA ILE A 152 -23.48 19.59 5.27
C ILE A 152 -23.28 21.09 5.42
N VAL A 153 -22.48 21.66 4.52
CA VAL A 153 -22.24 23.10 4.50
C VAL A 153 -22.59 23.64 3.13
N GLN A 154 -22.88 24.93 3.08
CA GLN A 154 -23.29 25.64 1.87
C GLN A 154 -22.08 26.38 1.32
N MET A 155 -21.53 25.89 0.21
CA MET A 155 -20.26 26.41 -0.29
C MET A 155 -20.46 27.64 -1.18
N GLU A 156 -21.27 27.52 -2.23
CA GLU A 156 -21.56 28.61 -3.16
C GLU A 156 -22.61 28.10 -4.12
N ASN A 157 -23.11 29.00 -4.98
CA ASN A 157 -24.15 28.67 -5.94
C ASN A 157 -25.37 28.09 -5.21
N LYS A 158 -26.03 29.00 -4.48
CA LYS A 158 -27.01 28.70 -3.45
C LYS A 158 -27.95 27.56 -3.85
N ASN A 159 -28.35 26.76 -2.85
CA ASN A 159 -29.03 25.47 -3.04
C ASN A 159 -28.09 24.43 -3.63
N SER A 160 -26.85 24.39 -3.13
CA SER A 160 -25.87 23.40 -3.54
C SER A 160 -24.88 23.22 -2.40
N TYR A 161 -24.99 22.11 -1.68
CA TYR A 161 -24.21 21.87 -0.47
C TYR A 161 -23.11 20.84 -0.73
N ARG A 162 -22.21 20.72 0.24
CA ARG A 162 -21.18 19.70 0.23
C ARG A 162 -21.06 19.13 1.64
N LEU A 163 -20.42 17.97 1.73
CA LEU A 163 -20.25 17.34 3.04
C LEU A 163 -19.30 18.17 3.91
N ILE A 164 -19.47 18.03 5.22
CA ILE A 164 -18.72 18.85 6.15
C ILE A 164 -17.23 18.53 6.08
N ASN A 165 -16.89 17.26 5.92
CA ASN A 165 -15.51 16.81 6.04
C ASN A 165 -14.72 16.91 4.74
N CYS A 166 -15.34 17.34 3.65
CA CYS A 166 -14.65 17.22 2.37
C CYS A 166 -13.49 18.19 2.21
N ASN A 167 -13.05 18.98 3.18
CA ASN A 167 -11.79 19.70 3.03
C ASN A 167 -10.73 19.30 4.04
N THR A 168 -11.10 18.56 5.09
CA THR A 168 -10.16 18.18 6.15
C THR A 168 -9.59 16.79 5.96
N SER A 169 -10.45 15.81 5.69
CA SER A 169 -10.00 14.43 5.50
C SER A 169 -11.13 13.66 4.81
N VAL A 170 -10.96 12.35 4.72
CA VAL A 170 -11.98 11.45 4.19
C VAL A 170 -12.32 10.46 5.30
N CYS A 171 -13.61 10.22 5.51
CA CYS A 171 -14.09 9.47 6.65
C CYS A 171 -14.52 8.08 6.22
N LYS A 172 -13.86 7.05 6.76
CA LYS A 172 -14.32 5.69 6.56
C LYS A 172 -15.64 5.47 7.28
N GLN A 173 -16.55 4.77 6.62
CA GLN A 173 -17.87 4.55 7.19
C GLN A 173 -17.79 3.64 8.41
N ALA A 174 -18.50 4.03 9.48
CA ALA A 174 -18.60 3.16 10.63
C ALA A 174 -19.18 1.82 10.21
N CYS A 175 -18.64 0.75 10.77
CA CYS A 175 -18.52 -0.44 9.98
C CYS A 175 -19.54 -1.45 10.50
N PRO A 176 -20.33 -2.08 9.64
CA PRO A 176 -21.67 -2.54 10.08
C PRO A 176 -21.68 -3.54 11.22
N LYS A 177 -20.74 -4.48 11.28
CA LYS A 177 -20.86 -5.59 12.20
C LYS A 177 -20.25 -5.33 13.57
N ILE A 178 -19.65 -4.17 13.80
CA ILE A 178 -18.99 -3.90 15.07
C ILE A 178 -19.98 -3.21 16.01
N SER A 179 -19.69 -3.31 17.31
CA SER A 179 -20.54 -2.74 18.34
C SER A 179 -19.76 -1.68 19.11
N PHE A 180 -20.49 -0.66 19.57
CA PHE A 180 -19.91 0.41 20.37
C PHE A 180 -20.18 0.24 21.85
N ASP A 181 -20.69 -0.92 22.27
CA ASP A 181 -21.00 -1.14 23.68
C ASP A 181 -19.71 -1.22 24.49
N PRO A 182 -19.55 -0.41 25.53
CA PRO A 182 -18.31 -0.45 26.33
C PRO A 182 -18.36 -1.62 27.31
N ILE A 183 -17.45 -2.57 27.13
CA ILE A 183 -17.30 -3.70 28.04
C ILE A 183 -16.20 -3.33 29.03
N PRO A 184 -16.36 -3.62 30.33
CA PRO A 184 -15.31 -3.26 31.29
C PRO A 184 -13.98 -3.90 30.95
N ILE A 185 -12.91 -3.14 31.17
CA ILE A 185 -11.55 -3.56 30.84
C ILE A 185 -10.70 -3.45 32.09
N HIS A 186 -9.94 -4.49 32.39
CA HIS A 186 -9.04 -4.50 33.54
C HIS A 186 -7.61 -4.33 33.05
N TYR A 187 -6.89 -3.36 33.62
CA TYR A 187 -5.52 -3.09 33.24
C TYR A 187 -4.60 -3.79 34.23
N CYS A 188 -3.95 -4.86 33.78
CA CYS A 188 -3.13 -5.67 34.67
C CYS A 188 -1.66 -5.55 34.33
N THR A 189 -0.83 -5.58 35.37
CA THR A 189 0.62 -5.45 35.35
C THR A 189 1.27 -6.79 35.02
N PRO A 190 2.51 -6.76 34.51
CA PRO A 190 3.26 -8.01 34.36
C PRO A 190 3.68 -8.57 35.71
N ALA A 191 4.40 -9.68 35.72
CA ALA A 191 4.90 -10.25 36.96
C ALA A 191 6.14 -9.48 37.41
N GLY A 192 6.19 -9.13 38.69
CA GLY A 192 7.23 -8.29 39.22
C GLY A 192 6.79 -6.85 39.46
N TYR A 193 5.57 -6.50 39.07
CA TYR A 193 4.99 -5.19 39.30
C TYR A 193 3.72 -5.36 40.12
N ALA A 194 3.21 -4.25 40.65
CA ALA A 194 1.99 -4.29 41.44
C ALA A 194 1.32 -2.93 41.34
N ILE A 195 0.05 -2.87 41.74
CA ILE A 195 -0.70 -1.63 41.67
C ILE A 195 -1.13 -1.27 43.09
N LEU A 196 -0.60 -0.18 43.61
CA LEU A 196 -1.01 0.32 44.90
C LEU A 196 -2.29 1.14 44.74
N LYS A 197 -3.26 0.88 45.61
CA LYS A 197 -4.57 1.52 45.56
C LYS A 197 -4.82 2.24 46.88
N CYS A 198 -5.23 3.50 46.80
CA CYS A 198 -5.48 4.31 47.98
C CYS A 198 -6.93 4.15 48.38
N ASN A 199 -7.16 3.55 49.54
CA ASN A 199 -8.50 3.21 50.01
C ASN A 199 -9.21 4.34 50.74
N GLU A 200 -8.54 5.47 50.97
CA GLU A 200 -9.17 6.58 51.67
C GLU A 200 -10.36 7.08 50.87
N LYS A 201 -11.54 7.10 51.50
CA LYS A 201 -12.75 7.50 50.80
C LYS A 201 -12.79 9.01 50.58
N ASN A 202 -12.40 9.79 51.58
CA ASN A 202 -12.38 11.24 51.47
C ASN A 202 -10.97 11.69 51.08
N PHE A 203 -10.54 11.20 49.93
CA PHE A 203 -9.18 11.44 49.42
C PHE A 203 -9.26 12.40 48.24
N ASN A 204 -8.56 13.52 48.36
CA ASN A 204 -8.45 14.45 47.24
C ASN A 204 -7.40 13.93 46.27
N GLY A 205 -6.95 14.78 45.35
CA GLY A 205 -6.03 14.34 44.32
C GLY A 205 -4.68 13.83 44.80
N THR A 206 -3.86 14.72 45.33
CA THR A 206 -2.47 14.42 45.64
C THR A 206 -2.26 14.28 47.14
N GLY A 207 -1.14 13.66 47.51
CA GLY A 207 -0.73 13.61 48.89
C GLY A 207 -0.47 12.21 49.40
N PRO A 208 -0.16 12.10 50.69
CA PRO A 208 0.05 10.78 51.29
C PRO A 208 -1.26 10.08 51.61
N CYS A 209 -1.28 8.77 51.34
CA CYS A 209 -2.39 7.90 51.66
C CYS A 209 -1.94 6.92 52.74
N LYS A 210 -2.83 6.63 53.69
CA LYS A 210 -2.45 5.97 54.93
C LYS A 210 -2.98 4.55 55.08
N ASN A 211 -3.90 4.11 54.23
CA ASN A 211 -4.30 2.71 54.16
C ASN A 211 -4.17 2.20 52.73
N VAL A 212 -3.02 2.45 52.11
CA VAL A 212 -2.74 1.88 50.81
C VAL A 212 -2.85 0.37 50.88
N SER A 213 -3.49 -0.21 49.87
CA SER A 213 -3.54 -1.65 49.68
C SER A 213 -2.87 -1.99 48.35
N SER A 214 -2.64 -3.28 48.13
CA SER A 214 -1.97 -3.75 46.93
C SER A 214 -2.89 -4.65 46.13
N VAL A 215 -2.87 -4.50 44.81
CA VAL A 215 -3.66 -5.34 43.92
C VAL A 215 -2.81 -5.78 42.74
N GLN A 216 -3.21 -6.90 42.15
CA GLN A 216 -2.61 -7.34 40.90
C GLN A 216 -3.06 -6.45 39.75
N CYS A 217 -4.35 -6.11 39.71
CA CYS A 217 -4.83 -5.14 38.73
C CYS A 217 -6.21 -4.61 39.10
N THR A 218 -6.64 -3.61 38.34
CA THR A 218 -7.72 -2.71 38.69
C THR A 218 -9.08 -3.37 38.55
N HIS A 219 -10.12 -2.56 38.76
CA HIS A 219 -11.49 -2.98 38.55
C HIS A 219 -11.80 -2.90 37.06
N GLY A 220 -13.07 -3.02 36.70
CA GLY A 220 -13.46 -2.88 35.31
C GLY A 220 -13.74 -1.43 34.95
N ILE A 221 -13.00 -0.89 34.00
CA ILE A 221 -13.10 0.51 33.63
C ILE A 221 -13.73 0.58 32.24
N LYS A 222 -14.94 1.11 32.18
CA LYS A 222 -15.64 1.21 30.91
C LYS A 222 -15.13 2.40 30.12
N PRO A 223 -14.83 2.23 28.84
CA PRO A 223 -14.23 3.31 28.04
C PRO A 223 -15.23 4.34 27.53
N VAL A 224 -16.41 4.42 28.16
CA VAL A 224 -17.44 5.37 27.73
C VAL A 224 -16.84 6.75 27.53
N VAL A 225 -17.34 7.47 26.53
CA VAL A 225 -16.84 8.79 26.17
C VAL A 225 -17.97 9.79 26.35
N SER A 226 -17.72 10.84 27.12
CA SER A 226 -18.68 11.91 27.35
C SER A 226 -17.91 13.23 27.40
N THR A 227 -18.64 14.34 27.48
CA THR A 227 -17.98 15.63 27.49
C THR A 227 -18.27 16.46 28.73
N GLN A 228 -19.54 16.60 29.12
CA GLN A 228 -19.88 17.45 30.25
C GLN A 228 -20.37 16.70 31.48
N LEU A 229 -20.73 15.43 31.34
CA LEU A 229 -21.24 14.64 32.45
C LEU A 229 -20.65 13.24 32.35
N LEU A 230 -19.84 12.85 33.31
CA LEU A 230 -19.31 11.50 33.33
C LEU A 230 -20.45 10.51 33.51
N LEU A 231 -20.51 9.51 32.63
CA LEU A 231 -21.62 8.58 32.58
C LEU A 231 -21.16 7.18 32.95
N ASN A 232 -22.02 6.45 33.64
CA ASN A 232 -21.80 5.03 33.93
C ASN A 232 -20.50 4.78 34.69
N GLY A 233 -20.05 5.78 35.44
CA GLY A 233 -18.81 5.66 36.18
C GLY A 233 -19.00 5.00 37.53
N SER A 234 -17.88 4.88 38.25
CA SER A 234 -17.88 4.32 39.59
C SER A 234 -18.22 5.40 40.60
N LEU A 235 -19.19 5.13 41.45
CA LEU A 235 -19.63 6.12 42.43
C LEU A 235 -18.58 6.32 43.52
N ALA A 236 -18.54 7.53 44.05
CA ALA A 236 -17.71 7.81 45.21
C ALA A 236 -18.25 7.11 46.44
N GLU A 237 -17.36 6.84 47.39
CA GLU A 237 -17.75 6.09 48.59
C GLU A 237 -18.25 7.00 49.70
N GLY A 238 -17.41 7.93 50.15
CA GLY A 238 -17.77 8.77 51.28
C GLY A 238 -18.83 9.79 50.98
N GLU A 239 -18.50 10.78 50.16
CA GLU A 239 -19.42 11.88 49.85
C GLU A 239 -19.09 12.36 48.44
N ILE A 240 -19.55 13.55 48.10
CA ILE A 240 -19.18 14.19 46.85
C ILE A 240 -17.76 14.74 47.00
N ILE A 241 -16.87 14.37 46.07
CA ILE A 241 -15.49 14.82 46.13
C ILE A 241 -15.21 15.74 44.94
N ILE A 242 -14.61 16.88 45.22
CA ILE A 242 -14.25 17.88 44.22
C ILE A 242 -12.74 17.85 44.04
N ARG A 243 -12.30 17.46 42.85
CA ARG A 243 -10.89 17.25 42.56
C ARG A 243 -10.44 18.19 41.46
N SER A 244 -9.37 18.93 41.72
CA SER A 244 -8.76 19.80 40.72
C SER A 244 -7.25 19.78 40.91
N GLU A 245 -6.53 19.97 39.80
CA GLU A 245 -5.07 20.05 39.88
C GLU A 245 -4.66 21.23 40.73
N ASN A 246 -5.30 22.37 40.56
CA ASN A 246 -5.14 23.50 41.46
C ASN A 246 -6.39 24.36 41.39
N LEU A 247 -7.11 24.46 42.51
CA LEU A 247 -8.39 25.15 42.52
C LEU A 247 -8.24 26.64 42.28
N THR A 248 -7.07 27.22 42.54
CA THR A 248 -6.87 28.65 42.37
C THR A 248 -6.31 29.00 41.00
N ASN A 249 -6.07 28.02 40.14
CA ASN A 249 -5.65 28.24 38.76
C ASN A 249 -6.86 27.90 37.88
N ASN A 250 -7.55 28.93 37.41
CA ASN A 250 -8.81 28.72 36.69
C ASN A 250 -8.62 28.01 35.35
N ALA A 251 -7.39 27.88 34.86
CA ALA A 251 -7.16 27.14 33.63
C ALA A 251 -7.33 25.63 33.80
N LYS A 252 -7.46 25.15 35.03
CA LYS A 252 -7.54 23.72 35.30
C LYS A 252 -9.00 23.33 35.54
N THR A 253 -9.42 22.25 34.89
CA THR A 253 -10.79 21.78 35.04
C THR A 253 -11.01 21.22 36.44
N ILE A 254 -12.27 21.27 36.88
CA ILE A 254 -12.68 20.73 38.17
C ILE A 254 -13.57 19.52 37.90
N ILE A 255 -13.33 18.43 38.63
CA ILE A 255 -14.12 17.22 38.48
C ILE A 255 -14.90 17.01 39.77
N VAL A 256 -16.23 16.97 39.65
CA VAL A 256 -17.10 16.70 40.78
C VAL A 256 -17.56 15.26 40.66
N HIS A 257 -17.31 14.48 41.70
CA HIS A 257 -17.60 13.05 41.72
C HIS A 257 -18.69 12.81 42.75
N LEU A 258 -19.82 12.26 42.30
CA LEU A 258 -21.03 12.14 43.08
C LEU A 258 -21.10 10.81 43.81
N ASN A 259 -21.69 10.84 45.01
CA ASN A 259 -21.89 9.64 45.80
C ASN A 259 -23.27 9.04 45.62
N LYS A 260 -24.11 9.61 44.75
CA LYS A 260 -25.42 9.05 44.46
C LYS A 260 -25.74 9.31 42.99
N SER A 261 -25.87 8.23 42.22
CA SER A 261 -26.08 8.34 40.79
C SER A 261 -27.41 9.00 40.47
N VAL A 262 -27.43 9.73 39.36
CA VAL A 262 -28.65 10.34 38.82
C VAL A 262 -28.88 9.75 37.45
N GLU A 263 -30.10 9.28 37.20
CA GLU A 263 -30.40 8.52 36.00
C GLU A 263 -30.93 9.45 34.91
N ILE A 264 -30.32 9.36 33.72
CA ILE A 264 -30.77 10.08 32.54
C ILE A 264 -31.31 9.06 31.55
N ASN A 265 -32.36 9.44 30.82
CA ASN A 265 -33.08 8.51 29.95
C ASN A 265 -33.19 9.15 28.57
N CYS A 266 -32.35 8.73 27.62
CA CYS A 266 -32.27 9.37 26.32
C CYS A 266 -32.92 8.48 25.27
N THR A 267 -33.69 9.10 24.38
CA THR A 267 -34.43 8.37 23.38
C THR A 267 -34.45 9.14 22.06
N ARG A 268 -34.57 8.39 20.97
CA ARG A 268 -34.69 8.92 19.61
C ARG A 268 -36.03 8.43 19.08
N PRO A 269 -37.09 9.22 19.23
CA PRO A 269 -38.44 8.69 18.98
C PRO A 269 -38.81 8.58 17.51
N SER A 270 -38.01 9.11 16.60
CA SER A 270 -38.34 8.98 15.19
C SER A 270 -38.10 7.54 14.74
N ASN A 271 -38.60 7.23 13.55
CA ASN A 271 -38.59 5.87 13.01
C ASN A 271 -37.87 5.94 11.67
N ASN A 272 -36.55 5.82 11.73
CA ASN A 272 -35.70 5.90 10.55
C ASN A 272 -35.57 4.53 9.91
N THR A 273 -35.23 4.51 8.62
CA THR A 273 -34.96 3.27 7.91
C THR A 273 -33.59 3.36 7.24
N ARG A 274 -32.95 2.20 7.11
CA ARG A 274 -31.63 2.10 6.49
C ARG A 274 -31.79 1.58 5.08
N THR A 275 -31.07 2.18 4.14
CA THR A 275 -31.07 1.72 2.75
C THR A 275 -29.63 1.79 2.23
N SER A 276 -29.25 0.78 1.43
CA SER A 276 -27.88 0.63 0.98
C SER A 276 -27.80 0.90 -0.53
N VAL A 277 -26.89 1.78 -0.92
CA VAL A 277 -26.55 1.99 -2.31
C VAL A 277 -25.13 1.54 -2.55
N THR A 278 -24.72 1.50 -3.81
CA THR A 278 -23.37 1.10 -4.19
C THR A 278 -22.67 2.28 -4.85
N ILE A 279 -21.44 2.54 -4.41
CA ILE A 279 -20.66 3.67 -4.90
C ILE A 279 -19.37 3.21 -5.56
N GLY A 280 -19.23 1.92 -5.83
CA GLY A 280 -18.03 1.39 -6.44
C GLY A 280 -17.97 -0.11 -6.29
N PRO A 281 -16.88 -0.72 -6.77
CA PRO A 281 -16.77 -2.18 -6.69
C PRO A 281 -16.56 -2.66 -5.27
N GLY A 282 -17.59 -3.26 -4.68
CA GLY A 282 -17.52 -3.79 -3.33
C GLY A 282 -17.78 -2.78 -2.23
N GLN A 283 -17.97 -1.51 -2.56
CA GLN A 283 -18.25 -0.48 -1.57
C GLN A 283 -19.75 -0.24 -1.48
N VAL A 284 -20.28 -0.26 -0.27
CA VAL A 284 -21.71 -0.08 -0.02
C VAL A 284 -21.89 1.06 0.98
N PHE A 285 -22.78 1.97 0.66
CA PHE A 285 -23.03 3.17 1.45
C PHE A 285 -24.42 3.07 2.05
N TYR A 286 -24.49 3.14 3.39
CA TYR A 286 -25.75 3.03 4.11
C TYR A 286 -26.27 4.42 4.45
N ARG A 287 -27.51 4.70 4.07
CA ARG A 287 -28.09 6.02 4.21
C ARG A 287 -29.49 5.90 4.80
N THR A 288 -30.05 7.05 5.18
CA THR A 288 -31.41 7.12 5.68
C THR A 288 -32.34 7.28 4.49
N GLY A 289 -32.94 6.18 4.05
CA GLY A 289 -33.79 6.24 2.87
C GLY A 289 -35.03 7.09 3.06
N ASP A 290 -35.68 6.96 4.21
CA ASP A 290 -36.90 7.70 4.49
C ASP A 290 -37.11 7.76 5.99
N ILE A 291 -37.94 8.70 6.42
CA ILE A 291 -38.28 8.87 7.83
C ILE A 291 -39.81 8.78 7.90
N ILE A 292 -40.32 7.58 8.12
CA ILE A 292 -41.75 7.33 8.12
C ILE A 292 -42.21 7.16 9.57
N GLY A 293 -43.50 7.37 9.80
CA GLY A 293 -44.06 7.22 11.12
C GLY A 293 -43.83 8.42 12.02
N ASP A 294 -43.51 8.17 13.28
CA ASP A 294 -43.29 9.26 14.23
C ASP A 294 -42.08 10.08 13.82
N ILE A 295 -42.21 11.40 13.94
CA ILE A 295 -41.08 12.32 13.80
C ILE A 295 -41.08 13.24 15.01
N ARG A 296 -40.00 13.17 15.79
CA ARG A 296 -39.79 14.03 16.95
C ARG A 296 -38.29 14.08 17.22
N LYS A 297 -37.83 15.24 17.69
CA LYS A 297 -36.43 15.37 18.04
C LYS A 297 -36.06 14.42 19.17
N ALA A 298 -34.88 13.82 19.07
CA ALA A 298 -34.38 12.99 20.15
C ALA A 298 -34.21 13.84 21.40
N TYR A 299 -34.52 13.26 22.56
CA TYR A 299 -34.51 14.03 23.79
C TYR A 299 -34.09 13.15 24.95
N CYS A 300 -33.62 13.80 26.02
CA CYS A 300 -33.22 13.12 27.24
C CYS A 300 -34.06 13.63 28.41
N GLU A 301 -34.61 12.71 29.19
CA GLU A 301 -35.39 13.03 30.37
C GLU A 301 -34.53 12.87 31.62
N ILE A 302 -34.69 13.83 32.53
CA ILE A 302 -34.01 13.78 33.83
C ILE A 302 -35.02 14.15 34.91
N ASN A 303 -35.03 13.37 36.00
CA ASN A 303 -35.81 13.74 37.16
C ASN A 303 -35.34 15.08 37.69
N GLY A 304 -36.27 16.04 37.80
CA GLY A 304 -35.88 17.40 38.12
C GLY A 304 -35.38 17.57 39.54
N THR A 305 -36.12 17.05 40.51
CA THR A 305 -35.78 17.30 41.91
C THR A 305 -34.56 16.51 42.35
N LYS A 306 -34.32 15.33 41.75
CA LYS A 306 -33.08 14.63 42.03
C LYS A 306 -31.87 15.45 41.59
N TRP A 307 -31.95 16.05 40.40
CA TRP A 307 -30.86 16.90 39.94
C TRP A 307 -30.73 18.14 40.81
N ASN A 308 -31.86 18.70 41.26
CA ASN A 308 -31.78 19.85 42.15
C ASN A 308 -31.09 19.50 43.46
N GLU A 309 -31.39 18.32 44.02
CA GLU A 309 -30.71 17.87 45.24
C GLU A 309 -29.22 17.67 44.99
N THR A 310 -28.87 17.08 43.84
CA THR A 310 -27.47 16.89 43.52
C THR A 310 -26.73 18.23 43.42
N LEU A 311 -27.35 19.21 42.77
CA LEU A 311 -26.73 20.53 42.69
C LEU A 311 -26.63 21.17 44.06
N LYS A 312 -27.63 20.95 44.91
CA LYS A 312 -27.57 21.49 46.27
C LYS A 312 -26.37 20.92 47.03
N GLN A 313 -26.15 19.61 46.93
CA GLN A 313 -25.01 19.00 47.61
C GLN A 313 -23.69 19.44 47.00
N VAL A 314 -23.66 19.61 45.68
CA VAL A 314 -22.45 20.08 45.01
C VAL A 314 -22.08 21.48 45.51
N VAL A 315 -23.09 22.36 45.62
CA VAL A 315 -22.82 23.70 46.15
C VAL A 315 -22.43 23.62 47.62
N GLY A 316 -23.02 22.68 48.37
CA GLY A 316 -22.62 22.51 49.76
C GLY A 316 -21.15 22.15 49.89
N LYS A 317 -20.66 21.31 48.98
CA LYS A 317 -19.24 20.96 49.01
C LYS A 317 -18.35 22.07 48.46
N LEU A 318 -18.83 22.82 47.48
CA LEU A 318 -18.04 23.91 46.92
C LEU A 318 -17.98 25.12 47.83
N LYS A 319 -18.92 25.25 48.77
CA LYS A 319 -18.92 26.42 49.64
C LYS A 319 -17.73 26.43 50.61
N GLU A 320 -17.17 25.26 50.93
CA GLU A 320 -16.04 25.25 51.85
C GLU A 320 -14.75 25.67 51.17
N HIS A 321 -14.61 25.41 49.88
CA HIS A 321 -13.42 25.84 49.15
C HIS A 321 -13.43 27.34 48.88
N PHE A 322 -14.60 27.94 48.75
CA PHE A 322 -14.74 29.38 48.54
C PHE A 322 -15.59 29.96 49.64
N PRO A 323 -15.01 30.65 50.62
CA PRO A 323 -15.73 30.95 51.87
C PRO A 323 -16.95 31.84 51.76
N ASN A 324 -16.79 33.04 51.21
CA ASN A 324 -17.82 34.08 51.29
C ASN A 324 -18.46 34.37 49.94
N LYS A 325 -18.22 33.53 48.95
CA LYS A 325 -18.59 33.82 47.57
C LYS A 325 -19.81 33.01 47.19
N THR A 326 -20.86 33.70 46.74
CA THR A 326 -22.04 33.03 46.22
C THR A 326 -21.69 32.25 44.97
N ILE A 327 -22.26 31.06 44.83
CA ILE A 327 -21.92 30.14 43.75
C ILE A 327 -23.12 30.04 42.82
N SER A 328 -22.90 30.34 41.55
CA SER A 328 -23.94 30.28 40.53
C SER A 328 -23.42 29.50 39.33
N PHE A 329 -24.30 28.73 38.71
CA PHE A 329 -23.97 27.95 37.53
C PHE A 329 -24.45 28.66 36.28
N GLN A 330 -23.70 28.50 35.19
CA GLN A 330 -24.04 29.12 33.92
C GLN A 330 -23.74 28.13 32.80
N PRO A 331 -24.45 28.22 31.68
CA PRO A 331 -24.21 27.29 30.58
C PRO A 331 -22.90 27.61 29.88
N PRO A 332 -22.43 26.73 29.00
CA PRO A 332 -21.14 26.98 28.34
C PRO A 332 -21.14 28.27 27.55
N SER A 333 -20.00 28.95 27.55
CA SER A 333 -19.86 30.27 26.94
C SER A 333 -19.45 30.22 25.47
N GLY A 334 -19.07 29.05 24.97
CA GLY A 334 -18.70 28.94 23.57
C GLY A 334 -17.79 27.77 23.34
N GLY A 335 -17.34 27.64 22.10
CA GLY A 335 -16.44 26.57 21.73
C GLY A 335 -16.96 25.74 20.57
N ASP A 336 -16.55 24.48 20.50
CA ASP A 336 -17.02 23.59 19.46
C ASP A 336 -18.40 23.06 19.80
N LEU A 337 -18.92 22.18 18.95
CA LEU A 337 -20.20 21.54 19.26
C LEU A 337 -20.04 20.47 20.33
N GLU A 338 -18.83 19.91 20.46
CA GLU A 338 -18.60 18.90 21.48
C GLU A 338 -18.60 19.51 22.88
N ILE A 339 -18.17 20.76 23.01
CA ILE A 339 -18.04 21.38 24.32
C ILE A 339 -19.37 21.96 24.79
N THR A 340 -20.02 22.75 23.94
CA THR A 340 -21.27 23.40 24.32
C THR A 340 -22.42 22.42 24.51
N MET A 341 -22.33 21.22 23.94
CA MET A 341 -23.36 20.20 24.08
C MET A 341 -22.79 18.96 24.76
N HIS A 342 -23.57 18.39 25.67
CA HIS A 342 -23.21 17.11 26.26
C HIS A 342 -23.21 16.06 25.16
N HIS A 343 -22.03 15.61 24.76
CA HIS A 343 -21.88 14.66 23.68
C HIS A 343 -21.74 13.26 24.24
N PHE A 344 -22.38 12.29 23.59
CA PHE A 344 -22.24 10.90 23.99
C PHE A 344 -22.74 10.00 22.87
N ASN A 345 -22.79 8.70 23.13
CA ASN A 345 -23.18 7.70 22.16
C ASN A 345 -24.26 6.82 22.75
N CYS A 346 -25.17 6.35 21.91
CA CYS A 346 -26.31 5.56 22.33
C CYS A 346 -26.62 4.56 21.22
N ARG A 347 -26.33 3.29 21.47
CA ARG A 347 -26.61 2.20 20.54
C ARG A 347 -26.00 2.48 19.15
N GLY A 348 -24.84 3.12 19.15
CA GLY A 348 -24.14 3.40 17.91
C GLY A 348 -24.53 4.68 17.23
N GLU A 349 -25.38 5.51 17.83
CA GLU A 349 -25.76 6.81 17.27
C GLU A 349 -25.28 7.91 18.19
N PHE A 350 -24.76 8.99 17.61
CA PHE A 350 -24.02 10.00 18.35
C PHE A 350 -24.89 11.21 18.64
N PHE A 351 -25.09 11.48 19.93
CA PHE A 351 -26.02 12.47 20.43
C PHE A 351 -25.27 13.68 20.99
N TYR A 352 -25.87 14.86 20.81
CA TYR A 352 -25.34 16.13 21.29
C TYR A 352 -26.49 16.87 21.96
N CYS A 353 -26.58 16.77 23.29
CA CYS A 353 -27.70 17.37 24.01
C CYS A 353 -27.36 18.79 24.48
N ASN A 354 -28.39 19.61 24.59
CA ASN A 354 -28.21 21.01 25.00
C ASN A 354 -27.73 21.14 26.44
N THR A 355 -28.36 20.43 27.37
CA THR A 355 -28.10 20.52 28.82
C THR A 355 -27.83 21.95 29.28
N THR A 356 -28.80 22.83 29.02
CA THR A 356 -28.77 24.20 29.51
C THR A 356 -29.72 24.46 30.67
N GLN A 357 -30.91 23.84 30.65
CA GLN A 357 -31.80 23.96 31.80
C GLN A 357 -31.20 23.34 33.04
N LEU A 358 -30.17 22.52 32.88
CA LEU A 358 -29.48 21.95 34.03
C LEU A 358 -28.59 22.98 34.71
N PHE A 359 -28.10 23.98 33.97
CA PHE A 359 -26.98 24.78 34.43
C PHE A 359 -27.27 26.28 34.54
N ASN A 360 -28.51 26.67 34.80
CA ASN A 360 -28.76 27.83 35.64
C ASN A 360 -29.09 27.42 37.07
N SER A 361 -28.61 28.23 38.01
CA SER A 361 -28.92 28.19 39.43
C SER A 361 -28.19 29.38 40.05
N THR A 362 -28.63 29.75 41.25
CA THR A 362 -27.92 30.78 42.01
C THR A 362 -28.29 30.58 43.47
N TRP A 363 -27.35 30.06 44.24
CA TRP A 363 -27.60 29.67 45.62
C TRP A 363 -26.98 30.73 46.52
N ILE A 364 -27.82 31.67 46.97
CA ILE A 364 -27.31 32.87 47.63
C ILE A 364 -26.86 32.57 49.04
N ASN A 365 -27.78 32.13 49.90
CA ASN A 365 -27.44 31.92 51.29
C ASN A 365 -28.19 30.74 51.92
N SER A 366 -28.93 29.96 51.13
CA SER A 366 -29.76 28.88 51.66
C SER A 366 -30.68 29.40 52.76
N THR A 367 -31.33 30.53 52.47
CA THR A 367 -32.17 31.20 53.47
C THR A 367 -33.34 30.32 53.88
N THR A 368 -33.99 29.69 52.92
CA THR A 368 -35.17 28.88 53.21
C THR A 368 -35.23 27.70 52.24
N ILE A 369 -36.01 26.69 52.63
CA ILE A 369 -36.21 25.51 51.82
C ILE A 369 -37.37 25.82 50.87
N LYS A 370 -37.05 26.21 49.65
CA LYS A 370 -38.06 26.53 48.65
C LYS A 370 -38.55 25.25 48.00
N GLU A 371 -39.83 24.95 48.20
CA GLU A 371 -40.43 23.71 47.73
C GLU A 371 -41.18 23.94 46.43
N TYR A 372 -40.97 23.06 45.45
CA TYR A 372 -41.63 23.14 44.17
C TYR A 372 -42.13 21.75 43.79
N ASN A 373 -42.61 21.63 42.55
CA ASN A 373 -43.37 20.47 42.12
C ASN A 373 -42.44 19.44 41.48
N ASP A 374 -42.82 18.17 41.59
CA ASP A 374 -42.06 17.10 40.96
C ASP A 374 -42.19 17.22 39.44
N THR A 375 -41.10 17.61 38.78
CA THR A 375 -41.11 17.87 37.35
C THR A 375 -40.02 17.05 36.67
N ILE A 376 -40.16 16.90 35.35
CA ILE A 376 -39.21 16.19 34.52
C ILE A 376 -38.58 17.20 33.56
N ILE A 377 -37.27 17.28 33.57
CA ILE A 377 -36.53 18.17 32.69
C ILE A 377 -36.27 17.44 31.38
N TYR A 378 -36.67 18.06 30.27
CA TYR A 378 -36.50 17.50 28.94
C TYR A 378 -35.41 18.29 28.23
N LEU A 379 -34.39 17.57 27.75
CA LEU A 379 -33.27 18.19 27.06
C LEU A 379 -33.33 17.84 25.59
N PRO A 380 -33.43 18.83 24.71
CA PRO A 380 -33.53 18.57 23.27
C PRO A 380 -32.16 18.31 22.67
N CYS A 381 -31.95 17.09 22.19
CA CYS A 381 -30.67 16.65 21.68
C CYS A 381 -30.68 16.61 20.16
N LYS A 382 -29.49 16.71 19.58
CA LYS A 382 -29.29 16.57 18.15
C LYS A 382 -28.50 15.29 17.89
N ILE A 383 -28.44 14.89 16.62
CA ILE A 383 -27.75 13.67 16.22
C ILE A 383 -26.80 13.99 15.09
N LYS A 384 -25.59 13.47 15.16
CA LYS A 384 -24.62 13.69 14.11
C LYS A 384 -24.21 12.37 13.47
N GLN A 385 -23.87 12.42 12.18
CA GLN A 385 -23.43 11.24 11.45
C GLN A 385 -21.97 11.30 11.00
N ILE A 386 -21.39 12.48 10.87
CA ILE A 386 -19.98 12.63 10.55
C ILE A 386 -19.26 12.94 11.85
N ILE A 387 -18.53 11.97 12.38
CA ILE A 387 -17.95 12.04 13.72
C ILE A 387 -16.44 12.10 13.60
N ASN A 388 -15.84 13.08 14.29
CA ASN A 388 -14.40 13.16 14.49
C ASN A 388 -14.17 13.32 15.98
N MET A 389 -14.00 12.19 16.66
CA MET A 389 -14.02 12.17 18.13
C MET A 389 -12.83 12.93 18.70
N TRP A 390 -11.65 12.75 18.13
CA TRP A 390 -10.44 13.41 18.59
C TRP A 390 -9.98 14.39 17.52
N GLN A 391 -9.50 15.55 17.97
CA GLN A 391 -9.42 16.72 17.10
C GLN A 391 -8.52 16.48 15.90
N GLY A 392 -7.34 15.90 16.12
CA GLY A 392 -6.41 15.75 15.03
C GLY A 392 -5.61 14.47 15.03
N VAL A 393 -5.97 13.54 15.92
CA VAL A 393 -5.25 12.28 16.03
C VAL A 393 -6.10 11.07 15.67
N GLY A 394 -7.43 11.18 15.73
CA GLY A 394 -8.31 10.08 15.40
C GLY A 394 -8.81 10.14 13.97
N GLN A 395 -9.15 8.97 13.44
CA GLN A 395 -9.71 8.87 12.11
C GLN A 395 -11.15 9.36 12.11
N CYS A 396 -11.50 10.14 11.09
CA CYS A 396 -12.88 10.57 10.93
C CYS A 396 -13.75 9.38 10.55
N MET A 397 -14.98 9.39 11.05
CA MET A 397 -15.88 8.25 10.91
C MET A 397 -17.27 8.73 10.56
N TYR A 398 -17.98 7.93 9.75
CA TYR A 398 -19.36 8.19 9.39
C TYR A 398 -20.21 7.03 9.92
N ALA A 399 -21.11 7.34 10.86
CA ALA A 399 -21.91 6.31 11.51
C ALA A 399 -23.19 6.08 10.71
N PRO A 400 -23.42 4.87 10.19
CA PRO A 400 -24.63 4.64 9.41
C PRO A 400 -25.85 4.76 10.30
N PRO A 401 -26.99 5.19 9.75
CA PRO A 401 -28.21 5.25 10.56
C PRO A 401 -28.59 3.88 11.06
N ILE A 402 -29.07 3.83 12.29
CA ILE A 402 -29.49 2.59 12.94
C ILE A 402 -31.01 2.49 12.82
N ARG A 403 -31.49 1.34 12.34
CA ARG A 403 -32.91 1.18 12.06
C ARG A 403 -33.69 1.00 13.35
N GLY A 404 -34.87 1.62 13.41
CA GLY A 404 -35.77 1.47 14.53
C GLY A 404 -35.73 2.63 15.49
N LYS A 405 -36.26 2.39 16.68
CA LYS A 405 -36.29 3.37 17.75
C LYS A 405 -35.18 3.07 18.75
N ILE A 406 -34.42 4.08 19.12
CA ILE A 406 -33.24 3.93 19.97
C ILE A 406 -33.54 4.51 21.33
N ASN A 407 -33.13 3.81 22.39
CA ASN A 407 -33.36 4.27 23.75
C ASN A 407 -32.28 3.72 24.67
N CYS A 408 -31.52 4.61 25.30
CA CYS A 408 -30.49 4.24 26.26
C CYS A 408 -30.75 4.95 27.58
N VAL A 409 -30.72 4.21 28.67
CA VAL A 409 -30.84 4.76 30.01
C VAL A 409 -29.50 4.58 30.72
N SER A 410 -28.97 5.66 31.28
CA SER A 410 -27.62 5.65 31.80
C SER A 410 -27.55 6.42 33.11
N ASN A 411 -26.42 6.27 33.79
CA ASN A 411 -26.17 6.91 35.06
C ASN A 411 -25.36 8.18 34.86
N ILE A 412 -25.50 9.13 35.78
CA ILE A 412 -24.68 10.33 35.82
C ILE A 412 -23.91 10.30 37.14
N THR A 413 -22.58 10.24 37.04
CA THR A 413 -21.74 10.09 38.21
C THR A 413 -20.84 11.28 38.51
N GLY A 414 -20.64 12.17 37.56
CA GLY A 414 -19.74 13.29 37.77
C GLY A 414 -20.01 14.42 36.80
N ILE A 415 -19.47 15.58 37.14
CA ILE A 415 -19.63 16.79 36.34
C ILE A 415 -18.25 17.42 36.12
N LEU A 416 -18.00 17.87 34.91
CA LEU A 416 -16.73 18.51 34.56
C LEU A 416 -16.95 20.02 34.51
N LEU A 417 -16.66 20.70 35.61
CA LEU A 417 -16.85 22.14 35.72
C LEU A 417 -15.56 22.88 35.36
N THR A 418 -15.70 24.19 35.18
CA THR A 418 -14.57 25.06 34.87
C THR A 418 -14.88 26.44 35.41
N ARG A 419 -14.03 26.94 36.30
CA ARG A 419 -14.26 28.21 36.96
C ARG A 419 -14.02 29.37 35.99
N ASP A 420 -14.63 30.52 36.31
CA ASP A 420 -14.46 31.74 35.54
C ASP A 420 -13.68 32.74 36.39
N GLY A 421 -12.54 33.20 35.87
CA GLY A 421 -11.65 34.04 36.62
C GLY A 421 -12.13 35.48 36.69
N GLY A 422 -11.23 36.35 37.11
CA GLY A 422 -11.52 37.77 37.15
C GLY A 422 -11.12 38.45 38.44
N ASP A 423 -11.34 39.76 38.53
CA ASP A 423 -11.01 40.52 39.71
C ASP A 423 -12.02 40.23 40.83
N ALA A 424 -11.56 40.36 42.07
CA ALA A 424 -12.42 40.09 43.22
C ALA A 424 -13.41 41.23 43.46
N ASN A 425 -12.97 42.47 43.29
CA ASN A 425 -13.83 43.61 43.57
C ASN A 425 -14.89 43.82 42.49
N ALA A 426 -14.54 43.62 41.22
CA ALA A 426 -15.46 43.90 40.13
C ALA A 426 -16.71 43.03 40.20
N THR A 427 -16.52 41.74 40.51
CA THR A 427 -17.67 40.85 40.61
C THR A 427 -18.51 41.19 41.83
N ASN A 428 -19.74 40.70 41.83
CA ASN A 428 -20.68 40.95 42.93
C ASN A 428 -20.58 39.87 44.00
N ASP A 429 -19.35 39.61 44.46
CA ASP A 429 -19.07 38.62 45.49
C ASP A 429 -19.64 37.25 45.11
N THR A 430 -19.35 36.82 43.89
CA THR A 430 -19.89 35.57 43.37
C THR A 430 -18.84 34.86 42.53
N GLU A 431 -19.09 33.57 42.30
CA GLU A 431 -18.28 32.74 41.42
C GLU A 431 -19.21 31.99 40.49
N THR A 432 -18.89 31.98 39.20
CA THR A 432 -19.70 31.33 38.19
C THR A 432 -18.95 30.12 37.63
N PHE A 433 -19.58 28.96 37.69
CA PHE A 433 -19.00 27.73 37.20
C PHE A 433 -19.72 27.30 35.93
N ARG A 434 -18.94 26.98 34.89
CA ARG A 434 -19.52 26.56 33.64
C ARG A 434 -19.10 25.14 33.32
N PRO A 435 -20.00 24.33 32.75
CA PRO A 435 -19.65 22.94 32.47
C PRO A 435 -18.70 22.79 31.30
N GLY A 436 -18.42 21.55 30.92
CA GLY A 436 -17.52 21.29 29.82
C GLY A 436 -16.07 21.49 30.22
N GLY A 437 -15.23 21.67 29.21
CA GLY A 437 -13.82 21.88 29.43
C GLY A 437 -13.04 20.59 29.55
N GLY A 438 -11.73 20.72 29.36
CA GLY A 438 -10.83 19.58 29.46
C GLY A 438 -10.92 18.63 28.30
N ASN A 439 -9.85 17.86 28.08
CA ASN A 439 -9.82 16.87 27.02
C ASN A 439 -10.45 15.58 27.52
N ILE A 440 -10.29 14.49 26.76
CA ILE A 440 -10.90 13.23 27.15
C ILE A 440 -10.14 12.56 28.28
N LYS A 441 -8.91 13.00 28.56
CA LYS A 441 -8.14 12.39 29.63
C LYS A 441 -8.80 12.58 30.99
N ASP A 442 -9.53 13.68 31.18
CA ASP A 442 -10.24 13.90 32.43
C ASP A 442 -11.38 12.92 32.63
N ASN A 443 -11.80 12.21 31.58
CA ASN A 443 -12.75 11.12 31.75
C ASN A 443 -12.13 9.90 32.38
N TRP A 444 -10.80 9.81 32.39
CA TRP A 444 -10.11 8.64 32.92
C TRP A 444 -9.23 8.94 34.11
N ARG A 445 -9.02 10.20 34.48
CA ARG A 445 -8.50 10.50 35.80
C ARG A 445 -9.56 10.39 36.88
N SER A 446 -10.83 10.25 36.50
CA SER A 446 -11.88 9.97 37.45
C SER A 446 -12.03 8.49 37.74
N GLU A 447 -11.40 7.62 36.94
CA GLU A 447 -11.42 6.19 37.18
C GLU A 447 -10.10 5.64 37.67
N LEU A 448 -8.98 6.25 37.30
CA LEU A 448 -7.65 5.80 37.66
C LEU A 448 -6.98 6.75 38.65
N TYR A 449 -7.75 7.33 39.56
CA TYR A 449 -7.20 8.20 40.56
C TYR A 449 -6.72 7.47 41.81
N LYS A 450 -7.01 6.18 41.91
CA LYS A 450 -6.61 5.39 43.07
C LYS A 450 -5.35 4.59 42.84
N TYR A 451 -4.97 4.33 41.59
CA TYR A 451 -3.98 3.34 41.25
C TYR A 451 -2.64 3.97 40.92
N LYS A 452 -1.57 3.35 41.39
CA LYS A 452 -0.20 3.73 41.03
C LYS A 452 0.61 2.47 40.82
N VAL A 453 1.36 2.41 39.73
CA VAL A 453 2.17 1.24 39.40
C VAL A 453 3.50 1.32 40.13
N VAL A 454 3.87 0.24 40.80
CA VAL A 454 5.18 0.14 41.46
C VAL A 454 5.86 -1.13 40.98
N GLN A 455 7.19 -1.13 41.03
CA GLN A 455 8.01 -2.26 40.63
C GLN A 455 8.71 -2.80 41.86
N ILE A 456 8.69 -4.12 42.03
CA ILE A 456 9.20 -4.77 43.22
C ILE A 456 10.71 -4.93 43.11
N GLU A 457 11.42 -4.75 44.23
CA GLU A 457 12.86 -4.89 44.31
C GLU A 457 13.19 -5.89 45.40
N PRO A 458 13.12 -7.18 45.10
CA PRO A 458 13.12 -8.18 46.17
C PRO A 458 14.50 -8.57 46.67
N LEU A 459 15.54 -7.80 46.37
CA LEU A 459 16.89 -8.11 46.79
C LEU A 459 17.30 -7.14 47.90
N GLY A 460 17.39 -7.65 49.12
CA GLY A 460 17.73 -6.83 50.27
C GLY A 460 19.04 -7.26 50.89
N ILE A 461 19.73 -6.31 51.50
CA ILE A 461 21.03 -6.53 52.11
C ILE A 461 21.01 -5.94 53.50
N ALA A 462 21.31 -6.76 54.51
CA ALA A 462 21.25 -6.32 55.89
C ALA A 462 22.37 -7.00 56.67
N PRO A 463 22.86 -6.37 57.74
CA PRO A 463 23.93 -6.98 58.53
C PRO A 463 23.41 -7.92 59.61
N THR A 464 23.98 -9.12 59.69
CA THR A 464 23.68 -10.08 60.74
C THR A 464 24.98 -10.56 61.35
N LYS A 465 24.88 -11.48 62.29
CA LYS A 465 26.04 -12.14 62.87
C LYS A 465 26.38 -13.45 62.17
N CYS A 466 25.59 -13.85 61.18
CA CYS A 466 25.85 -15.08 60.44
C CYS A 466 27.01 -14.89 59.47
N LYS A 467 28.01 -15.77 59.57
CA LYS A 467 29.14 -15.77 58.66
C LYS A 467 29.16 -17.07 57.88
N ARG A 468 29.41 -16.98 56.58
CA ARG A 468 29.44 -18.18 55.75
C ARG A 468 30.61 -19.06 56.13
N ARG A 469 30.35 -20.36 56.23
CA ARG A 469 31.38 -21.32 56.60
C ARG A 469 32.30 -21.55 55.40
N VAL A 470 33.59 -21.35 55.61
CA VAL A 470 34.57 -21.61 54.56
C VAL A 470 35.01 -23.07 54.65
N VAL A 471 35.42 -23.62 53.51
CA VAL A 471 35.85 -25.00 53.41
C VAL A 471 37.36 -25.04 53.57
N GLU A 472 37.84 -25.92 54.46
CA GLU A 472 39.27 -26.04 54.71
C GLU A 472 39.75 -27.47 54.47
N GLN B 1 10.96 33.32 15.93
CA GLN B 1 10.44 32.21 15.14
C GLN B 1 8.95 32.00 15.39
N VAL B 2 8.58 31.91 16.67
CA VAL B 2 7.18 31.70 17.03
C VAL B 2 6.33 32.90 16.62
N GLN B 3 6.81 34.12 16.93
CA GLN B 3 6.29 35.38 16.42
C GLN B 3 4.77 35.48 16.43
N LEU B 4 4.16 35.50 17.62
CA LEU B 4 2.74 35.83 17.71
C LEU B 4 2.51 37.19 17.07
N LEU B 5 1.84 37.20 15.91
CA LEU B 5 1.73 38.39 15.07
C LEU B 5 0.29 38.89 15.06
N GLN B 6 0.11 40.16 15.36
CA GLN B 6 -1.19 40.78 15.44
C GLN B 6 -1.55 41.44 14.12
N SER B 7 -2.65 42.19 14.12
CA SER B 7 -3.13 42.93 12.95
C SER B 7 -2.96 44.42 13.18
N GLY B 8 -3.36 45.21 12.18
CA GLY B 8 -3.19 46.64 12.24
C GLY B 8 -4.19 47.30 13.18
N ALA B 9 -3.94 48.59 13.43
CA ALA B 9 -4.80 49.36 14.31
C ALA B 9 -6.16 49.59 13.68
N ALA B 10 -7.13 49.99 14.50
CA ALA B 10 -8.48 50.25 14.05
C ALA B 10 -9.10 51.37 14.85
N VAL B 11 -9.88 52.20 14.18
CA VAL B 11 -10.65 53.27 14.81
C VAL B 11 -12.11 53.10 14.39
N THR B 12 -13.02 53.33 15.32
CA THR B 12 -14.42 53.06 15.07
C THR B 12 -15.28 54.04 15.88
N LYS B 13 -16.58 53.79 15.89
CA LYS B 13 -17.57 54.61 16.56
C LYS B 13 -18.24 53.82 17.67
N PRO B 14 -18.77 54.49 18.69
CA PRO B 14 -19.48 53.76 19.76
C PRO B 14 -20.66 52.97 19.22
N GLY B 15 -20.87 51.80 19.81
CA GLY B 15 -21.93 50.91 19.38
C GLY B 15 -21.58 50.00 18.23
N ALA B 16 -20.36 50.08 17.71
CA ALA B 16 -19.93 49.24 16.59
C ALA B 16 -19.25 47.99 17.13
N SER B 17 -18.59 47.23 16.25
CA SER B 17 -17.85 46.05 16.61
C SER B 17 -16.48 46.08 15.96
N VAL B 18 -15.47 45.57 16.68
CA VAL B 18 -14.10 45.55 16.20
C VAL B 18 -13.55 44.14 16.36
N ARG B 19 -12.85 43.66 15.34
CA ARG B 19 -12.18 42.36 15.39
C ARG B 19 -10.67 42.56 15.36
N VAL B 20 -9.99 41.97 16.32
CA VAL B 20 -8.53 42.01 16.41
C VAL B 20 -8.02 40.59 16.20
N SER B 21 -7.10 40.43 15.26
CA SER B 21 -6.55 39.12 14.92
C SER B 21 -5.20 38.91 15.59
N CYS B 22 -4.72 37.68 15.52
CA CYS B 22 -3.42 37.31 16.05
C CYS B 22 -3.00 36.01 15.39
N GLU B 23 -1.74 35.93 14.98
CA GLU B 23 -1.24 34.82 14.18
C GLU B 23 -0.15 34.07 14.94
N ALA B 24 -0.27 32.75 14.99
CA ALA B 24 0.72 31.89 15.62
C ALA B 24 1.32 30.98 14.56
N SER B 25 2.65 31.00 14.42
CA SER B 25 3.31 30.28 13.34
C SER B 25 4.30 29.23 13.81
N GLY B 26 5.25 29.58 14.68
CA GLY B 26 6.45 28.79 14.82
C GLY B 26 6.58 27.84 15.99
N TYR B 27 5.50 27.16 16.37
CA TYR B 27 5.55 26.15 17.41
C TYR B 27 4.32 25.27 17.29
N ASN B 28 4.10 24.41 18.31
CA ASN B 28 2.92 23.55 18.34
C ASN B 28 1.84 24.28 19.11
N ILE B 29 0.88 24.84 18.39
CA ILE B 29 -0.07 25.78 18.99
C ILE B 29 -1.01 25.06 19.95
N ARG B 30 -1.41 23.83 19.61
CA ARG B 30 -2.49 23.17 20.32
C ARG B 30 -2.18 22.91 21.79
N ASP B 31 -0.92 22.96 22.19
CA ASP B 31 -0.53 22.58 23.54
C ASP B 31 -0.39 23.76 24.49
N TYR B 32 -0.71 24.98 24.06
CA TYR B 32 -0.59 26.13 24.94
C TYR B 32 -1.79 27.05 24.77
N PHE B 33 -2.28 27.57 25.89
CA PHE B 33 -3.39 28.50 25.85
C PHE B 33 -2.92 29.85 25.32
N ILE B 34 -3.88 30.65 24.87
CA ILE B 34 -3.61 32.00 24.37
C ILE B 34 -4.47 32.96 25.16
N HIS B 35 -3.85 33.82 25.95
CA HIS B 35 -4.58 34.81 26.73
C HIS B 35 -4.60 36.13 25.98
N TRP B 36 -5.56 36.98 26.34
CA TRP B 36 -5.72 38.29 25.73
C TRP B 36 -5.69 39.34 26.83
N TRP B 37 -4.82 40.32 26.67
CA TRP B 37 -4.60 41.36 27.67
C TRP B 37 -4.96 42.72 27.11
N ARG B 38 -5.62 43.53 27.94
CA ARG B 38 -6.04 44.88 27.57
C ARG B 38 -5.27 45.88 28.42
N GLN B 39 -4.78 46.93 27.78
CA GLN B 39 -4.00 47.96 28.47
C GLN B 39 -4.56 49.32 28.11
N ALA B 40 -5.25 49.95 29.06
CA ALA B 40 -5.73 51.30 28.87
C ALA B 40 -4.56 52.28 28.91
N PRO B 41 -4.74 53.49 28.36
CA PRO B 41 -3.65 54.48 28.41
C PRO B 41 -3.32 54.92 29.83
N GLY B 42 -2.11 54.59 30.30
CA GLY B 42 -1.63 55.03 31.58
C GLY B 42 -1.88 54.11 32.75
N GLN B 43 -2.67 53.07 32.57
CA GLN B 43 -2.97 52.12 33.64
C GLN B 43 -2.22 50.81 33.42
N GLY B 44 -2.29 49.95 34.42
CA GLY B 44 -1.67 48.65 34.34
C GLY B 44 -2.45 47.71 33.44
N LEU B 45 -1.89 46.52 33.25
CA LEU B 45 -2.50 45.54 32.37
C LEU B 45 -3.84 45.08 32.91
N GLN B 46 -4.55 44.30 32.11
CA GLN B 46 -5.87 43.81 32.46
C GLN B 46 -6.12 42.52 31.69
N TRP B 47 -6.85 41.61 32.33
CA TRP B 47 -7.11 40.30 31.75
C TRP B 47 -8.46 40.31 31.04
N VAL B 48 -8.49 39.75 29.82
CA VAL B 48 -9.70 39.67 29.03
C VAL B 48 -10.20 38.24 28.90
N GLY B 49 -9.29 37.28 28.80
CA GLY B 49 -9.65 35.88 28.81
C GLY B 49 -8.68 35.07 27.98
N TRP B 50 -8.71 33.76 28.19
CA TRP B 50 -7.88 32.84 27.43
C TRP B 50 -8.75 32.05 26.45
N ILE B 51 -8.10 31.18 25.69
CA ILE B 51 -8.78 30.32 24.73
C ILE B 51 -7.95 29.07 24.54
N ASN B 52 -8.62 27.93 24.43
CA ASN B 52 -7.94 26.66 24.25
C ASN B 52 -7.89 26.34 22.77
N PRO B 53 -6.72 26.35 22.14
CA PRO B 53 -6.66 26.08 20.70
C PRO B 53 -7.16 24.70 20.31
N LYS B 54 -7.14 23.75 21.25
CA LYS B 54 -7.59 22.39 20.91
C LYS B 54 -9.08 22.35 20.67
N THR B 55 -9.86 22.95 21.57
CA THR B 55 -11.31 22.85 21.51
C THR B 55 -12.02 24.17 21.27
N GLY B 56 -11.30 25.29 21.27
CA GLY B 56 -11.93 26.58 21.06
C GLY B 56 -12.67 27.12 22.26
N GLN B 57 -12.58 26.48 23.41
CA GLN B 57 -13.35 26.89 24.57
C GLN B 57 -12.82 28.20 25.13
N PRO B 58 -13.64 29.24 25.22
CA PRO B 58 -13.18 30.51 25.81
C PRO B 58 -13.50 30.59 27.30
N ASN B 59 -12.98 31.65 27.91
CA ASN B 59 -13.20 31.91 29.33
C ASN B 59 -12.88 33.37 29.59
N ASN B 60 -13.86 34.13 30.05
CA ASN B 60 -13.71 35.56 30.25
C ASN B 60 -14.23 35.95 31.63
N PRO B 61 -13.74 37.05 32.20
CA PRO B 61 -14.26 37.52 33.49
C PRO B 61 -15.67 38.07 33.38
N ARG B 62 -16.24 38.49 34.50
CA ARG B 62 -17.63 38.93 34.52
C ARG B 62 -17.83 40.20 33.69
N GLN B 63 -16.89 41.16 33.80
CA GLN B 63 -17.09 42.44 33.13
C GLN B 63 -17.05 42.31 31.61
N PHE B 64 -16.23 41.41 31.09
CA PHE B 64 -16.14 41.21 29.65
C PHE B 64 -17.02 40.08 29.15
N GLN B 65 -17.85 39.50 30.01
CA GLN B 65 -18.69 38.38 29.62
C GLN B 65 -19.94 38.88 28.91
N GLY B 66 -20.14 38.43 27.68
CA GLY B 66 -21.28 38.88 26.90
C GLY B 66 -20.85 39.68 25.68
N ARG B 67 -19.84 40.53 25.85
CA ARG B 67 -19.34 41.36 24.76
C ARG B 67 -18.19 40.68 24.03
N VAL B 68 -17.10 40.38 24.76
CA VAL B 68 -15.93 39.79 24.14
C VAL B 68 -16.24 38.36 23.73
N SER B 69 -15.73 37.96 22.57
CA SER B 69 -15.85 36.59 22.09
C SER B 69 -14.55 36.18 21.42
N LEU B 70 -13.85 35.23 22.00
CA LEU B 70 -12.58 34.76 21.48
C LEU B 70 -12.81 33.56 20.59
N THR B 71 -12.27 33.60 19.38
CA THR B 71 -12.49 32.56 18.38
C THR B 71 -11.14 32.14 17.81
N ARG B 72 -11.05 30.89 17.40
CA ARG B 72 -9.85 30.37 16.77
C ARG B 72 -10.21 29.70 15.45
N HIS B 73 -9.34 29.87 14.46
CA HIS B 73 -9.48 29.22 13.17
C HIS B 73 -8.17 28.50 12.87
N ALA B 74 -8.26 27.20 12.57
CA ALA B 74 -7.09 26.35 12.44
C ALA B 74 -6.85 26.02 10.98
N SER B 75 -5.57 26.02 10.59
CA SER B 75 -5.20 25.59 9.25
C SER B 75 -5.40 24.08 9.11
N TRP B 76 -5.28 23.59 7.88
CA TRP B 76 -5.56 22.18 7.62
C TRP B 76 -4.59 21.26 8.35
N ASP B 77 -3.30 21.62 8.37
CA ASP B 77 -2.29 20.79 8.99
C ASP B 77 -1.95 21.18 10.42
N PHE B 78 -2.64 22.18 10.98
CA PHE B 78 -2.43 22.61 12.36
C PHE B 78 -1.00 23.08 12.60
N ASP B 79 -0.59 24.12 11.87
CA ASP B 79 0.71 24.73 12.10
C ASP B 79 0.60 26.24 12.18
N THR B 80 -0.46 26.80 11.59
CA THR B 80 -0.74 28.23 11.66
C THR B 80 -2.16 28.43 12.12
N TYR B 81 -2.35 29.26 13.14
CA TYR B 81 -3.66 29.51 13.71
C TYR B 81 -3.98 30.99 13.63
N SER B 82 -5.27 31.31 13.70
CA SER B 82 -5.74 32.68 13.75
C SER B 82 -6.63 32.82 14.97
N PHE B 83 -6.32 33.78 15.84
CA PHE B 83 -7.06 34.01 17.06
C PHE B 83 -7.70 35.40 16.98
N TYR B 84 -9.03 35.43 16.94
CA TYR B 84 -9.79 36.66 16.78
C TYR B 84 -10.49 37.03 18.07
N MET B 85 -10.54 38.34 18.34
CA MET B 85 -11.38 38.91 19.39
C MET B 85 -12.52 39.68 18.72
N ASP B 86 -13.74 39.18 18.86
CA ASP B 86 -14.92 39.90 18.42
C ASP B 86 -15.48 40.66 19.62
N LEU B 87 -15.39 41.99 19.57
CA LEU B 87 -15.84 42.84 20.66
C LEU B 87 -17.13 43.54 20.25
N LYS B 88 -18.12 43.52 21.14
CA LYS B 88 -19.45 44.06 20.86
C LYS B 88 -19.77 45.19 21.83
N ALA B 89 -20.57 46.14 21.35
CA ALA B 89 -21.07 47.25 22.16
C ALA B 89 -19.93 48.04 22.79
N LEU B 90 -19.12 48.64 21.93
CA LEU B 90 -17.99 49.44 22.38
C LEU B 90 -18.47 50.67 23.12
N ARG B 91 -17.84 50.95 24.26
CA ARG B 91 -18.16 52.10 25.10
C ARG B 91 -17.00 53.10 25.05
N SER B 92 -17.17 54.20 25.79
CA SER B 92 -16.17 55.27 25.76
C SER B 92 -14.84 54.78 26.33
N ASP B 93 -14.87 54.18 27.51
CA ASP B 93 -13.64 53.70 28.15
C ASP B 93 -13.31 52.27 27.73
N ASP B 94 -13.28 52.04 26.43
CA ASP B 94 -12.90 50.74 25.87
C ASP B 94 -11.66 50.82 25.00
N THR B 95 -11.32 52.00 24.48
CA THR B 95 -10.10 52.15 23.70
C THR B 95 -8.88 51.80 24.55
N ALA B 96 -7.98 51.01 23.97
CA ALA B 96 -6.84 50.47 24.68
C ALA B 96 -5.97 49.72 23.68
N VAL B 97 -4.86 49.16 24.17
CA VAL B 97 -4.00 48.30 23.38
C VAL B 97 -4.31 46.85 23.75
N TYR B 98 -4.32 45.97 22.76
CA TYR B 98 -4.71 44.58 22.95
C TYR B 98 -3.56 43.66 22.57
N PHE B 99 -3.10 42.86 23.53
CA PHE B 99 -2.00 41.92 23.32
C PHE B 99 -2.53 40.49 23.35
N CYS B 100 -1.96 39.64 22.50
CA CYS B 100 -2.24 38.20 22.52
C CYS B 100 -1.00 37.50 23.04
N ALA B 101 -1.06 37.03 24.29
CA ALA B 101 0.07 36.40 24.94
C ALA B 101 -0.10 34.89 24.96
N ARG B 102 1.02 34.18 25.03
CA ARG B 102 1.05 32.73 25.05
C ARG B 102 1.63 32.27 26.39
N GLN B 103 0.85 31.52 27.16
CA GLN B 103 1.35 30.98 28.41
C GLN B 103 2.12 29.69 28.14
N ARG B 104 3.20 29.49 28.89
CA ARG B 104 4.07 28.35 28.68
C ARG B 104 3.81 27.20 29.65
N SER B 105 3.71 27.50 30.95
CA SER B 105 3.62 26.48 31.96
C SER B 105 2.50 26.81 32.94
N ASP B 106 2.37 25.99 33.97
CA ASP B 106 1.33 26.16 34.98
C ASP B 106 1.55 27.37 35.85
N TYR B 107 2.71 28.03 35.75
CA TYR B 107 2.98 29.23 36.50
C TYR B 107 2.30 30.46 35.87
N TRP B 108 1.71 30.30 34.70
CA TRP B 108 1.17 31.40 33.91
C TRP B 108 2.25 32.44 33.62
N ASP B 109 3.33 31.96 33.02
CA ASP B 109 4.42 32.82 32.56
C ASP B 109 4.30 32.97 31.05
N PHE B 110 4.05 34.20 30.61
CA PHE B 110 3.80 34.47 29.19
C PHE B 110 5.13 34.79 28.52
N ASP B 111 5.74 33.76 27.95
CA ASP B 111 7.05 33.92 27.33
C ASP B 111 7.00 34.78 26.07
N VAL B 112 5.98 34.60 25.23
CA VAL B 112 5.85 35.36 23.99
C VAL B 112 4.61 36.23 24.06
N TRP B 113 4.76 37.50 23.70
CA TRP B 113 3.65 38.43 23.62
C TRP B 113 3.48 38.91 22.18
N GLY B 114 2.33 39.51 21.91
CA GLY B 114 2.05 40.02 20.60
C GLY B 114 2.57 41.42 20.39
N SER B 115 2.51 41.88 19.14
CA SER B 115 2.99 43.21 18.80
C SER B 115 2.20 44.29 19.51
N GLY B 116 0.88 44.14 19.58
CA GLY B 116 0.03 45.14 20.20
C GLY B 116 -0.77 45.92 19.18
N THR B 117 -2.09 45.79 19.26
CA THR B 117 -2.99 46.46 18.32
C THR B 117 -3.76 47.56 19.04
N GLN B 118 -3.72 48.76 18.47
CA GLN B 118 -4.36 49.93 19.05
C GLN B 118 -5.79 50.03 18.52
N VAL B 119 -6.77 49.94 19.42
CA VAL B 119 -8.17 50.07 19.08
C VAL B 119 -8.69 51.36 19.69
N THR B 120 -9.29 52.21 18.86
CA THR B 120 -9.79 53.51 19.30
C THR B 120 -11.27 53.62 19.03
N VAL B 121 -12.02 54.11 20.01
CA VAL B 121 -13.45 54.32 19.89
C VAL B 121 -13.74 55.79 20.13
N SER B 122 -14.38 56.45 19.16
CA SER B 122 -14.74 57.85 19.28
C SER B 122 -15.59 58.25 18.07
N SER B 123 -16.37 59.30 18.26
CA SER B 123 -17.06 59.98 17.17
C SER B 123 -16.08 60.93 16.51
N ALA B 124 -16.59 61.88 15.71
CA ALA B 124 -15.78 62.94 15.10
C ALA B 124 -14.71 62.35 14.19
N SER B 125 -15.18 61.77 13.08
CA SER B 125 -14.32 61.13 12.11
C SER B 125 -13.28 62.11 11.55
N THR B 126 -12.37 61.56 10.74
CA THR B 126 -11.13 62.21 10.30
C THR B 126 -11.32 63.69 9.99
N LYS B 127 -10.53 64.53 10.66
CA LYS B 127 -10.64 65.98 10.55
C LYS B 127 -9.24 66.58 10.52
N GLY B 128 -9.04 67.54 9.62
CA GLY B 128 -7.76 68.19 9.49
C GLY B 128 -7.36 68.97 10.72
N PRO B 129 -6.06 69.00 11.01
CA PRO B 129 -5.59 69.74 12.20
C PRO B 129 -5.62 71.24 11.97
N SER B 130 -5.58 71.97 13.08
CA SER B 130 -5.46 73.42 13.08
C SER B 130 -4.19 73.81 13.83
N VAL B 131 -3.51 74.83 13.34
CA VAL B 131 -2.20 75.22 13.86
C VAL B 131 -2.26 76.66 14.35
N PHE B 132 -1.82 76.89 15.57
CA PHE B 132 -1.71 78.23 16.14
C PHE B 132 -0.26 78.51 16.52
N PRO B 133 0.38 79.53 15.95
CA PRO B 133 1.74 79.86 16.36
C PRO B 133 1.77 80.37 17.79
N LEU B 134 2.94 80.22 18.43
CA LEU B 134 3.14 80.65 19.80
C LEU B 134 4.22 81.73 19.81
N ALA B 135 3.80 82.98 19.59
CA ALA B 135 4.72 84.10 19.50
C ALA B 135 4.19 85.27 20.31
N PRO B 136 5.07 86.11 20.85
CA PRO B 136 4.61 87.29 21.58
C PRO B 136 4.32 88.46 20.64
N SER B 137 3.58 89.42 21.18
CA SER B 137 3.22 90.61 20.42
C SER B 137 2.94 91.79 21.35
N THR B 145 16.38 83.14 21.83
CA THR B 145 16.44 83.70 23.16
C THR B 145 15.33 83.17 24.05
N ALA B 146 14.36 82.48 23.42
CA ALA B 146 13.24 81.91 24.14
C ALA B 146 12.65 80.78 23.30
N ALA B 147 11.80 79.98 23.96
CA ALA B 147 11.13 78.90 23.27
C ALA B 147 10.12 79.43 22.25
N LEU B 148 9.95 78.69 21.16
CA LEU B 148 9.08 79.12 20.07
C LEU B 148 8.59 77.89 19.32
N GLY B 149 7.39 77.98 18.77
CA GLY B 149 6.84 76.86 18.04
C GLY B 149 5.37 77.07 17.71
N CYS B 150 4.69 75.94 17.49
CA CYS B 150 3.29 75.98 17.09
C CYS B 150 2.52 74.87 17.80
N LEU B 151 1.24 75.14 18.07
CA LEU B 151 0.37 74.23 18.80
C LEU B 151 -0.71 73.70 17.87
N VAL B 152 -0.90 72.40 17.87
CA VAL B 152 -1.84 71.72 16.99
C VAL B 152 -3.08 71.34 17.78
N LYS B 153 -4.25 71.63 17.21
CA LYS B 153 -5.55 71.40 17.83
C LYS B 153 -6.48 70.68 16.87
N ASP B 154 -7.36 69.85 17.43
CA ASP B 154 -8.54 69.33 16.73
C ASP B 154 -8.13 68.53 15.49
N TYR B 155 -7.43 67.44 15.74
CA TYR B 155 -7.07 66.47 14.71
C TYR B 155 -7.43 65.08 15.20
N PHE B 156 -7.71 64.19 14.24
CA PHE B 156 -8.13 62.84 14.56
C PHE B 156 -8.06 61.98 13.30
N PRO B 157 -7.58 60.73 13.40
CA PRO B 157 -7.04 60.14 14.62
C PRO B 157 -5.51 60.20 14.68
N GLU B 158 -4.92 59.49 15.62
CA GLU B 158 -3.48 59.35 15.69
C GLU B 158 -2.99 58.50 14.52
N PRO B 159 -1.73 58.67 14.11
CA PRO B 159 -0.76 59.65 14.61
C PRO B 159 -0.47 60.78 13.64
N VAL B 160 0.32 61.75 14.08
CA VAL B 160 0.80 62.84 13.24
C VAL B 160 2.30 62.96 13.46
N THR B 161 2.96 63.63 12.52
CA THR B 161 4.39 63.90 12.62
C THR B 161 4.65 65.38 12.41
N VAL B 162 5.48 65.96 13.28
CA VAL B 162 5.82 67.37 13.23
C VAL B 162 7.34 67.51 13.24
N SER B 163 7.88 68.24 12.29
CA SER B 163 9.31 68.53 12.22
C SER B 163 9.52 70.04 12.33
N TRP B 164 10.78 70.46 12.13
CA TRP B 164 11.12 71.88 12.17
C TRP B 164 11.98 72.20 10.97
N ASN B 165 11.52 73.13 10.14
CA ASN B 165 12.23 73.55 8.93
C ASN B 165 12.58 72.34 8.06
N SER B 166 11.61 71.43 7.89
CA SER B 166 11.77 70.25 7.06
C SER B 166 12.96 69.39 7.50
N GLY B 167 13.10 69.23 8.80
CA GLY B 167 14.18 68.39 9.33
C GLY B 167 15.55 69.02 9.34
N ALA B 168 15.65 70.32 9.05
CA ALA B 168 16.95 70.98 9.09
C ALA B 168 17.45 71.13 10.52
N LEU B 169 16.55 71.39 11.45
CA LEU B 169 16.91 71.62 12.85
C LEU B 169 16.21 70.58 13.73
N THR B 170 16.95 70.06 14.71
CA THR B 170 16.41 69.10 15.67
C THR B 170 16.85 69.40 17.09
N SER B 171 17.25 70.65 17.37
CA SER B 171 17.71 71.05 18.68
C SER B 171 16.57 71.68 19.47
N GLY B 172 16.35 71.21 20.69
CA GLY B 172 15.30 71.73 21.53
C GLY B 172 13.92 71.22 21.22
N VAL B 173 13.79 70.24 20.31
CA VAL B 173 12.48 69.74 19.93
C VAL B 173 11.80 69.11 21.14
N HIS B 174 10.53 69.47 21.35
CA HIS B 174 9.76 68.95 22.48
C HIS B 174 8.30 68.86 22.03
N THR B 175 7.89 67.68 21.60
CA THR B 175 6.51 67.41 21.22
C THR B 175 5.82 66.73 22.40
N PHE B 176 4.95 67.47 23.08
CA PHE B 176 4.25 66.91 24.21
C PHE B 176 3.22 65.90 23.75
N PRO B 177 3.04 64.80 24.47
CA PRO B 177 2.10 63.75 24.02
C PRO B 177 0.68 64.28 23.89
N ALA B 178 -0.04 63.73 22.92
CA ALA B 178 -1.38 64.20 22.62
C ALA B 178 -2.33 63.89 23.76
N VAL B 179 -3.22 64.84 24.04
CA VAL B 179 -4.27 64.66 25.03
C VAL B 179 -5.61 64.60 24.31
N LEU B 180 -6.60 64.00 24.96
CA LEU B 180 -7.93 63.81 24.38
C LEU B 180 -8.84 64.91 24.90
N GLN B 181 -9.28 65.79 24.00
CA GLN B 181 -10.25 66.81 24.35
C GLN B 181 -11.64 66.20 24.46
N SER B 182 -12.48 66.81 25.30
CA SER B 182 -13.78 66.22 25.64
C SER B 182 -14.63 65.98 24.39
N SER B 183 -14.45 66.78 23.35
CA SER B 183 -15.20 66.57 22.12
C SER B 183 -14.83 65.23 21.48
N GLY B 184 -13.55 64.88 21.49
CA GLY B 184 -13.08 63.69 20.82
C GLY B 184 -11.95 63.99 19.86
N LEU B 185 -11.33 65.16 20.03
CA LEU B 185 -10.23 65.60 19.20
C LEU B 185 -8.96 65.68 20.03
N TYR B 186 -7.82 65.72 19.34
CA TYR B 186 -6.52 65.62 19.98
C TYR B 186 -5.76 66.93 19.84
N SER B 187 -4.78 67.11 20.72
CA SER B 187 -4.04 68.37 20.79
C SER B 187 -2.60 68.10 21.22
N LEU B 188 -1.68 68.93 20.72
CA LEU B 188 -0.28 68.86 21.14
C LEU B 188 0.34 70.24 20.94
N SER B 189 1.58 70.40 21.39
CA SER B 189 2.29 71.67 21.29
C SER B 189 3.75 71.39 20.95
N SER B 190 4.11 71.57 19.68
CA SER B 190 5.49 71.36 19.24
C SER B 190 6.26 72.66 19.41
N VAL B 191 7.17 72.69 20.38
CA VAL B 191 7.97 73.87 20.68
C VAL B 191 9.45 73.48 20.69
N VAL B 192 10.29 74.42 20.31
CA VAL B 192 11.74 74.23 20.27
C VAL B 192 12.41 75.39 21.00
N THR B 193 13.62 75.13 21.48
CA THR B 193 14.43 76.12 22.17
C THR B 193 15.64 76.45 21.31
N VAL B 194 15.80 77.73 20.99
CA VAL B 194 16.90 78.17 20.12
C VAL B 194 17.65 79.32 20.78
N PRO B 195 18.94 79.46 20.51
CA PRO B 195 19.70 80.57 21.11
C PRO B 195 19.28 81.92 20.54
N SER B 196 19.68 82.97 21.25
CA SER B 196 19.33 84.33 20.84
C SER B 196 19.97 84.69 19.51
N SER B 197 21.23 84.29 19.30
CA SER B 197 21.94 84.66 18.07
C SER B 197 21.37 83.96 16.84
N SER B 198 20.60 82.89 17.02
CA SER B 198 20.00 82.21 15.88
C SER B 198 18.92 83.07 15.22
N LEU B 199 18.23 83.90 15.99
CA LEU B 199 17.23 84.79 15.44
C LEU B 199 17.89 85.88 14.60
N GLY B 200 17.38 86.08 13.38
CA GLY B 200 17.89 87.15 12.54
C GLY B 200 18.12 86.76 11.10
N THR B 201 18.52 85.50 10.86
CA THR B 201 18.84 85.04 9.52
C THR B 201 18.21 83.72 9.13
N GLN B 202 17.76 82.91 10.08
CA GLN B 202 17.22 81.58 9.79
C GLN B 202 15.70 81.63 9.84
N THR B 203 15.06 81.20 8.75
CA THR B 203 13.61 81.15 8.70
C THR B 203 13.08 80.10 9.67
N TYR B 204 11.98 80.43 10.35
CA TYR B 204 11.40 79.56 11.36
C TYR B 204 10.00 79.14 10.91
N ILE B 205 9.86 77.87 10.54
CA ILE B 205 8.57 77.28 10.19
C ILE B 205 8.45 75.95 10.90
N CYS B 206 7.21 75.52 11.14
CA CYS B 206 6.94 74.19 11.67
C CYS B 206 6.11 73.42 10.64
N ASN B 207 6.49 72.18 10.40
CA ASN B 207 5.86 71.32 9.41
C ASN B 207 4.98 70.32 10.13
N VAL B 208 3.68 70.33 9.82
CA VAL B 208 2.72 69.41 10.42
C VAL B 208 2.12 68.56 9.31
N ASN B 209 2.17 67.25 9.48
CA ASN B 209 1.67 66.29 8.50
C ASN B 209 0.62 65.41 9.16
N HIS B 210 -0.44 65.11 8.40
CA HIS B 210 -1.54 64.27 8.87
C HIS B 210 -1.78 63.19 7.81
N LYS B 211 -1.15 62.04 7.99
CA LYS B 211 -1.29 60.95 7.02
C LYS B 211 -2.73 60.47 6.85
N PRO B 212 -3.52 60.25 7.92
CA PRO B 212 -4.91 59.83 7.70
C PRO B 212 -5.72 60.81 6.88
N SER B 213 -5.48 62.11 7.03
CA SER B 213 -6.14 63.12 6.21
C SER B 213 -5.41 63.38 4.90
N ASN B 214 -4.16 62.92 4.76
CA ASN B 214 -3.35 63.16 3.57
C ASN B 214 -3.24 64.65 3.28
N THR B 215 -3.03 65.44 4.33
CA THR B 215 -2.91 66.89 4.22
C THR B 215 -1.62 67.35 4.91
N LYS B 216 -0.84 68.17 4.22
CA LYS B 216 0.42 68.68 4.73
C LYS B 216 0.33 70.19 4.88
N VAL B 217 0.75 70.71 6.03
CA VAL B 217 0.75 72.15 6.29
C VAL B 217 2.13 72.56 6.76
N ASP B 218 2.57 73.74 6.33
CA ASP B 218 3.85 74.32 6.73
C ASP B 218 3.56 75.72 7.24
N LYS B 219 3.57 75.90 8.56
CA LYS B 219 3.15 77.15 9.18
C LYS B 219 4.38 77.92 9.65
N LYS B 220 4.52 79.15 9.15
CA LYS B 220 5.62 80.00 9.57
C LYS B 220 5.35 80.57 10.96
N VAL B 221 6.42 80.84 11.70
CA VAL B 221 6.33 81.51 13.00
C VAL B 221 7.33 82.65 13.01
N GLU B 222 6.87 83.84 13.39
CA GLU B 222 7.68 85.04 13.34
C GLU B 222 7.14 86.02 14.36
N PRO B 223 7.97 86.98 14.83
CA PRO B 223 7.50 88.01 15.76
C PRO B 223 6.39 88.88 15.18
N ASP C 1 -9.02 34.58 45.16
CA ASP C 1 -8.71 34.93 46.54
C ASP C 1 -7.24 35.26 46.69
N ILE C 2 -6.64 35.78 45.62
CA ILE C 2 -5.23 36.16 45.61
C ILE C 2 -5.14 37.65 45.85
N GLN C 3 -4.43 38.03 46.90
CA GLN C 3 -4.20 39.44 47.22
C GLN C 3 -2.71 39.74 47.07
N MET C 4 -2.42 40.98 46.67
CA MET C 4 -1.05 41.32 46.34
C MET C 4 -0.88 42.83 46.37
N THR C 5 0.34 43.27 46.65
CA THR C 5 0.63 44.68 46.83
C THR C 5 2.01 45.00 46.26
N GLN C 6 2.18 46.23 45.81
CA GLN C 6 3.39 46.68 45.15
C GLN C 6 4.11 47.71 46.02
N SER C 7 5.37 47.96 45.66
CA SER C 7 6.25 48.91 46.36
C SER C 7 5.71 50.34 46.23
N PRO C 8 6.32 51.33 46.90
CA PRO C 8 5.90 52.73 46.73
C PRO C 8 5.73 53.17 45.28
N SER C 9 6.44 52.50 44.36
CA SER C 9 6.30 52.65 42.91
C SER C 9 6.89 53.93 42.37
N SER C 10 7.38 54.84 43.21
CA SER C 10 7.99 56.09 42.76
C SER C 10 9.35 56.19 43.43
N LEU C 11 10.36 55.61 42.78
CA LEU C 11 11.73 55.64 43.28
C LEU C 11 12.66 55.97 42.13
N SER C 12 13.81 56.57 42.47
CA SER C 12 14.79 57.00 41.50
C SER C 12 16.17 56.48 41.89
N ALA C 13 16.89 55.93 40.92
CA ALA C 13 18.23 55.40 41.14
C ALA C 13 19.13 55.80 39.98
N SER C 14 20.42 55.97 40.29
CA SER C 14 21.40 56.39 39.31
C SER C 14 22.00 55.19 38.58
N VAL C 15 22.78 55.49 37.55
CA VAL C 15 23.40 54.45 36.73
C VAL C 15 24.42 53.68 37.55
N GLY C 16 24.47 52.36 37.34
CA GLY C 16 25.43 51.53 38.05
C GLY C 16 25.16 51.38 39.53
N ASP C 17 23.89 51.24 39.93
CA ASP C 17 23.50 51.12 41.32
C ASP C 17 22.77 49.81 41.54
N THR C 18 22.25 49.62 42.75
CA THR C 18 21.40 48.49 43.08
C THR C 18 20.01 49.00 43.42
N VAL C 19 19.00 48.36 42.84
CA VAL C 19 17.61 48.77 43.01
C VAL C 19 16.79 47.54 43.39
N THR C 20 15.90 47.71 44.37
CA THR C 20 15.06 46.62 44.86
C THR C 20 13.62 47.07 44.95
N ILE C 21 12.71 46.20 44.49
CA ILE C 21 11.27 46.44 44.56
C ILE C 21 10.59 45.17 45.03
N THR C 22 9.59 45.32 45.89
CA THR C 22 9.00 44.19 46.60
C THR C 22 7.53 44.01 46.23
N CYS C 23 7.13 42.75 46.17
CA CYS C 23 5.73 42.36 45.98
C CYS C 23 5.35 41.40 47.09
N GLN C 24 4.06 41.38 47.45
CA GLN C 24 3.57 40.51 48.52
C GLN C 24 2.36 39.73 48.00
N ALA C 25 2.60 38.60 47.36
CA ALA C 25 1.56 37.77 46.79
C ALA C 25 1.45 36.46 47.55
N ASN C 26 0.34 35.76 47.32
CA ASN C 26 0.13 34.45 47.92
C ASN C 26 -0.08 33.41 46.83
N GLY C 27 0.75 33.46 45.79
CA GLY C 27 0.68 32.52 44.69
C GLY C 27 1.90 32.67 43.82
N TYR C 28 1.90 31.92 42.73
CA TYR C 28 3.00 32.02 41.76
C TYR C 28 3.11 33.45 41.26
N LEU C 29 4.33 33.98 41.24
CA LEU C 29 4.57 35.36 40.88
C LEU C 29 5.64 35.43 39.80
N ASN C 30 5.42 36.29 38.82
CA ASN C 30 6.38 36.53 37.76
C ASN C 30 6.66 38.02 37.66
N TRP C 31 7.94 38.36 37.54
CA TRP C 31 8.36 39.75 37.40
C TRP C 31 8.49 40.07 35.91
N TYR C 32 7.79 41.12 35.48
CA TYR C 32 7.71 41.54 34.08
C TYR C 32 8.27 42.95 33.94
N GLN C 33 8.96 43.18 32.82
CA GLN C 33 9.49 44.49 32.47
C GLN C 33 8.75 45.02 31.25
N GLN C 34 8.26 46.25 31.35
CA GLN C 34 7.55 46.90 30.27
C GLN C 34 8.23 48.23 29.94
N ARG C 35 8.43 48.47 28.66
CA ARG C 35 8.92 49.75 28.15
C ARG C 35 7.74 50.63 27.75
N ARG C 36 8.00 51.92 27.63
CA ARG C 36 6.95 52.87 27.29
C ARG C 36 6.49 52.65 25.84
N GLY C 37 5.31 52.06 25.68
CA GLY C 37 4.76 51.84 24.36
C GLY C 37 5.19 50.57 23.67
N LYS C 38 5.44 49.50 24.41
CA LYS C 38 5.87 48.24 23.82
C LYS C 38 5.31 47.08 24.63
N ALA C 39 5.42 45.89 24.07
CA ALA C 39 4.92 44.68 24.73
C ALA C 39 5.77 44.36 25.95
N PRO C 40 5.15 43.95 27.06
CA PRO C 40 5.93 43.56 28.23
C PRO C 40 6.81 42.35 27.94
N LYS C 41 7.93 42.28 28.64
CA LYS C 41 8.89 41.19 28.50
C LYS C 41 9.01 40.44 29.82
N LEU C 42 9.07 39.12 29.73
CA LEU C 42 9.20 38.29 30.93
C LEU C 42 10.62 38.37 31.46
N LEU C 43 10.75 38.69 32.75
CA LEU C 43 12.04 38.74 33.42
C LEU C 43 12.27 37.54 34.32
N ILE C 44 11.33 37.26 35.23
CA ILE C 44 11.49 36.19 36.20
C ILE C 44 10.17 35.44 36.34
N TYR C 45 10.24 34.11 36.43
CA TYR C 45 9.08 33.30 36.77
C TYR C 45 9.38 32.48 38.02
N ASP C 46 8.34 32.26 38.83
CA ASP C 46 8.37 31.64 40.16
C ASP C 46 8.95 32.56 41.22
N GLY C 47 9.46 33.73 40.84
CA GLY C 47 10.07 34.65 41.78
C GLY C 47 11.57 34.49 41.94
N SER C 48 12.13 33.36 41.51
CA SER C 48 13.57 33.13 41.61
C SER C 48 14.20 32.70 40.30
N LYS C 49 13.49 31.91 39.49
CA LYS C 49 14.10 31.34 38.30
C LYS C 49 14.26 32.41 37.21
N LEU C 50 15.10 32.10 36.24
CA LEU C 50 15.40 33.01 35.14
C LEU C 50 15.35 32.23 33.83
N GLU C 51 14.93 32.91 32.76
CA GLU C 51 14.79 32.29 31.46
C GLU C 51 16.03 32.55 30.61
N ARG C 52 16.15 31.79 29.52
CA ARG C 52 17.31 31.87 28.66
C ARG C 52 17.26 33.13 27.80
N GLY C 53 18.43 33.54 27.33
CA GLY C 53 18.53 34.74 26.52
C GLY C 53 18.20 36.02 27.27
N VAL C 54 18.59 36.08 28.53
CA VAL C 54 18.30 37.25 29.38
C VAL C 54 19.55 37.62 30.16
N PRO C 55 19.88 38.91 30.28
CA PRO C 55 21.05 39.30 31.08
C PRO C 55 20.90 38.88 32.54
N SER C 56 22.03 38.63 33.17
CA SER C 56 22.07 38.14 34.55
C SER C 56 22.04 39.27 35.58
N ARG C 57 21.88 40.52 35.14
CA ARG C 57 21.84 41.64 36.07
C ARG C 57 20.59 41.67 36.91
N PHE C 58 19.60 40.83 36.61
CA PHE C 58 18.34 40.77 37.33
C PHE C 58 18.31 39.55 38.24
N SER C 59 17.87 39.73 39.47
CA SER C 59 17.75 38.64 40.42
C SER C 59 16.42 38.74 41.15
N GLY C 60 15.91 37.59 41.54
CA GLY C 60 14.67 37.53 42.30
C GLY C 60 14.78 36.58 43.47
N ARG C 61 14.30 36.98 44.64
CA ARG C 61 14.37 36.15 45.83
C ARG C 61 13.00 36.08 46.50
N ARG C 62 12.71 34.91 47.05
CA ARG C 62 11.44 34.65 47.73
C ARG C 62 11.72 34.33 49.19
N TRP C 63 11.09 35.08 50.08
CA TRP C 63 11.13 34.78 51.52
C TRP C 63 9.74 34.97 52.09
N GLY C 64 9.17 33.91 52.63
CA GLY C 64 7.82 34.00 53.18
C GLY C 64 6.83 34.38 52.10
N GLN C 65 6.01 35.39 52.41
CA GLN C 65 4.96 35.81 51.49
C GLN C 65 5.41 36.91 50.52
N GLU C 66 6.59 37.48 50.72
CA GLU C 66 7.04 38.61 49.93
C GLU C 66 8.25 38.26 49.08
N TYR C 67 8.26 38.77 47.85
CA TYR C 67 9.32 38.58 46.88
C TYR C 67 10.05 39.90 46.68
N ASN C 68 11.37 39.82 46.55
CA ASN C 68 12.20 40.95 46.17
C ASN C 68 12.70 40.76 44.75
N LEU C 69 12.68 41.84 43.97
CA LEU C 69 13.33 41.91 42.68
C LEU C 69 14.45 42.94 42.76
N THR C 70 15.67 42.52 42.40
CA THR C 70 16.84 43.38 42.52
C THR C 70 17.57 43.44 41.19
N ILE C 71 18.11 44.62 40.90
CA ILE C 71 18.97 44.83 39.74
C ILE C 71 20.23 45.52 40.24
N ASN C 72 21.39 44.92 39.98
CA ASN C 72 22.67 45.52 40.31
C ASN C 72 23.19 46.30 39.10
N ASN C 73 24.22 47.12 39.34
CA ASN C 73 24.93 47.94 38.36
C ASN C 73 24.01 48.45 37.25
N LEU C 74 22.96 49.17 37.65
CA LEU C 74 21.89 49.62 36.76
C LEU C 74 22.44 50.28 35.50
N GLN C 75 22.17 49.68 34.35
CA GLN C 75 22.61 50.16 33.05
C GLN C 75 21.59 51.13 32.46
N PRO C 76 21.98 51.90 31.44
CA PRO C 76 21.00 52.77 30.78
C PRO C 76 19.83 52.02 30.17
N GLU C 77 20.05 50.79 29.69
CA GLU C 77 18.98 50.02 29.07
C GLU C 77 17.95 49.52 30.08
N ASP C 78 18.24 49.58 31.37
CA ASP C 78 17.37 49.03 32.40
C ASP C 78 16.51 50.10 33.07
N ILE C 79 16.08 51.11 32.33
CA ILE C 79 15.16 52.12 32.83
C ILE C 79 13.83 51.91 32.12
N ALA C 80 12.84 51.46 32.87
CA ALA C 80 11.52 51.09 32.35
C ALA C 80 10.60 50.94 33.54
N THR C 81 9.40 50.40 33.32
CA THR C 81 8.52 50.05 34.43
C THR C 81 8.55 48.54 34.64
N TYR C 82 8.31 48.14 35.89
CA TYR C 82 8.35 46.73 36.27
C TYR C 82 7.13 46.41 37.11
N PHE C 83 6.54 45.23 36.88
CA PHE C 83 5.38 44.84 37.67
C PHE C 83 5.42 43.35 37.98
N CYS C 84 4.86 43.01 39.15
CA CYS C 84 4.72 41.63 39.60
C CYS C 84 3.33 41.13 39.21
N GLN C 85 3.28 39.96 38.59
CA GLN C 85 2.06 39.40 38.04
C GLN C 85 1.78 38.05 38.69
N VAL C 86 0.56 37.88 39.15
CA VAL C 86 0.06 36.61 39.67
C VAL C 86 -0.98 36.18 38.64
N TYR C 87 -1.63 35.03 38.86
CA TYR C 87 -2.37 34.33 37.82
C TYR C 87 -3.13 35.27 36.89
N GLU C 88 -4.10 36.00 37.42
CA GLU C 88 -4.89 36.91 36.61
C GLU C 88 -4.92 38.32 37.18
N PHE C 89 -4.09 38.61 38.17
CA PHE C 89 -4.07 39.90 38.85
C PHE C 89 -2.72 40.57 38.59
N VAL C 90 -2.76 41.76 38.00
CA VAL C 90 -1.57 42.55 37.74
C VAL C 90 -1.73 43.91 38.40
N VAL C 91 -0.75 44.30 39.19
CA VAL C 91 -0.70 45.63 39.80
C VAL C 91 -0.15 46.61 38.78
N PRO C 92 -0.42 47.92 38.92
CA PRO C 92 0.08 48.88 37.93
C PRO C 92 1.59 48.84 37.73
N GLY C 93 2.36 48.63 38.80
CA GLY C 93 3.80 48.51 38.70
C GLY C 93 4.51 49.64 39.43
N THR C 94 5.72 49.93 38.97
CA THR C 94 6.56 50.96 39.57
C THR C 94 7.13 51.87 38.49
N ARG C 95 7.34 53.13 38.87
CA ARG C 95 7.93 54.13 38.00
C ARG C 95 9.36 54.42 38.46
N LEU C 96 10.31 54.33 37.54
CA LEU C 96 11.72 54.44 37.85
C LEU C 96 12.35 55.54 37.00
N ASP C 97 13.28 56.29 37.59
CA ASP C 97 13.90 57.41 36.91
C ASP C 97 15.32 57.60 37.44
N LEU C 98 16.09 58.42 36.74
CA LEU C 98 17.48 58.67 37.09
C LEU C 98 17.57 59.85 38.06
N LYS C 99 18.77 60.35 38.30
CA LYS C 99 19.00 61.35 39.32
C LYS C 99 20.05 62.35 38.83
N ARG C 100 20.55 63.15 39.77
CA ARG C 100 21.71 64.05 39.68
C ARG C 100 21.57 65.12 38.59
N THR C 101 20.46 65.12 37.86
CA THR C 101 20.14 66.22 36.96
C THR C 101 19.13 67.17 37.58
N VAL C 102 19.49 67.72 38.74
CA VAL C 102 18.62 68.61 39.49
C VAL C 102 18.88 70.03 38.99
N ALA C 103 17.96 70.53 38.16
CA ALA C 103 18.09 71.87 37.59
C ALA C 103 16.75 72.59 37.65
N ALA C 104 16.82 73.91 37.75
CA ALA C 104 15.61 74.71 37.82
C ALA C 104 14.95 74.79 36.44
N PRO C 105 13.62 74.83 36.38
CA PRO C 105 12.94 74.94 35.09
C PRO C 105 13.10 76.32 34.48
N SER C 106 12.91 76.38 33.16
CA SER C 106 12.93 77.64 32.41
C SER C 106 11.47 77.96 32.05
N VAL C 107 10.80 78.70 32.94
CA VAL C 107 9.39 78.97 32.77
C VAL C 107 9.18 79.95 31.62
N PHE C 108 8.07 79.78 30.90
CA PHE C 108 7.68 80.67 29.82
C PHE C 108 6.18 80.87 29.84
N ILE C 109 5.72 81.88 29.10
CA ILE C 109 4.31 82.11 28.86
C ILE C 109 4.13 82.32 27.36
N PHE C 110 3.05 81.79 26.81
CA PHE C 110 2.78 81.89 25.38
C PHE C 110 1.35 82.38 25.16
N PRO C 111 1.16 83.65 24.80
CA PRO C 111 -0.19 84.13 24.55
C PRO C 111 -0.79 83.46 23.32
N PRO C 112 -2.11 83.30 23.28
CA PRO C 112 -2.74 82.70 22.10
C PRO C 112 -2.60 83.58 20.88
N SER C 113 -2.58 82.95 19.71
CA SER C 113 -2.42 83.68 18.47
C SER C 113 -3.64 84.54 18.18
N ASP C 114 -3.40 85.66 17.51
CA ASP C 114 -4.51 86.54 17.11
C ASP C 114 -5.45 85.83 16.15
N GLU C 115 -4.91 85.02 15.25
CA GLU C 115 -5.73 84.27 14.32
C GLU C 115 -6.58 83.20 15.01
N GLN C 116 -6.29 82.89 16.28
CA GLN C 116 -7.13 81.99 17.04
C GLN C 116 -8.30 82.71 17.69
N LEU C 117 -8.23 84.04 17.80
CA LEU C 117 -9.28 84.79 18.47
C LEU C 117 -10.55 84.84 17.62
N LYS C 118 -10.41 84.88 16.30
CA LYS C 118 -11.56 85.03 15.40
C LYS C 118 -12.43 83.78 15.34
N SER C 119 -11.99 82.66 15.89
CA SER C 119 -12.75 81.42 15.88
C SER C 119 -13.52 81.19 17.17
N GLY C 120 -13.59 82.20 18.05
CA GLY C 120 -14.29 82.05 19.31
C GLY C 120 -13.63 81.11 20.30
N THR C 121 -12.30 81.09 20.35
CA THR C 121 -11.59 80.24 21.28
C THR C 121 -10.23 80.86 21.58
N ALA C 122 -9.65 80.44 22.70
CA ALA C 122 -8.33 80.92 23.10
C ALA C 122 -7.63 79.81 23.87
N SER C 123 -6.32 79.69 23.66
CA SER C 123 -5.50 78.66 24.30
C SER C 123 -4.23 79.30 24.85
N VAL C 124 -4.19 79.52 26.15
CA VAL C 124 -3.01 80.02 26.84
C VAL C 124 -2.33 78.84 27.53
N VAL C 125 -1.10 78.56 27.14
CA VAL C 125 -0.37 77.40 27.64
C VAL C 125 0.92 77.88 28.31
N CYS C 126 1.14 77.42 29.53
CA CYS C 126 2.37 77.69 30.26
C CYS C 126 3.29 76.49 30.14
N LEU C 127 4.53 76.73 29.71
CA LEU C 127 5.48 75.67 29.43
C LEU C 127 6.60 75.69 30.47
N LEU C 128 6.79 74.56 31.14
CA LEU C 128 7.91 74.35 32.04
C LEU C 128 8.83 73.31 31.44
N ASN C 129 10.11 73.66 31.29
CA ASN C 129 11.07 72.81 30.62
C ASN C 129 12.26 72.53 31.53
N ASN C 130 12.71 71.28 31.51
CA ASN C 130 13.93 70.84 32.21
C ASN C 130 13.84 71.10 33.71
N PHE C 131 12.89 70.41 34.33
CA PHE C 131 12.73 70.41 35.78
C PHE C 131 12.65 68.98 36.29
N TYR C 132 12.97 68.82 37.57
CA TYR C 132 13.00 67.53 38.24
C TYR C 132 12.91 67.79 39.73
N PRO C 133 12.20 66.96 40.52
CA PRO C 133 11.45 65.76 40.13
C PRO C 133 10.09 66.05 39.50
N ARG C 134 9.39 65.01 39.07
CA ARG C 134 8.11 65.15 38.39
C ARG C 134 7.01 65.70 39.30
N GLU C 135 7.24 65.75 40.61
CA GLU C 135 6.23 66.24 41.54
C GLU C 135 6.16 67.75 41.46
N ALA C 136 5.07 68.27 40.89
CA ALA C 136 4.84 69.71 40.82
C ALA C 136 3.34 69.95 40.76
N LYS C 137 2.94 71.15 41.18
CA LYS C 137 1.54 71.55 41.19
C LYS C 137 1.38 72.84 40.41
N VAL C 138 0.42 72.85 39.49
CA VAL C 138 0.12 74.03 38.69
C VAL C 138 -1.39 74.26 38.72
N GLN C 139 -1.79 75.50 38.99
CA GLN C 139 -3.20 75.84 39.08
C GLN C 139 -3.36 77.32 38.79
N TRP C 140 -4.46 77.66 38.11
CA TRP C 140 -4.76 79.04 37.75
C TRP C 140 -5.71 79.65 38.77
N LYS C 141 -5.40 80.86 39.22
CA LYS C 141 -6.30 81.65 40.05
C LYS C 141 -6.76 82.84 39.20
N VAL C 142 -7.81 82.60 38.42
CA VAL C 142 -8.32 83.61 37.49
C VAL C 142 -9.18 84.60 38.29
N ASP C 143 -8.70 85.84 38.39
CA ASP C 143 -9.35 86.87 39.19
C ASP C 143 -9.59 86.39 40.63
N ASN C 144 -8.60 85.66 41.16
CA ASN C 144 -8.65 85.13 42.53
C ASN C 144 -9.88 84.26 42.74
N ALA C 145 -9.93 83.15 42.00
CA ALA C 145 -10.98 82.17 42.12
C ALA C 145 -10.40 80.78 41.89
N LEU C 146 -11.09 79.77 42.40
CA LEU C 146 -10.67 78.39 42.27
C LEU C 146 -11.54 77.68 41.23
N GLN C 147 -10.90 76.89 40.37
CA GLN C 147 -11.58 76.18 39.31
C GLN C 147 -10.95 74.81 39.13
N SER C 148 -11.77 73.84 38.72
CA SER C 148 -11.32 72.48 38.48
C SER C 148 -12.14 71.87 37.36
N GLY C 149 -11.55 70.90 36.67
CA GLY C 149 -12.22 70.21 35.58
C GLY C 149 -12.20 70.94 34.26
N ASN C 150 -11.52 72.08 34.16
CA ASN C 150 -11.45 72.86 32.93
C ASN C 150 -9.99 73.08 32.52
N SER C 151 -9.17 72.04 32.61
CA SER C 151 -7.77 72.12 32.24
C SER C 151 -7.28 70.73 31.84
N GLN C 152 -6.16 70.72 31.12
CA GLN C 152 -5.53 69.46 30.70
C GLN C 152 -4.04 69.53 30.97
N GLU C 153 -3.46 68.38 31.33
CA GLU C 153 -2.06 68.29 31.70
C GLU C 153 -1.34 67.29 30.79
N SER C 154 -0.12 67.61 30.40
CA SER C 154 0.71 66.73 29.60
C SER C 154 2.14 66.76 30.11
N VAL C 155 2.77 65.58 30.13
CA VAL C 155 4.17 65.45 30.52
C VAL C 155 4.86 64.51 29.54
N THR C 156 6.09 64.85 29.19
CA THR C 156 6.86 64.03 28.26
C THR C 156 7.70 63.00 29.01
N GLU C 157 8.15 61.99 28.28
CA GLU C 157 9.07 61.02 28.85
C GLU C 157 10.44 61.64 29.07
N GLN C 158 11.21 61.02 29.95
CA GLN C 158 12.55 61.53 30.27
C GLN C 158 13.45 61.45 29.05
N ASP C 159 14.11 62.56 28.74
CA ASP C 159 15.00 62.61 27.60
C ASP C 159 16.28 61.83 27.89
N SER C 160 16.86 61.26 26.83
CA SER C 160 18.09 60.48 26.99
C SER C 160 19.26 61.37 27.39
N LYS C 161 19.38 62.55 26.78
CA LYS C 161 20.58 63.35 26.93
C LYS C 161 20.61 64.10 28.25
N ASP C 162 19.66 65.01 28.47
CA ASP C 162 19.66 65.80 29.69
C ASP C 162 18.98 65.09 30.86
N SER C 163 18.03 64.21 30.58
CA SER C 163 17.29 63.47 31.62
C SER C 163 16.59 64.43 32.59
N THR C 164 15.84 65.37 32.03
CA THR C 164 15.03 66.30 32.79
C THR C 164 13.63 66.36 32.19
N TYR C 165 12.64 66.56 33.04
CA TYR C 165 11.25 66.45 32.61
C TYR C 165 10.69 67.82 32.25
N SER C 166 9.54 67.80 31.57
CA SER C 166 8.84 69.01 31.18
C SER C 166 7.34 68.82 31.37
N LEU C 167 6.63 69.93 31.54
CA LEU C 167 5.21 69.91 31.81
C LEU C 167 4.51 70.97 30.96
N SER C 168 3.32 70.64 30.47
CA SER C 168 2.50 71.58 29.70
C SER C 168 1.07 71.51 30.21
N SER C 169 0.56 72.63 30.71
CA SER C 169 -0.80 72.74 31.19
C SER C 169 -1.57 73.64 30.23
N THR C 170 -2.69 73.13 29.72
CA THR C 170 -3.53 73.86 28.78
C THR C 170 -4.86 74.20 29.44
N LEU C 171 -5.22 75.48 29.41
CA LEU C 171 -6.47 75.96 29.95
C LEU C 171 -7.51 76.07 28.83
N THR C 172 -8.74 75.65 29.12
CA THR C 172 -9.85 75.78 28.21
C THR C 172 -10.88 76.73 28.80
N LEU C 173 -11.46 77.58 27.95
CA LEU C 173 -12.37 78.60 28.42
C LEU C 173 -13.24 79.07 27.26
N SER C 174 -14.37 79.69 27.61
CA SER C 174 -15.23 80.29 26.61
C SER C 174 -14.63 81.59 26.10
N LYS C 175 -15.03 81.97 24.88
CA LYS C 175 -14.50 83.19 24.28
C LYS C 175 -14.95 84.42 25.04
N ALA C 176 -16.15 84.40 25.61
CA ALA C 176 -16.60 85.51 26.44
C ALA C 176 -15.70 85.69 27.66
N ASP C 177 -15.31 84.57 28.30
CA ASP C 177 -14.43 84.66 29.46
C ASP C 177 -13.05 85.16 29.10
N TYR C 178 -12.55 84.81 27.91
CA TYR C 178 -11.26 85.34 27.46
C TYR C 178 -11.31 86.86 27.30
N GLU C 179 -12.47 87.39 26.92
CA GLU C 179 -12.66 88.83 26.79
C GLU C 179 -13.15 89.45 28.10
N LYS C 180 -12.88 88.81 29.23
CA LYS C 180 -13.27 89.32 30.54
C LYS C 180 -12.09 89.65 31.45
N HIS C 181 -10.95 89.01 31.25
CA HIS C 181 -9.77 89.23 32.07
C HIS C 181 -8.62 89.76 31.20
N LYS C 182 -7.72 90.51 31.83
CA LYS C 182 -6.59 91.12 31.15
C LYS C 182 -5.29 90.35 31.35
N VAL C 183 -4.92 90.09 32.60
CA VAL C 183 -3.68 89.37 32.90
C VAL C 183 -3.93 87.87 32.80
N TYR C 184 -3.02 87.18 32.14
CA TYR C 184 -3.09 85.72 31.98
C TYR C 184 -1.76 85.14 32.46
N ALA C 185 -1.75 84.62 33.68
CA ALA C 185 -0.54 84.10 34.31
C ALA C 185 -0.74 82.65 34.73
N CYS C 186 0.29 81.85 34.53
CA CYS C 186 0.32 80.44 34.96
C CYS C 186 1.44 80.30 35.98
N GLU C 187 1.11 80.51 37.24
CA GLU C 187 2.11 80.45 38.31
C GLU C 187 2.69 79.04 38.43
N VAL C 188 3.98 78.97 38.71
CA VAL C 188 4.71 77.71 38.79
C VAL C 188 5.19 77.52 40.22
N THR C 189 5.03 76.29 40.73
CA THR C 189 5.49 75.91 42.05
C THR C 189 6.53 74.80 41.92
N HIS C 190 7.71 75.03 42.49
CA HIS C 190 8.77 74.04 42.48
C HIS C 190 9.67 74.28 43.69
N GLN C 191 10.02 73.22 44.40
CA GLN C 191 10.90 73.35 45.56
C GLN C 191 12.28 73.86 45.16
N GLY C 192 12.72 73.56 43.94
CA GLY C 192 14.01 74.06 43.48
C GLY C 192 14.04 75.58 43.36
N LEU C 193 12.94 76.17 42.88
CA LEU C 193 12.88 77.62 42.73
C LEU C 193 12.76 78.28 44.09
N SER C 194 13.56 79.34 44.30
CA SER C 194 13.52 80.06 45.56
C SER C 194 12.18 80.77 45.74
N SER C 195 11.74 81.52 44.73
CA SER C 195 10.48 82.24 44.78
C SER C 195 9.67 81.94 43.53
N PRO C 196 8.34 81.90 43.66
CA PRO C 196 7.50 81.66 42.48
C PRO C 196 7.70 82.76 41.43
N VAL C 197 7.69 82.37 40.17
CA VAL C 197 7.90 83.27 39.04
C VAL C 197 6.59 83.38 38.27
N THR C 198 6.12 84.61 38.07
CA THR C 198 4.86 84.88 37.40
C THR C 198 5.15 85.48 36.02
N LYS C 199 4.53 84.90 34.99
CA LYS C 199 4.65 85.39 33.62
C LYS C 199 3.25 85.64 33.06
N SER C 200 3.06 86.81 32.47
CA SER C 200 1.75 87.22 31.95
C SER C 200 1.94 87.96 30.64
N PHE C 201 0.84 88.48 30.10
CA PHE C 201 0.87 89.30 28.90
C PHE C 201 -0.40 90.15 28.86
N ASN C 202 -0.36 91.18 28.02
CA ASN C 202 -1.51 92.01 27.76
C ASN C 202 -2.02 91.73 26.35
N ARG C 203 -3.32 91.50 26.21
CA ARG C 203 -3.89 91.17 24.92
C ARG C 203 -3.69 92.31 23.93
N GLY C 204 -3.37 91.96 22.69
CA GLY C 204 -3.09 92.94 21.66
C GLY C 204 -1.69 93.50 21.74
N ALA D 1 6.61 -47.14 54.35
CA ALA D 1 7.06 -47.25 55.74
C ALA D 1 6.84 -45.94 56.49
N GLU D 2 7.55 -45.78 57.60
CA GLU D 2 7.46 -44.58 58.42
C GLU D 2 8.64 -43.66 58.23
N ASN D 3 9.55 -43.95 57.30
CA ASN D 3 10.74 -43.14 57.11
C ASN D 3 10.88 -42.69 55.67
N LEU D 4 9.79 -42.20 55.08
CA LEU D 4 9.80 -41.74 53.71
C LEU D 4 9.85 -40.22 53.67
N TRP D 5 10.57 -39.69 52.68
CA TRP D 5 10.76 -38.26 52.53
C TRP D 5 10.58 -37.87 51.06
N VAL D 6 10.20 -36.62 50.83
CA VAL D 6 9.93 -36.15 49.47
C VAL D 6 11.24 -35.90 48.76
N THR D 7 11.38 -36.46 47.56
CA THR D 7 12.55 -36.28 46.72
C THR D 7 12.11 -35.72 45.37
N VAL D 8 12.89 -34.78 44.83
CA VAL D 8 12.52 -34.05 43.63
C VAL D 8 13.41 -34.54 42.48
N TYR D 9 12.78 -35.13 41.47
CA TYR D 9 13.47 -35.56 40.26
C TYR D 9 13.16 -34.56 39.15
N TYR D 10 14.20 -34.07 38.48
CA TYR D 10 14.04 -33.09 37.42
C TYR D 10 14.44 -33.71 36.09
N GLY D 11 13.49 -33.84 35.19
CA GLY D 11 13.70 -34.46 33.91
C GLY D 11 12.90 -35.71 33.65
N VAL D 12 11.83 -35.96 34.40
CA VAL D 12 11.05 -37.19 34.28
C VAL D 12 10.25 -37.17 32.99
N PRO D 13 10.03 -38.32 32.36
CA PRO D 13 9.24 -38.37 31.11
C PRO D 13 7.74 -38.35 31.34
N VAL D 14 7.23 -37.16 31.64
CA VAL D 14 5.81 -36.94 31.88
C VAL D 14 5.38 -35.75 31.04
N TRP D 15 4.27 -35.90 30.32
CA TRP D 15 3.76 -34.84 29.47
C TRP D 15 2.29 -34.59 29.77
N LYS D 16 1.74 -33.59 29.10
CA LYS D 16 0.32 -33.28 29.19
C LYS D 16 -0.11 -32.60 27.90
N ASP D 17 -1.38 -32.79 27.55
CA ASP D 17 -1.89 -32.21 26.31
C ASP D 17 -1.92 -30.69 26.40
N ALA D 18 -1.50 -30.03 25.33
CA ALA D 18 -1.45 -28.57 25.29
C ALA D 18 -1.43 -28.12 23.84
N ASP D 19 -1.70 -26.84 23.66
CA ASP D 19 -1.70 -26.21 22.34
C ASP D 19 -0.59 -25.16 22.29
N THR D 20 0.22 -25.22 21.23
CA THR D 20 1.39 -24.35 21.13
C THR D 20 1.44 -23.65 19.78
N THR D 21 2.56 -22.99 19.50
CA THR D 21 2.75 -22.20 18.29
C THR D 21 3.84 -22.88 17.46
N LEU D 22 3.41 -23.78 16.58
CA LEU D 22 4.34 -24.51 15.73
C LEU D 22 4.86 -23.60 14.63
N PHE D 23 6.16 -23.34 14.63
CA PHE D 23 6.74 -22.55 13.56
C PHE D 23 7.04 -23.44 12.36
N CYS D 24 7.54 -22.83 11.28
CA CYS D 24 7.80 -23.55 10.05
C CYS D 24 9.28 -23.86 9.89
N ALA D 25 9.57 -24.95 9.20
CA ALA D 25 10.94 -25.35 8.89
C ALA D 25 10.92 -26.16 7.61
N SER D 26 11.73 -25.75 6.63
CA SER D 26 11.77 -26.42 5.34
C SER D 26 13.23 -26.65 4.93
N ASP D 27 13.45 -27.70 4.14
CA ASP D 27 14.78 -28.05 3.70
C ASP D 27 15.31 -27.04 2.69
N ALA D 28 16.64 -26.97 2.59
CA ALA D 28 17.28 -25.98 1.73
C ALA D 28 17.23 -26.35 0.26
N LYS D 29 17.26 -27.65 -0.06
CA LYS D 29 17.38 -28.07 -1.46
C LYS D 29 16.16 -27.64 -2.27
N ALA D 30 14.96 -27.76 -1.69
CA ALA D 30 13.75 -27.38 -2.41
C ALA D 30 13.73 -25.88 -2.71
N HIS D 31 14.13 -25.06 -1.76
CA HIS D 31 14.21 -23.62 -1.96
C HIS D 31 15.62 -23.27 -2.47
N GLU D 32 15.99 -21.99 -2.41
CA GLU D 32 17.20 -21.41 -2.99
C GLU D 32 17.14 -21.39 -4.51
N THR D 33 15.97 -21.64 -5.10
CA THR D 33 15.76 -21.49 -6.53
C THR D 33 15.38 -20.08 -6.92
N GLU D 34 15.16 -19.19 -5.94
CA GLU D 34 14.80 -17.79 -6.17
C GLU D 34 13.57 -17.68 -7.06
N ALA D 35 12.59 -18.55 -6.82
CA ALA D 35 11.29 -18.44 -7.46
C ALA D 35 10.26 -17.71 -6.61
N HIS D 36 10.53 -17.56 -5.31
CA HIS D 36 9.66 -16.83 -4.38
C HIS D 36 8.25 -17.42 -4.36
N ASN D 37 8.21 -18.65 -3.85
CA ASN D 37 6.97 -19.40 -3.65
C ASN D 37 6.00 -18.62 -2.79
N ILE D 38 4.72 -19.01 -2.80
CA ILE D 38 3.73 -18.35 -1.94
C ILE D 38 3.81 -18.86 -0.52
N TRP D 39 3.61 -20.17 -0.32
CA TRP D 39 3.53 -20.68 1.04
C TRP D 39 4.91 -20.92 1.64
N ALA D 40 5.65 -21.90 1.12
CA ALA D 40 6.88 -22.35 1.74
C ALA D 40 8.00 -21.36 1.44
N THR D 41 7.89 -20.20 2.05
CA THR D 41 8.79 -19.09 1.75
C THR D 41 10.18 -19.38 2.31
N HIS D 42 11.07 -18.40 2.13
CA HIS D 42 12.42 -18.45 2.66
C HIS D 42 12.47 -18.16 4.15
N ALA D 43 11.38 -17.65 4.74
CA ALA D 43 11.38 -17.29 6.15
C ALA D 43 11.47 -18.51 7.07
N CYS D 44 11.22 -19.71 6.57
CA CYS D 44 11.30 -20.90 7.40
C CYS D 44 12.76 -21.25 7.68
N VAL D 45 13.05 -21.56 8.93
CA VAL D 45 14.39 -21.95 9.35
C VAL D 45 14.75 -23.28 8.70
N PRO D 46 16.02 -23.54 8.40
CA PRO D 46 16.39 -24.83 7.82
C PRO D 46 16.07 -25.98 8.77
N THR D 47 15.59 -27.07 8.20
CA THR D 47 15.23 -28.24 9.00
C THR D 47 16.47 -29.06 9.34
N ASP D 48 16.31 -29.94 10.32
CA ASP D 48 17.41 -30.79 10.74
C ASP D 48 17.78 -31.77 9.63
N PRO D 49 19.06 -31.95 9.32
CA PRO D 49 19.43 -32.91 8.27
C PRO D 49 19.05 -34.34 8.59
N ASN D 50 19.07 -34.73 9.87
CA ASN D 50 18.78 -36.11 10.28
C ASN D 50 17.70 -36.08 11.35
N PRO D 51 16.43 -36.13 10.96
CA PRO D 51 15.35 -36.14 11.94
C PRO D 51 15.42 -37.38 12.83
N GLN D 52 14.99 -37.22 14.07
CA GLN D 52 15.06 -38.26 15.08
C GLN D 52 13.66 -38.67 15.50
N GLU D 53 13.38 -39.97 15.45
CA GLU D 53 12.14 -40.54 15.94
C GLU D 53 12.47 -41.54 17.04
N ILE D 54 11.80 -41.43 18.17
CA ILE D 54 12.04 -42.27 19.33
C ILE D 54 10.76 -43.03 19.63
N TYR D 55 10.88 -44.36 19.75
CA TYR D 55 9.73 -45.24 19.91
C TYR D 55 9.52 -45.51 21.39
N MET D 56 8.41 -44.99 21.94
CA MET D 56 8.03 -45.30 23.32
C MET D 56 7.31 -46.63 23.34
N GLU D 57 7.86 -47.61 24.07
CA GLU D 57 7.40 -48.98 23.89
C GLU D 57 6.03 -49.20 24.52
N ASN D 58 5.93 -49.05 25.83
CA ASN D 58 4.68 -49.34 26.53
C ASN D 58 3.83 -48.09 26.73
N VAL D 59 3.53 -47.35 25.68
CA VAL D 59 2.78 -46.11 25.78
C VAL D 59 1.55 -46.20 24.90
N THR D 60 0.37 -45.99 25.49
CA THR D 60 -0.88 -45.87 24.76
C THR D 60 -1.44 -44.48 24.98
N GLU D 61 -1.72 -43.77 23.89
CA GLU D 61 -2.13 -42.38 23.96
C GLU D 61 -3.45 -42.18 23.24
N ASN D 62 -4.30 -41.32 23.78
CA ASN D 62 -5.62 -41.07 23.20
C ASN D 62 -5.49 -40.03 22.10
N PHE D 63 -5.37 -40.49 20.85
CA PHE D 63 -5.35 -39.58 19.72
C PHE D 63 -6.77 -39.23 19.33
N ASN D 64 -6.97 -37.98 18.93
CA ASN D 64 -8.31 -37.47 18.58
C ASN D 64 -8.18 -36.56 17.38
N MET D 65 -8.31 -37.13 16.18
CA MET D 65 -8.54 -36.35 14.99
C MET D 65 -9.93 -35.73 15.07
N TRP D 66 -10.20 -34.75 14.21
CA TRP D 66 -11.40 -33.92 14.21
C TRP D 66 -11.45 -32.97 15.40
N LYS D 67 -10.47 -33.02 16.29
CA LYS D 67 -10.33 -32.03 17.34
C LYS D 67 -8.89 -31.57 17.47
N ASN D 68 -8.07 -31.87 16.46
CA ASN D 68 -6.68 -31.44 16.46
C ASN D 68 -6.60 -29.93 16.25
N ASN D 69 -5.79 -29.27 17.05
CA ASN D 69 -5.58 -27.84 16.89
C ASN D 69 -4.46 -27.51 15.92
N MET D 70 -3.81 -28.52 15.35
CA MET D 70 -2.80 -28.27 14.34
C MET D 70 -3.42 -28.00 12.97
N VAL D 71 -4.65 -28.47 12.75
CA VAL D 71 -5.33 -28.20 11.50
C VAL D 71 -5.75 -26.74 11.42
N GLU D 72 -6.29 -26.21 12.52
CA GLU D 72 -6.71 -24.81 12.53
C GLU D 72 -5.51 -23.88 12.35
N GLN D 73 -4.39 -24.20 13.01
CA GLN D 73 -3.19 -23.38 12.85
C GLN D 73 -2.73 -23.37 11.40
N MET D 74 -2.74 -24.54 10.76
CA MET D 74 -2.32 -24.59 9.36
C MET D 74 -3.28 -23.82 8.46
N GLN D 75 -4.57 -23.85 8.76
CA GLN D 75 -5.51 -23.08 7.94
C GLN D 75 -5.27 -21.59 8.09
N GLU D 76 -5.08 -21.10 9.32
CA GLU D 76 -4.79 -19.69 9.49
C GLU D 76 -3.47 -19.32 8.82
N ASP D 77 -2.48 -20.19 8.88
CA ASP D 77 -1.20 -19.91 8.23
C ASP D 77 -1.36 -19.81 6.71
N ILE D 78 -2.13 -20.73 6.12
CA ILE D 78 -2.32 -20.72 4.67
C ILE D 78 -3.05 -19.46 4.24
N ILE D 79 -4.11 -19.09 4.99
CA ILE D 79 -4.87 -17.90 4.66
C ILE D 79 -3.98 -16.66 4.78
N SER D 80 -3.18 -16.58 5.84
CA SER D 80 -2.31 -15.42 6.02
C SER D 80 -1.26 -15.34 4.92
N LEU D 81 -0.69 -16.48 4.52
CA LEU D 81 0.27 -16.48 3.42
C LEU D 81 -0.37 -15.99 2.12
N TRP D 82 -1.57 -16.47 1.82
CA TRP D 82 -2.24 -16.06 0.58
C TRP D 82 -2.58 -14.59 0.60
N ASP D 83 -3.04 -14.07 1.75
CA ASP D 83 -3.32 -12.65 1.85
C ASP D 83 -2.05 -11.81 1.73
N GLN D 84 -0.96 -12.27 2.33
CA GLN D 84 0.28 -11.51 2.33
C GLN D 84 0.90 -11.46 0.94
N SER D 85 0.83 -12.56 0.19
CA SER D 85 1.46 -12.59 -1.13
C SER D 85 0.79 -11.62 -2.09
N LEU D 86 -0.54 -11.53 -2.04
CA LEU D 86 -1.28 -10.69 -2.99
C LEU D 86 -1.26 -9.22 -2.62
N LYS D 87 -0.77 -8.85 -1.44
CA LYS D 87 -0.86 -7.46 -1.00
C LYS D 87 -0.12 -6.48 -1.92
N PRO D 88 1.12 -6.73 -2.34
CA PRO D 88 1.80 -5.74 -3.20
C PRO D 88 1.41 -5.79 -4.66
N CYS D 89 0.48 -6.66 -5.06
CA CYS D 89 0.18 -6.86 -6.47
C CYS D 89 -0.73 -5.74 -6.98
N VAL D 90 -1.21 -5.88 -8.21
CA VAL D 90 -1.89 -4.80 -8.92
C VAL D 90 -3.40 -5.00 -8.83
N LYS D 91 -4.11 -3.95 -8.43
CA LYS D 91 -5.56 -3.99 -8.39
C LYS D 91 -6.13 -4.00 -9.80
N LEU D 92 -7.40 -4.40 -9.91
CA LEU D 92 -8.10 -4.48 -11.19
C LEU D 92 -9.34 -3.61 -11.21
N THR D 93 -9.35 -2.52 -10.45
CA THR D 93 -10.47 -1.58 -10.54
C THR D 93 -10.63 -0.96 -11.93
N PRO D 94 -9.57 -0.55 -12.64
CA PRO D 94 -9.80 0.05 -13.97
C PRO D 94 -10.43 -0.90 -14.97
N LEU D 95 -10.35 -2.22 -14.76
CA LEU D 95 -11.00 -3.17 -15.66
C LEU D 95 -12.46 -3.38 -15.35
N CYS D 96 -12.98 -2.78 -14.27
CA CYS D 96 -14.41 -2.81 -14.00
C CYS D 96 -15.09 -1.75 -14.86
N VAL D 97 -15.21 -2.09 -16.15
CA VAL D 97 -15.81 -1.23 -17.15
C VAL D 97 -16.81 -2.06 -17.96
N THR D 98 -17.38 -1.44 -18.98
CA THR D 98 -18.33 -2.10 -19.87
C THR D 98 -17.55 -2.74 -21.01
N LEU D 99 -17.62 -4.06 -21.12
CA LEU D 99 -17.01 -4.78 -22.22
C LEU D 99 -18.09 -5.23 -23.20
N SER D 100 -17.86 -5.00 -24.48
CA SER D 100 -18.73 -5.51 -25.52
C SER D 100 -18.07 -6.76 -26.10
N CYS D 101 -18.80 -7.87 -26.06
CA CYS D 101 -18.19 -9.19 -26.28
C CYS D 101 -18.90 -9.91 -27.41
N THR D 102 -18.11 -10.58 -28.24
CA THR D 102 -18.61 -11.38 -29.35
C THR D 102 -17.82 -12.67 -29.46
N ASN D 103 -18.19 -13.49 -30.45
CA ASN D 103 -17.61 -14.80 -30.65
C ASN D 103 -16.13 -14.69 -31.03
N VAL D 104 -15.50 -15.85 -31.18
CA VAL D 104 -14.09 -15.95 -31.55
C VAL D 104 -13.99 -16.77 -32.83
N THR D 105 -13.14 -16.33 -33.75
CA THR D 105 -12.93 -17.00 -35.03
C THR D 105 -11.47 -17.43 -35.10
N LEU D 106 -11.21 -18.71 -34.90
CA LEU D 106 -9.85 -19.24 -34.77
C LEU D 106 -9.49 -20.08 -35.99
N THR D 107 -8.25 -19.94 -36.43
CA THR D 107 -7.65 -20.81 -37.43
C THR D 107 -6.71 -21.80 -36.74
N ASN D 108 -6.59 -22.99 -37.33
CA ASN D 108 -5.88 -24.07 -36.66
C ASN D 108 -5.34 -25.03 -37.71
N VAL D 109 -4.42 -25.90 -37.26
CA VAL D 109 -4.06 -27.06 -38.05
C VAL D 109 -5.24 -28.04 -38.08
N ASN D 110 -5.16 -29.00 -39.01
CA ASN D 110 -6.29 -29.90 -39.20
C ASN D 110 -6.31 -31.02 -38.18
N TYR D 111 -5.22 -31.78 -38.07
CA TYR D 111 -5.21 -32.97 -37.22
C TYR D 111 -5.36 -32.61 -35.75
N THR D 112 -4.65 -31.58 -35.28
CA THR D 112 -4.66 -31.15 -33.88
C THR D 112 -4.41 -32.30 -32.91
N ASN D 113 -3.71 -33.34 -33.39
CA ASN D 113 -3.45 -34.54 -32.60
C ASN D 113 -4.75 -35.10 -32.03
N ASN D 114 -5.64 -35.49 -32.94
CA ASN D 114 -7.01 -35.86 -32.57
C ASN D 114 -7.04 -37.26 -31.94
N PHE D 115 -6.31 -37.39 -30.84
CA PHE D 115 -6.37 -38.61 -30.03
C PHE D 115 -7.56 -38.58 -29.06
N PRO D 116 -7.79 -37.48 -28.30
CA PRO D 116 -8.95 -37.47 -27.40
C PRO D 116 -10.27 -37.25 -28.13
N ASN D 117 -10.28 -36.36 -29.12
CA ASN D 117 -11.48 -35.98 -29.85
C ASN D 117 -12.60 -35.55 -28.91
N ILE D 118 -12.33 -34.47 -28.17
CA ILE D 118 -13.29 -33.97 -27.19
C ILE D 118 -14.01 -32.75 -27.75
N GLY D 119 -13.26 -31.71 -28.10
CA GLY D 119 -13.87 -30.49 -28.59
C GLY D 119 -12.81 -29.43 -28.80
N ASN D 120 -13.27 -28.19 -28.95
CA ASN D 120 -12.38 -27.06 -29.17
C ASN D 120 -12.79 -25.90 -28.27
N ILE D 121 -11.83 -25.02 -28.01
CA ILE D 121 -12.01 -23.97 -27.00
C ILE D 121 -13.00 -22.90 -27.42
N THR D 122 -13.44 -22.87 -28.67
CA THR D 122 -14.50 -21.96 -29.05
C THR D 122 -15.78 -22.32 -28.32
N ASP D 123 -16.72 -21.37 -28.28
CA ASP D 123 -17.93 -21.45 -27.48
C ASP D 123 -17.63 -21.50 -25.99
N GLU D 124 -16.40 -21.18 -25.60
CA GLU D 124 -16.02 -21.07 -24.19
C GLU D 124 -15.28 -19.76 -23.95
N VAL D 125 -14.60 -19.28 -25.00
CA VAL D 125 -13.91 -18.01 -24.96
C VAL D 125 -14.69 -16.98 -25.77
N ARG D 126 -14.38 -15.70 -25.55
CA ARG D 126 -15.04 -14.59 -26.22
C ARG D 126 -13.99 -13.52 -26.47
N ASN D 127 -14.11 -12.74 -27.54
CA ASN D 127 -13.56 -11.38 -27.49
C ASN D 127 -14.43 -10.50 -26.63
N CYS D 128 -13.81 -9.78 -25.71
CA CYS D 128 -14.39 -8.61 -25.10
C CYS D 128 -13.51 -7.41 -25.42
N SER D 129 -14.14 -6.29 -25.78
CA SER D 129 -13.43 -5.07 -26.14
C SER D 129 -14.04 -3.90 -25.41
N PHE D 130 -13.20 -2.91 -25.11
CA PHE D 130 -13.67 -1.77 -24.34
C PHE D 130 -13.01 -0.47 -24.81
N ASN D 131 -13.69 0.63 -24.55
CA ASN D 131 -13.24 1.94 -24.99
C ASN D 131 -12.01 2.40 -24.22
N VAL D 132 -11.17 3.19 -24.89
CA VAL D 132 -10.20 4.06 -24.23
C VAL D 132 -10.25 5.41 -24.92
N THR D 133 -10.16 6.47 -24.13
CA THR D 133 -10.25 7.82 -24.67
C THR D 133 -8.97 8.20 -25.41
N THR D 134 -9.11 9.12 -26.37
CA THR D 134 -7.99 9.55 -27.19
C THR D 134 -7.92 11.07 -27.27
N GLU D 135 -7.04 11.59 -28.13
CA GLU D 135 -6.79 13.02 -28.19
C GLU D 135 -8.00 13.77 -28.76
N ILE D 136 -8.52 13.31 -29.89
CA ILE D 136 -9.66 13.98 -30.50
C ILE D 136 -10.90 13.77 -29.64
N ARG D 137 -11.66 14.84 -29.43
CA ARG D 137 -12.84 14.74 -28.60
C ARG D 137 -13.87 13.81 -29.22
N ASP D 138 -14.55 13.04 -28.37
CA ASP D 138 -15.57 12.08 -28.81
C ASP D 138 -14.99 11.05 -29.78
N LYS D 139 -13.80 10.56 -29.48
CA LYS D 139 -13.18 9.49 -30.25
C LYS D 139 -12.63 8.45 -29.28
N LYS D 140 -12.92 7.18 -29.56
CA LYS D 140 -12.53 6.09 -28.67
C LYS D 140 -11.80 5.02 -29.46
N GLN D 141 -10.85 4.37 -28.80
CA GLN D 141 -10.10 3.26 -29.36
C GLN D 141 -10.48 1.97 -28.65
N LYS D 142 -10.71 0.92 -29.42
CA LYS D 142 -11.12 -0.35 -28.85
C LYS D 142 -9.89 -1.15 -28.41
N VAL D 143 -9.91 -1.62 -27.16
CA VAL D 143 -8.90 -2.51 -26.62
C VAL D 143 -9.53 -3.89 -26.51
N TYR D 144 -8.83 -4.90 -27.03
CA TYR D 144 -9.34 -6.25 -27.17
C TYR D 144 -8.73 -7.18 -26.13
N ALA D 145 -9.48 -8.24 -25.81
CA ALA D 145 -8.96 -9.33 -25.00
C ALA D 145 -9.85 -10.55 -25.20
N LEU D 146 -9.32 -11.72 -24.84
CA LEU D 146 -10.08 -12.96 -24.87
C LEU D 146 -10.37 -13.39 -23.44
N PHE D 147 -11.65 -13.47 -23.12
CA PHE D 147 -12.09 -13.81 -21.77
C PHE D 147 -12.91 -15.09 -21.81
N TYR D 148 -12.71 -15.93 -20.80
CA TYR D 148 -13.50 -17.14 -20.66
C TYR D 148 -14.93 -16.79 -20.25
N LYS D 149 -15.87 -17.62 -20.68
CA LYS D 149 -17.28 -17.35 -20.41
C LYS D 149 -17.60 -17.38 -18.92
N LEU D 150 -16.75 -18.01 -18.11
CA LEU D 150 -17.00 -18.09 -16.67
C LEU D 150 -16.62 -16.82 -15.94
N ASP D 151 -16.03 -15.84 -16.61
CA ASP D 151 -15.53 -14.63 -15.97
C ASP D 151 -16.27 -13.37 -16.38
N ILE D 152 -17.28 -13.48 -17.24
CA ILE D 152 -18.05 -12.34 -17.70
C ILE D 152 -19.52 -12.64 -17.54
N VAL D 153 -20.29 -11.62 -17.17
CA VAL D 153 -21.74 -11.75 -16.99
C VAL D 153 -22.44 -10.62 -17.75
N GLN D 154 -23.60 -10.95 -18.31
CA GLN D 154 -24.38 -10.04 -19.12
C GLN D 154 -25.38 -9.32 -18.21
N MET D 155 -25.17 -8.02 -17.99
CA MET D 155 -26.02 -7.29 -17.05
C MET D 155 -27.34 -6.85 -17.68
N GLU D 156 -27.28 -5.95 -18.66
CA GLU D 156 -28.43 -5.53 -19.45
C GLU D 156 -27.93 -5.14 -20.82
N ASN D 157 -28.87 -4.84 -21.72
CA ASN D 157 -28.54 -4.37 -23.07
C ASN D 157 -27.59 -5.35 -23.76
N LYS D 158 -28.17 -6.51 -24.10
CA LYS D 158 -27.41 -7.69 -24.50
C LYS D 158 -26.33 -7.35 -25.51
N ASN D 159 -25.27 -8.18 -25.49
CA ASN D 159 -23.98 -7.89 -26.13
C ASN D 159 -23.25 -6.77 -25.40
N SER D 160 -23.37 -6.75 -24.08
CA SER D 160 -22.61 -5.81 -23.25
C SER D 160 -22.45 -6.46 -21.88
N TYR D 161 -21.25 -6.95 -21.59
CA TYR D 161 -20.96 -7.75 -20.42
C TYR D 161 -20.10 -6.95 -19.44
N ARG D 162 -19.78 -7.59 -18.32
CA ARG D 162 -18.86 -7.03 -17.34
C ARG D 162 -18.19 -8.17 -16.59
N LEU D 163 -17.11 -7.85 -15.88
CA LEU D 163 -16.41 -8.87 -15.12
C LEU D 163 -17.28 -9.38 -13.97
N ILE D 164 -17.03 -10.64 -13.58
CA ILE D 164 -17.88 -11.30 -12.59
C ILE D 164 -17.76 -10.62 -11.23
N ASN D 165 -16.57 -10.14 -10.90
CA ASN D 165 -16.26 -9.72 -9.54
C ASN D 165 -16.54 -8.24 -9.27
N CYS D 166 -17.04 -7.49 -10.25
CA CYS D 166 -17.09 -6.05 -10.11
C CYS D 166 -18.13 -5.57 -9.10
N ASN D 167 -19.04 -6.42 -8.66
CA ASN D 167 -20.04 -6.03 -7.68
C ASN D 167 -19.89 -6.75 -6.34
N THR D 168 -18.86 -7.56 -6.18
CA THR D 168 -18.64 -8.30 -4.94
C THR D 168 -17.42 -7.82 -4.17
N SER D 169 -16.26 -7.73 -4.84
CA SER D 169 -15.04 -7.34 -4.17
C SER D 169 -14.04 -6.87 -5.22
N VAL D 170 -12.91 -6.35 -4.76
CA VAL D 170 -11.82 -5.92 -5.63
C VAL D 170 -10.81 -7.06 -5.72
N CYS D 171 -10.38 -7.39 -6.94
CA CYS D 171 -9.50 -8.51 -7.20
C CYS D 171 -8.14 -8.00 -7.65
N LYS D 172 -7.08 -8.48 -7.00
CA LYS D 172 -5.73 -8.13 -7.37
C LYS D 172 -5.17 -9.19 -8.30
N GLN D 173 -4.49 -8.73 -9.36
CA GLN D 173 -3.88 -9.64 -10.31
C GLN D 173 -2.63 -10.24 -9.70
N ALA D 174 -2.54 -11.57 -9.73
CA ALA D 174 -1.40 -12.25 -9.14
C ALA D 174 -0.12 -11.83 -9.83
N CYS D 175 0.88 -11.46 -9.03
CA CYS D 175 2.15 -11.02 -9.59
C CYS D 175 2.83 -12.17 -10.32
N PRO D 176 3.38 -11.94 -11.51
CA PRO D 176 3.88 -13.05 -12.32
C PRO D 176 5.18 -13.68 -11.82
N LYS D 177 5.85 -13.06 -10.86
CA LYS D 177 7.13 -13.57 -10.38
C LYS D 177 7.02 -14.50 -9.19
N ILE D 178 5.80 -14.78 -8.71
CA ILE D 178 5.59 -15.69 -7.60
C ILE D 178 5.05 -17.00 -8.16
N SER D 179 5.45 -18.11 -7.52
CA SER D 179 5.10 -19.44 -7.99
C SER D 179 4.03 -20.05 -7.07
N PHE D 180 3.22 -20.93 -7.65
CA PHE D 180 2.19 -21.65 -6.91
C PHE D 180 2.59 -23.11 -6.65
N ASP D 181 3.86 -23.41 -6.76
CA ASP D 181 4.34 -24.78 -6.54
C ASP D 181 4.33 -25.10 -5.05
N PRO D 182 3.67 -26.15 -4.61
CA PRO D 182 3.73 -26.52 -3.19
C PRO D 182 5.08 -27.10 -2.81
N ILE D 183 5.83 -26.38 -1.98
CA ILE D 183 7.08 -26.87 -1.42
C ILE D 183 6.80 -27.40 -0.01
N PRO D 184 7.31 -28.57 0.36
CA PRO D 184 6.93 -29.16 1.64
C PRO D 184 7.28 -28.29 2.83
N ILE D 185 6.43 -28.35 3.85
CA ILE D 185 6.57 -27.56 5.07
C ILE D 185 6.57 -28.51 6.25
N HIS D 186 7.56 -28.39 7.12
CA HIS D 186 7.60 -29.12 8.38
C HIS D 186 7.18 -28.18 9.50
N TYR D 187 6.30 -28.66 10.38
CA TYR D 187 5.74 -27.85 11.45
C TYR D 187 6.42 -28.23 12.76
N CYS D 188 7.29 -27.37 13.27
CA CYS D 188 8.16 -27.71 14.38
C CYS D 188 7.80 -26.93 15.63
N THR D 189 7.76 -27.63 16.76
CA THR D 189 7.38 -27.08 18.05
C THR D 189 8.57 -26.43 18.74
N PRO D 190 8.31 -25.53 19.71
CA PRO D 190 9.40 -24.96 20.49
C PRO D 190 10.09 -26.00 21.37
N ALA D 191 11.09 -25.57 22.14
CA ALA D 191 11.75 -26.47 23.08
C ALA D 191 10.96 -26.53 24.36
N GLY D 192 10.62 -27.75 24.79
CA GLY D 192 9.69 -27.96 25.88
C GLY D 192 8.41 -28.63 25.45
N TYR D 193 8.22 -28.86 24.15
CA TYR D 193 7.07 -29.54 23.60
C TYR D 193 7.56 -30.67 22.71
N ALA D 194 6.64 -31.53 22.31
CA ALA D 194 6.97 -32.66 21.43
C ALA D 194 5.73 -33.04 20.66
N ILE D 195 5.91 -33.84 19.60
CA ILE D 195 4.79 -34.26 18.78
C ILE D 195 4.73 -35.78 18.83
N LEU D 196 3.64 -36.32 19.37
CA LEU D 196 3.45 -37.76 19.42
C LEU D 196 2.79 -38.19 18.13
N LYS D 197 3.38 -39.19 17.48
CA LYS D 197 2.95 -39.68 16.18
C LYS D 197 2.55 -41.13 16.31
N CYS D 198 1.35 -41.47 15.86
CA CYS D 198 0.85 -42.83 15.99
C CYS D 198 1.33 -43.66 14.80
N ASN D 199 2.11 -44.69 15.08
CA ASN D 199 2.69 -45.52 14.04
C ASN D 199 1.80 -46.68 13.63
N GLU D 200 0.62 -46.81 14.23
CA GLU D 200 -0.26 -47.92 13.91
C GLU D 200 -0.74 -47.81 12.47
N LYS D 201 -0.65 -48.92 11.73
CA LYS D 201 -0.92 -48.88 10.29
C LYS D 201 -2.40 -48.83 9.99
N ASN D 202 -3.20 -49.68 10.63
CA ASN D 202 -4.64 -49.69 10.44
C ASN D 202 -5.25 -48.92 11.61
N PHE D 203 -5.20 -47.60 11.52
CA PHE D 203 -5.62 -46.72 12.61
C PHE D 203 -6.69 -45.77 12.07
N ASN D 204 -7.85 -45.79 12.69
CA ASN D 204 -8.93 -44.87 12.32
C ASN D 204 -8.67 -43.52 12.98
N GLY D 205 -9.67 -42.65 12.97
CA GLY D 205 -9.50 -41.30 13.46
C GLY D 205 -9.15 -41.20 14.93
N THR D 206 -10.07 -41.60 15.79
CA THR D 206 -9.97 -41.36 17.22
C THR D 206 -9.78 -42.68 17.97
N GLY D 207 -9.05 -42.62 19.07
CA GLY D 207 -8.93 -43.75 19.96
C GLY D 207 -7.57 -43.90 20.59
N PRO D 208 -7.40 -44.95 21.40
CA PRO D 208 -6.10 -45.23 22.01
C PRO D 208 -5.16 -45.92 21.03
N CYS D 209 -4.06 -45.24 20.70
CA CYS D 209 -3.01 -45.80 19.85
C CYS D 209 -1.93 -46.37 20.75
N LYS D 210 -1.46 -47.57 20.43
CA LYS D 210 -0.50 -48.29 21.26
C LYS D 210 0.88 -48.40 20.62
N ASN D 211 1.18 -47.56 19.64
CA ASN D 211 2.47 -47.54 18.97
C ASN D 211 2.96 -46.10 18.81
N VAL D 212 2.90 -45.34 19.90
CA VAL D 212 3.27 -43.94 19.85
C VAL D 212 4.77 -43.80 19.64
N SER D 213 5.17 -42.79 18.89
CA SER D 213 6.57 -42.40 18.75
C SER D 213 6.67 -40.90 19.01
N SER D 214 7.85 -40.45 19.40
CA SER D 214 8.08 -39.05 19.71
C SER D 214 8.91 -38.42 18.60
N VAL D 215 8.39 -37.35 18.00
CA VAL D 215 9.11 -36.62 16.97
C VAL D 215 9.26 -35.18 17.42
N GLN D 216 10.35 -34.56 16.95
CA GLN D 216 10.54 -33.13 17.17
C GLN D 216 9.60 -32.33 16.28
N CYS D 217 9.43 -32.74 15.03
CA CYS D 217 8.44 -32.12 14.17
C CYS D 217 8.14 -32.96 12.94
N THR D 218 7.07 -32.58 12.26
CA THR D 218 6.39 -33.41 11.28
C THR D 218 7.24 -33.62 10.04
N HIS D 219 6.68 -34.38 9.09
CA HIS D 219 7.30 -34.62 7.80
C HIS D 219 6.83 -33.57 6.79
N GLY D 220 7.27 -33.73 5.55
CA GLY D 220 6.91 -32.78 4.51
C GLY D 220 5.45 -32.78 4.16
N ILE D 221 4.75 -31.70 4.50
CA ILE D 221 3.32 -31.55 4.23
C ILE D 221 3.17 -30.54 3.12
N LYS D 222 2.70 -30.99 1.97
CA LYS D 222 2.50 -30.08 0.84
C LYS D 222 1.15 -29.37 0.99
N PRO D 223 1.10 -28.06 0.81
CA PRO D 223 -0.16 -27.33 1.00
C PRO D 223 -1.09 -27.39 -0.20
N VAL D 224 -0.90 -28.39 -1.07
CA VAL D 224 -1.70 -28.52 -2.29
C VAL D 224 -3.18 -28.45 -1.96
N VAL D 225 -3.92 -27.71 -2.78
CA VAL D 225 -5.35 -27.45 -2.56
C VAL D 225 -6.14 -28.09 -3.68
N SER D 226 -7.11 -28.92 -3.30
CA SER D 226 -8.01 -29.58 -4.23
C SER D 226 -9.32 -29.85 -3.51
N THR D 227 -10.36 -30.13 -4.29
CA THR D 227 -11.70 -30.20 -3.73
C THR D 227 -12.29 -31.61 -3.72
N GLN D 228 -12.35 -32.28 -4.86
CA GLN D 228 -13.02 -33.57 -4.89
C GLN D 228 -12.09 -34.73 -4.55
N LEU D 229 -10.81 -34.64 -4.90
CA LEU D 229 -9.85 -35.68 -4.62
C LEU D 229 -8.63 -35.09 -3.95
N LEU D 230 -8.11 -35.76 -2.93
CA LEU D 230 -6.89 -35.32 -2.26
C LEU D 230 -5.71 -35.73 -3.12
N LEU D 231 -5.21 -34.80 -3.92
CA LEU D 231 -4.15 -35.11 -4.86
C LEU D 231 -2.78 -35.06 -4.19
N ASN D 232 -1.89 -35.91 -4.67
CA ASN D 232 -0.49 -35.53 -4.86
C ASN D 232 0.20 -35.42 -3.51
N GLY D 233 -0.09 -36.42 -2.66
CA GLY D 233 0.33 -36.40 -1.27
C GLY D 233 0.90 -37.72 -0.77
N SER D 234 0.47 -38.18 0.41
CA SER D 234 1.06 -39.32 1.08
C SER D 234 0.08 -40.47 1.14
N LEU D 235 0.59 -41.68 0.86
CA LEU D 235 -0.22 -42.89 0.86
C LEU D 235 -0.28 -43.52 2.24
N ALA D 236 -1.34 -44.30 2.47
CA ALA D 236 -1.45 -45.09 3.67
C ALA D 236 -0.50 -46.28 3.60
N GLU D 237 -0.26 -46.90 4.76
CA GLU D 237 0.67 -48.02 4.86
C GLU D 237 -0.03 -49.37 4.81
N GLY D 238 -0.97 -49.59 5.73
CA GLY D 238 -1.62 -50.89 5.83
C GLY D 238 -2.51 -51.22 4.67
N GLU D 239 -3.62 -50.50 4.54
CA GLU D 239 -4.57 -50.74 3.46
C GLU D 239 -5.49 -49.52 3.36
N ILE D 240 -6.45 -49.60 2.44
CA ILE D 240 -7.39 -48.50 2.23
C ILE D 240 -8.18 -48.28 3.52
N ILE D 241 -8.16 -47.05 4.02
CA ILE D 241 -8.74 -46.74 5.32
C ILE D 241 -9.78 -45.64 5.15
N ILE D 242 -10.94 -45.82 5.76
CA ILE D 242 -12.07 -44.91 5.63
C ILE D 242 -12.31 -44.25 6.97
N ARG D 243 -12.25 -42.92 7.01
CA ARG D 243 -12.34 -42.19 8.26
C ARG D 243 -13.41 -41.11 8.17
N SER D 244 -14.21 -40.98 9.23
CA SER D 244 -15.16 -39.90 9.34
C SER D 244 -15.46 -39.70 10.82
N GLU D 245 -15.94 -38.50 11.16
CA GLU D 245 -16.21 -38.19 12.56
C GLU D 245 -17.30 -39.09 13.11
N ASN D 246 -18.35 -39.34 12.33
CA ASN D 246 -19.40 -40.28 12.72
C ASN D 246 -20.06 -40.79 11.45
N LEU D 247 -19.95 -42.09 11.21
CA LEU D 247 -20.49 -42.66 9.98
C LEU D 247 -22.01 -42.73 9.98
N THR D 248 -22.67 -42.50 11.11
CA THR D 248 -24.12 -42.49 11.17
C THR D 248 -24.69 -41.08 11.06
N ASN D 249 -23.83 -40.08 10.87
CA ASN D 249 -24.24 -38.68 10.73
C ASN D 249 -23.88 -38.27 9.31
N ASN D 250 -24.89 -38.24 8.42
CA ASN D 250 -24.62 -38.00 7.01
C ASN D 250 -24.17 -36.57 6.72
N ALA D 251 -24.23 -35.68 7.69
CA ALA D 251 -23.70 -34.33 7.54
C ALA D 251 -22.19 -34.28 7.68
N LYS D 252 -21.54 -35.42 7.93
CA LYS D 252 -20.10 -35.49 8.12
C LYS D 252 -19.44 -36.07 6.87
N THR D 253 -18.44 -35.36 6.35
CA THR D 253 -17.71 -35.85 5.18
C THR D 253 -16.91 -37.10 5.52
N ILE D 254 -16.74 -37.95 4.52
CA ILE D 254 -15.98 -39.19 4.65
C ILE D 254 -14.71 -39.07 3.83
N ILE D 255 -13.58 -39.45 4.43
CA ILE D 255 -12.29 -39.41 3.75
C ILE D 255 -11.84 -40.84 3.52
N VAL D 256 -11.71 -41.22 2.25
CA VAL D 256 -11.15 -42.51 1.87
C VAL D 256 -9.70 -42.29 1.53
N HIS D 257 -8.80 -42.97 2.23
CA HIS D 257 -7.37 -42.76 2.09
C HIS D 257 -6.78 -44.04 1.53
N LEU D 258 -6.14 -43.94 0.37
CA LEU D 258 -5.69 -45.09 -0.39
C LEU D 258 -4.26 -45.49 -0.04
N ASN D 259 -3.93 -46.74 -0.36
CA ASN D 259 -2.59 -47.26 -0.16
C ASN D 259 -1.78 -47.41 -1.44
N LYS D 260 -2.42 -47.41 -2.60
CA LYS D 260 -1.71 -47.36 -3.88
C LYS D 260 -2.17 -46.14 -4.66
N SER D 261 -1.22 -45.40 -5.20
CA SER D 261 -1.54 -44.16 -5.91
C SER D 261 -2.15 -44.47 -7.27
N VAL D 262 -2.94 -43.51 -7.76
CA VAL D 262 -3.49 -43.55 -9.10
C VAL D 262 -3.07 -42.25 -9.80
N GLU D 263 -2.45 -42.38 -10.96
CA GLU D 263 -1.87 -41.24 -11.65
C GLU D 263 -2.91 -40.58 -12.55
N ILE D 264 -3.11 -39.28 -12.35
CA ILE D 264 -3.93 -38.46 -13.23
C ILE D 264 -2.99 -37.58 -14.04
N ASN D 265 -3.38 -37.26 -15.27
CA ASN D 265 -2.48 -36.59 -16.20
C ASN D 265 -3.26 -35.47 -16.89
N CYS D 266 -3.12 -34.25 -16.38
CA CYS D 266 -3.93 -33.13 -16.86
C CYS D 266 -3.11 -32.24 -17.77
N THR D 267 -3.73 -31.80 -18.87
CA THR D 267 -3.00 -31.06 -19.88
C THR D 267 -3.92 -30.05 -20.55
N ARG D 268 -3.29 -28.98 -21.06
CA ARG D 268 -3.95 -27.88 -21.78
C ARG D 268 -3.30 -27.79 -23.15
N PRO D 269 -3.88 -28.42 -24.18
CA PRO D 269 -3.18 -28.53 -25.47
C PRO D 269 -3.15 -27.23 -26.27
N SER D 270 -3.72 -26.14 -25.78
CA SER D 270 -3.89 -24.93 -26.57
C SER D 270 -2.62 -24.09 -26.60
N ASN D 271 -2.65 -23.07 -27.45
CA ASN D 271 -1.64 -22.02 -27.57
C ASN D 271 -2.21 -20.71 -27.03
N ASN D 272 -1.78 -20.30 -25.85
CA ASN D 272 -2.18 -19.01 -25.31
C ASN D 272 -1.00 -18.05 -25.35
N THR D 273 -1.18 -16.91 -26.00
CA THR D 273 -0.17 -15.86 -25.99
C THR D 273 -0.40 -14.97 -24.77
N ARG D 274 0.26 -13.82 -24.73
CA ARG D 274 0.13 -12.92 -23.60
C ARG D 274 0.50 -11.51 -24.05
N THR D 275 -0.33 -10.53 -23.70
CA THR D 275 -0.10 -9.14 -24.06
C THR D 275 -0.39 -8.27 -22.86
N SER D 276 0.45 -7.25 -22.64
CA SER D 276 0.32 -6.37 -21.49
C SER D 276 -0.21 -5.02 -21.93
N VAL D 277 -1.23 -4.53 -21.24
CA VAL D 277 -1.80 -3.21 -21.48
C VAL D 277 -1.74 -2.42 -20.18
N THR D 278 -1.18 -1.22 -20.24
CA THR D 278 -0.96 -0.43 -19.05
C THR D 278 -2.28 0.15 -18.54
N ILE D 279 -2.58 -0.13 -17.27
CA ILE D 279 -3.76 0.40 -16.60
C ILE D 279 -3.30 1.28 -15.45
N GLY D 280 -3.69 2.55 -15.48
CA GLY D 280 -3.27 3.49 -14.46
C GLY D 280 -1.79 3.82 -14.57
N PRO D 281 -1.28 4.60 -13.63
CA PRO D 281 0.14 4.96 -13.62
C PRO D 281 1.00 3.83 -13.07
N GLY D 282 1.81 3.24 -13.95
CA GLY D 282 2.79 2.26 -13.54
C GLY D 282 2.29 0.84 -13.38
N GLN D 283 0.98 0.63 -13.39
CA GLN D 283 0.39 -0.69 -13.28
C GLN D 283 0.05 -1.23 -14.65
N VAL D 284 0.24 -2.54 -14.84
CA VAL D 284 0.01 -3.16 -16.13
C VAL D 284 -0.89 -4.38 -15.93
N PHE D 285 -1.60 -4.75 -17.00
CA PHE D 285 -2.59 -5.82 -16.97
C PHE D 285 -2.26 -6.80 -18.06
N TYR D 286 -2.09 -8.07 -17.70
CA TYR D 286 -1.74 -9.13 -18.64
C TYR D 286 -3.00 -9.84 -19.10
N ARG D 287 -3.16 -9.98 -20.41
CA ARG D 287 -4.36 -10.55 -20.98
C ARG D 287 -3.98 -11.54 -22.08
N THR D 288 -4.90 -12.46 -22.36
CA THR D 288 -4.71 -13.45 -23.41
C THR D 288 -4.82 -12.76 -24.76
N GLY D 289 -3.70 -12.67 -25.47
CA GLY D 289 -3.71 -12.00 -26.76
C GLY D 289 -4.54 -12.71 -27.79
N ASP D 290 -4.07 -13.89 -28.22
CA ASP D 290 -4.77 -14.70 -29.22
C ASP D 290 -4.48 -16.17 -28.96
N ILE D 291 -5.22 -17.02 -29.66
CA ILE D 291 -5.02 -18.47 -29.62
C ILE D 291 -4.75 -18.90 -31.05
N ILE D 292 -3.48 -18.99 -31.42
CA ILE D 292 -3.07 -19.35 -32.78
C ILE D 292 -2.41 -20.71 -32.75
N GLY D 293 -2.87 -21.60 -33.62
CA GLY D 293 -2.35 -22.96 -33.67
C GLY D 293 -3.35 -23.99 -33.19
N ASP D 294 -2.92 -24.86 -32.27
CA ASP D 294 -3.81 -25.89 -31.75
C ASP D 294 -4.90 -25.28 -30.88
N ILE D 295 -6.12 -25.77 -31.05
CA ILE D 295 -7.25 -25.39 -30.22
C ILE D 295 -7.99 -26.66 -29.81
N ARG D 296 -8.15 -26.87 -28.50
CA ARG D 296 -8.83 -28.03 -27.96
C ARG D 296 -9.10 -27.79 -26.49
N LYS D 297 -10.15 -28.44 -25.98
CA LYS D 297 -10.47 -28.34 -24.57
C LYS D 297 -9.40 -29.03 -23.74
N ALA D 298 -9.01 -28.37 -22.65
CA ALA D 298 -8.08 -29.00 -21.71
C ALA D 298 -8.72 -30.23 -21.11
N TYR D 299 -7.90 -31.24 -20.81
CA TYR D 299 -8.45 -32.52 -20.40
C TYR D 299 -7.48 -33.26 -19.50
N CYS D 300 -8.01 -34.23 -18.76
CA CYS D 300 -7.21 -35.08 -17.90
C CYS D 300 -7.41 -36.53 -18.29
N GLU D 301 -6.30 -37.25 -18.42
CA GLU D 301 -6.32 -38.68 -18.70
C GLU D 301 -6.12 -39.45 -17.41
N ILE D 302 -6.88 -40.52 -17.24
CA ILE D 302 -6.69 -41.43 -16.11
C ILE D 302 -6.80 -42.86 -16.63
N ASN D 303 -5.87 -43.71 -16.23
CA ASN D 303 -5.92 -45.11 -16.65
C ASN D 303 -7.21 -45.75 -16.14
N GLY D 304 -7.90 -46.46 -17.02
CA GLY D 304 -9.23 -46.94 -16.70
C GLY D 304 -9.22 -48.04 -15.65
N THR D 305 -8.36 -49.05 -15.84
CA THR D 305 -8.41 -50.22 -14.98
C THR D 305 -7.89 -49.93 -13.59
N LYS D 306 -6.90 -49.03 -13.47
CA LYS D 306 -6.40 -48.66 -12.15
C LYS D 306 -7.52 -48.08 -11.29
N TRP D 307 -8.22 -47.08 -11.81
CA TRP D 307 -9.36 -46.53 -11.09
C TRP D 307 -10.46 -47.56 -10.92
N ASN D 308 -10.64 -48.43 -11.92
CA ASN D 308 -11.71 -49.42 -11.92
C ASN D 308 -11.53 -50.46 -10.82
N GLU D 309 -10.28 -50.71 -10.42
CA GLU D 309 -9.99 -51.63 -9.32
C GLU D 309 -9.83 -50.90 -8.00
N THR D 310 -9.35 -49.65 -8.02
CA THR D 310 -9.31 -48.87 -6.79
C THR D 310 -10.72 -48.68 -6.25
N LEU D 311 -11.67 -48.42 -7.14
CA LEU D 311 -13.06 -48.32 -6.73
C LEU D 311 -13.56 -49.64 -6.15
N LYS D 312 -13.11 -50.76 -6.71
CA LYS D 312 -13.54 -52.06 -6.20
C LYS D 312 -13.06 -52.27 -4.77
N GLN D 313 -11.78 -51.93 -4.50
CA GLN D 313 -11.26 -52.06 -3.15
C GLN D 313 -11.95 -51.09 -2.18
N VAL D 314 -12.21 -49.86 -2.63
CA VAL D 314 -12.90 -48.89 -1.79
C VAL D 314 -14.29 -49.38 -1.45
N VAL D 315 -14.99 -49.98 -2.42
CA VAL D 315 -16.32 -50.52 -2.16
C VAL D 315 -16.23 -51.70 -1.20
N GLY D 316 -15.21 -52.55 -1.37
CA GLY D 316 -15.04 -53.67 -0.45
C GLY D 316 -14.85 -53.21 0.98
N LYS D 317 -14.12 -52.11 1.17
CA LYS D 317 -13.94 -51.58 2.52
C LYS D 317 -15.18 -50.86 3.02
N LEU D 318 -15.87 -50.12 2.13
CA LEU D 318 -17.08 -49.40 2.54
C LEU D 318 -18.17 -50.36 2.99
N LYS D 319 -18.30 -51.49 2.31
CA LYS D 319 -19.36 -52.44 2.64
C LYS D 319 -19.17 -53.07 4.02
N GLU D 320 -17.99 -52.92 4.63
CA GLU D 320 -17.81 -53.39 6.00
C GLU D 320 -18.63 -52.57 6.97
N HIS D 321 -18.59 -51.24 6.84
CA HIS D 321 -19.36 -50.38 7.74
C HIS D 321 -20.85 -50.38 7.40
N PHE D 322 -21.21 -50.59 6.14
CA PHE D 322 -22.59 -50.69 5.70
C PHE D 322 -22.78 -52.12 5.20
N PRO D 323 -23.21 -53.04 6.05
CA PRO D 323 -23.08 -54.46 5.75
C PRO D 323 -23.94 -54.99 4.61
N ASN D 324 -25.25 -54.72 4.64
CA ASN D 324 -26.19 -55.37 3.75
C ASN D 324 -26.68 -54.46 2.63
N LYS D 325 -26.08 -53.29 2.46
CA LYS D 325 -26.54 -52.31 1.48
C LYS D 325 -25.55 -52.25 0.33
N THR D 326 -26.08 -52.26 -0.90
CA THR D 326 -25.23 -52.12 -2.08
C THR D 326 -24.72 -50.69 -2.20
N ILE D 327 -23.46 -50.55 -2.60
CA ILE D 327 -22.79 -49.27 -2.66
C ILE D 327 -22.73 -48.82 -4.11
N SER D 328 -23.14 -47.57 -4.36
CA SER D 328 -23.15 -47.02 -5.71
C SER D 328 -22.80 -45.55 -5.64
N PHE D 329 -21.70 -45.17 -6.28
CA PHE D 329 -21.34 -43.76 -6.38
C PHE D 329 -22.21 -43.06 -7.42
N GLN D 330 -22.39 -41.77 -7.24
CA GLN D 330 -23.15 -40.94 -8.16
C GLN D 330 -22.45 -39.60 -8.29
N PRO D 331 -22.66 -38.89 -9.39
CA PRO D 331 -22.03 -37.58 -9.56
C PRO D 331 -22.60 -36.56 -8.57
N PRO D 332 -21.92 -35.44 -8.37
CA PRO D 332 -22.41 -34.47 -7.39
C PRO D 332 -23.77 -33.91 -7.77
N SER D 333 -24.52 -33.50 -6.74
CA SER D 333 -25.91 -33.08 -6.93
C SER D 333 -26.07 -31.60 -7.18
N GLY D 334 -25.09 -30.78 -6.83
CA GLY D 334 -25.18 -29.36 -7.06
C GLY D 334 -24.22 -28.60 -6.15
N GLY D 335 -24.33 -27.29 -6.19
CA GLY D 335 -23.49 -26.42 -5.40
C GLY D 335 -22.71 -25.44 -6.24
N ASP D 336 -21.61 -24.93 -5.69
CA ASP D 336 -20.76 -23.99 -6.41
C ASP D 336 -19.96 -24.76 -7.48
N LEU D 337 -19.08 -24.04 -8.18
CA LEU D 337 -18.24 -24.69 -9.17
C LEU D 337 -17.06 -25.42 -8.55
N GLU D 338 -16.70 -25.10 -7.30
CA GLU D 338 -15.61 -25.81 -6.64
C GLU D 338 -16.05 -27.14 -6.06
N ILE D 339 -17.36 -27.38 -5.99
CA ILE D 339 -17.90 -28.62 -5.42
C ILE D 339 -18.36 -29.56 -6.53
N THR D 340 -19.09 -29.04 -7.51
CA THR D 340 -19.57 -29.87 -8.61
C THR D 340 -18.43 -30.30 -9.52
N MET D 341 -17.33 -29.55 -9.53
CA MET D 341 -16.20 -29.82 -10.41
C MET D 341 -14.92 -29.97 -9.59
N HIS D 342 -14.10 -30.93 -9.98
CA HIS D 342 -12.82 -31.18 -9.31
C HIS D 342 -11.88 -30.02 -9.59
N HIS D 343 -11.65 -29.18 -8.59
CA HIS D 343 -10.86 -27.97 -8.75
C HIS D 343 -9.43 -28.20 -8.31
N PHE D 344 -8.49 -27.72 -9.12
CA PHE D 344 -7.08 -27.82 -8.73
C PHE D 344 -6.26 -26.81 -9.50
N ASN D 345 -4.95 -26.83 -9.26
CA ASN D 345 -4.00 -25.87 -9.82
C ASN D 345 -2.91 -26.62 -10.56
N CYS D 346 -2.55 -26.12 -11.74
CA CYS D 346 -1.52 -26.73 -12.58
C CYS D 346 -0.69 -25.61 -13.18
N ARG D 347 0.55 -25.45 -12.68
CA ARG D 347 1.50 -24.47 -13.21
C ARG D 347 0.93 -23.05 -13.17
N GLY D 348 0.07 -22.76 -12.21
CA GLY D 348 -0.54 -21.45 -12.09
C GLY D 348 -1.87 -21.29 -12.80
N GLU D 349 -2.33 -22.29 -13.54
CA GLU D 349 -3.63 -22.24 -14.20
C GLU D 349 -4.62 -23.08 -13.41
N PHE D 350 -5.83 -22.54 -13.23
CA PHE D 350 -6.81 -23.12 -12.32
C PHE D 350 -7.86 -23.90 -13.11
N PHE D 351 -7.88 -25.22 -12.90
CA PHE D 351 -8.69 -26.16 -13.65
C PHE D 351 -9.88 -26.62 -12.82
N TYR D 352 -10.98 -26.89 -13.52
CA TYR D 352 -12.20 -27.45 -12.94
C TYR D 352 -12.61 -28.61 -13.83
N CYS D 353 -12.32 -29.83 -13.41
CA CYS D 353 -12.62 -31.01 -14.20
C CYS D 353 -14.02 -31.53 -13.88
N ASN D 354 -14.56 -32.31 -14.81
CA ASN D 354 -15.94 -32.76 -14.70
C ASN D 354 -16.08 -33.93 -13.72
N THR D 355 -15.36 -35.03 -13.98
CA THR D 355 -15.35 -36.21 -13.11
C THR D 355 -16.76 -36.78 -12.90
N THR D 356 -17.36 -37.23 -14.00
CA THR D 356 -18.59 -37.98 -13.93
C THR D 356 -18.44 -39.42 -14.37
N GLN D 357 -17.53 -39.70 -15.31
CA GLN D 357 -17.21 -41.08 -15.64
C GLN D 357 -16.45 -41.77 -14.51
N LEU D 358 -15.82 -41.00 -13.63
CA LEU D 358 -15.15 -41.58 -12.47
C LEU D 358 -16.15 -42.10 -11.44
N PHE D 359 -17.17 -41.30 -11.13
CA PHE D 359 -18.04 -41.53 -9.99
C PHE D 359 -19.47 -41.88 -10.40
N ASN D 360 -19.64 -42.64 -11.47
CA ASN D 360 -20.97 -43.11 -11.88
C ASN D 360 -20.90 -44.61 -12.09
N SER D 361 -21.27 -45.38 -11.08
CA SER D 361 -21.24 -46.83 -11.15
C SER D 361 -22.13 -47.39 -10.06
N THR D 362 -22.32 -48.72 -10.10
CA THR D 362 -23.01 -49.42 -9.03
C THR D 362 -22.30 -50.75 -8.77
N TRP D 363 -22.42 -51.23 -7.54
CA TRP D 363 -21.79 -52.48 -7.10
C TRP D 363 -22.85 -53.27 -6.36
N ILE D 364 -23.35 -54.33 -6.99
CA ILE D 364 -24.53 -55.02 -6.48
C ILE D 364 -24.17 -56.24 -5.63
N ASN D 365 -23.52 -57.23 -6.22
CA ASN D 365 -23.23 -58.46 -5.50
C ASN D 365 -21.89 -59.06 -5.90
N SER D 366 -21.17 -58.45 -6.85
CA SER D 366 -19.99 -59.06 -7.46
C SER D 366 -20.32 -60.47 -7.94
N THR D 367 -21.48 -60.61 -8.59
CA THR D 367 -21.94 -61.92 -9.02
C THR D 367 -21.00 -62.52 -10.06
N THR D 368 -20.56 -61.72 -11.03
CA THR D 368 -19.62 -62.16 -12.04
C THR D 368 -18.45 -61.17 -12.10
N ILE D 369 -17.32 -61.67 -12.56
CA ILE D 369 -16.12 -60.85 -12.73
C ILE D 369 -16.07 -60.49 -14.22
N LYS D 370 -16.67 -59.35 -14.56
CA LYS D 370 -16.74 -58.91 -15.94
C LYS D 370 -15.41 -58.32 -16.38
N GLU D 371 -14.84 -58.86 -17.45
CA GLU D 371 -13.59 -58.37 -18.00
C GLU D 371 -13.85 -57.23 -18.98
N TYR D 372 -12.87 -56.34 -19.10
CA TYR D 372 -13.00 -55.17 -19.96
C TYR D 372 -11.66 -54.95 -20.67
N ASN D 373 -11.52 -53.79 -21.28
CA ASN D 373 -10.35 -53.44 -22.07
C ASN D 373 -9.51 -52.39 -21.36
N ASP D 374 -8.24 -52.32 -21.75
CA ASP D 374 -7.34 -51.28 -21.27
C ASP D 374 -7.73 -49.98 -21.96
N THR D 375 -8.54 -49.17 -21.28
CA THR D 375 -9.05 -47.92 -21.82
C THR D 375 -8.54 -46.75 -20.98
N ILE D 376 -8.52 -45.57 -21.59
CA ILE D 376 -8.12 -44.35 -20.91
C ILE D 376 -9.34 -43.46 -20.78
N ILE D 377 -9.63 -42.99 -19.58
CA ILE D 377 -10.78 -42.13 -19.32
C ILE D 377 -10.33 -40.68 -19.46
N TYR D 378 -11.07 -39.92 -20.27
CA TYR D 378 -10.79 -38.51 -20.51
C TYR D 378 -11.81 -37.66 -19.80
N LEU D 379 -11.34 -36.71 -18.99
CA LEU D 379 -12.19 -35.81 -18.24
C LEU D 379 -12.04 -34.40 -18.79
N PRO D 380 -13.09 -33.79 -19.33
CA PRO D 380 -12.99 -32.42 -19.85
C PRO D 380 -13.01 -31.41 -18.71
N CYS D 381 -12.02 -30.51 -18.72
CA CYS D 381 -11.84 -29.55 -17.64
C CYS D 381 -11.89 -28.14 -18.18
N LYS D 382 -12.70 -27.30 -17.56
CA LYS D 382 -12.72 -25.87 -17.86
C LYS D 382 -11.60 -25.18 -17.09
N ILE D 383 -11.30 -23.94 -17.49
CA ILE D 383 -10.27 -23.15 -16.85
C ILE D 383 -10.87 -21.83 -16.42
N LYS D 384 -10.54 -21.39 -15.21
CA LYS D 384 -11.04 -20.12 -14.72
C LYS D 384 -9.87 -19.19 -14.39
N GLN D 385 -10.12 -17.89 -14.56
CA GLN D 385 -9.12 -16.86 -14.30
C GLN D 385 -9.41 -16.05 -13.04
N ILE D 386 -10.63 -15.54 -12.91
CA ILE D 386 -11.03 -14.84 -11.70
C ILE D 386 -11.31 -15.89 -10.63
N ILE D 387 -10.40 -16.02 -9.66
CA ILE D 387 -10.40 -17.13 -8.72
C ILE D 387 -10.77 -16.61 -7.34
N ASN D 388 -11.78 -17.21 -6.74
CA ASN D 388 -12.19 -16.91 -5.37
C ASN D 388 -11.94 -18.20 -4.58
N MET D 389 -10.71 -18.39 -4.13
CA MET D 389 -10.29 -19.69 -3.61
C MET D 389 -11.04 -20.06 -2.36
N TRP D 390 -11.22 -19.12 -1.44
CA TRP D 390 -11.99 -19.33 -0.23
C TRP D 390 -13.18 -18.39 -0.23
N GLN D 391 -14.31 -18.89 0.25
CA GLN D 391 -15.61 -18.33 -0.11
C GLN D 391 -15.72 -16.85 0.27
N GLY D 392 -15.37 -16.50 1.49
CA GLY D 392 -15.47 -15.12 1.90
C GLY D 392 -14.37 -14.65 2.84
N VAL D 393 -13.36 -15.49 3.06
CA VAL D 393 -12.31 -15.17 4.02
C VAL D 393 -11.04 -14.79 3.27
N GLY D 394 -10.91 -15.26 2.03
CA GLY D 394 -9.74 -15.01 1.24
C GLY D 394 -9.85 -13.81 0.32
N GLN D 395 -8.70 -13.32 -0.12
CA GLN D 395 -8.65 -12.25 -1.10
C GLN D 395 -8.85 -12.79 -2.50
N CYS D 396 -9.63 -12.08 -3.30
CA CYS D 396 -9.86 -12.50 -4.68
C CYS D 396 -8.59 -12.29 -5.50
N MET D 397 -8.50 -13.02 -6.62
CA MET D 397 -7.29 -13.03 -7.42
C MET D 397 -7.63 -13.13 -8.89
N TYR D 398 -6.70 -12.66 -9.72
CA TYR D 398 -6.77 -12.81 -11.18
C TYR D 398 -5.49 -13.50 -11.63
N ALA D 399 -5.63 -14.65 -12.29
CA ALA D 399 -4.48 -15.44 -12.67
C ALA D 399 -4.07 -15.09 -14.09
N PRO D 400 -2.92 -14.48 -14.31
CA PRO D 400 -2.51 -14.15 -15.67
C PRO D 400 -2.33 -15.41 -16.48
N PRO D 401 -2.59 -15.36 -17.79
CA PRO D 401 -2.41 -16.55 -18.62
C PRO D 401 -0.94 -16.96 -18.71
N ILE D 402 -0.72 -18.24 -18.89
CA ILE D 402 0.61 -18.81 -18.98
C ILE D 402 0.88 -19.19 -20.43
N ARG D 403 1.98 -18.69 -20.98
CA ARG D 403 2.29 -18.92 -22.39
C ARG D 403 2.75 -20.34 -22.62
N GLY D 404 2.20 -20.97 -23.64
CA GLY D 404 2.62 -22.29 -24.07
C GLY D 404 1.61 -23.38 -23.71
N LYS D 405 2.12 -24.60 -23.67
CA LYS D 405 1.33 -25.77 -23.32
C LYS D 405 1.62 -26.17 -21.88
N ILE D 406 0.58 -26.59 -21.17
CA ILE D 406 0.65 -26.89 -19.74
C ILE D 406 0.35 -28.37 -19.54
N ASN D 407 1.09 -29.02 -18.64
CA ASN D 407 0.87 -30.43 -18.38
C ASN D 407 1.38 -30.77 -16.99
N CYS D 408 0.49 -31.22 -16.12
CA CYS D 408 0.84 -31.68 -14.78
C CYS D 408 0.43 -33.14 -14.65
N VAL D 409 1.36 -33.98 -14.18
CA VAL D 409 1.05 -35.36 -13.84
C VAL D 409 1.06 -35.48 -12.31
N SER D 410 -0.03 -35.96 -11.76
CA SER D 410 -0.26 -35.92 -10.32
C SER D 410 -0.73 -37.28 -9.83
N ASN D 411 -0.70 -37.44 -8.51
CA ASN D 411 -1.12 -38.66 -7.85
C ASN D 411 -2.45 -38.44 -7.14
N ILE D 412 -3.35 -39.41 -7.24
CA ILE D 412 -4.56 -39.43 -6.47
C ILE D 412 -4.31 -40.30 -5.25
N THR D 413 -4.40 -39.72 -4.05
CA THR D 413 -4.15 -40.46 -2.82
C THR D 413 -5.31 -40.37 -1.85
N GLY D 414 -6.46 -39.88 -2.28
CA GLY D 414 -7.61 -39.78 -1.39
C GLY D 414 -8.85 -39.38 -2.14
N ILE D 415 -10.00 -39.66 -1.52
CA ILE D 415 -11.30 -39.30 -2.06
C ILE D 415 -12.13 -38.71 -0.92
N LEU D 416 -12.90 -37.68 -1.24
CA LEU D 416 -13.88 -37.12 -0.31
C LEU D 416 -15.27 -37.54 -0.76
N LEU D 417 -16.04 -38.09 0.17
CA LEU D 417 -17.36 -38.62 -0.13
C LEU D 417 -18.37 -38.05 0.84
N THR D 418 -19.65 -38.12 0.46
CA THR D 418 -20.74 -37.62 1.26
C THR D 418 -21.95 -38.51 1.04
N ARG D 419 -22.55 -39.01 2.11
CA ARG D 419 -23.60 -40.00 2.04
C ARG D 419 -24.97 -39.32 1.94
N ASP D 420 -25.91 -40.01 1.30
CA ASP D 420 -27.28 -39.52 1.13
C ASP D 420 -28.18 -40.23 2.14
N GLY D 421 -28.97 -39.45 2.86
CA GLY D 421 -29.74 -39.98 3.96
C GLY D 421 -31.07 -40.61 3.60
N GLY D 422 -31.04 -41.80 3.03
CA GLY D 422 -32.28 -42.51 2.74
C GLY D 422 -33.01 -42.89 4.02
N ASP D 423 -34.34 -42.82 3.97
CA ASP D 423 -35.17 -43.11 5.14
C ASP D 423 -36.03 -44.35 4.95
N ALA D 424 -36.83 -44.40 3.87
CA ALA D 424 -37.81 -45.47 3.69
C ALA D 424 -37.29 -46.62 2.85
N ASN D 425 -36.02 -46.60 2.45
CA ASN D 425 -35.46 -47.70 1.66
C ASN D 425 -35.04 -48.84 2.55
N ALA D 426 -35.95 -49.33 3.40
CA ALA D 426 -35.65 -50.51 4.20
C ALA D 426 -35.65 -51.78 3.37
N THR D 427 -36.52 -51.86 2.37
CA THR D 427 -36.50 -52.97 1.43
C THR D 427 -35.54 -52.74 0.26
N ASN D 428 -35.40 -51.49 -0.17
CA ASN D 428 -34.49 -51.14 -1.26
C ASN D 428 -33.13 -50.73 -0.67
N ASP D 429 -32.39 -51.73 -0.24
CA ASP D 429 -31.10 -51.53 0.42
C ASP D 429 -30.11 -50.96 -0.58
N THR D 430 -29.82 -49.66 -0.49
CA THR D 430 -28.88 -49.01 -1.38
C THR D 430 -28.32 -47.78 -0.68
N GLU D 431 -27.02 -47.57 -0.83
CA GLU D 431 -26.34 -46.39 -0.33
C GLU D 431 -25.64 -45.68 -1.48
N THR D 432 -25.79 -44.36 -1.56
CA THR D 432 -25.21 -43.56 -2.62
C THR D 432 -24.22 -42.57 -2.04
N PHE D 433 -23.00 -42.55 -2.57
CA PHE D 433 -21.96 -41.63 -2.15
C PHE D 433 -21.68 -40.64 -3.27
N ARG D 434 -21.50 -39.37 -2.90
CA ARG D 434 -21.26 -38.32 -3.86
C ARG D 434 -19.92 -37.64 -3.56
N PRO D 435 -19.08 -37.43 -4.55
CA PRO D 435 -17.76 -36.85 -4.28
C PRO D 435 -17.84 -35.40 -3.84
N GLY D 436 -16.68 -34.79 -3.63
CA GLY D 436 -16.63 -33.39 -3.28
C GLY D 436 -17.05 -33.16 -1.84
N GLY D 437 -17.54 -31.97 -1.58
CA GLY D 437 -18.00 -31.61 -0.25
C GLY D 437 -16.85 -31.31 0.68
N GLY D 438 -17.21 -30.98 1.91
CA GLY D 438 -16.23 -30.64 2.92
C GLY D 438 -15.56 -29.31 2.69
N ASN D 439 -14.93 -28.77 3.71
CA ASN D 439 -14.18 -27.53 3.59
C ASN D 439 -12.73 -27.85 3.26
N ILE D 440 -11.87 -26.84 3.31
CA ILE D 440 -10.46 -27.04 2.98
C ILE D 440 -9.71 -27.75 4.09
N LYS D 441 -10.24 -27.74 5.32
CA LYS D 441 -9.55 -28.39 6.43
C LYS D 441 -9.43 -29.89 6.23
N ASP D 442 -10.37 -30.50 5.52
CA ASP D 442 -10.28 -31.94 5.27
C ASP D 442 -9.14 -32.31 4.34
N ASN D 443 -8.52 -31.33 3.68
CA ASN D 443 -7.30 -31.59 2.94
C ASN D 443 -6.10 -31.73 3.85
N TRP D 444 -6.20 -31.23 5.09
CA TRP D 444 -5.09 -31.27 6.03
C TRP D 444 -5.32 -32.21 7.21
N ARG D 445 -6.57 -32.63 7.44
CA ARG D 445 -6.80 -33.75 8.33
C ARG D 445 -6.35 -35.07 7.73
N SER D 446 -6.00 -35.08 6.45
CA SER D 446 -5.44 -36.26 5.80
C SER D 446 -3.92 -36.29 5.88
N GLU D 447 -3.30 -35.30 6.52
CA GLU D 447 -1.86 -35.28 6.73
C GLU D 447 -1.47 -35.10 8.18
N LEU D 448 -2.24 -34.33 8.94
CA LEU D 448 -2.00 -34.10 10.37
C LEU D 448 -2.85 -35.00 11.25
N TYR D 449 -3.23 -36.17 10.75
CA TYR D 449 -4.03 -37.07 11.56
C TYR D 449 -3.19 -37.93 12.50
N LYS D 450 -1.93 -38.18 12.15
CA LYS D 450 -1.06 -38.99 12.96
C LYS D 450 -0.51 -38.26 14.17
N TYR D 451 -0.50 -36.93 14.14
CA TYR D 451 0.26 -36.15 15.11
C TYR D 451 -0.61 -35.59 16.22
N LYS D 452 0.03 -35.31 17.35
CA LYS D 452 -0.65 -34.68 18.48
C LYS D 452 0.41 -33.98 19.32
N VAL D 453 0.20 -32.70 19.59
CA VAL D 453 1.19 -31.89 20.31
C VAL D 453 1.02 -32.10 21.81
N VAL D 454 2.13 -32.34 22.51
CA VAL D 454 2.13 -32.45 23.96
C VAL D 454 3.22 -31.54 24.52
N GLN D 455 3.08 -31.20 25.80
CA GLN D 455 4.04 -30.35 26.51
C GLN D 455 4.64 -31.13 27.65
N ILE D 456 5.96 -31.08 27.78
CA ILE D 456 6.69 -31.87 28.77
C ILE D 456 6.61 -31.19 30.13
N GLU D 457 6.47 -32.01 31.18
CA GLU D 457 6.51 -31.56 32.58
C GLU D 457 7.68 -32.27 33.25
N PRO D 458 8.88 -31.71 33.21
CA PRO D 458 10.06 -32.47 33.61
C PRO D 458 10.32 -32.45 35.11
N LEU D 459 9.35 -32.04 35.91
CA LEU D 459 9.52 -31.92 37.35
C LEU D 459 8.63 -32.96 38.03
N GLY D 460 9.25 -33.85 38.80
CA GLY D 460 8.53 -34.93 39.44
C GLY D 460 8.89 -35.05 40.90
N ILE D 461 7.96 -35.63 41.66
CA ILE D 461 8.09 -35.77 43.10
C ILE D 461 7.76 -37.20 43.48
N ALA D 462 8.68 -37.86 44.18
CA ALA D 462 8.48 -39.25 44.59
C ALA D 462 9.07 -39.42 45.98
N PRO D 463 8.57 -40.39 46.76
CA PRO D 463 9.15 -40.62 48.09
C PRO D 463 10.31 -41.59 48.07
N THR D 464 11.43 -41.19 48.66
CA THR D 464 12.61 -42.02 48.82
C THR D 464 13.07 -41.96 50.27
N LYS D 465 14.16 -42.65 50.55
CA LYS D 465 14.74 -42.66 51.89
C LYS D 465 15.84 -41.63 52.08
N CYS D 466 15.94 -40.63 51.18
CA CYS D 466 16.83 -39.49 51.41
C CYS D 466 16.32 -38.61 52.52
N LYS D 467 17.20 -38.23 53.44
CA LYS D 467 16.99 -37.03 54.21
C LYS D 467 18.12 -36.05 53.90
N ARG D 468 17.76 -34.78 53.75
CA ARG D 468 18.77 -33.78 53.46
C ARG D 468 19.72 -33.63 54.64
N ARG D 469 21.01 -33.55 54.35
CA ARG D 469 22.02 -33.43 55.38
C ARG D 469 21.94 -32.03 55.98
N VAL D 470 21.51 -31.94 57.24
CA VAL D 470 21.48 -30.65 57.91
C VAL D 470 22.90 -30.23 58.25
N VAL D 471 23.23 -28.99 57.96
CA VAL D 471 24.58 -28.47 58.17
C VAL D 471 24.70 -27.95 59.59
N GLU D 472 25.85 -28.19 60.20
CA GLU D 472 26.10 -27.74 61.57
C GLU D 472 27.59 -27.68 61.86
N ALA E 1 49.96 -34.65 34.64
CA ALA E 1 50.22 -35.86 35.40
C ALA E 1 48.97 -36.73 35.48
N GLU E 2 48.86 -37.51 36.55
CA GLU E 2 47.70 -38.35 36.80
C GLU E 2 46.69 -37.68 37.74
N ASN E 3 46.94 -36.43 38.12
CA ASN E 3 46.08 -35.71 39.04
C ASN E 3 45.44 -34.49 38.36
N LEU E 4 44.98 -34.68 37.13
CA LEU E 4 44.33 -33.62 36.36
C LEU E 4 42.84 -33.91 36.28
N TRP E 5 42.03 -32.91 36.66
CA TRP E 5 40.59 -33.04 36.67
C TRP E 5 39.98 -31.83 35.96
N VAL E 6 38.86 -32.07 35.27
CA VAL E 6 38.21 -31.01 34.51
C VAL E 6 37.68 -29.95 35.46
N THR E 7 37.98 -28.69 35.17
CA THR E 7 37.55 -27.56 35.97
C THR E 7 36.89 -26.55 35.06
N VAL E 8 35.70 -26.09 35.45
CA VAL E 8 34.93 -25.16 34.63
C VAL E 8 35.19 -23.75 35.12
N TYR E 9 35.63 -22.89 34.21
CA TYR E 9 35.80 -21.46 34.47
C TYR E 9 34.69 -20.72 33.76
N TYR E 10 34.03 -19.81 34.47
CA TYR E 10 32.92 -19.04 33.92
C TYR E 10 33.33 -17.58 33.78
N GLY E 11 33.28 -17.07 32.56
CA GLY E 11 33.62 -15.69 32.28
C GLY E 11 34.91 -15.48 31.51
N VAL E 12 35.52 -16.54 30.98
CA VAL E 12 36.82 -16.44 30.31
C VAL E 12 36.69 -15.56 29.07
N PRO E 13 37.73 -14.80 28.70
CA PRO E 13 37.66 -13.90 27.53
C PRO E 13 37.89 -14.60 26.20
N VAL E 14 36.82 -15.20 25.68
CA VAL E 14 36.83 -15.88 24.39
C VAL E 14 35.66 -15.33 23.59
N TRP E 15 35.77 -15.41 22.26
CA TRP E 15 34.70 -14.95 21.39
C TRP E 15 34.74 -15.74 20.10
N LYS E 16 33.63 -15.68 19.37
CA LYS E 16 33.57 -16.23 18.02
C LYS E 16 32.89 -15.23 17.11
N ASP E 17 33.25 -15.26 15.84
CA ASP E 17 32.64 -14.36 14.87
C ASP E 17 31.17 -14.74 14.66
N ALA E 18 30.29 -13.75 14.70
CA ALA E 18 28.86 -14.01 14.61
C ALA E 18 28.16 -12.75 14.11
N ASP E 19 26.88 -12.91 13.80
CA ASP E 19 26.04 -11.82 13.31
C ASP E 19 24.82 -11.69 14.20
N THR E 20 24.47 -10.45 14.55
CA THR E 20 23.40 -10.19 15.49
C THR E 20 22.54 -9.06 14.95
N THR E 21 21.59 -8.60 15.77
CA THR E 21 20.64 -7.55 15.43
C THR E 21 21.05 -6.28 16.18
N LEU E 22 21.82 -5.44 15.50
CA LEU E 22 22.28 -4.20 16.11
C LEU E 22 21.12 -3.21 16.25
N PHE E 23 20.97 -2.59 17.41
CA PHE E 23 19.96 -1.58 17.58
C PHE E 23 20.62 -0.20 17.59
N CYS E 24 19.77 0.83 17.63
CA CYS E 24 20.23 2.21 17.49
C CYS E 24 20.19 2.94 18.83
N ALA E 25 21.27 3.66 19.12
CA ALA E 25 21.32 4.56 20.26
C ALA E 25 21.84 5.90 19.78
N SER E 26 21.13 6.97 20.10
CA SER E 26 21.50 8.31 19.68
C SER E 26 21.37 9.27 20.86
N ASP E 27 22.21 10.29 20.86
CA ASP E 27 22.21 11.26 21.94
C ASP E 27 20.95 12.12 21.91
N ALA E 28 20.33 12.30 23.06
CA ALA E 28 19.10 13.08 23.14
C ALA E 28 19.33 14.59 23.18
N LYS E 29 20.57 15.02 23.42
CA LYS E 29 20.86 16.46 23.42
C LYS E 29 20.66 17.06 22.03
N ALA E 30 21.07 16.34 20.99
CA ALA E 30 20.82 16.80 19.62
C ALA E 30 19.33 16.79 19.31
N HIS E 31 18.60 15.79 19.81
CA HIS E 31 17.16 15.70 19.60
C HIS E 31 16.43 16.63 20.56
N GLU E 32 15.11 16.44 20.70
CA GLU E 32 14.20 17.31 21.43
C GLU E 32 14.04 18.66 20.76
N THR E 33 14.33 18.74 19.46
CA THR E 33 14.02 19.90 18.65
C THR E 33 12.66 19.80 17.98
N GLU E 34 11.92 18.73 18.24
CA GLU E 34 10.59 18.50 17.67
C GLU E 34 10.63 18.55 16.14
N ALA E 35 11.74 18.13 15.56
CA ALA E 35 11.92 18.21 14.11
C ALA E 35 11.47 16.96 13.37
N HIS E 36 11.29 15.84 14.07
CA HIS E 36 10.89 14.58 13.45
C HIS E 36 11.81 14.21 12.29
N ASN E 37 13.07 13.98 12.65
CA ASN E 37 14.04 13.52 11.68
C ASN E 37 13.61 12.18 11.07
N ILE E 38 14.20 11.85 9.93
CA ILE E 38 13.89 10.56 9.31
C ILE E 38 14.70 9.45 9.93
N TRP E 39 16.03 9.60 9.99
CA TRP E 39 16.88 8.48 10.42
C TRP E 39 16.95 8.38 11.94
N ALA E 40 17.56 9.38 12.58
CA ALA E 40 17.83 9.32 14.01
C ALA E 40 16.59 9.75 14.81
N THR E 41 15.54 8.96 14.66
CA THR E 41 14.27 9.28 15.30
C THR E 41 14.39 9.23 16.81
N HIS E 42 13.31 9.62 17.47
CA HIS E 42 13.19 9.53 18.92
C HIS E 42 13.11 8.10 19.41
N ALA E 43 12.94 7.13 18.51
CA ALA E 43 12.86 5.73 18.91
C ALA E 43 14.19 5.19 19.40
N CYS E 44 15.31 5.77 18.98
CA CYS E 44 16.61 5.28 19.42
C CYS E 44 16.82 5.56 20.90
N VAL E 45 17.34 4.57 21.62
CA VAL E 45 17.54 4.65 23.06
C VAL E 45 18.62 5.67 23.37
N PRO E 46 18.62 6.30 24.54
CA PRO E 46 19.70 7.23 24.87
C PRO E 46 21.04 6.51 24.99
N THR E 47 22.09 7.22 24.59
CA THR E 47 23.43 6.64 24.61
C THR E 47 24.09 6.85 25.97
N ASP E 48 25.12 6.06 26.22
CA ASP E 48 25.87 6.16 27.47
C ASP E 48 26.69 7.44 27.44
N PRO E 49 26.56 8.32 28.43
CA PRO E 49 27.36 9.56 28.42
C PRO E 49 28.86 9.32 28.41
N ASN E 50 29.33 8.23 29.01
CA ASN E 50 30.75 7.91 29.07
C ASN E 50 30.96 6.50 28.53
N PRO E 51 31.01 6.34 27.21
CA PRO E 51 31.29 5.02 26.64
C PRO E 51 32.69 4.55 27.00
N GLN E 52 32.84 3.23 27.08
CA GLN E 52 34.09 2.61 27.48
C GLN E 52 34.75 1.97 26.28
N GLU E 53 36.04 2.24 26.09
CA GLU E 53 36.86 1.58 25.10
C GLU E 53 38.04 0.95 25.80
N ILE E 54 38.18 -0.37 25.66
CA ILE E 54 39.21 -1.12 26.38
C ILE E 54 40.29 -1.52 25.39
N TYR E 55 41.54 -1.17 25.70
CA TYR E 55 42.65 -1.50 24.81
C TYR E 55 43.03 -2.95 25.02
N MET E 56 42.72 -3.79 24.05
CA MET E 56 43.11 -5.19 24.08
C MET E 56 44.55 -5.27 23.58
N GLU E 57 45.45 -5.81 24.39
CA GLU E 57 46.87 -5.60 24.16
C GLU E 57 47.48 -6.60 23.18
N ASN E 58 47.46 -7.88 23.54
CA ASN E 58 48.34 -8.85 22.91
C ASN E 58 47.66 -9.65 21.79
N VAL E 59 46.47 -9.23 21.37
CA VAL E 59 45.63 -10.01 20.46
C VAL E 59 45.69 -9.40 19.07
N THR E 60 45.76 -10.27 18.06
CA THR E 60 45.69 -9.89 16.66
C THR E 60 44.47 -10.55 16.06
N GLU E 61 43.62 -9.76 15.40
CA GLU E 61 42.33 -10.25 14.93
C GLU E 61 42.19 -10.00 13.44
N ASN E 62 41.62 -10.98 12.73
CA ASN E 62 41.52 -10.92 11.28
C ASN E 62 40.29 -10.13 10.88
N PHE E 63 40.49 -8.85 10.56
CA PHE E 63 39.38 -8.03 10.09
C PHE E 63 39.23 -8.20 8.59
N ASN E 64 37.99 -8.08 8.11
CA ASN E 64 37.68 -8.31 6.70
C ASN E 64 36.65 -7.28 6.25
N MET E 65 37.12 -6.17 5.71
CA MET E 65 36.25 -5.23 5.03
C MET E 65 35.66 -5.91 3.79
N TRP E 66 34.65 -5.28 3.19
CA TRP E 66 34.00 -5.76 1.97
C TRP E 66 33.22 -7.05 2.21
N LYS E 67 33.28 -7.59 3.43
CA LYS E 67 32.49 -8.74 3.83
C LYS E 67 31.81 -8.50 5.17
N ASN E 68 31.76 -7.25 5.60
CA ASN E 68 31.15 -6.90 6.89
C ASN E 68 29.64 -6.95 6.75
N ASN E 69 29.00 -7.67 7.68
CA ASN E 69 27.54 -7.72 7.70
C ASN E 69 26.93 -6.46 8.29
N MET E 70 27.73 -5.66 9.02
CA MET E 70 27.21 -4.45 9.64
C MET E 70 26.67 -3.47 8.59
N VAL E 71 27.22 -3.52 7.37
CA VAL E 71 26.82 -2.58 6.33
C VAL E 71 25.42 -2.89 5.82
N GLU E 72 25.12 -4.17 5.56
CA GLU E 72 23.82 -4.53 5.01
C GLU E 72 22.70 -4.20 5.98
N GLN E 73 22.93 -4.38 7.28
CA GLN E 73 21.92 -4.00 8.26
C GLN E 73 21.64 -2.51 8.19
N MET E 74 22.69 -1.70 8.03
CA MET E 74 22.49 -0.26 7.86
C MET E 74 21.71 0.04 6.59
N GLN E 75 21.99 -0.68 5.51
CA GLN E 75 21.26 -0.47 4.27
C GLN E 75 19.77 -0.74 4.45
N GLU E 76 19.45 -1.89 5.05
CA GLU E 76 18.05 -2.23 5.27
C GLU E 76 17.36 -1.22 6.20
N ASP E 77 18.07 -0.77 7.24
CA ASP E 77 17.47 0.21 8.13
C ASP E 77 17.20 1.53 7.41
N ILE E 78 18.14 1.98 6.59
CA ILE E 78 17.95 3.22 5.85
C ILE E 78 16.76 3.11 4.91
N ILE E 79 16.69 2.01 4.17
CA ILE E 79 15.59 1.84 3.23
C ILE E 79 14.25 1.76 3.97
N SER E 80 14.20 1.01 5.06
CA SER E 80 12.94 0.87 5.79
C SER E 80 12.48 2.19 6.41
N LEU E 81 13.42 2.95 6.98
CA LEU E 81 13.04 4.25 7.54
C LEU E 81 12.57 5.20 6.45
N TRP E 82 13.27 5.22 5.31
CA TRP E 82 12.85 6.06 4.20
C TRP E 82 11.45 5.70 3.75
N ASP E 83 11.13 4.40 3.68
CA ASP E 83 9.80 3.99 3.26
C ASP E 83 8.74 4.36 4.29
N GLN E 84 9.02 4.15 5.58
CA GLN E 84 7.99 4.39 6.58
C GLN E 84 7.77 5.87 6.86
N SER E 85 8.74 6.74 6.52
CA SER E 85 8.49 8.16 6.70
C SER E 85 7.58 8.72 5.60
N LEU E 86 7.58 8.12 4.42
CA LEU E 86 6.74 8.55 3.32
C LEU E 86 5.34 7.94 3.36
N LYS E 87 5.11 6.97 4.23
CA LYS E 87 3.83 6.25 4.23
C LYS E 87 2.64 7.12 4.60
N PRO E 88 2.65 7.90 5.68
CA PRO E 88 1.39 8.49 6.17
C PRO E 88 0.75 9.50 5.24
N CYS E 89 1.54 10.31 4.54
CA CYS E 89 1.07 11.58 4.00
C CYS E 89 0.97 11.56 2.46
N VAL E 90 0.73 12.74 1.90
CA VAL E 90 0.00 12.87 0.64
C VAL E 90 0.68 12.19 -0.55
N LYS E 91 -0.14 11.63 -1.44
CA LYS E 91 0.29 11.07 -2.70
C LYS E 91 0.28 12.14 -3.81
N LEU E 92 0.53 11.70 -5.04
CA LEU E 92 0.51 12.60 -6.19
C LEU E 92 -0.14 11.95 -7.41
N THR E 93 -1.11 11.07 -7.19
CA THR E 93 -1.76 10.42 -8.33
C THR E 93 -2.71 11.34 -9.11
N PRO E 94 -3.40 12.31 -8.52
CA PRO E 94 -4.24 13.19 -9.34
C PRO E 94 -3.49 14.35 -9.96
N LEU E 95 -2.18 14.44 -9.71
CA LEU E 95 -1.42 15.61 -10.13
C LEU E 95 -1.02 15.52 -11.60
N CYS E 96 -0.24 14.51 -11.96
CA CYS E 96 0.44 14.55 -13.25
C CYS E 96 -0.55 14.16 -14.35
N VAL E 97 -0.89 15.13 -15.18
CA VAL E 97 -1.75 14.96 -16.34
C VAL E 97 -1.04 15.62 -17.51
N THR E 98 -1.71 15.75 -18.65
CA THR E 98 -1.09 16.42 -19.79
C THR E 98 -0.89 17.88 -19.45
N LEU E 99 0.35 18.24 -19.14
CA LEU E 99 0.71 19.61 -18.82
C LEU E 99 0.77 20.47 -20.08
N SER E 100 1.11 21.74 -19.90
CA SER E 100 1.27 22.66 -21.02
C SER E 100 2.23 23.76 -20.58
N CYS E 101 3.47 23.71 -21.06
CA CYS E 101 4.53 24.57 -20.56
C CYS E 101 4.94 25.60 -21.60
N THR E 102 5.28 26.79 -21.11
CA THR E 102 5.80 27.86 -21.93
C THR E 102 6.96 28.52 -21.19
N ASN E 103 7.84 29.19 -21.93
CA ASN E 103 8.98 29.84 -21.32
C ASN E 103 8.52 30.89 -20.31
N VAL E 104 9.19 30.92 -19.17
CA VAL E 104 8.78 31.78 -18.06
C VAL E 104 9.22 33.21 -18.34
N THR E 105 8.35 34.15 -17.99
CA THR E 105 8.66 35.58 -18.01
C THR E 105 8.69 36.09 -16.58
N LEU E 106 9.79 36.74 -16.19
CA LEU E 106 9.99 37.14 -14.81
C LEU E 106 10.35 38.62 -14.73
N THR E 107 9.97 39.24 -13.62
CA THR E 107 10.47 40.55 -13.23
C THR E 107 11.41 40.37 -12.05
N ASN E 108 12.59 40.97 -12.11
CA ASN E 108 13.67 40.61 -11.21
C ASN E 108 14.60 41.80 -10.99
N VAL E 109 15.44 41.67 -9.97
CA VAL E 109 16.52 42.63 -9.78
C VAL E 109 17.54 42.48 -10.90
N ASN E 110 18.30 43.56 -11.14
CA ASN E 110 19.17 43.61 -12.30
C ASN E 110 20.59 43.14 -11.98
N TYR E 111 21.25 43.78 -11.02
CA TYR E 111 22.67 43.46 -10.76
C TYR E 111 22.84 42.07 -10.19
N THR E 112 21.92 41.65 -9.31
CA THR E 112 21.87 40.29 -8.75
C THR E 112 23.15 39.89 -8.04
N ASN E 113 23.96 40.85 -7.61
CA ASN E 113 25.23 40.60 -6.92
C ASN E 113 26.11 39.65 -7.73
N ASN E 114 26.49 40.12 -8.92
CA ASN E 114 27.19 39.28 -9.90
C ASN E 114 28.66 39.11 -9.54
N PHE E 115 28.90 38.53 -8.37
CA PHE E 115 30.26 38.18 -7.96
C PHE E 115 30.69 36.86 -8.62
N PRO E 116 29.89 35.77 -8.54
CA PRO E 116 30.29 34.55 -9.28
C PRO E 116 30.06 34.69 -10.78
N ASN E 117 28.91 35.24 -11.15
CA ASN E 117 28.51 35.40 -12.54
C ASN E 117 28.54 34.06 -13.28
N ILE E 118 27.72 33.13 -12.78
CA ILE E 118 27.65 31.80 -13.37
C ILE E 118 26.61 31.73 -14.48
N GLY E 119 25.41 32.24 -14.22
CA GLY E 119 24.36 32.19 -15.22
C GLY E 119 23.04 32.74 -14.74
N ASN E 120 21.94 32.14 -15.18
CA ASN E 120 20.61 32.62 -14.87
C ASN E 120 19.63 31.47 -15.08
N ILE E 121 18.65 31.35 -14.18
CA ILE E 121 17.81 30.15 -14.12
C ILE E 121 16.79 30.06 -15.24
N THR E 122 16.71 31.08 -16.10
CA THR E 122 15.88 30.94 -17.29
C THR E 122 16.43 29.85 -18.18
N ASP E 123 15.55 29.23 -18.96
CA ASP E 123 15.82 28.04 -19.77
C ASP E 123 16.11 26.82 -18.92
N GLU E 124 15.82 26.87 -17.62
CA GLU E 124 15.81 25.68 -16.77
C GLU E 124 14.44 25.36 -16.21
N VAL E 125 13.63 26.37 -15.93
CA VAL E 125 12.28 26.15 -15.40
C VAL E 125 11.26 26.43 -16.50
N ARG E 126 10.10 25.81 -16.36
CA ARG E 126 8.97 26.00 -17.25
C ARG E 126 7.75 26.34 -16.41
N ASN E 127 6.92 27.23 -16.92
CA ASN E 127 5.77 27.76 -16.18
C ASN E 127 4.52 27.09 -16.76
N CYS E 128 4.22 25.90 -16.24
CA CYS E 128 3.24 25.00 -16.86
C CYS E 128 1.90 25.14 -16.17
N SER E 129 0.83 25.10 -16.97
CA SER E 129 -0.53 25.14 -16.45
C SER E 129 -1.23 23.81 -16.73
N PHE E 130 -2.07 23.39 -15.79
CA PHE E 130 -2.72 22.09 -15.89
C PHE E 130 -4.00 22.11 -15.07
N ASN E 131 -4.87 21.15 -15.36
CA ASN E 131 -6.18 21.06 -14.71
C ASN E 131 -6.14 19.98 -13.63
N VAL E 132 -6.38 20.39 -12.39
CA VAL E 132 -6.46 19.45 -11.27
C VAL E 132 -7.88 19.45 -10.73
N THR E 133 -8.13 18.59 -9.74
CA THR E 133 -9.42 18.53 -9.08
C THR E 133 -9.31 19.14 -7.69
N THR E 134 -10.28 19.97 -7.32
CA THR E 134 -10.30 20.59 -6.01
C THR E 134 -10.80 19.58 -4.98
N GLU E 135 -11.14 20.05 -3.79
CA GLU E 135 -11.62 19.15 -2.74
C GLU E 135 -12.91 18.45 -3.14
N ILE E 136 -13.62 18.96 -4.14
CA ILE E 136 -14.84 18.33 -4.66
C ILE E 136 -14.50 17.65 -5.97
N ARG E 137 -14.95 16.40 -6.12
CA ARG E 137 -14.61 15.62 -7.30
C ARG E 137 -15.20 16.20 -8.58
N ASP E 138 -16.38 16.81 -8.50
CA ASP E 138 -17.08 17.32 -9.68
C ASP E 138 -16.69 18.76 -10.02
N LYS E 139 -15.52 19.21 -9.60
CA LYS E 139 -15.05 20.56 -9.89
C LYS E 139 -13.57 20.50 -10.22
N LYS E 140 -13.21 20.95 -11.41
CA LYS E 140 -11.81 21.01 -11.85
C LYS E 140 -11.37 22.45 -11.96
N GLN E 141 -10.11 22.70 -11.56
CA GLN E 141 -9.55 24.04 -11.56
C GLN E 141 -8.23 24.04 -12.34
N LYS E 142 -7.99 25.12 -13.07
CA LYS E 142 -6.75 25.29 -13.81
C LYS E 142 -5.74 26.05 -12.97
N VAL E 143 -4.56 25.45 -12.78
CA VAL E 143 -3.54 26.02 -11.91
C VAL E 143 -2.20 25.98 -12.61
N TYR E 144 -1.33 26.92 -12.23
CA TYR E 144 0.00 27.05 -12.82
C TYR E 144 1.06 26.68 -11.78
N ALA E 145 2.21 26.24 -12.27
CA ALA E 145 3.31 25.86 -11.39
C ALA E 145 4.62 25.93 -12.17
N LEU E 146 5.69 26.24 -11.45
CA LEU E 146 7.03 26.31 -12.02
C LEU E 146 7.73 24.98 -11.77
N PHE E 147 8.14 24.31 -12.85
CA PHE E 147 8.80 23.02 -12.75
C PHE E 147 10.14 23.08 -13.44
N TYR E 148 11.18 22.58 -12.77
CA TYR E 148 12.49 22.48 -13.40
C TYR E 148 12.43 21.52 -14.58
N LYS E 149 13.23 21.81 -15.61
CA LYS E 149 13.15 21.02 -16.84
C LYS E 149 13.58 19.58 -16.66
N LEU E 150 14.22 19.23 -15.54
CA LEU E 150 14.61 17.85 -15.30
C LEU E 150 13.48 17.01 -14.72
N ASP E 151 12.37 17.64 -14.32
CA ASP E 151 11.24 16.92 -13.74
C ASP E 151 10.14 16.60 -14.75
N ILE E 152 10.14 17.26 -15.91
CA ILE E 152 9.10 17.07 -16.90
C ILE E 152 9.70 16.46 -18.15
N VAL E 153 8.99 15.50 -18.73
CA VAL E 153 9.38 14.89 -20.00
C VAL E 153 8.40 15.37 -21.07
N GLN E 154 8.89 15.42 -22.31
CA GLN E 154 8.11 15.91 -23.43
C GLN E 154 7.56 14.72 -24.20
N MET E 155 6.26 14.51 -24.12
CA MET E 155 5.59 13.48 -24.89
C MET E 155 5.35 13.98 -26.30
N GLU E 156 4.53 13.26 -27.07
CA GLU E 156 4.13 13.71 -28.39
C GLU E 156 3.38 15.04 -28.28
N ASN E 157 3.17 15.68 -29.43
CA ASN E 157 2.57 17.02 -29.47
C ASN E 157 3.43 18.00 -28.67
N LYS E 158 4.61 18.26 -29.24
CA LYS E 158 5.75 18.82 -28.51
C LYS E 158 5.39 20.01 -27.61
N ASN E 159 4.28 20.70 -27.86
CA ASN E 159 3.83 21.74 -26.94
C ASN E 159 2.88 21.17 -25.89
N SER E 160 3.29 20.07 -25.24
CA SER E 160 2.52 19.45 -24.17
C SER E 160 3.43 18.47 -23.45
N TYR E 161 3.57 18.62 -22.14
CA TYR E 161 4.53 17.85 -21.35
C TYR E 161 3.79 17.02 -20.31
N ARG E 162 4.53 16.07 -19.72
CA ARG E 162 4.02 15.25 -18.63
C ARG E 162 5.10 15.13 -17.58
N LEU E 163 4.71 14.75 -16.37
CA LEU E 163 5.71 14.55 -15.34
C LEU E 163 6.52 13.28 -15.64
N ILE E 164 7.72 13.22 -15.06
CA ILE E 164 8.69 12.20 -15.45
C ILE E 164 8.38 10.82 -14.90
N ASN E 165 7.41 10.69 -14.00
CA ASN E 165 7.19 9.44 -13.28
C ASN E 165 5.88 8.74 -13.61
N CYS E 166 5.00 9.36 -14.40
CA CYS E 166 3.62 8.88 -14.48
C CYS E 166 3.55 7.47 -15.03
N ASN E 167 4.30 7.17 -16.08
CA ASN E 167 4.17 5.88 -16.76
C ASN E 167 5.04 4.80 -16.14
N THR E 168 5.72 5.08 -15.04
CA THR E 168 6.56 4.09 -14.39
C THR E 168 6.15 3.78 -12.96
N SER E 169 5.70 4.79 -12.20
CA SER E 169 5.35 4.58 -10.80
C SER E 169 4.47 5.73 -10.33
N VAL E 170 4.12 5.72 -9.06
CA VAL E 170 3.41 6.81 -8.41
C VAL E 170 4.29 7.32 -7.27
N CYS E 171 4.45 8.63 -7.19
CA CYS E 171 5.36 9.25 -6.23
C CYS E 171 4.57 9.98 -5.17
N LYS E 172 5.08 9.97 -3.95
CA LYS E 172 4.45 10.62 -2.81
C LYS E 172 5.27 11.84 -2.42
N GLN E 173 4.59 12.95 -2.18
CA GLN E 173 5.28 14.20 -1.88
C GLN E 173 6.12 14.06 -0.62
N ALA E 174 7.35 14.58 -0.69
CA ALA E 174 8.21 14.60 0.49
C ALA E 174 7.49 15.31 1.61
N CYS E 175 7.57 14.77 2.77
CA CYS E 175 6.40 15.03 3.59
C CYS E 175 6.66 16.29 4.41
N PRO E 176 5.74 17.26 4.42
CA PRO E 176 6.16 18.66 4.57
C PRO E 176 6.93 19.00 5.83
N LYS E 177 6.62 18.39 6.98
CA LYS E 177 7.16 18.86 8.25
C LYS E 177 8.23 17.94 8.83
N ILE E 178 8.81 17.07 8.01
CA ILE E 178 9.90 16.22 8.46
C ILE E 178 11.21 16.82 7.98
N SER E 179 12.32 16.32 8.54
CA SER E 179 13.64 16.85 8.26
C SER E 179 14.50 15.78 7.61
N PHE E 180 15.43 16.22 6.77
CA PHE E 180 16.42 15.35 6.15
C PHE E 180 17.79 15.48 6.79
N ASP E 181 17.88 16.17 7.91
CA ASP E 181 19.15 16.38 8.59
C ASP E 181 19.72 15.05 9.09
N PRO E 182 20.93 14.68 8.71
CA PRO E 182 21.54 13.45 9.25
C PRO E 182 22.08 13.67 10.65
N ILE E 183 21.40 13.10 11.64
CA ILE E 183 21.82 13.15 13.03
C ILE E 183 22.64 11.89 13.31
N PRO E 184 23.77 11.99 14.00
CA PRO E 184 24.62 10.80 14.19
C PRO E 184 23.87 9.68 14.90
N ILE E 185 24.15 8.45 14.46
CA ILE E 185 23.49 7.25 14.96
C ILE E 185 24.56 6.28 15.42
N HIS E 186 24.46 5.84 16.67
CA HIS E 186 25.36 4.83 17.21
C HIS E 186 24.69 3.47 17.10
N TYR E 187 25.46 2.45 16.76
CA TYR E 187 24.96 1.10 16.52
C TYR E 187 25.40 0.19 17.66
N CYS E 188 24.52 -0.05 18.62
CA CYS E 188 24.87 -0.79 19.82
C CYS E 188 24.31 -2.21 19.79
N THR E 189 25.08 -3.13 20.37
CA THR E 189 24.88 -4.57 20.42
C THR E 189 24.02 -4.96 21.61
N PRO E 190 23.40 -6.14 21.57
CA PRO E 190 22.77 -6.69 22.78
C PRO E 190 23.81 -7.05 23.83
N ALA E 191 23.36 -7.53 24.99
CA ALA E 191 24.27 -7.93 26.06
C ALA E 191 24.67 -9.38 25.83
N GLY E 192 25.93 -9.58 25.48
CA GLY E 192 26.41 -10.91 25.13
C GLY E 192 27.26 -10.85 23.88
N TYR E 193 27.33 -9.67 23.28
CA TYR E 193 28.12 -9.41 22.09
C TYR E 193 29.00 -8.18 22.34
N ALA E 194 30.03 -8.05 21.51
CA ALA E 194 30.93 -6.91 21.61
C ALA E 194 31.37 -6.50 20.23
N ILE E 195 31.93 -5.29 20.11
CA ILE E 195 32.41 -4.78 18.83
C ILE E 195 33.91 -4.56 18.94
N LEU E 196 34.67 -5.24 18.09
CA LEU E 196 36.10 -5.06 18.04
C LEU E 196 36.43 -3.99 17.01
N LYS E 197 37.28 -3.05 17.41
CA LYS E 197 37.64 -1.90 16.59
C LYS E 197 39.15 -1.90 16.39
N CYS E 198 39.57 -1.84 15.13
CA CYS E 198 40.99 -1.88 14.79
C CYS E 198 41.55 -0.47 14.83
N ASN E 199 42.54 -0.25 15.69
CA ASN E 199 43.07 1.07 15.96
C ASN E 199 44.30 1.41 15.12
N GLU E 200 44.71 0.55 14.20
CA GLU E 200 45.84 0.86 13.34
C GLU E 200 45.51 2.07 12.47
N LYS E 201 46.39 3.07 12.49
CA LYS E 201 46.09 4.30 11.77
C LYS E 201 46.31 4.16 10.27
N ASN E 202 47.28 3.36 9.84
CA ASN E 202 47.49 3.06 8.43
C ASN E 202 47.06 1.61 8.21
N PHE E 203 45.76 1.43 7.99
CA PHE E 203 45.16 0.10 7.91
C PHE E 203 44.37 -0.01 6.62
N ASN E 204 44.77 -0.92 5.75
CA ASN E 204 44.04 -1.19 4.53
C ASN E 204 42.77 -1.95 4.88
N GLY E 205 42.02 -2.37 3.86
CA GLY E 205 40.73 -3.00 4.09
C GLY E 205 40.75 -4.23 4.95
N THR E 206 41.37 -5.30 4.47
CA THR E 206 41.35 -6.59 5.13
C THR E 206 42.73 -6.92 5.69
N GLY E 207 42.76 -7.92 6.57
CA GLY E 207 44.00 -8.41 7.10
C GLY E 207 44.00 -8.53 8.61
N PRO E 208 45.12 -8.99 9.17
CA PRO E 208 45.23 -9.13 10.63
C PRO E 208 45.62 -7.81 11.26
N CYS E 209 44.72 -7.26 12.08
CA CYS E 209 45.00 -6.05 12.84
C CYS E 209 45.66 -6.42 14.16
N LYS E 210 46.69 -5.66 14.53
CA LYS E 210 47.49 -5.95 15.70
C LYS E 210 47.20 -5.02 16.88
N ASN E 211 46.25 -4.10 16.74
CA ASN E 211 46.00 -3.10 17.77
C ASN E 211 44.50 -3.01 18.05
N VAL E 212 43.87 -4.17 18.22
CA VAL E 212 42.42 -4.23 18.40
C VAL E 212 42.04 -3.68 19.78
N SER E 213 40.84 -3.11 19.86
CA SER E 213 40.26 -2.67 21.12
C SER E 213 38.80 -3.08 21.13
N SER E 214 38.18 -3.06 22.31
CA SER E 214 36.82 -3.52 22.49
C SER E 214 35.91 -2.37 22.86
N VAL E 215 34.74 -2.31 22.22
CA VAL E 215 33.75 -1.28 22.50
C VAL E 215 32.37 -1.91 22.59
N GLN E 216 31.48 -1.19 23.28
CA GLN E 216 30.07 -1.57 23.35
C GLN E 216 29.31 -1.14 22.10
N CYS E 217 29.61 0.06 21.59
CA CYS E 217 29.07 0.44 20.29
C CYS E 217 29.85 1.61 19.68
N THR E 218 29.61 1.81 18.38
CA THR E 218 30.44 2.62 17.52
C THR E 218 30.33 4.09 17.86
N HIS E 219 31.08 4.90 17.11
CA HIS E 219 30.99 6.34 17.17
C HIS E 219 29.77 6.81 16.38
N GLY E 220 29.58 8.12 16.34
CA GLY E 220 28.47 8.68 15.58
C GLY E 220 28.68 8.48 14.10
N ILE E 221 27.65 7.94 13.43
CA ILE E 221 27.70 7.70 11.98
C ILE E 221 26.57 8.49 11.35
N LYS E 222 26.92 9.41 10.48
CA LYS E 222 25.89 10.21 9.82
C LYS E 222 25.39 9.49 8.57
N PRO E 223 24.09 9.36 8.41
CA PRO E 223 23.55 8.64 7.25
C PRO E 223 23.52 9.47 5.98
N VAL E 224 24.32 10.54 5.93
CA VAL E 224 24.37 11.42 4.76
C VAL E 224 24.60 10.61 3.50
N VAL E 225 23.85 10.95 2.45
CA VAL E 225 23.87 10.23 1.18
C VAL E 225 24.48 11.13 0.12
N SER E 226 25.50 10.63 -0.56
CA SER E 226 26.15 11.35 -1.64
C SER E 226 26.67 10.34 -2.65
N THR E 227 27.15 10.83 -3.79
CA THR E 227 27.53 9.94 -4.87
C THR E 227 29.01 9.98 -5.19
N GLN E 228 29.59 11.14 -5.44
CA GLN E 228 30.97 11.21 -5.92
C GLN E 228 31.97 11.60 -4.84
N LEU E 229 31.55 12.37 -3.83
CA LEU E 229 32.44 12.80 -2.78
C LEU E 229 31.80 12.53 -1.43
N LEU E 230 32.53 11.88 -0.54
CA LEU E 230 32.02 11.62 0.80
C LEU E 230 31.94 12.93 1.58
N LEU E 231 30.79 13.19 2.19
CA LEU E 231 30.53 14.45 2.85
C LEU E 231 30.29 14.20 4.34
N ASN E 232 30.70 15.17 5.17
CA ASN E 232 30.51 15.12 6.62
C ASN E 232 31.14 13.87 7.25
N GLY E 233 32.22 13.37 6.68
CA GLY E 233 32.79 12.12 7.13
C GLY E 233 33.74 12.29 8.32
N SER E 234 34.49 11.22 8.59
CA SER E 234 35.50 11.22 9.64
C SER E 234 36.87 11.06 8.99
N LEU E 235 37.79 11.97 9.31
CA LEU E 235 39.07 12.03 8.62
C LEU E 235 39.93 10.82 8.98
N ALA E 236 40.74 10.40 8.01
CA ALA E 236 41.76 9.39 8.28
C ALA E 236 42.80 9.95 9.24
N GLU E 237 43.45 9.06 9.97
CA GLU E 237 44.40 9.48 11.00
C GLU E 237 45.82 9.59 10.45
N GLY E 238 46.30 8.55 9.79
CA GLY E 238 47.68 8.53 9.33
C GLY E 238 47.93 9.35 8.09
N GLU E 239 47.30 8.97 6.98
CA GLU E 239 47.54 9.62 5.70
C GLU E 239 46.37 9.29 4.77
N ILE E 240 46.51 9.66 3.49
CA ILE E 240 45.55 9.23 2.49
C ILE E 240 45.55 7.72 2.41
N ILE E 241 44.38 7.11 2.50
CA ILE E 241 44.28 5.65 2.45
C ILE E 241 43.41 5.27 1.25
N ILE E 242 43.96 4.43 0.39
CA ILE E 242 43.27 3.97 -0.82
C ILE E 242 42.85 2.54 -0.59
N ARG E 243 41.53 2.30 -0.56
CA ARG E 243 40.99 0.99 -0.22
C ARG E 243 40.15 0.48 -1.37
N SER E 244 40.34 -0.78 -1.73
CA SER E 244 39.51 -1.44 -2.72
C SER E 244 39.55 -2.93 -2.47
N GLU E 245 38.48 -3.62 -2.86
CA GLU E 245 38.43 -5.06 -2.65
C GLU E 245 39.55 -5.76 -3.39
N ASN E 246 39.82 -5.34 -4.62
CA ASN E 246 41.01 -5.80 -5.34
C ASN E 246 41.42 -4.70 -6.31
N LEU E 247 42.66 -4.23 -6.18
CA LEU E 247 43.12 -3.12 -7.00
C LEU E 247 43.40 -3.52 -8.44
N THR E 248 43.40 -4.81 -8.75
CA THR E 248 43.59 -5.29 -10.12
C THR E 248 42.28 -5.81 -10.71
N ASN E 249 41.17 -5.16 -10.36
CA ASN E 249 39.85 -5.55 -10.85
C ASN E 249 39.06 -4.25 -11.02
N ASN E 250 39.02 -3.74 -12.24
CA ASN E 250 38.42 -2.42 -12.49
C ASN E 250 36.93 -2.39 -12.23
N ALA E 251 36.27 -3.55 -12.12
CA ALA E 251 34.87 -3.55 -11.72
C ALA E 251 34.67 -3.20 -10.25
N LYS E 252 35.75 -3.13 -9.48
CA LYS E 252 35.69 -2.84 -8.05
C LYS E 252 36.02 -1.38 -7.81
N THR E 253 35.16 -0.68 -7.08
CA THR E 253 35.34 0.73 -6.83
C THR E 253 36.53 0.97 -5.91
N ILE E 254 37.08 2.17 -5.98
CA ILE E 254 38.21 2.60 -5.16
C ILE E 254 37.74 3.71 -4.25
N ILE E 255 38.02 3.59 -2.95
CA ILE E 255 37.66 4.60 -1.98
C ILE E 255 38.94 5.26 -1.50
N VAL E 256 39.08 6.55 -1.79
CA VAL E 256 40.22 7.33 -1.34
C VAL E 256 39.76 8.15 -0.15
N HIS E 257 40.32 7.85 1.02
CA HIS E 257 39.86 8.45 2.27
C HIS E 257 40.96 9.39 2.74
N LEU E 258 40.61 10.67 2.90
CA LEU E 258 41.57 11.75 3.12
C LEU E 258 41.83 11.96 4.60
N ASN E 259 42.97 12.58 4.89
CA ASN E 259 43.34 12.98 6.24
C ASN E 259 43.33 14.49 6.44
N LYS E 260 42.75 15.24 5.50
CA LYS E 260 42.57 16.68 5.66
C LYS E 260 41.41 17.11 4.77
N SER E 261 40.40 17.74 5.37
CA SER E 261 39.18 18.06 4.64
C SER E 261 39.39 19.20 3.67
N VAL E 262 38.54 19.23 2.64
CA VAL E 262 38.48 20.32 1.68
C VAL E 262 37.04 20.80 1.68
N GLU E 263 36.78 21.93 2.34
CA GLU E 263 35.42 22.40 2.50
C GLU E 263 34.82 22.77 1.15
N ILE E 264 33.56 22.41 0.94
CA ILE E 264 32.80 22.78 -0.24
C ILE E 264 31.59 23.59 0.23
N ASN E 265 31.38 24.73 -0.43
CA ASN E 265 30.49 25.77 0.07
C ASN E 265 29.40 25.96 -0.98
N CYS E 266 28.21 25.44 -0.72
CA CYS E 266 27.16 25.37 -1.72
C CYS E 266 26.05 26.35 -1.41
N THR E 267 25.48 26.95 -2.45
CA THR E 267 24.39 27.89 -2.25
C THR E 267 23.46 27.88 -3.44
N ARG E 268 22.19 28.19 -3.16
CA ARG E 268 21.18 28.45 -4.18
C ARG E 268 20.74 29.90 -4.00
N PRO E 269 21.25 30.84 -4.81
CA PRO E 269 20.95 32.25 -4.56
C PRO E 269 19.56 32.67 -4.96
N SER E 270 18.77 31.77 -5.55
CA SER E 270 17.46 32.18 -6.03
C SER E 270 16.51 32.41 -4.86
N ASN E 271 15.37 33.02 -5.19
CA ASN E 271 14.31 33.36 -4.24
C ASN E 271 13.02 32.68 -4.69
N ASN E 272 12.81 31.45 -4.23
CA ASN E 272 11.62 30.69 -4.58
C ASN E 272 10.57 30.84 -3.50
N THR E 273 9.36 31.22 -3.91
CA THR E 273 8.21 31.27 -3.01
C THR E 273 7.42 29.98 -3.14
N ARG E 274 6.82 29.55 -2.04
CA ARG E 274 6.12 28.28 -1.96
C ARG E 274 4.63 28.54 -1.80
N THR E 275 3.83 28.02 -2.73
CA THR E 275 2.38 28.14 -2.66
C THR E 275 1.77 26.75 -2.56
N SER E 276 0.53 26.69 -2.10
CA SER E 276 -0.13 25.42 -1.82
C SER E 276 -1.49 25.38 -2.47
N VAL E 277 -1.77 24.28 -3.18
CA VAL E 277 -3.09 24.02 -3.74
C VAL E 277 -3.63 22.76 -3.07
N THR E 278 -4.90 22.47 -3.33
CA THR E 278 -5.55 21.28 -2.80
C THR E 278 -5.99 20.41 -3.96
N ILE E 279 -5.45 19.19 -4.03
CA ILE E 279 -5.77 18.26 -5.11
C ILE E 279 -6.78 17.21 -4.69
N GLY E 280 -7.23 17.25 -3.45
CA GLY E 280 -8.17 16.27 -2.94
C GLY E 280 -8.65 16.62 -1.55
N PRO E 281 -9.39 15.72 -0.92
CA PRO E 281 -9.88 16.00 0.43
C PRO E 281 -8.78 15.95 1.47
N GLY E 282 -8.36 17.12 1.94
CA GLY E 282 -7.30 17.19 2.92
C GLY E 282 -5.91 16.96 2.39
N GLN E 283 -5.75 16.86 1.08
CA GLN E 283 -4.46 16.61 0.44
C GLN E 283 -3.98 17.90 -0.21
N VAL E 284 -2.88 18.44 0.29
CA VAL E 284 -2.33 19.72 -0.17
C VAL E 284 -1.05 19.44 -0.94
N PHE E 285 -0.96 20.00 -2.14
CA PHE E 285 0.21 19.87 -3.00
C PHE E 285 0.94 21.21 -3.04
N TYR E 286 2.22 21.19 -2.72
CA TYR E 286 3.04 22.39 -2.67
C TYR E 286 3.77 22.57 -4.00
N ARG E 287 3.87 23.82 -4.44
CA ARG E 287 4.48 24.14 -5.72
C ARG E 287 5.23 25.45 -5.60
N THR E 288 6.03 25.73 -6.63
CA THR E 288 6.77 26.99 -6.73
C THR E 288 5.92 28.00 -7.48
N GLY E 289 5.55 29.08 -6.81
CA GLY E 289 4.68 30.07 -7.41
C GLY E 289 5.40 31.03 -8.35
N ASP E 290 6.46 31.66 -7.86
CA ASP E 290 7.16 32.67 -8.65
C ASP E 290 8.61 32.74 -8.18
N ILE E 291 9.45 33.30 -9.02
CA ILE E 291 10.86 33.58 -8.70
C ILE E 291 11.02 35.08 -8.78
N ILE E 292 11.11 35.74 -7.62
CA ILE E 292 11.17 37.19 -7.53
C ILE E 292 12.49 37.59 -6.89
N GLY E 293 13.17 38.55 -7.52
CA GLY E 293 14.43 39.06 -7.00
C GLY E 293 15.62 38.46 -7.72
N ASP E 294 16.52 37.84 -6.97
CA ASP E 294 17.73 37.27 -7.55
C ASP E 294 17.40 36.00 -8.33
N ILE E 295 18.00 35.90 -9.52
CA ILE E 295 17.83 34.73 -10.38
C ILE E 295 19.22 34.29 -10.85
N ARG E 296 19.70 33.18 -10.30
CA ARG E 296 21.01 32.66 -10.68
C ARG E 296 21.06 31.17 -10.37
N LYS E 297 21.80 30.44 -11.18
CA LYS E 297 21.96 29.01 -10.96
C LYS E 297 22.63 28.76 -9.61
N ALA E 298 22.19 27.71 -8.92
CA ALA E 298 22.85 27.31 -7.70
C ALA E 298 24.26 26.82 -8.02
N TYR E 299 25.21 27.12 -7.14
CA TYR E 299 26.60 26.81 -7.42
C TYR E 299 27.31 26.44 -6.13
N CYS E 300 28.43 25.75 -6.28
CA CYS E 300 29.26 25.37 -5.15
C CYS E 300 30.69 25.86 -5.40
N GLU E 301 31.24 26.56 -4.42
CA GLU E 301 32.58 27.11 -4.52
C GLU E 301 33.55 26.27 -3.69
N ILE E 302 34.76 26.11 -4.22
CA ILE E 302 35.80 25.30 -3.62
C ILE E 302 37.13 26.06 -3.72
N ASN E 303 37.91 26.03 -2.65
CA ASN E 303 39.26 26.59 -2.72
C ASN E 303 40.09 25.80 -3.70
N GLY E 304 40.65 26.48 -4.70
CA GLY E 304 41.39 25.79 -5.73
C GLY E 304 42.69 25.19 -5.24
N THR E 305 43.42 25.92 -4.41
CA THR E 305 44.74 25.47 -3.98
C THR E 305 44.65 24.28 -3.02
N LYS E 306 43.67 24.29 -2.11
CA LYS E 306 43.48 23.17 -1.21
C LYS E 306 43.17 21.90 -1.98
N TRP E 307 42.22 21.97 -2.91
CA TRP E 307 41.88 20.81 -3.72
C TRP E 307 43.06 20.38 -4.59
N ASN E 308 43.86 21.34 -5.02
CA ASN E 308 44.97 21.05 -5.93
C ASN E 308 46.05 20.28 -5.19
N GLU E 309 46.39 20.73 -3.98
CA GLU E 309 47.31 20.00 -3.12
C GLU E 309 46.75 18.64 -2.72
N THR E 310 45.44 18.56 -2.46
CA THR E 310 44.84 17.28 -2.12
C THR E 310 44.97 16.28 -3.25
N LEU E 311 44.74 16.73 -4.49
CA LEU E 311 44.99 15.85 -5.63
C LEU E 311 46.46 15.48 -5.76
N LYS E 312 47.36 16.41 -5.44
CA LYS E 312 48.77 16.06 -5.45
C LYS E 312 49.08 14.92 -4.49
N GLN E 313 48.53 15.01 -3.27
CA GLN E 313 48.76 13.94 -2.28
C GLN E 313 48.11 12.64 -2.69
N VAL E 314 46.90 12.70 -3.24
CA VAL E 314 46.21 11.48 -3.67
C VAL E 314 46.98 10.82 -4.80
N VAL E 315 47.54 11.61 -5.72
CA VAL E 315 48.35 11.04 -6.79
C VAL E 315 49.64 10.45 -6.24
N GLY E 316 50.23 11.12 -5.24
CA GLY E 316 51.41 10.56 -4.61
C GLY E 316 51.14 9.19 -4.00
N LYS E 317 50.00 9.04 -3.34
CA LYS E 317 49.63 7.73 -2.81
C LYS E 317 49.32 6.73 -3.92
N LEU E 318 48.65 7.17 -4.98
CA LEU E 318 48.26 6.27 -6.06
C LEU E 318 49.46 5.74 -6.83
N LYS E 319 50.53 6.53 -6.93
CA LYS E 319 51.71 6.08 -7.66
C LYS E 319 52.38 4.88 -7.01
N GLU E 320 52.13 4.63 -5.73
CA GLU E 320 52.77 3.50 -5.07
C GLU E 320 52.16 2.17 -5.53
N HIS E 321 50.83 2.12 -5.67
CA HIS E 321 50.19 0.90 -6.13
C HIS E 321 50.36 0.70 -7.63
N PHE E 322 50.52 1.78 -8.39
CA PHE E 322 50.77 1.74 -9.83
C PHE E 322 52.12 2.41 -10.05
N PRO E 323 53.21 1.65 -10.08
CA PRO E 323 54.54 2.25 -9.89
C PRO E 323 55.08 3.06 -11.08
N ASN E 324 54.93 2.54 -12.29
CA ASN E 324 55.57 3.12 -13.47
C ASN E 324 54.56 3.66 -14.48
N LYS E 325 53.55 4.38 -14.00
CA LYS E 325 52.56 4.97 -14.89
C LYS E 325 52.23 6.37 -14.40
N THR E 326 51.76 7.21 -15.32
CA THR E 326 51.25 8.52 -14.97
C THR E 326 49.79 8.42 -14.58
N ILE E 327 49.39 9.27 -13.64
CA ILE E 327 48.03 9.25 -13.10
C ILE E 327 47.30 10.46 -13.67
N SER E 328 46.20 10.21 -14.38
CA SER E 328 45.41 11.26 -15.00
C SER E 328 43.95 11.07 -14.63
N PHE E 329 43.32 12.11 -14.13
CA PHE E 329 41.90 12.07 -13.83
C PHE E 329 41.09 12.54 -15.03
N GLN E 330 39.86 12.05 -15.13
CA GLN E 330 38.96 12.44 -16.20
C GLN E 330 37.54 12.48 -15.66
N PRO E 331 36.67 13.30 -16.24
CA PRO E 331 35.29 13.40 -15.76
C PRO E 331 34.52 12.12 -16.07
N PRO E 332 33.36 11.92 -15.42
CA PRO E 332 32.60 10.69 -15.66
C PRO E 332 32.19 10.54 -17.12
N SER E 333 32.18 9.30 -17.58
CA SER E 333 31.99 8.99 -18.99
C SER E 333 30.55 8.71 -19.38
N GLY E 334 29.63 8.68 -18.43
CA GLY E 334 28.23 8.46 -18.76
C GLY E 334 27.50 7.81 -17.61
N GLY E 335 26.21 7.57 -17.84
CA GLY E 335 25.37 6.94 -16.84
C GLY E 335 24.18 7.79 -16.46
N ASP E 336 23.57 7.51 -15.31
CA ASP E 336 22.46 8.30 -14.85
C ASP E 336 22.94 9.68 -14.38
N LEU E 337 21.97 10.55 -14.08
CA LEU E 337 22.31 11.85 -13.50
C LEU E 337 22.82 11.73 -12.09
N GLU E 338 22.54 10.63 -11.40
CA GLU E 338 23.05 10.41 -10.06
C GLU E 338 24.49 9.90 -10.06
N ILE E 339 25.03 9.55 -11.22
CA ILE E 339 26.39 9.07 -11.34
C ILE E 339 27.31 10.11 -11.94
N THR E 340 26.87 10.75 -13.03
CA THR E 340 27.70 11.72 -13.72
C THR E 340 27.84 13.03 -12.97
N MET E 341 27.04 13.28 -11.94
CA MET E 341 27.06 14.56 -11.25
C MET E 341 26.96 14.31 -9.75
N HIS E 342 27.76 15.06 -8.98
CA HIS E 342 27.80 14.93 -7.53
C HIS E 342 26.45 15.28 -6.92
N HIS E 343 25.77 14.30 -6.36
CA HIS E 343 24.41 14.46 -5.85
C HIS E 343 24.43 14.55 -4.34
N PHE E 344 23.70 15.53 -3.80
CA PHE E 344 23.59 15.64 -2.35
C PHE E 344 22.32 16.41 -2.02
N ASN E 345 22.20 16.81 -0.75
CA ASN E 345 20.95 17.34 -0.22
C ASN E 345 21.22 18.53 0.68
N CYS E 346 20.34 19.52 0.61
CA CYS E 346 20.32 20.65 1.55
C CYS E 346 18.89 21.05 1.86
N ARG E 347 18.49 20.84 3.12
CA ARG E 347 17.23 21.36 3.65
C ARG E 347 16.03 20.87 2.86
N GLY E 348 16.15 19.73 2.17
CA GLY E 348 15.08 19.19 1.37
C GLY E 348 15.25 19.38 -0.12
N GLU E 349 16.16 20.25 -0.56
CA GLU E 349 16.41 20.46 -1.97
C GLU E 349 17.57 19.59 -2.41
N PHE E 350 17.41 18.93 -3.55
CA PHE E 350 18.34 17.91 -4.00
C PHE E 350 19.21 18.47 -5.12
N PHE E 351 20.51 18.56 -4.86
CA PHE E 351 21.48 19.23 -5.71
C PHE E 351 22.25 18.21 -6.53
N TYR E 352 22.51 18.56 -7.79
CA TYR E 352 23.35 17.77 -8.68
C TYR E 352 24.41 18.72 -9.24
N CYS E 353 25.61 18.69 -8.71
CA CYS E 353 26.67 19.58 -9.13
C CYS E 353 27.54 18.91 -10.20
N ASN E 354 28.06 19.74 -11.11
CA ASN E 354 28.73 19.24 -12.29
C ASN E 354 30.04 18.54 -11.95
N THR E 355 30.96 19.27 -11.32
CA THR E 355 32.27 18.73 -10.90
C THR E 355 33.02 18.11 -12.07
N THR E 356 33.38 18.96 -13.04
CA THR E 356 34.34 18.56 -14.07
C THR E 356 35.64 19.33 -14.00
N GLN E 357 35.67 20.48 -13.33
CA GLN E 357 36.92 21.20 -13.13
C GLN E 357 37.76 20.59 -12.01
N LEU E 358 37.13 19.84 -11.10
CA LEU E 358 37.87 19.16 -10.05
C LEU E 358 38.58 17.92 -10.57
N PHE E 359 38.06 17.29 -11.62
CA PHE E 359 38.45 15.92 -11.90
C PHE E 359 38.99 15.67 -13.30
N ASN E 360 39.82 16.56 -13.83
CA ASN E 360 40.69 16.13 -14.91
C ASN E 360 41.96 16.92 -14.88
N SER E 361 43.08 16.22 -15.10
CA SER E 361 44.43 16.74 -14.99
C SER E 361 45.37 15.60 -15.35
N THR E 362 46.66 15.92 -15.43
CA THR E 362 47.69 14.93 -15.71
C THR E 362 48.89 15.19 -14.80
N TRP E 363 49.53 14.12 -14.35
CA TRP E 363 50.67 14.19 -13.43
C TRP E 363 51.74 13.28 -14.03
N ILE E 364 52.58 13.84 -14.91
CA ILE E 364 53.45 13.00 -15.73
C ILE E 364 54.68 12.54 -14.93
N ASN E 365 55.47 13.47 -14.41
CA ASN E 365 56.65 13.09 -13.66
C ASN E 365 56.94 14.01 -12.47
N SER E 366 56.07 14.98 -12.19
CA SER E 366 56.35 16.01 -11.19
C SER E 366 57.70 16.67 -11.45
N THR E 367 57.95 16.98 -12.72
CA THR E 367 59.27 17.47 -13.13
C THR E 367 59.64 18.75 -12.40
N THR E 368 58.70 19.69 -12.31
CA THR E 368 58.93 20.95 -11.62
C THR E 368 57.67 21.34 -10.87
N ILE E 369 57.86 22.13 -9.81
CA ILE E 369 56.73 22.67 -9.06
C ILE E 369 56.20 23.89 -9.80
N LYS E 370 54.91 23.87 -10.11
CA LYS E 370 54.27 24.97 -10.82
C LYS E 370 53.51 25.83 -9.83
N GLU E 371 53.82 27.12 -9.80
CA GLU E 371 53.20 28.06 -8.87
C GLU E 371 52.13 28.86 -9.60
N TYR E 372 50.98 29.02 -8.94
CA TYR E 372 49.88 29.80 -9.49
C TYR E 372 49.37 30.79 -8.46
N ASN E 373 48.25 31.46 -8.77
CA ASN E 373 47.61 32.37 -7.84
C ASN E 373 46.34 31.74 -7.31
N ASP E 374 45.85 32.31 -6.20
CA ASP E 374 44.66 31.78 -5.55
C ASP E 374 43.46 31.88 -6.49
N THR E 375 42.73 30.78 -6.62
CA THR E 375 41.53 30.72 -7.45
C THR E 375 40.43 30.02 -6.67
N ILE E 376 39.18 30.31 -7.04
CA ILE E 376 38.01 29.67 -6.47
C ILE E 376 37.29 28.96 -7.60
N ILE E 377 37.10 27.65 -7.45
CA ILE E 377 36.41 26.86 -8.45
C ILE E 377 34.91 26.96 -8.21
N TYR E 378 34.16 27.32 -9.26
CA TYR E 378 32.72 27.48 -9.21
C TYR E 378 32.09 26.33 -10.00
N LEU E 379 31.50 25.37 -9.31
CA LEU E 379 30.82 24.26 -9.94
C LEU E 379 29.35 24.60 -10.11
N PRO E 380 28.81 24.61 -11.32
CA PRO E 380 27.37 24.80 -11.49
C PRO E 380 26.62 23.59 -10.96
N CYS E 381 25.40 23.84 -10.48
CA CYS E 381 24.58 22.77 -9.92
C CYS E 381 23.13 22.93 -10.37
N LYS E 382 22.54 21.83 -10.77
CA LYS E 382 21.11 21.74 -11.04
C LYS E 382 20.39 21.29 -9.79
N ILE E 383 19.06 21.44 -9.79
CA ILE E 383 18.24 21.07 -8.65
C ILE E 383 17.07 20.24 -9.16
N LYS E 384 16.79 19.14 -8.48
CA LYS E 384 15.71 18.24 -8.90
C LYS E 384 14.67 18.12 -7.81
N GLN E 385 13.44 17.81 -8.20
CA GLN E 385 12.33 17.64 -7.29
C GLN E 385 11.76 16.24 -7.28
N ILE E 386 11.58 15.62 -8.44
CA ILE E 386 11.13 14.23 -8.52
C ILE E 386 12.36 13.36 -8.29
N ILE E 387 12.55 12.91 -7.06
CA ILE E 387 13.75 12.20 -6.65
C ILE E 387 13.43 10.71 -6.51
N ASN E 388 14.15 9.89 -7.27
CA ASN E 388 14.14 8.44 -7.11
C ASN E 388 15.52 8.07 -6.56
N MET E 389 15.65 8.11 -5.23
CA MET E 389 16.96 7.98 -4.62
C MET E 389 17.56 6.60 -4.88
N TRP E 390 16.79 5.54 -4.62
CA TRP E 390 17.22 4.17 -4.87
C TRP E 390 16.44 3.65 -6.06
N GLN E 391 17.16 3.01 -6.98
CA GLN E 391 16.68 2.87 -8.36
C GLN E 391 15.34 2.16 -8.42
N GLY E 392 15.19 1.04 -7.73
CA GLY E 392 13.98 0.27 -7.86
C GLY E 392 13.39 -0.23 -6.56
N VAL E 393 14.06 0.05 -5.43
CA VAL E 393 13.61 -0.42 -4.14
C VAL E 393 12.99 0.70 -3.30
N GLY E 394 13.49 1.93 -3.41
CA GLY E 394 12.94 3.02 -2.63
C GLY E 394 11.76 3.69 -3.31
N GLN E 395 10.83 4.16 -2.49
CA GLN E 395 9.67 4.87 -3.00
C GLN E 395 10.10 6.17 -3.69
N CYS E 396 9.52 6.43 -4.85
CA CYS E 396 9.76 7.69 -5.53
C CYS E 396 9.17 8.84 -4.72
N MET E 397 9.85 9.98 -4.75
CA MET E 397 9.49 11.09 -3.88
C MET E 397 9.45 12.39 -4.68
N TYR E 398 8.65 13.34 -4.21
CA TYR E 398 8.61 14.69 -4.74
C TYR E 398 8.94 15.65 -3.62
N ALA E 399 10.09 16.31 -3.71
CA ALA E 399 10.55 17.21 -2.65
C ALA E 399 9.98 18.60 -2.88
N PRO E 400 9.19 19.14 -1.95
CA PRO E 400 8.61 20.46 -2.14
C PRO E 400 9.69 21.52 -2.19
N PRO E 401 9.42 22.68 -2.81
CA PRO E 401 10.39 23.75 -2.80
C PRO E 401 10.55 24.33 -1.39
N ILE E 402 11.72 24.90 -1.15
CA ILE E 402 12.05 25.50 0.15
C ILE E 402 12.12 27.01 -0.04
N ARG E 403 11.33 27.74 0.73
CA ARG E 403 11.33 29.19 0.64
C ARG E 403 12.62 29.76 1.21
N GLY E 404 13.12 30.80 0.58
CA GLY E 404 14.34 31.46 1.03
C GLY E 404 15.56 31.02 0.25
N LYS E 405 16.71 31.36 0.81
CA LYS E 405 18.01 31.06 0.22
C LYS E 405 18.65 29.89 0.95
N ILE E 406 19.18 28.94 0.19
CA ILE E 406 19.74 27.71 0.72
C ILE E 406 21.26 27.82 0.71
N ASN E 407 21.90 27.47 1.82
CA ASN E 407 23.35 27.56 1.93
C ASN E 407 23.85 26.43 2.82
N CYS E 408 24.81 25.65 2.30
CA CYS E 408 25.44 24.56 3.05
C CYS E 408 26.94 24.74 3.07
N VAL E 409 27.56 24.38 4.19
CA VAL E 409 29.01 24.38 4.33
C VAL E 409 29.37 22.97 4.75
N SER E 410 30.01 22.20 3.88
CA SER E 410 30.24 20.81 4.18
C SER E 410 31.70 20.45 3.92
N ASN E 411 32.09 19.28 4.43
CA ASN E 411 33.46 18.78 4.31
C ASN E 411 33.51 17.66 3.27
N ILE E 412 34.66 17.55 2.61
CA ILE E 412 34.91 16.50 1.64
C ILE E 412 35.99 15.60 2.23
N THR E 413 35.58 14.49 2.83
CA THR E 413 36.50 13.60 3.51
C THR E 413 36.81 12.34 2.69
N GLY E 414 36.32 12.25 1.46
CA GLY E 414 36.57 11.06 0.67
C GLY E 414 36.21 11.27 -0.78
N ILE E 415 36.72 10.36 -1.61
CA ILE E 415 36.49 10.36 -3.04
C ILE E 415 36.23 8.92 -3.47
N LEU E 416 35.33 8.73 -4.43
CA LEU E 416 35.01 7.42 -4.96
C LEU E 416 35.44 7.38 -6.43
N LEU E 417 36.48 6.63 -6.71
CA LEU E 417 37.04 6.53 -8.05
C LEU E 417 36.74 5.16 -8.65
N THR E 418 36.96 5.06 -9.95
CA THR E 418 36.79 3.80 -10.68
C THR E 418 37.79 3.78 -11.82
N ARG E 419 38.77 2.87 -11.73
CA ARG E 419 39.81 2.79 -12.73
C ARG E 419 39.24 2.37 -14.07
N ASP E 420 39.71 3.00 -15.14
CA ASP E 420 39.30 2.62 -16.48
C ASP E 420 40.09 1.39 -16.92
N GLY E 421 39.39 0.43 -17.52
CA GLY E 421 40.03 -0.81 -17.90
C GLY E 421 41.16 -0.59 -18.88
N GLY E 422 42.14 -1.49 -18.83
CA GLY E 422 43.30 -1.41 -19.69
C GLY E 422 43.24 -2.41 -20.83
N ASP E 423 44.19 -2.26 -21.75
CA ASP E 423 44.34 -3.14 -22.90
C ASP E 423 45.71 -3.81 -22.87
N ALA E 424 45.96 -4.68 -23.84
CA ALA E 424 47.21 -5.42 -23.90
C ALA E 424 48.11 -5.01 -25.05
N ASN E 425 47.53 -4.58 -26.18
CA ASN E 425 48.35 -4.23 -27.35
C ASN E 425 49.28 -3.05 -27.06
N ALA E 426 48.76 -2.03 -26.37
CA ALA E 426 49.57 -0.84 -26.12
C ALA E 426 49.01 -0.10 -24.91
N THR E 427 49.81 -0.01 -23.86
CA THR E 427 49.51 0.82 -22.69
C THR E 427 50.59 1.89 -22.60
N ASN E 428 50.21 3.14 -22.87
CA ASN E 428 51.19 4.22 -22.87
C ASN E 428 51.45 4.74 -21.47
N ASP E 429 51.70 3.83 -20.52
CA ASP E 429 52.11 4.18 -19.16
C ASP E 429 51.17 5.20 -18.52
N THR E 430 49.87 5.01 -18.73
CA THR E 430 48.88 5.92 -18.19
C THR E 430 47.72 5.15 -17.59
N GLU E 431 47.13 5.73 -16.54
CA GLU E 431 45.95 5.17 -15.91
C GLU E 431 44.98 6.32 -15.63
N THR E 432 43.72 6.15 -16.00
CA THR E 432 42.72 7.19 -15.84
C THR E 432 41.66 6.75 -14.83
N PHE E 433 41.44 7.58 -13.83
CA PHE E 433 40.43 7.34 -12.81
C PHE E 433 39.30 8.34 -12.98
N ARG E 434 38.07 7.85 -13.08
CA ARG E 434 36.91 8.71 -13.22
C ARG E 434 36.07 8.64 -11.97
N PRO E 435 35.61 9.78 -11.45
CA PRO E 435 34.90 9.76 -10.17
C PRO E 435 33.55 9.08 -10.24
N GLY E 436 32.83 9.09 -9.13
CA GLY E 436 31.56 8.40 -9.09
C GLY E 436 31.75 6.90 -9.03
N GLY E 437 30.68 6.19 -9.36
CA GLY E 437 30.68 4.75 -9.35
C GLY E 437 30.36 4.17 -7.99
N GLY E 438 30.24 2.85 -7.97
CA GLY E 438 29.89 2.15 -6.75
C GLY E 438 28.42 2.31 -6.41
N ASN E 439 27.95 1.60 -5.39
CA ASN E 439 26.59 1.71 -4.91
C ASN E 439 26.56 2.57 -3.66
N ILE E 440 25.39 2.65 -3.03
CA ILE E 440 25.24 3.43 -1.81
C ILE E 440 25.96 2.79 -0.64
N LYS E 441 26.16 1.48 -0.68
CA LYS E 441 26.83 0.78 0.43
C LYS E 441 28.24 1.32 0.67
N ASP E 442 28.93 1.74 -0.40
CA ASP E 442 30.28 2.27 -0.23
C ASP E 442 30.30 3.58 0.56
N ASN E 443 29.16 4.25 0.69
CA ASN E 443 29.09 5.42 1.54
C ASN E 443 29.09 5.06 3.01
N TRP E 444 28.76 3.81 3.34
CA TRP E 444 28.75 3.34 4.71
C TRP E 444 29.87 2.37 5.04
N ARG E 445 30.48 1.74 4.03
CA ARG E 445 31.73 1.03 4.26
C ARG E 445 32.84 1.97 4.69
N SER E 446 32.76 3.24 4.28
CA SER E 446 33.77 4.22 4.67
C SER E 446 33.74 4.51 6.16
N GLU E 447 32.68 4.12 6.87
CA GLU E 447 32.56 4.32 8.30
C GLU E 447 32.67 3.03 9.09
N LEU E 448 32.12 1.92 8.56
CA LEU E 448 32.07 0.65 9.26
C LEU E 448 33.20 -0.29 8.85
N TYR E 449 34.37 0.25 8.51
CA TYR E 449 35.49 -0.59 8.16
C TYR E 449 36.34 -0.99 9.36
N LYS E 450 36.20 -0.30 10.48
CA LYS E 450 36.97 -0.60 11.68
C LYS E 450 36.30 -1.64 12.57
N TYR E 451 35.01 -1.89 12.41
CA TYR E 451 34.22 -2.60 13.40
C TYR E 451 33.91 -4.01 12.96
N LYS E 452 33.97 -4.94 13.91
CA LYS E 452 33.52 -6.31 13.70
C LYS E 452 32.73 -6.75 14.92
N VAL E 453 31.64 -7.49 14.70
CA VAL E 453 30.77 -7.94 15.79
C VAL E 453 31.17 -9.36 16.18
N VAL E 454 31.37 -9.58 17.48
CA VAL E 454 31.77 -10.89 17.98
C VAL E 454 30.84 -11.28 19.12
N GLN E 455 30.72 -12.59 19.33
CA GLN E 455 29.86 -13.16 20.35
C GLN E 455 30.72 -13.78 21.44
N ILE E 456 30.43 -13.43 22.69
CA ILE E 456 31.26 -13.84 23.82
C ILE E 456 30.88 -15.25 24.25
N GLU E 457 31.87 -16.12 24.36
CA GLU E 457 31.68 -17.50 24.83
C GLU E 457 32.30 -17.63 26.21
N PRO E 458 31.55 -17.37 27.28
CA PRO E 458 32.17 -17.22 28.60
C PRO E 458 32.32 -18.51 29.38
N LEU E 459 32.18 -19.66 28.72
CA LEU E 459 32.25 -20.96 29.38
C LEU E 459 33.53 -21.67 28.93
N GLY E 460 34.49 -21.79 29.85
CA GLY E 460 35.76 -22.39 29.54
C GLY E 460 36.00 -23.64 30.36
N ILE E 461 36.77 -24.56 29.81
CA ILE E 461 37.08 -25.84 30.44
C ILE E 461 38.57 -26.07 30.34
N ALA E 462 39.23 -26.26 31.48
CA ALA E 462 40.66 -26.51 31.53
C ALA E 462 40.98 -27.47 32.67
N PRO E 463 42.03 -28.27 32.53
CA PRO E 463 42.37 -29.21 33.59
C PRO E 463 43.05 -28.52 34.77
N THR E 464 42.81 -29.09 35.95
CA THR E 464 43.33 -28.53 37.19
C THR E 464 43.51 -29.70 38.18
N LYS E 465 44.32 -29.47 39.20
CA LYS E 465 44.59 -30.52 40.19
C LYS E 465 43.52 -30.61 41.27
N CYS E 466 42.48 -29.78 41.22
CA CYS E 466 41.43 -29.84 42.21
C CYS E 466 40.41 -30.91 41.86
N LYS E 467 39.87 -31.56 42.89
CA LYS E 467 38.83 -32.57 42.72
C LYS E 467 37.65 -32.20 43.60
N ARG E 468 36.45 -32.35 43.05
CA ARG E 468 35.25 -32.03 43.81
C ARG E 468 35.12 -32.93 45.02
N ARG E 469 34.83 -32.32 46.17
CA ARG E 469 34.69 -33.08 47.41
C ARG E 469 33.46 -33.97 47.30
N VAL E 470 33.69 -35.28 47.17
CA VAL E 470 32.57 -36.22 47.09
C VAL E 470 31.97 -36.40 48.48
N VAL E 471 30.67 -36.24 48.58
CA VAL E 471 29.96 -36.41 49.84
C VAL E 471 29.90 -37.89 50.19
N GLU E 472 30.00 -38.19 51.48
CA GLU E 472 29.95 -39.57 51.96
C GLU E 472 28.53 -40.13 51.89
N GLN F 1 -32.19 -14.12 18.64
CA GLN F 1 -32.66 -13.22 17.60
C GLN F 1 -32.31 -13.77 16.22
N VAL F 2 -32.48 -15.09 16.06
CA VAL F 2 -32.17 -15.72 14.78
C VAL F 2 -33.24 -15.36 13.75
N GLN F 3 -34.49 -15.72 14.03
CA GLN F 3 -35.66 -15.21 13.32
C GLN F 3 -35.58 -15.50 11.82
N LEU F 4 -35.62 -16.79 11.50
CA LEU F 4 -35.75 -17.20 10.10
C LEU F 4 -37.14 -16.81 9.57
N LEU F 5 -37.16 -16.11 8.44
CA LEU F 5 -38.39 -15.69 7.80
C LEU F 5 -38.71 -16.61 6.63
N GLN F 6 -40.00 -16.70 6.31
CA GLN F 6 -40.46 -17.53 5.21
C GLN F 6 -41.48 -16.77 4.37
N SER F 7 -41.58 -17.18 3.10
CA SER F 7 -42.53 -16.55 2.20
C SER F 7 -43.95 -17.01 2.52
N GLY F 8 -44.91 -16.39 1.84
CA GLY F 8 -46.30 -16.71 2.06
C GLY F 8 -46.71 -18.01 1.36
N ALA F 9 -47.94 -18.42 1.65
CA ALA F 9 -48.46 -19.66 1.08
C ALA F 9 -48.61 -19.53 -0.44
N ALA F 10 -48.53 -20.67 -1.11
CA ALA F 10 -48.64 -20.72 -2.57
C ALA F 10 -49.49 -21.91 -2.97
N VAL F 11 -50.17 -21.76 -4.11
CA VAL F 11 -50.98 -22.82 -4.70
C VAL F 11 -50.68 -22.88 -6.19
N THR F 12 -50.51 -24.10 -6.71
CA THR F 12 -50.06 -24.28 -8.08
C THR F 12 -50.75 -25.46 -8.74
N LYS F 13 -50.69 -25.46 -10.07
CA LYS F 13 -51.20 -26.56 -10.86
C LYS F 13 -50.34 -27.81 -10.66
N PRO F 14 -50.93 -28.99 -10.77
CA PRO F 14 -50.11 -30.21 -10.82
C PRO F 14 -49.16 -30.16 -12.01
N GLY F 15 -47.94 -30.63 -11.79
CA GLY F 15 -46.91 -30.58 -12.81
C GLY F 15 -46.18 -29.25 -12.90
N ALA F 16 -46.49 -28.29 -12.05
CA ALA F 16 -45.83 -27.00 -12.04
C ALA F 16 -44.64 -27.03 -11.09
N SER F 17 -44.09 -25.86 -10.79
CA SER F 17 -42.96 -25.74 -9.87
C SER F 17 -43.21 -24.62 -8.88
N VAL F 18 -42.63 -24.75 -7.70
CA VAL F 18 -42.77 -23.77 -6.63
C VAL F 18 -41.38 -23.41 -6.12
N ARG F 19 -41.30 -22.26 -5.45
CA ARG F 19 -40.05 -21.81 -4.84
C ARG F 19 -40.37 -21.18 -3.50
N VAL F 20 -40.28 -21.97 -2.44
CA VAL F 20 -40.41 -21.46 -1.07
C VAL F 20 -39.12 -20.75 -0.72
N SER F 21 -39.24 -19.52 -0.20
CA SER F 21 -38.08 -18.71 0.14
C SER F 21 -37.95 -18.60 1.65
N CYS F 22 -36.76 -18.90 2.16
CA CYS F 22 -36.45 -18.78 3.57
C CYS F 22 -35.31 -17.78 3.73
N GLU F 23 -35.38 -16.95 4.76
CA GLU F 23 -34.43 -15.87 4.96
C GLU F 23 -33.82 -15.97 6.35
N ALA F 24 -32.50 -15.89 6.42
CA ALA F 24 -31.76 -15.93 7.68
C ALA F 24 -31.07 -14.59 7.89
N SER F 25 -31.42 -13.91 8.99
CA SER F 25 -30.95 -12.54 9.20
C SER F 25 -30.08 -12.40 10.45
N GLY F 26 -30.57 -12.78 11.61
CA GLY F 26 -29.97 -12.32 12.85
C GLY F 26 -28.97 -13.21 13.56
N TYR F 27 -28.00 -13.76 12.85
CA TYR F 27 -26.93 -14.55 13.47
C TYR F 27 -25.82 -14.73 12.44
N ASN F 28 -24.86 -15.58 12.76
CA ASN F 28 -23.77 -15.94 11.85
C ASN F 28 -24.24 -17.10 10.99
N ILE F 29 -24.66 -16.79 9.76
CA ILE F 29 -25.38 -17.76 8.95
C ILE F 29 -24.47 -18.87 8.46
N ARG F 30 -23.22 -18.55 8.14
CA ARG F 30 -22.36 -19.51 7.45
C ARG F 30 -21.98 -20.70 8.31
N ASP F 31 -22.06 -20.60 9.62
CA ASP F 31 -21.53 -21.64 10.50
C ASP F 31 -22.51 -22.77 10.78
N TYR F 32 -23.77 -22.66 10.35
CA TYR F 32 -24.77 -23.66 10.67
C TYR F 32 -25.49 -24.09 9.40
N PHE F 33 -25.65 -25.40 9.24
CA PHE F 33 -26.42 -25.93 8.13
C PHE F 33 -27.88 -25.50 8.24
N ILE F 34 -28.58 -25.54 7.11
CA ILE F 34 -30.00 -25.24 7.06
C ILE F 34 -30.72 -26.44 6.47
N HIS F 35 -31.61 -27.04 7.24
CA HIS F 35 -32.36 -28.19 6.81
C HIS F 35 -33.78 -27.78 6.44
N TRP F 36 -34.43 -28.60 5.62
CA TRP F 36 -35.79 -28.34 5.16
C TRP F 36 -36.66 -29.52 5.55
N TRP F 37 -37.74 -29.24 6.27
CA TRP F 37 -38.64 -30.27 6.79
C TRP F 37 -40.01 -30.11 6.17
N ARG F 38 -40.62 -31.25 5.83
CA ARG F 38 -41.94 -31.28 5.22
C ARG F 38 -42.92 -31.95 6.17
N GLN F 39 -44.05 -31.30 6.43
CA GLN F 39 -45.07 -31.81 7.35
C GLN F 39 -46.36 -31.98 6.56
N ALA F 40 -46.74 -33.23 6.33
CA ALA F 40 -47.99 -33.52 5.64
C ALA F 40 -49.17 -33.21 6.55
N PRO F 41 -50.37 -33.01 5.98
CA PRO F 41 -51.54 -32.75 6.84
C PRO F 41 -51.88 -33.93 7.73
N GLY F 42 -51.72 -33.74 9.04
CA GLY F 42 -52.05 -34.79 10.00
C GLY F 42 -51.06 -35.92 10.10
N GLN F 43 -49.86 -35.76 9.55
CA GLN F 43 -48.81 -36.78 9.61
C GLN F 43 -47.59 -36.21 10.32
N GLY F 44 -46.60 -37.08 10.52
CA GLY F 44 -45.37 -36.66 11.16
C GLY F 44 -44.46 -35.90 10.23
N LEU F 45 -43.45 -35.26 10.83
CA LEU F 45 -42.49 -34.49 10.06
C LEU F 45 -41.69 -35.39 9.13
N GLN F 46 -41.19 -34.79 8.06
CA GLN F 46 -40.38 -35.50 7.08
C GLN F 46 -39.17 -34.63 6.73
N TRP F 47 -38.09 -35.29 6.33
CA TRP F 47 -36.84 -34.61 6.04
C TRP F 47 -36.67 -34.47 4.54
N VAL F 48 -36.36 -33.26 4.09
CA VAL F 48 -36.19 -32.96 2.67
C VAL F 48 -34.72 -32.87 2.28
N GLY F 49 -33.90 -32.29 3.15
CA GLY F 49 -32.47 -32.24 2.91
C GLY F 49 -31.85 -31.02 3.56
N TRP F 50 -30.53 -30.96 3.50
CA TRP F 50 -29.79 -29.83 4.05
C TRP F 50 -28.93 -29.18 2.98
N ILE F 51 -28.62 -27.91 3.20
CA ILE F 51 -27.77 -27.13 2.31
C ILE F 51 -26.72 -26.40 3.15
N ASN F 52 -25.48 -26.45 2.69
CA ASN F 52 -24.37 -25.83 3.39
C ASN F 52 -24.26 -24.37 2.97
N PRO F 53 -24.49 -23.40 3.86
CA PRO F 53 -24.43 -21.99 3.44
C PRO F 53 -23.09 -21.57 2.89
N LYS F 54 -21.99 -22.15 3.36
CA LYS F 54 -20.67 -21.77 2.87
C LYS F 54 -20.51 -22.12 1.40
N THR F 55 -20.87 -23.35 1.02
CA THR F 55 -20.57 -23.86 -0.30
C THR F 55 -21.81 -24.19 -1.14
N GLY F 56 -23.01 -24.11 -0.57
CA GLY F 56 -24.20 -24.35 -1.35
C GLY F 56 -24.44 -25.80 -1.71
N GLN F 57 -23.69 -26.73 -1.15
CA GLN F 57 -23.82 -28.13 -1.49
C GLN F 57 -25.10 -28.70 -0.90
N PRO F 58 -26.01 -29.24 -1.69
CA PRO F 58 -27.23 -29.83 -1.14
C PRO F 58 -27.07 -31.32 -0.88
N ASN F 59 -28.05 -31.89 -0.21
CA ASN F 59 -28.08 -33.31 0.12
C ASN F 59 -29.54 -33.71 0.22
N ASN F 60 -29.93 -34.75 -0.50
CA ASN F 60 -31.34 -35.13 -0.57
C ASN F 60 -31.49 -36.63 -0.47
N PRO F 61 -32.59 -37.10 0.12
CA PRO F 61 -32.87 -38.54 0.13
C PRO F 61 -33.27 -39.05 -1.25
N ARG F 62 -33.53 -40.34 -1.36
CA ARG F 62 -33.80 -40.93 -2.67
C ARG F 62 -35.10 -40.41 -3.27
N GLN F 63 -36.14 -40.27 -2.46
CA GLN F 63 -37.45 -39.90 -3.00
C GLN F 63 -37.43 -38.49 -3.60
N PHE F 64 -36.66 -37.59 -3.00
CA PHE F 64 -36.56 -36.22 -3.50
C PHE F 64 -35.36 -36.00 -4.39
N GLN F 65 -34.75 -37.08 -4.90
CA GLN F 65 -33.59 -36.93 -5.76
C GLN F 65 -34.02 -36.64 -7.18
N GLY F 66 -33.54 -35.52 -7.73
CA GLY F 66 -33.84 -35.10 -9.08
C GLY F 66 -34.94 -34.07 -9.18
N ARG F 67 -35.81 -33.99 -8.18
CA ARG F 67 -36.91 -33.03 -8.18
C ARG F 67 -36.59 -31.81 -7.31
N VAL F 68 -36.29 -32.02 -6.04
CA VAL F 68 -35.99 -30.91 -5.15
C VAL F 68 -34.61 -30.36 -5.47
N SER F 69 -34.48 -29.04 -5.38
CA SER F 69 -33.20 -28.36 -5.61
C SER F 69 -33.08 -27.21 -4.63
N LEU F 70 -32.10 -27.26 -3.75
CA LEU F 70 -31.94 -26.28 -2.69
C LEU F 70 -30.80 -25.34 -3.06
N THR F 71 -31.06 -24.03 -2.96
CA THR F 71 -30.08 -23.02 -3.32
C THR F 71 -30.07 -21.94 -2.26
N ARG F 72 -29.03 -21.11 -2.28
CA ARG F 72 -28.96 -19.96 -1.40
C ARG F 72 -28.41 -18.77 -2.15
N HIS F 73 -28.73 -17.57 -1.66
CA HIS F 73 -28.20 -16.33 -2.20
C HIS F 73 -27.74 -15.47 -1.04
N ALA F 74 -26.51 -14.97 -1.13
CA ALA F 74 -25.89 -14.22 -0.05
C ALA F 74 -25.81 -12.75 -0.41
N SER F 75 -25.77 -11.90 0.61
CA SER F 75 -25.62 -10.46 0.40
C SER F 75 -24.16 -10.17 0.04
N TRP F 76 -23.83 -8.90 -0.06
CA TRP F 76 -22.46 -8.52 -0.40
C TRP F 76 -21.48 -8.77 0.73
N ASP F 77 -21.97 -8.87 1.97
CA ASP F 77 -21.12 -9.05 3.14
C ASP F 77 -21.52 -10.24 3.99
N PHE F 78 -22.46 -11.06 3.52
CA PHE F 78 -22.89 -12.28 4.22
C PHE F 78 -23.48 -11.96 5.59
N ASP F 79 -24.25 -10.87 5.68
CA ASP F 79 -25.03 -10.60 6.87
C ASP F 79 -26.48 -11.07 6.74
N THR F 80 -26.94 -11.31 5.52
CA THR F 80 -28.30 -11.79 5.27
C THR F 80 -28.25 -12.82 4.16
N TYR F 81 -28.98 -13.91 4.34
CA TYR F 81 -29.06 -14.99 3.36
C TYR F 81 -30.52 -15.20 2.96
N SER F 82 -30.69 -15.85 1.81
CA SER F 82 -32.01 -16.23 1.31
C SER F 82 -31.92 -17.64 0.77
N PHE F 83 -32.63 -18.57 1.41
CA PHE F 83 -32.58 -19.97 1.04
C PHE F 83 -33.85 -20.35 0.28
N TYR F 84 -33.67 -20.92 -0.90
CA TYR F 84 -34.78 -21.29 -1.77
C TYR F 84 -34.80 -22.80 -1.97
N MET F 85 -36.00 -23.33 -2.17
CA MET F 85 -36.19 -24.74 -2.48
C MET F 85 -37.12 -24.82 -3.69
N ASP F 86 -36.58 -25.22 -4.84
CA ASP F 86 -37.39 -25.47 -6.01
C ASP F 86 -37.83 -26.93 -6.03
N LEU F 87 -39.01 -27.17 -6.58
CA LEU F 87 -39.61 -28.50 -6.57
C LEU F 87 -40.34 -28.72 -7.89
N LYS F 88 -39.68 -29.39 -8.83
CA LYS F 88 -40.26 -29.67 -10.13
C LYS F 88 -41.18 -30.89 -10.06
N ALA F 89 -41.96 -31.08 -11.12
CA ALA F 89 -42.80 -32.26 -11.30
C ALA F 89 -43.70 -32.50 -10.09
N LEU F 90 -44.37 -31.44 -9.65
CA LEU F 90 -45.27 -31.56 -8.50
C LEU F 90 -46.36 -32.56 -8.79
N ARG F 91 -46.58 -33.49 -7.86
CA ARG F 91 -47.64 -34.47 -7.96
C ARG F 91 -48.84 -34.00 -7.15
N SER F 92 -49.91 -34.78 -7.18
CA SER F 92 -51.10 -34.42 -6.42
C SER F 92 -50.85 -34.52 -4.91
N ASP F 93 -50.14 -35.56 -4.50
CA ASP F 93 -49.88 -35.82 -3.07
C ASP F 93 -48.56 -35.21 -2.62
N ASP F 94 -48.39 -33.90 -2.85
CA ASP F 94 -47.20 -33.18 -2.41
C ASP F 94 -47.53 -31.93 -1.62
N THR F 95 -48.80 -31.72 -1.27
CA THR F 95 -49.18 -30.55 -0.48
C THR F 95 -48.83 -30.78 0.98
N ALA F 96 -48.18 -29.80 1.60
CA ALA F 96 -47.71 -29.92 2.98
C ALA F 96 -47.20 -28.56 3.41
N VAL F 97 -46.72 -28.49 4.65
CA VAL F 97 -46.08 -27.30 5.19
C VAL F 97 -44.58 -27.50 5.17
N TYR F 98 -43.84 -26.49 4.74
CA TYR F 98 -42.40 -26.60 4.58
C TYR F 98 -41.70 -25.63 5.53
N PHE F 99 -40.88 -26.17 6.43
CA PHE F 99 -40.14 -25.38 7.40
C PHE F 99 -38.67 -25.38 7.04
N CYS F 100 -38.00 -24.26 7.28
CA CYS F 100 -36.55 -24.17 7.21
C CYS F 100 -36.02 -24.07 8.63
N ALA F 101 -35.23 -25.04 9.04
CA ALA F 101 -34.71 -25.12 10.39
C ALA F 101 -33.19 -25.00 10.38
N ARG F 102 -32.62 -24.54 11.48
CA ARG F 102 -31.19 -24.35 11.61
C ARG F 102 -30.64 -25.40 12.57
N GLN F 103 -29.77 -26.27 12.07
CA GLN F 103 -29.11 -27.25 12.91
C GLN F 103 -28.00 -26.56 13.69
N ARG F 104 -28.07 -26.62 15.02
CA ARG F 104 -27.13 -25.89 15.85
C ARG F 104 -25.83 -26.66 16.04
N SER F 105 -25.92 -27.88 16.57
CA SER F 105 -24.72 -28.66 16.88
C SER F 105 -24.77 -30.03 16.24
N ASP F 106 -23.84 -30.90 16.63
CA ASP F 106 -23.73 -32.24 16.04
C ASP F 106 -24.88 -33.15 16.43
N TYR F 107 -25.72 -32.75 17.38
CA TYR F 107 -26.87 -33.56 17.74
C TYR F 107 -28.01 -33.41 16.74
N TRP F 108 -27.88 -32.53 15.75
CA TRP F 108 -28.98 -32.13 14.88
C TRP F 108 -30.13 -31.58 15.71
N ASP F 109 -29.81 -30.59 16.55
CA ASP F 109 -30.80 -29.94 17.41
C ASP F 109 -31.26 -28.63 16.76
N PHE F 110 -32.48 -28.62 16.25
CA PHE F 110 -33.02 -27.49 15.52
C PHE F 110 -33.74 -26.57 16.51
N ASP F 111 -33.01 -25.58 17.02
CA ASP F 111 -33.59 -24.66 17.99
C ASP F 111 -34.36 -23.53 17.32
N VAL F 112 -34.18 -23.32 16.02
CA VAL F 112 -34.85 -22.24 15.29
C VAL F 112 -35.57 -22.84 14.09
N TRP F 113 -36.83 -22.46 13.93
CA TRP F 113 -37.63 -22.92 12.81
C TRP F 113 -38.33 -21.73 12.15
N GLY F 114 -38.64 -21.87 10.87
CA GLY F 114 -39.41 -20.87 10.17
C GLY F 114 -40.90 -21.03 10.43
N SER F 115 -41.65 -20.03 9.96
CA SER F 115 -43.09 -20.03 10.19
C SER F 115 -43.76 -21.21 9.50
N GLY F 116 -43.35 -21.51 8.28
CA GLY F 116 -43.97 -22.58 7.51
C GLY F 116 -44.74 -22.00 6.34
N THR F 117 -44.67 -22.69 5.21
CA THR F 117 -45.29 -22.22 3.96
C THR F 117 -46.21 -23.32 3.43
N GLN F 118 -47.52 -23.14 3.62
CA GLN F 118 -48.50 -24.10 3.14
C GLN F 118 -48.51 -24.06 1.61
N VAL F 119 -47.95 -25.10 0.99
CA VAL F 119 -47.89 -25.21 -0.46
C VAL F 119 -48.96 -26.21 -0.88
N THR F 120 -49.91 -25.76 -1.69
CA THR F 120 -51.03 -26.58 -2.13
C THR F 120 -50.94 -26.80 -3.63
N VAL F 121 -51.08 -28.05 -4.05
CA VAL F 121 -51.09 -28.42 -5.45
C VAL F 121 -52.36 -29.21 -5.72
N SER F 122 -53.20 -28.69 -6.61
CA SER F 122 -54.48 -29.31 -6.92
C SER F 122 -55.07 -28.64 -8.15
N SER F 123 -56.04 -29.31 -8.75
CA SER F 123 -56.80 -28.77 -9.87
C SER F 123 -57.91 -27.88 -9.33
N ALA F 124 -58.90 -27.57 -10.18
CA ALA F 124 -60.10 -26.85 -9.77
C ALA F 124 -59.75 -25.47 -9.19
N SER F 125 -59.23 -24.62 -10.07
CA SER F 125 -58.80 -23.29 -9.68
C SER F 125 -59.96 -22.47 -9.12
N THR F 126 -59.62 -21.28 -8.63
CA THR F 126 -60.48 -20.45 -7.78
C THR F 126 -61.94 -20.50 -8.19
N LYS F 127 -62.79 -20.82 -7.22
CA LYS F 127 -64.23 -20.89 -7.43
C LYS F 127 -64.91 -20.48 -6.13
N GLY F 128 -66.03 -19.77 -6.24
CA GLY F 128 -66.73 -19.26 -5.09
C GLY F 128 -67.38 -20.35 -4.25
N PRO F 129 -67.70 -20.02 -3.00
CA PRO F 129 -68.31 -21.02 -2.11
C PRO F 129 -69.80 -21.17 -2.35
N SER F 130 -70.27 -22.41 -2.21
CA SER F 130 -71.69 -22.73 -2.33
C SER F 130 -72.23 -23.00 -0.93
N VAL F 131 -73.16 -22.15 -0.48
CA VAL F 131 -73.69 -22.20 0.88
C VAL F 131 -75.06 -22.84 0.87
N PHE F 132 -75.29 -23.76 1.81
CA PHE F 132 -76.56 -24.47 1.93
C PHE F 132 -77.02 -24.41 3.38
N PRO F 133 -78.28 -24.09 3.65
CA PRO F 133 -78.77 -24.06 5.03
C PRO F 133 -78.95 -25.47 5.58
N LEU F 134 -79.15 -25.55 6.89
CA LEU F 134 -79.39 -26.82 7.56
C LEU F 134 -80.81 -26.82 8.13
N ALA F 135 -81.58 -27.84 7.78
CA ALA F 135 -82.93 -28.00 8.31
C ALA F 135 -82.89 -28.95 9.49
N PRO F 136 -83.27 -28.53 10.69
CA PRO F 136 -83.20 -29.42 11.86
C PRO F 136 -84.22 -30.56 11.74
N SER F 137 -83.72 -31.79 11.75
CA SER F 137 -84.55 -32.99 11.68
C SER F 137 -85.45 -32.98 10.44
N THR F 145 -83.75 -25.40 23.44
CA THR F 145 -82.48 -25.14 22.78
C THR F 145 -82.26 -26.09 21.61
N ALA F 146 -82.18 -25.53 20.41
CA ALA F 146 -81.95 -26.30 19.19
C ALA F 146 -80.56 -25.98 18.63
N ALA F 147 -80.25 -26.60 17.50
CA ALA F 147 -78.97 -26.37 16.85
C ALA F 147 -79.14 -26.46 15.35
N LEU F 148 -78.54 -25.52 14.61
CA LEU F 148 -78.63 -25.51 13.16
C LEU F 148 -77.25 -25.29 12.55
N GLY F 149 -77.16 -25.13 11.23
CA GLY F 149 -75.86 -24.98 10.63
C GLY F 149 -75.95 -24.54 9.17
N CYS F 150 -74.77 -24.22 8.64
CA CYS F 150 -74.59 -23.84 7.24
C CYS F 150 -73.42 -24.63 6.67
N LEU F 151 -73.65 -25.27 5.52
CA LEU F 151 -72.63 -26.07 4.86
C LEU F 151 -72.05 -25.29 3.69
N VAL F 152 -70.72 -25.25 3.61
CA VAL F 152 -70.01 -24.58 2.52
C VAL F 152 -69.31 -25.64 1.69
N LYS F 153 -69.54 -25.60 0.38
CA LYS F 153 -69.10 -26.66 -0.51
C LYS F 153 -68.49 -26.06 -1.77
N ASP F 154 -67.47 -26.74 -2.29
CA ASP F 154 -66.89 -26.43 -3.61
C ASP F 154 -66.37 -25.00 -3.67
N TYR F 155 -65.38 -24.72 -2.83
CA TYR F 155 -64.70 -23.44 -2.82
C TYR F 155 -63.20 -23.67 -2.82
N PHE F 156 -62.47 -22.69 -3.32
CA PHE F 156 -61.02 -22.81 -3.44
C PHE F 156 -60.40 -21.43 -3.60
N PRO F 157 -59.34 -21.12 -2.83
CA PRO F 157 -58.77 -21.97 -1.79
C PRO F 157 -59.11 -21.49 -0.37
N GLU F 158 -58.49 -22.13 0.62
CA GLU F 158 -58.60 -21.71 2.00
C GLU F 158 -57.87 -20.39 2.20
N PRO F 159 -58.18 -19.65 3.28
CA PRO F 159 -59.21 -19.88 4.30
C PRO F 159 -60.54 -19.19 4.01
N VAL F 160 -61.54 -19.48 4.84
CA VAL F 160 -62.83 -18.80 4.82
C VAL F 160 -63.23 -18.50 6.25
N THR F 161 -63.57 -17.23 6.51
CA THR F 161 -64.03 -16.81 7.84
C THR F 161 -65.55 -16.90 7.88
N VAL F 162 -66.07 -17.81 8.69
CA VAL F 162 -67.51 -18.04 8.82
C VAL F 162 -67.96 -17.52 10.18
N SER F 163 -68.95 -16.63 10.17
CA SER F 163 -69.50 -16.06 11.38
C SER F 163 -71.02 -15.98 11.25
N TRP F 164 -71.67 -15.71 12.37
CA TRP F 164 -73.13 -15.65 12.43
C TRP F 164 -73.55 -14.26 12.90
N ASN F 165 -74.55 -13.68 12.22
CA ASN F 165 -75.06 -12.35 12.54
C ASN F 165 -73.94 -11.32 12.55
N SER F 166 -73.07 -11.39 11.54
CA SER F 166 -71.92 -10.49 11.41
C SER F 166 -71.04 -10.51 12.67
N GLY F 167 -70.85 -11.71 13.21
CA GLY F 167 -70.04 -11.87 14.40
C GLY F 167 -70.76 -11.63 15.71
N ALA F 168 -72.06 -11.38 15.70
CA ALA F 168 -72.79 -11.18 16.94
C ALA F 168 -72.89 -12.48 17.73
N LEU F 169 -73.06 -13.61 17.05
CA LEU F 169 -73.21 -14.91 17.69
C LEU F 169 -71.85 -15.60 17.72
N THR F 170 -71.25 -15.67 18.91
CA THR F 170 -69.96 -16.32 19.08
C THR F 170 -69.95 -17.37 20.19
N SER F 171 -71.08 -17.61 20.85
CA SER F 171 -71.16 -18.56 21.95
C SER F 171 -71.49 -19.94 21.41
N GLY F 172 -70.60 -20.91 21.65
CA GLY F 172 -70.84 -22.27 21.24
C GLY F 172 -70.64 -22.56 19.77
N VAL F 173 -70.06 -21.62 19.02
CA VAL F 173 -69.83 -21.83 17.59
C VAL F 173 -68.76 -22.90 17.41
N HIS F 174 -69.04 -23.87 16.54
CA HIS F 174 -68.14 -25.00 16.29
C HIS F 174 -67.84 -25.03 14.80
N THR F 175 -66.80 -24.30 14.40
CA THR F 175 -66.35 -24.26 13.01
C THR F 175 -65.43 -25.45 12.78
N PHE F 176 -66.00 -26.56 12.32
CA PHE F 176 -65.21 -27.76 12.10
C PHE F 176 -64.25 -27.54 10.93
N PRO F 177 -62.98 -27.89 11.07
CA PRO F 177 -62.02 -27.61 10.00
C PRO F 177 -62.40 -28.30 8.70
N ALA F 178 -62.15 -27.62 7.60
CA ALA F 178 -62.57 -28.08 6.29
C ALA F 178 -61.84 -29.35 5.89
N VAL F 179 -62.53 -30.20 5.14
CA VAL F 179 -61.97 -31.44 4.62
C VAL F 179 -61.94 -31.35 3.11
N LEU F 180 -60.98 -32.04 2.50
CA LEU F 180 -60.79 -32.02 1.06
C LEU F 180 -61.49 -33.22 0.43
N GLN F 181 -62.44 -32.95 -0.44
CA GLN F 181 -63.10 -34.00 -1.19
C GLN F 181 -62.13 -34.62 -2.20
N SER F 182 -62.31 -35.91 -2.46
CA SER F 182 -61.46 -36.61 -3.43
C SER F 182 -61.57 -36.00 -4.82
N SER F 183 -62.68 -35.33 -5.14
CA SER F 183 -62.80 -34.65 -6.43
C SER F 183 -61.76 -33.55 -6.56
N GLY F 184 -61.52 -32.78 -5.50
CA GLY F 184 -60.51 -31.75 -5.54
C GLY F 184 -60.92 -30.40 -5.00
N LEU F 185 -62.07 -30.34 -4.33
CA LEU F 185 -62.57 -29.09 -3.77
C LEU F 185 -62.83 -29.23 -2.27
N TYR F 186 -62.95 -28.09 -1.61
CA TYR F 186 -63.06 -28.02 -0.16
C TYR F 186 -64.51 -27.94 0.29
N SER F 187 -64.79 -28.54 1.44
CA SER F 187 -66.14 -28.56 2.00
C SER F 187 -66.04 -28.60 3.52
N LEU F 188 -66.89 -27.81 4.17
CA LEU F 188 -66.98 -27.80 5.63
C LEU F 188 -68.41 -27.46 6.02
N SER F 189 -68.68 -27.47 7.32
CA SER F 189 -70.00 -27.17 7.84
C SER F 189 -69.86 -26.50 9.19
N SER F 190 -70.39 -25.28 9.32
CA SER F 190 -70.36 -24.54 10.57
C SER F 190 -71.72 -24.66 11.25
N VAL F 191 -71.74 -25.24 12.43
CA VAL F 191 -72.98 -25.54 13.15
C VAL F 191 -72.95 -24.80 14.49
N VAL F 192 -74.06 -24.14 14.81
CA VAL F 192 -74.19 -23.37 16.03
C VAL F 192 -75.44 -23.81 16.78
N THR F 193 -75.33 -23.85 18.10
CA THR F 193 -76.43 -24.21 18.99
C THR F 193 -77.00 -22.95 19.63
N VAL F 194 -78.31 -22.76 19.51
CA VAL F 194 -78.97 -21.54 19.99
C VAL F 194 -80.20 -21.91 20.80
N PRO F 195 -80.63 -21.06 21.75
CA PRO F 195 -81.84 -21.37 22.51
C PRO F 195 -83.07 -21.41 21.63
N SER F 196 -84.06 -22.22 22.06
CA SER F 196 -85.25 -22.44 21.24
C SER F 196 -86.11 -21.19 21.16
N SER F 197 -86.10 -20.35 22.20
CA SER F 197 -86.91 -19.14 22.19
C SER F 197 -86.48 -18.17 21.10
N SER F 198 -85.24 -18.25 20.65
CA SER F 198 -84.79 -17.37 19.56
C SER F 198 -85.52 -17.69 18.26
N LEU F 199 -85.77 -18.97 18.00
CA LEU F 199 -86.42 -19.37 16.76
C LEU F 199 -87.84 -18.80 16.69
N GLY F 200 -88.20 -18.26 15.53
CA GLY F 200 -89.53 -17.75 15.31
C GLY F 200 -89.59 -16.24 15.15
N THR F 201 -88.83 -15.52 15.96
CA THR F 201 -88.79 -14.06 15.90
C THR F 201 -87.42 -13.54 15.50
N GLN F 202 -86.37 -13.95 16.19
CA GLN F 202 -85.02 -13.53 15.82
C GLN F 202 -84.58 -14.24 14.54
N THR F 203 -83.85 -13.52 13.69
CA THR F 203 -83.30 -14.07 12.47
C THR F 203 -81.85 -14.48 12.68
N TYR F 204 -81.47 -15.59 12.06
CA TYR F 204 -80.11 -16.11 12.15
C TYR F 204 -79.54 -16.22 10.75
N ILE F 205 -78.42 -15.56 10.50
CA ILE F 205 -77.80 -15.48 9.19
C ILE F 205 -76.35 -15.91 9.31
N CYS F 206 -75.91 -16.78 8.40
CA CYS F 206 -74.50 -17.17 8.32
C CYS F 206 -73.88 -16.48 7.11
N ASN F 207 -72.82 -15.72 7.34
CA ASN F 207 -72.10 -15.03 6.28
C ASN F 207 -70.77 -15.72 6.05
N VAL F 208 -70.31 -15.73 4.79
CA VAL F 208 -69.03 -16.34 4.45
C VAL F 208 -68.16 -15.30 3.76
N ASN F 209 -66.87 -15.28 4.11
CA ASN F 209 -65.93 -14.29 3.63
C ASN F 209 -64.77 -15.02 2.94
N HIS F 210 -64.95 -15.34 1.65
CA HIS F 210 -63.92 -16.03 0.87
C HIS F 210 -63.02 -14.95 0.26
N LYS F 211 -61.92 -14.66 0.94
CA LYS F 211 -61.03 -13.57 0.50
C LYS F 211 -60.43 -13.81 -0.88
N PRO F 212 -59.84 -14.97 -1.21
CA PRO F 212 -59.20 -15.10 -2.52
C PRO F 212 -60.13 -14.91 -3.70
N SER F 213 -61.40 -15.31 -3.57
CA SER F 213 -62.37 -15.18 -4.65
C SER F 213 -63.32 -14.00 -4.44
N ASN F 214 -62.94 -13.07 -3.56
CA ASN F 214 -63.66 -11.83 -3.22
C ASN F 214 -65.17 -12.05 -3.23
N THR F 215 -65.60 -13.18 -2.70
CA THR F 215 -67.00 -13.59 -2.71
C THR F 215 -67.52 -13.59 -1.28
N LYS F 216 -68.59 -12.84 -1.04
CA LYS F 216 -69.23 -12.79 0.27
C LYS F 216 -70.72 -12.93 0.06
N VAL F 217 -71.30 -13.96 0.67
CA VAL F 217 -72.74 -14.17 0.64
C VAL F 217 -73.21 -14.45 2.07
N ASP F 218 -74.40 -13.96 2.40
CA ASP F 218 -75.06 -14.23 3.65
C ASP F 218 -76.31 -15.06 3.37
N LYS F 219 -76.52 -16.10 4.17
CA LYS F 219 -77.56 -17.09 3.92
C LYS F 219 -78.39 -17.31 5.17
N LYS F 220 -79.67 -17.59 4.97
CA LYS F 220 -80.63 -17.76 6.04
C LYS F 220 -80.89 -19.24 6.28
N VAL F 221 -81.03 -19.61 7.54
CA VAL F 221 -81.37 -20.98 7.94
C VAL F 221 -82.85 -21.02 8.29
N GLU F 222 -83.60 -21.88 7.60
CA GLU F 222 -85.03 -22.02 7.80
C GLU F 222 -85.42 -23.48 7.68
N PRO F 223 -86.51 -23.90 8.35
CA PRO F 223 -86.97 -25.28 8.26
C PRO F 223 -87.58 -25.61 6.90
N ASP G 1 -27.90 -46.73 10.34
CA ASP G 1 -28.66 -47.81 10.97
C ASP G 1 -29.28 -47.35 12.28
N ILE G 2 -30.29 -46.48 12.18
CA ILE G 2 -30.99 -45.95 13.34
C ILE G 2 -32.42 -46.43 13.29
N GLN G 3 -32.84 -47.16 14.33
CA GLN G 3 -34.22 -47.60 14.48
C GLN G 3 -34.77 -47.01 15.78
N MET G 4 -35.95 -46.41 15.70
CA MET G 4 -36.55 -45.77 16.85
C MET G 4 -38.05 -46.01 16.85
N THR G 5 -38.62 -46.04 18.05
CA THR G 5 -40.05 -46.22 18.26
C THR G 5 -40.56 -45.13 19.19
N GLN G 6 -41.85 -45.22 19.54
CA GLN G 6 -42.50 -44.17 20.30
C GLN G 6 -43.49 -44.79 21.27
N SER G 7 -43.82 -44.02 22.32
CA SER G 7 -44.88 -44.31 23.28
C SER G 7 -46.19 -44.49 22.52
N PRO G 8 -47.27 -45.03 23.16
CA PRO G 8 -48.45 -45.42 22.37
C PRO G 8 -49.12 -44.30 21.59
N SER G 9 -48.57 -43.09 21.67
CA SER G 9 -48.92 -41.95 20.83
C SER G 9 -50.32 -41.42 21.06
N SER G 10 -51.00 -41.88 22.12
CA SER G 10 -52.32 -41.37 22.45
C SER G 10 -52.52 -41.54 23.96
N LEU G 11 -52.28 -40.48 24.72
CA LEU G 11 -52.53 -40.50 26.15
C LEU G 11 -53.20 -39.19 26.54
N SER G 12 -53.84 -39.21 27.70
CA SER G 12 -54.57 -38.07 28.22
C SER G 12 -54.43 -38.02 29.73
N ALA G 13 -54.10 -36.85 30.26
CA ALA G 13 -53.82 -36.69 31.67
C ALA G 13 -54.50 -35.43 32.21
N SER G 14 -54.77 -35.44 33.50
CA SER G 14 -55.43 -34.32 34.16
C SER G 14 -54.44 -33.19 34.42
N VAL G 15 -54.99 -32.02 34.75
CA VAL G 15 -54.16 -30.85 35.04
C VAL G 15 -53.41 -31.06 36.35
N GLY G 16 -52.19 -30.53 36.42
CA GLY G 16 -51.37 -30.67 37.61
C GLY G 16 -50.97 -32.10 37.92
N ASP G 17 -50.54 -32.84 36.91
CA ASP G 17 -50.14 -34.23 37.06
C ASP G 17 -48.72 -34.42 36.53
N THR G 18 -48.27 -35.66 36.50
CA THR G 18 -46.94 -36.02 36.01
C THR G 18 -47.08 -37.20 35.06
N VAL G 19 -46.56 -37.05 33.84
CA VAL G 19 -46.59 -38.12 32.86
C VAL G 19 -45.25 -38.19 32.14
N THR G 20 -44.88 -39.42 31.74
CA THR G 20 -43.63 -39.70 31.06
C THR G 20 -43.91 -40.54 29.82
N ILE G 21 -43.17 -40.25 28.74
CA ILE G 21 -43.28 -41.00 27.50
C ILE G 21 -41.90 -41.52 27.13
N THR G 22 -41.89 -42.60 26.34
CA THR G 22 -40.68 -43.36 26.07
C THR G 22 -40.38 -43.40 24.58
N CYS G 23 -39.10 -43.32 24.25
CA CYS G 23 -38.60 -43.66 22.92
C CYS G 23 -37.44 -44.63 23.06
N GLN G 24 -37.19 -45.40 22.01
CA GLN G 24 -36.14 -46.42 22.01
C GLN G 24 -35.25 -46.19 20.79
N ALA G 25 -34.21 -45.38 20.97
CA ALA G 25 -33.35 -44.98 19.86
C ALA G 25 -31.90 -45.26 20.20
N ASN G 26 -31.09 -45.37 19.14
CA ASN G 26 -29.67 -45.67 19.30
C ASN G 26 -28.80 -44.54 18.74
N GLY G 27 -29.16 -43.30 19.06
CA GLY G 27 -28.39 -42.16 18.62
C GLY G 27 -28.84 -40.93 19.38
N TYR G 28 -28.16 -39.82 19.10
CA TYR G 28 -28.48 -38.55 19.76
C TYR G 28 -29.95 -38.22 19.56
N LEU G 29 -30.73 -38.20 20.64
CA LEU G 29 -32.16 -37.98 20.58
C LEU G 29 -32.52 -36.66 21.24
N ASN G 30 -33.42 -35.92 20.60
CA ASN G 30 -33.91 -34.65 21.11
C ASN G 30 -35.42 -34.72 21.24
N TRP G 31 -35.96 -33.88 22.12
CA TRP G 31 -37.39 -33.82 22.39
C TRP G 31 -37.91 -32.46 21.94
N TYR G 32 -38.90 -32.48 21.04
CA TYR G 32 -39.52 -31.28 20.49
C TYR G 32 -40.98 -31.24 20.87
N GLN G 33 -41.49 -30.02 21.02
CA GLN G 33 -42.90 -29.75 21.26
C GLN G 33 -43.46 -28.95 20.09
N GLN G 34 -44.59 -29.39 19.55
CA GLN G 34 -45.23 -28.74 18.42
C GLN G 34 -46.70 -28.54 18.72
N ARG G 35 -47.14 -27.28 18.67
CA ARG G 35 -48.57 -26.96 18.69
C ARG G 35 -49.08 -26.93 17.26
N ARG G 36 -50.37 -27.22 17.11
CA ARG G 36 -50.93 -27.45 15.77
C ARG G 36 -50.77 -26.23 14.89
N GLY G 37 -50.23 -26.44 13.69
CA GLY G 37 -50.03 -25.36 12.76
C GLY G 37 -48.92 -24.40 13.12
N LYS G 38 -48.00 -24.79 13.99
CA LYS G 38 -46.92 -23.93 14.42
C LYS G 38 -45.59 -24.68 14.32
N ALA G 39 -44.51 -23.91 14.33
CA ALA G 39 -43.17 -24.48 14.21
C ALA G 39 -42.85 -25.30 15.46
N PRO G 40 -42.45 -26.55 15.31
CA PRO G 40 -42.07 -27.35 16.49
C PRO G 40 -40.93 -26.67 17.24
N LYS G 41 -41.02 -26.73 18.58
CA LYS G 41 -40.07 -26.05 19.45
C LYS G 41 -39.20 -27.08 20.16
N LEU G 42 -37.90 -26.81 20.20
CA LEU G 42 -36.98 -27.69 20.91
C LEU G 42 -37.24 -27.61 22.41
N LEU G 43 -37.23 -28.77 23.06
CA LEU G 43 -37.35 -28.87 24.50
C LEU G 43 -36.11 -29.45 25.14
N ILE G 44 -35.62 -30.58 24.64
CA ILE G 44 -34.50 -31.30 25.23
C ILE G 44 -33.55 -31.69 24.12
N TYR G 45 -32.24 -31.56 24.37
CA TYR G 45 -31.25 -32.05 23.44
C TYR G 45 -30.24 -32.92 24.16
N ASP G 46 -29.61 -33.83 23.41
CA ASP G 46 -28.74 -34.87 23.94
C ASP G 46 -29.49 -35.84 24.84
N GLY G 47 -30.82 -35.81 24.79
CA GLY G 47 -31.65 -36.69 25.58
C GLY G 47 -32.02 -36.19 26.96
N SER G 48 -31.16 -35.39 27.58
CA SER G 48 -31.38 -34.94 28.94
C SER G 48 -31.17 -33.46 29.18
N LYS G 49 -30.39 -32.77 28.36
CA LYS G 49 -30.08 -31.37 28.63
C LYS G 49 -31.28 -30.48 28.38
N LEU G 50 -31.28 -29.32 29.04
CA LEU G 50 -32.34 -28.33 28.90
C LEU G 50 -31.73 -26.99 28.48
N GLU G 51 -32.41 -26.29 27.58
CA GLU G 51 -31.92 -25.03 27.06
C GLU G 51 -32.63 -23.86 27.71
N ARG G 52 -31.98 -22.70 27.66
CA ARG G 52 -32.50 -21.50 28.30
C ARG G 52 -33.80 -21.06 27.64
N GLY G 53 -34.69 -20.47 28.45
CA GLY G 53 -35.97 -20.03 27.97
C GLY G 53 -37.05 -21.07 27.93
N VAL G 54 -36.84 -22.22 28.55
CA VAL G 54 -37.79 -23.32 28.56
C VAL G 54 -38.12 -23.64 30.01
N PRO G 55 -39.40 -23.77 30.37
CA PRO G 55 -39.75 -24.07 31.77
C PRO G 55 -39.11 -25.38 32.23
N SER G 56 -38.78 -25.43 33.51
CA SER G 56 -38.00 -26.52 34.08
C SER G 56 -38.83 -27.75 34.42
N ARG G 57 -40.14 -27.73 34.16
CA ARG G 57 -40.96 -28.90 34.46
C ARG G 57 -40.69 -30.07 33.51
N PHE G 58 -39.98 -29.83 32.41
CA PHE G 58 -39.58 -30.91 31.51
C PHE G 58 -38.24 -31.48 31.96
N SER G 59 -38.09 -32.80 31.83
CA SER G 59 -36.83 -33.45 32.14
C SER G 59 -36.66 -34.66 31.24
N GLY G 60 -35.41 -35.08 31.08
CA GLY G 60 -35.11 -36.23 30.25
C GLY G 60 -34.22 -37.23 30.96
N ARG G 61 -34.66 -38.49 31.00
CA ARG G 61 -33.91 -39.55 31.63
C ARG G 61 -33.31 -40.46 30.56
N ARG G 62 -32.01 -40.72 30.67
CA ARG G 62 -31.26 -41.51 29.71
C ARG G 62 -30.78 -42.78 30.40
N TRP G 63 -31.20 -43.93 29.88
CA TRP G 63 -30.76 -45.21 30.43
C TRP G 63 -30.89 -46.29 29.37
N GLY G 64 -29.82 -47.06 29.18
CA GLY G 64 -29.83 -48.11 28.17
C GLY G 64 -30.02 -47.52 26.79
N GLN G 65 -30.91 -48.14 26.02
CA GLN G 65 -31.28 -47.63 24.70
C GLN G 65 -32.63 -46.92 24.73
N GLU G 66 -33.11 -46.55 25.91
CA GLU G 66 -34.43 -45.96 26.09
C GLU G 66 -34.32 -44.57 26.70
N TYR G 67 -35.07 -43.63 26.15
CA TYR G 67 -35.14 -42.26 26.65
C TYR G 67 -36.54 -41.99 27.19
N ASN G 68 -36.60 -41.30 28.32
CA ASN G 68 -37.85 -40.91 28.95
C ASN G 68 -37.97 -39.40 28.96
N LEU G 69 -39.10 -38.90 28.47
CA LEU G 69 -39.45 -37.49 28.62
C LEU G 69 -40.49 -37.38 29.72
N THR G 70 -40.18 -36.61 30.76
CA THR G 70 -41.00 -36.50 31.95
C THR G 70 -41.48 -35.07 32.11
N ILE G 71 -42.77 -34.89 32.38
CA ILE G 71 -43.35 -33.59 32.69
C ILE G 71 -44.14 -33.72 33.99
N ASN G 72 -43.98 -32.74 34.88
CA ASN G 72 -44.69 -32.68 36.14
C ASN G 72 -45.30 -31.30 36.30
N ASN G 73 -46.36 -31.23 37.11
CA ASN G 73 -47.11 -29.99 37.34
C ASN G 73 -47.65 -29.44 36.01
N LEU G 74 -48.55 -30.22 35.42
CA LEU G 74 -49.11 -29.88 34.13
C LEU G 74 -49.84 -28.54 34.17
N GLN G 75 -49.76 -27.81 33.07
CA GLN G 75 -50.34 -26.48 32.95
C GLN G 75 -51.28 -26.43 31.74
N PRO G 76 -52.25 -25.53 31.74
CA PRO G 76 -53.14 -25.42 30.57
C PRO G 76 -52.42 -25.06 29.29
N GLU G 77 -51.34 -24.28 29.37
CA GLU G 77 -50.60 -23.85 28.19
C GLU G 77 -49.63 -24.91 27.68
N ASP G 78 -49.48 -26.03 28.40
CA ASP G 78 -48.52 -27.06 28.05
C ASP G 78 -49.17 -28.24 27.33
N ILE G 79 -50.19 -27.98 26.52
CA ILE G 79 -50.84 -29.03 25.73
C ILE G 79 -50.41 -28.89 24.28
N ALA G 80 -49.74 -29.92 23.76
CA ALA G 80 -49.24 -29.93 22.39
C ALA G 80 -48.90 -31.37 22.03
N THR G 81 -48.20 -31.55 20.92
CA THR G 81 -47.70 -32.86 20.51
C THR G 81 -46.19 -32.89 20.72
N TYR G 82 -45.73 -33.87 21.49
CA TYR G 82 -44.32 -34.01 21.83
C TYR G 82 -43.75 -35.19 21.04
N PHE G 83 -42.66 -34.96 20.31
CA PHE G 83 -42.05 -36.02 19.55
C PHE G 83 -40.54 -36.05 19.75
N CYS G 84 -39.98 -37.25 19.69
CA CYS G 84 -38.55 -37.47 19.82
C CYS G 84 -37.94 -37.61 18.43
N GLN G 85 -36.84 -36.90 18.21
CA GLN G 85 -36.18 -36.83 16.92
C GLN G 85 -34.75 -37.33 17.05
N VAL G 86 -34.33 -38.14 16.09
CA VAL G 86 -32.95 -38.59 15.98
C VAL G 86 -32.50 -37.95 14.69
N TYR G 87 -31.28 -38.24 14.22
CA TYR G 87 -30.63 -37.44 13.19
C TYR G 87 -31.59 -36.99 12.10
N GLU G 88 -32.17 -37.92 11.36
CA GLU G 88 -33.10 -37.57 10.31
C GLU G 88 -34.43 -38.30 10.41
N PHE G 89 -34.61 -39.17 11.39
CA PHE G 89 -35.84 -39.93 11.56
C PHE G 89 -36.67 -39.30 12.66
N VAL G 90 -37.93 -38.98 12.35
CA VAL G 90 -38.85 -38.40 13.31
C VAL G 90 -40.09 -39.26 13.37
N VAL G 91 -40.50 -39.62 14.58
CA VAL G 91 -41.72 -40.38 14.81
C VAL G 91 -42.91 -39.42 14.81
N PRO G 92 -44.14 -39.91 14.58
CA PRO G 92 -45.30 -38.99 14.64
C PRO G 92 -45.42 -38.27 15.97
N GLY G 93 -45.07 -38.92 17.08
CA GLY G 93 -45.12 -38.27 18.37
C GLY G 93 -46.21 -38.82 19.27
N THR G 94 -46.83 -37.94 20.05
CA THR G 94 -47.93 -38.34 20.92
C THR G 94 -48.82 -37.13 21.19
N ARG G 95 -50.11 -37.40 21.40
CA ARG G 95 -51.11 -36.36 21.61
C ARG G 95 -51.37 -36.20 23.11
N LEU G 96 -51.45 -34.94 23.55
CA LEU G 96 -51.69 -34.61 24.95
C LEU G 96 -52.96 -33.78 25.06
N ASP G 97 -53.70 -34.00 26.14
CA ASP G 97 -54.94 -33.28 26.39
C ASP G 97 -55.28 -33.39 27.88
N LEU G 98 -56.48 -32.99 28.25
CA LEU G 98 -56.94 -33.02 29.63
C LEU G 98 -57.90 -34.19 29.84
N LYS G 99 -58.31 -34.38 31.10
CA LYS G 99 -59.15 -35.51 31.48
C LYS G 99 -60.35 -35.11 32.33
N ARG G 100 -61.09 -36.12 32.80
CA ARG G 100 -62.21 -35.97 33.72
C ARG G 100 -63.37 -35.20 33.08
N THR G 101 -63.26 -34.90 31.79
CA THR G 101 -64.35 -34.26 31.05
C THR G 101 -65.21 -35.30 30.31
N VAL G 102 -65.64 -36.32 31.03
CA VAL G 102 -66.42 -37.41 30.43
C VAL G 102 -67.85 -36.94 30.25
N ALA G 103 -68.38 -37.11 29.03
CA ALA G 103 -69.74 -36.72 28.71
C ALA G 103 -70.20 -37.48 27.48
N ALA G 104 -71.51 -37.44 27.24
CA ALA G 104 -72.07 -38.15 26.11
C ALA G 104 -72.48 -37.18 25.00
N PRO G 105 -72.23 -37.53 23.75
CA PRO G 105 -72.61 -36.64 22.65
C PRO G 105 -74.12 -36.56 22.46
N SER G 106 -74.57 -35.43 21.93
CA SER G 106 -75.97 -35.23 21.59
C SER G 106 -76.12 -35.45 20.09
N VAL G 107 -76.72 -36.58 19.71
CA VAL G 107 -76.81 -36.97 18.31
C VAL G 107 -77.91 -36.18 17.63
N PHE G 108 -77.57 -35.54 16.52
CA PHE G 108 -78.54 -34.85 15.68
C PHE G 108 -78.45 -35.38 14.26
N ILE G 109 -79.57 -35.35 13.55
CA ILE G 109 -79.65 -35.74 12.15
C ILE G 109 -80.24 -34.58 11.37
N PHE G 110 -79.53 -34.13 10.34
CA PHE G 110 -79.95 -32.96 9.56
C PHE G 110 -80.16 -33.36 8.10
N PRO G 111 -81.40 -33.55 7.66
CA PRO G 111 -81.64 -33.83 6.25
C PRO G 111 -81.18 -32.67 5.39
N PRO G 112 -80.72 -32.95 4.18
CA PRO G 112 -80.30 -31.86 3.28
C PRO G 112 -81.44 -30.90 3.01
N SER G 113 -81.11 -29.61 2.92
CA SER G 113 -82.11 -28.59 2.66
C SER G 113 -82.66 -28.73 1.25
N ASP G 114 -83.89 -28.26 1.06
CA ASP G 114 -84.55 -28.37 -0.23
C ASP G 114 -83.81 -27.61 -1.33
N GLU G 115 -83.01 -26.62 -0.96
CA GLU G 115 -82.23 -25.89 -1.96
C GLU G 115 -81.06 -26.70 -2.48
N GLN G 116 -80.58 -27.68 -1.71
CA GLN G 116 -79.49 -28.54 -2.19
C GLN G 116 -79.96 -29.45 -3.31
N LEU G 117 -81.22 -29.89 -3.28
CA LEU G 117 -81.67 -30.95 -4.18
C LEU G 117 -81.67 -30.50 -5.64
N LYS G 118 -81.95 -29.22 -5.90
CA LYS G 118 -82.04 -28.73 -7.28
C LYS G 118 -80.70 -28.74 -7.99
N SER G 119 -79.59 -28.94 -7.27
CA SER G 119 -78.27 -28.99 -7.88
C SER G 119 -77.83 -30.43 -8.19
N GLY G 120 -78.75 -31.38 -8.15
CA GLY G 120 -78.42 -32.78 -8.38
C GLY G 120 -77.52 -33.38 -7.32
N THR G 121 -77.69 -32.98 -6.07
CA THR G 121 -76.89 -33.52 -4.98
C THR G 121 -77.64 -33.30 -3.67
N ALA G 122 -77.20 -34.01 -2.63
CA ALA G 122 -77.78 -33.90 -1.31
C ALA G 122 -76.77 -34.42 -0.30
N SER G 123 -76.71 -33.79 0.87
CA SER G 123 -75.78 -34.17 1.92
C SER G 123 -76.50 -34.18 3.26
N VAL G 124 -76.37 -35.30 3.98
CA VAL G 124 -76.90 -35.44 5.34
C VAL G 124 -75.72 -35.61 6.29
N VAL G 125 -75.79 -34.93 7.43
CA VAL G 125 -74.70 -34.93 8.40
C VAL G 125 -75.27 -35.23 9.78
N CYS G 126 -74.66 -36.17 10.47
CA CYS G 126 -74.96 -36.45 11.87
C CYS G 126 -73.81 -35.95 12.74
N LEU G 127 -74.14 -35.26 13.82
CA LEU G 127 -73.16 -34.55 14.62
C LEU G 127 -73.08 -35.15 16.02
N LEU G 128 -71.86 -35.21 16.53
CA LEU G 128 -71.59 -35.61 17.91
C LEU G 128 -71.02 -34.41 18.63
N ASN G 129 -71.80 -33.82 19.53
CA ASN G 129 -71.44 -32.59 20.22
C ASN G 129 -71.10 -32.91 21.67
N ASN G 130 -69.96 -32.39 22.14
CA ASN G 130 -69.57 -32.47 23.55
C ASN G 130 -69.43 -33.93 24.01
N PHE G 131 -68.46 -34.63 23.42
CA PHE G 131 -68.18 -36.01 23.81
C PHE G 131 -66.71 -36.15 24.15
N TYR G 132 -66.41 -37.15 24.99
CA TYR G 132 -65.05 -37.47 25.39
C TYR G 132 -65.04 -38.88 25.94
N PRO G 133 -64.05 -39.72 25.60
CA PRO G 133 -62.90 -39.43 24.75
C PRO G 133 -63.25 -39.36 23.27
N ARG G 134 -62.31 -38.85 22.47
CA ARG G 134 -62.58 -38.62 21.06
C ARG G 134 -62.86 -39.91 20.29
N GLU G 135 -62.44 -41.06 20.80
CA GLU G 135 -62.71 -42.33 20.14
C GLU G 135 -64.17 -42.72 20.31
N ALA G 136 -64.81 -43.09 19.21
CA ALA G 136 -66.19 -43.54 19.22
C ALA G 136 -66.44 -44.36 17.97
N LYS G 137 -67.52 -45.14 17.98
CA LYS G 137 -67.85 -46.00 16.86
C LYS G 137 -69.11 -45.47 16.18
N VAL G 138 -68.98 -45.09 14.91
CA VAL G 138 -70.10 -44.64 14.09
C VAL G 138 -70.01 -45.32 12.74
N GLN G 139 -71.09 -45.97 12.33
CA GLN G 139 -71.15 -46.67 11.05
C GLN G 139 -72.57 -46.59 10.50
N TRP G 140 -72.70 -46.17 9.25
CA TRP G 140 -74.00 -46.01 8.64
C TRP G 140 -74.60 -47.37 8.27
N LYS G 141 -75.85 -47.59 8.66
CA LYS G 141 -76.57 -48.83 8.35
C LYS G 141 -77.76 -48.45 7.48
N VAL G 142 -77.62 -48.61 6.16
CA VAL G 142 -78.69 -48.37 5.21
C VAL G 142 -79.30 -49.71 4.84
N ASP G 143 -80.64 -49.76 4.81
CA ASP G 143 -81.46 -50.92 4.44
C ASP G 143 -80.85 -52.25 4.85
N ASN G 144 -80.42 -52.34 6.11
CA ASN G 144 -79.81 -53.56 6.66
C ASN G 144 -78.58 -53.98 5.85
N ALA G 145 -77.79 -53.00 5.43
CA ALA G 145 -76.57 -53.28 4.68
C ALA G 145 -75.53 -52.23 5.02
N LEU G 146 -74.34 -52.69 5.41
CA LEU G 146 -73.26 -51.78 5.75
C LEU G 146 -72.74 -51.08 4.49
N GLN G 147 -72.47 -49.78 4.62
CA GLN G 147 -71.97 -48.97 3.52
C GLN G 147 -70.52 -48.59 3.74
N SER G 148 -69.87 -48.14 2.67
CA SER G 148 -68.48 -47.71 2.74
C SER G 148 -68.16 -46.86 1.52
N GLY G 149 -67.31 -45.85 1.72
CA GLY G 149 -66.78 -45.05 0.64
C GLY G 149 -67.53 -43.76 0.35
N ASN G 150 -68.73 -43.59 0.91
CA ASN G 150 -69.53 -42.39 0.68
C ASN G 150 -69.72 -41.59 1.97
N SER G 151 -68.78 -41.73 2.91
CA SER G 151 -68.81 -41.00 4.16
C SER G 151 -67.44 -40.40 4.43
N GLN G 152 -67.44 -39.23 5.06
CA GLN G 152 -66.22 -38.53 5.41
C GLN G 152 -66.29 -38.06 6.86
N GLU G 153 -65.12 -37.97 7.50
CA GLU G 153 -65.03 -37.70 8.93
C GLU G 153 -64.32 -36.38 9.16
N SER G 154 -64.70 -35.70 10.24
CA SER G 154 -63.97 -34.51 10.68
C SER G 154 -64.14 -34.36 12.19
N VAL G 155 -63.13 -33.79 12.83
CA VAL G 155 -63.15 -33.60 14.28
C VAL G 155 -62.59 -32.21 14.59
N THR G 156 -63.14 -31.57 15.61
CA THR G 156 -62.68 -30.24 15.98
C THR G 156 -61.59 -30.32 17.05
N GLU G 157 -60.96 -29.18 17.30
CA GLU G 157 -59.93 -29.07 18.33
C GLU G 157 -60.55 -29.18 19.72
N GLN G 158 -59.73 -29.51 20.70
CA GLN G 158 -60.16 -29.52 22.09
C GLN G 158 -60.67 -28.14 22.49
N ASP G 159 -61.82 -28.10 23.16
CA ASP G 159 -62.46 -26.84 23.50
C ASP G 159 -61.66 -26.06 24.54
N SER G 160 -61.83 -24.74 24.52
CA SER G 160 -61.02 -23.87 25.36
C SER G 160 -61.37 -24.02 26.84
N LYS G 161 -62.66 -23.98 27.17
CA LYS G 161 -63.11 -24.04 28.56
C LYS G 161 -63.84 -25.33 28.92
N ASP G 162 -64.70 -25.83 28.02
CA ASP G 162 -65.34 -27.12 28.28
C ASP G 162 -64.34 -28.26 28.12
N SER G 163 -63.41 -28.12 27.17
CA SER G 163 -62.35 -29.11 26.94
C SER G 163 -62.91 -30.48 26.56
N THR G 164 -63.93 -30.50 25.72
CA THR G 164 -64.46 -31.72 25.16
C THR G 164 -64.26 -31.72 23.64
N TYR G 165 -64.72 -32.79 23.00
CA TYR G 165 -64.51 -32.99 21.57
C TYR G 165 -65.84 -32.95 20.84
N SER G 166 -65.77 -32.52 19.57
CA SER G 166 -66.93 -32.51 18.69
C SER G 166 -66.53 -33.11 17.35
N LEU G 167 -67.49 -33.81 16.74
CA LEU G 167 -67.27 -34.57 15.52
C LEU G 167 -68.34 -34.24 14.50
N SER G 168 -67.98 -34.36 13.22
CA SER G 168 -68.91 -34.12 12.12
C SER G 168 -68.70 -35.19 11.06
N SER G 169 -69.75 -35.93 10.75
CA SER G 169 -69.73 -36.96 9.73
C SER G 169 -70.59 -36.51 8.55
N THR G 170 -69.99 -36.51 7.36
CA THR G 170 -70.68 -36.07 6.14
C THR G 170 -70.96 -37.27 5.27
N LEU G 171 -72.24 -37.53 5.01
CA LEU G 171 -72.68 -38.57 4.10
C LEU G 171 -73.51 -37.92 3.00
N THR G 172 -73.08 -38.08 1.76
CA THR G 172 -73.76 -37.53 0.61
C THR G 172 -74.15 -38.64 -0.35
N LEU G 173 -75.26 -38.45 -1.05
CA LEU G 173 -75.75 -39.43 -2.00
C LEU G 173 -76.69 -38.75 -2.98
N SER G 174 -76.91 -39.43 -4.11
CA SER G 174 -77.75 -38.88 -5.16
C SER G 174 -79.21 -38.77 -4.71
N LYS G 175 -79.99 -37.99 -5.45
CA LYS G 175 -81.39 -37.79 -5.11
C LYS G 175 -82.19 -39.09 -5.20
N ALA G 176 -81.91 -39.88 -6.24
CA ALA G 176 -82.66 -41.13 -6.43
C ALA G 176 -82.44 -42.08 -5.27
N ASP G 177 -81.19 -42.22 -4.80
CA ASP G 177 -80.93 -43.05 -3.64
C ASP G 177 -81.41 -42.40 -2.35
N TYR G 178 -81.41 -41.07 -2.29
CA TYR G 178 -81.86 -40.38 -1.09
C TYR G 178 -83.32 -40.66 -0.81
N GLU G 179 -84.17 -40.64 -1.83
CA GLU G 179 -85.58 -40.95 -1.67
C GLU G 179 -85.87 -42.44 -1.77
N LYS G 180 -84.89 -43.26 -2.15
CA LYS G 180 -85.08 -44.70 -2.18
C LYS G 180 -85.29 -45.25 -0.76
N HIS G 181 -84.52 -44.78 0.20
CA HIS G 181 -84.54 -45.28 1.56
C HIS G 181 -85.18 -44.25 2.48
N LYS G 182 -85.74 -44.72 3.59
CA LYS G 182 -86.60 -43.89 4.43
C LYS G 182 -85.97 -43.54 5.77
N VAL G 183 -85.61 -44.53 6.58
CA VAL G 183 -85.14 -44.30 7.94
C VAL G 183 -83.62 -44.30 7.93
N TYR G 184 -83.02 -43.15 8.28
CA TYR G 184 -81.57 -42.98 8.23
C TYR G 184 -81.02 -43.05 9.64
N ALA G 185 -80.10 -43.97 9.87
CA ALA G 185 -79.53 -44.22 11.19
C ALA G 185 -78.05 -43.89 11.19
N CYS G 186 -77.64 -43.02 12.11
CA CYS G 186 -76.22 -42.75 12.38
C CYS G 186 -75.98 -43.25 13.80
N GLU G 187 -75.67 -44.55 13.91
CA GLU G 187 -75.49 -45.16 15.22
C GLU G 187 -74.25 -44.61 15.90
N VAL G 188 -74.32 -44.46 17.22
CA VAL G 188 -73.22 -43.93 18.01
C VAL G 188 -72.98 -44.89 19.17
N THR G 189 -71.81 -45.53 19.16
CA THR G 189 -71.37 -46.38 20.26
C THR G 189 -70.25 -45.64 20.98
N HIS G 190 -70.51 -45.27 22.24
CA HIS G 190 -69.57 -44.51 23.05
C HIS G 190 -69.64 -45.02 24.48
N GLN G 191 -68.54 -44.83 25.22
CA GLN G 191 -68.51 -45.27 26.60
C GLN G 191 -69.54 -44.53 27.44
N GLY G 192 -69.72 -43.23 27.19
CA GLY G 192 -70.68 -42.46 27.95
C GLY G 192 -72.12 -42.91 27.76
N LEU G 193 -72.46 -43.36 26.57
CA LEU G 193 -73.82 -43.79 26.27
C LEU G 193 -74.10 -45.13 26.94
N SER G 194 -75.10 -45.17 27.82
CA SER G 194 -75.57 -46.45 28.35
C SER G 194 -76.15 -47.31 27.23
N SER G 195 -76.89 -46.70 26.31
CA SER G 195 -77.41 -47.36 25.13
C SER G 195 -77.10 -46.51 23.91
N PRO G 196 -76.87 -47.15 22.75
CA PRO G 196 -76.58 -46.37 21.53
C PRO G 196 -77.79 -45.60 21.05
N VAL G 197 -77.75 -44.27 21.18
CA VAL G 197 -78.88 -43.44 20.79
C VAL G 197 -78.90 -43.31 19.27
N THR G 198 -80.04 -43.64 18.67
CA THR G 198 -80.21 -43.61 17.23
C THR G 198 -81.22 -42.53 16.86
N LYS G 199 -80.84 -41.66 15.92
CA LYS G 199 -81.69 -40.59 15.46
C LYS G 199 -82.02 -40.80 13.99
N SER G 200 -83.22 -40.35 13.60
CA SER G 200 -83.69 -40.49 12.23
C SER G 200 -84.76 -39.43 11.99
N PHE G 201 -85.49 -39.56 10.88
CA PHE G 201 -86.56 -38.63 10.56
C PHE G 201 -87.49 -39.30 9.56
N ASN G 202 -88.70 -38.76 9.46
CA ASN G 202 -89.69 -39.20 8.48
C ASN G 202 -89.71 -38.20 7.33
N ARG G 203 -89.46 -38.69 6.12
CA ARG G 203 -89.41 -37.82 4.94
C ARG G 203 -90.83 -37.39 4.59
N GLY G 204 -91.20 -36.17 5.00
CA GLY G 204 -92.52 -35.65 4.75
C GLY G 204 -93.07 -34.83 5.91
N GLN H 1 16.84 -20.20 -20.40
CA GLN H 1 16.35 -19.40 -19.29
C GLN H 1 16.85 -17.97 -19.37
N VAL H 2 18.18 -17.80 -19.32
CA VAL H 2 18.76 -16.47 -19.27
C VAL H 2 18.49 -15.70 -20.56
N GLN H 3 18.71 -16.34 -21.72
CA GLN H 3 18.27 -15.82 -23.02
C GLN H 3 18.86 -14.44 -23.31
N LEU H 4 20.18 -14.40 -23.44
CA LEU H 4 20.87 -13.19 -23.89
C LEU H 4 20.75 -13.11 -25.41
N LEU H 5 19.60 -12.67 -25.89
CA LEU H 5 19.32 -12.59 -27.32
C LEU H 5 19.93 -11.33 -27.91
N GLN H 6 20.67 -11.49 -29.00
CA GLN H 6 21.36 -10.40 -29.66
C GLN H 6 20.72 -10.10 -31.01
N SER H 7 20.87 -8.87 -31.47
CA SER H 7 20.26 -8.46 -32.73
C SER H 7 21.07 -9.01 -33.92
N GLY H 8 20.49 -8.85 -35.11
CA GLY H 8 21.08 -9.39 -36.32
C GLY H 8 22.20 -8.54 -36.87
N ALA H 9 22.80 -9.05 -37.94
CA ALA H 9 23.97 -8.44 -38.54
C ALA H 9 23.65 -7.07 -39.12
N ALA H 10 24.68 -6.23 -39.25
CA ALA H 10 24.52 -4.88 -39.77
C ALA H 10 25.65 -4.58 -40.76
N VAL H 11 25.28 -3.93 -41.86
CA VAL H 11 26.23 -3.48 -42.88
C VAL H 11 25.99 -2.00 -43.12
N THR H 12 27.04 -1.20 -42.95
CA THR H 12 26.94 0.25 -43.17
C THR H 12 28.21 0.73 -43.87
N LYS H 13 28.34 2.08 -43.94
CA LYS H 13 29.40 2.82 -44.61
C LYS H 13 30.36 3.42 -43.60
N PRO H 14 31.63 3.62 -43.98
CA PRO H 14 32.57 4.27 -43.07
C PRO H 14 32.11 5.68 -42.71
N GLY H 15 32.31 6.04 -41.46
CA GLY H 15 31.86 7.32 -40.94
C GLY H 15 30.44 7.34 -40.43
N ALA H 16 29.72 6.22 -40.53
CA ALA H 16 28.34 6.14 -40.06
C ALA H 16 28.32 5.67 -38.60
N SER H 17 27.14 5.30 -38.11
CA SER H 17 26.98 4.83 -36.75
C SER H 17 26.02 3.64 -36.73
N VAL H 18 26.33 2.64 -35.92
CA VAL H 18 25.51 1.43 -35.80
C VAL H 18 25.22 1.18 -34.32
N ARG H 19 23.98 0.83 -34.02
CA ARG H 19 23.58 0.47 -32.67
C ARG H 19 23.31 -1.03 -32.62
N VAL H 20 24.16 -1.76 -31.89
CA VAL H 20 24.04 -3.20 -31.73
C VAL H 20 23.26 -3.47 -30.45
N SER H 21 22.20 -4.27 -30.57
CA SER H 21 21.31 -4.51 -29.44
C SER H 21 21.69 -5.79 -28.71
N CYS H 22 21.04 -6.00 -27.57
CA CYS H 22 21.18 -7.20 -26.76
C CYS H 22 20.08 -7.22 -25.70
N GLU H 23 19.44 -8.35 -25.48
CA GLU H 23 18.27 -8.43 -24.63
C GLU H 23 18.43 -9.56 -23.62
N ALA H 24 18.12 -9.27 -22.35
CA ALA H 24 18.18 -10.24 -21.27
C ALA H 24 16.84 -10.25 -20.54
N SER H 25 16.31 -11.44 -20.29
CA SER H 25 14.97 -11.54 -19.71
C SER H 25 14.81 -12.58 -18.61
N GLY H 26 15.76 -13.48 -18.39
CA GLY H 26 15.46 -14.64 -17.57
C GLY H 26 16.25 -14.84 -16.29
N TYR H 27 16.49 -13.77 -15.54
CA TYR H 27 17.15 -13.86 -14.24
C TYR H 27 17.01 -12.52 -13.53
N ASN H 28 17.63 -12.40 -12.36
CA ASN H 28 17.68 -11.13 -11.64
C ASN H 28 18.74 -10.28 -12.36
N ILE H 29 18.28 -9.49 -13.33
CA ILE H 29 19.18 -8.84 -14.27
C ILE H 29 20.01 -7.75 -13.62
N ARG H 30 19.56 -7.20 -12.50
CA ARG H 30 20.18 -6.00 -11.95
C ARG H 30 21.46 -6.28 -11.17
N ASP H 31 21.84 -7.55 -10.96
CA ASP H 31 22.93 -7.87 -10.05
C ASP H 31 24.16 -8.42 -10.76
N TYR H 32 24.24 -8.34 -12.09
CA TYR H 32 25.38 -8.88 -12.82
C TYR H 32 25.80 -7.90 -13.91
N PHE H 33 27.08 -7.56 -13.93
CA PHE H 33 27.59 -6.66 -14.95
C PHE H 33 27.52 -7.31 -16.32
N ILE H 34 27.21 -6.50 -17.34
CA ILE H 34 27.13 -6.96 -18.72
C ILE H 34 28.32 -6.40 -19.48
N HIS H 35 29.19 -7.27 -19.96
CA HIS H 35 30.38 -6.86 -20.68
C HIS H 35 30.17 -7.02 -22.17
N TRP H 36 30.98 -6.32 -22.95
CA TRP H 36 30.92 -6.36 -24.40
C TRP H 36 32.29 -6.77 -24.94
N TRP H 37 32.29 -7.81 -25.78
CA TRP H 37 33.51 -8.28 -26.42
C TRP H 37 33.37 -8.15 -27.93
N ARG H 38 34.50 -7.99 -28.60
CA ARG H 38 34.54 -7.94 -30.05
C ARG H 38 35.59 -8.93 -30.55
N GLN H 39 35.32 -9.48 -31.73
CA GLN H 39 36.16 -10.54 -32.31
C GLN H 39 36.47 -10.19 -33.75
N ALA H 40 37.74 -9.86 -34.01
CA ALA H 40 38.20 -9.57 -35.35
C ALA H 40 38.18 -10.85 -36.20
N PRO H 41 38.20 -10.71 -37.53
CA PRO H 41 38.18 -11.90 -38.39
C PRO H 41 39.37 -12.81 -38.12
N GLY H 42 39.10 -14.01 -37.62
CA GLY H 42 40.14 -14.97 -37.36
C GLY H 42 41.11 -14.57 -36.26
N GLN H 43 40.64 -13.87 -35.24
CA GLN H 43 41.48 -13.44 -34.14
C GLN H 43 40.75 -13.66 -32.81
N GLY H 44 41.51 -13.57 -31.73
CA GLY H 44 40.94 -13.76 -30.41
C GLY H 44 40.07 -12.60 -29.99
N LEU H 45 39.32 -12.83 -28.91
CA LEU H 45 38.38 -11.84 -28.42
C LEU H 45 39.11 -10.60 -27.94
N GLN H 46 38.36 -9.50 -27.83
CA GLN H 46 38.91 -8.22 -27.39
C GLN H 46 37.88 -7.53 -26.52
N TRP H 47 38.35 -6.90 -25.45
CA TRP H 47 37.48 -6.22 -24.50
C TRP H 47 37.01 -4.89 -25.06
N VAL H 48 35.75 -4.54 -24.78
CA VAL H 48 35.16 -3.28 -25.20
C VAL H 48 34.68 -2.47 -24.01
N GLY H 49 33.99 -3.10 -23.07
CA GLY H 49 33.59 -2.43 -21.85
C GLY H 49 32.51 -3.19 -21.13
N TRP H 50 32.23 -2.73 -19.91
CA TRP H 50 31.15 -3.26 -19.10
C TRP H 50 30.21 -2.12 -18.72
N ILE H 51 28.95 -2.47 -18.47
CA ILE H 51 27.93 -1.50 -18.08
C ILE H 51 27.20 -2.02 -16.86
N ASN H 52 27.05 -1.17 -15.86
CA ASN H 52 26.34 -1.54 -14.65
C ASN H 52 24.84 -1.43 -14.89
N PRO H 53 24.08 -2.52 -14.79
CA PRO H 53 22.64 -2.43 -15.06
C PRO H 53 21.88 -1.49 -14.15
N LYS H 54 22.31 -1.34 -12.89
CA LYS H 54 21.55 -0.53 -11.95
C LYS H 54 21.70 0.96 -12.27
N THR H 55 22.91 1.42 -12.55
CA THR H 55 23.17 2.83 -12.74
C THR H 55 23.56 3.20 -14.16
N GLY H 56 23.86 2.22 -15.01
CA GLY H 56 24.22 2.52 -16.39
C GLY H 56 25.63 3.02 -16.58
N GLN H 57 26.46 2.99 -15.55
CA GLN H 57 27.80 3.54 -15.65
C GLN H 57 28.67 2.66 -16.53
N PRO H 58 29.22 3.18 -17.63
CA PRO H 58 30.08 2.37 -18.49
C PRO H 58 31.55 2.51 -18.12
N ASN H 59 32.37 1.69 -18.76
CA ASN H 59 33.81 1.71 -18.54
C ASN H 59 34.49 1.13 -19.77
N ASN H 60 35.29 1.94 -20.45
CA ASN H 60 35.90 1.52 -21.70
C ASN H 60 37.40 1.78 -21.66
N PRO H 61 38.19 1.02 -22.43
CA PRO H 61 39.64 1.26 -22.47
C PRO H 61 39.98 2.55 -23.19
N ARG H 62 41.29 2.82 -23.33
CA ARG H 62 41.72 4.10 -23.89
C ARG H 62 41.36 4.22 -25.36
N GLN H 63 41.66 3.19 -26.16
CA GLN H 63 41.45 3.29 -27.59
C GLN H 63 39.98 3.42 -27.95
N PHE H 64 39.11 2.69 -27.25
CA PHE H 64 37.68 2.77 -27.51
C PHE H 64 37.03 4.00 -26.92
N GLN H 65 37.70 4.68 -25.98
CA GLN H 65 37.08 5.81 -25.30
C GLN H 65 36.91 6.98 -26.25
N GLY H 66 35.74 7.62 -26.18
CA GLY H 66 35.38 8.71 -27.05
C GLY H 66 34.47 8.32 -28.19
N ARG H 67 34.59 7.09 -28.69
CA ARG H 67 33.76 6.60 -29.79
C ARG H 67 32.61 5.73 -29.30
N VAL H 68 32.93 4.64 -28.59
CA VAL H 68 31.91 3.69 -28.17
C VAL H 68 31.08 4.29 -27.03
N SER H 69 29.82 3.89 -26.98
CA SER H 69 28.93 4.32 -25.89
C SER H 69 27.95 3.20 -25.59
N LEU H 70 28.05 2.64 -24.39
CA LEU H 70 27.16 1.57 -23.97
C LEU H 70 25.98 2.15 -23.21
N THR H 71 24.80 1.57 -23.42
CA THR H 71 23.59 2.09 -22.82
C THR H 71 22.67 0.92 -22.47
N ARG H 72 21.82 1.12 -21.47
CA ARG H 72 20.83 0.13 -21.09
C ARG H 72 19.47 0.80 -20.96
N HIS H 73 18.42 0.03 -21.22
CA HIS H 73 17.05 0.50 -21.03
C HIS H 73 16.24 -0.61 -20.38
N ALA H 74 15.75 -0.35 -19.17
CA ALA H 74 14.97 -1.32 -18.42
C ALA H 74 13.50 -1.22 -18.78
N SER H 75 12.75 -2.26 -18.44
CA SER H 75 11.30 -2.27 -18.63
C SER H 75 10.64 -1.51 -17.48
N TRP H 76 9.32 -1.62 -17.38
CA TRP H 76 8.60 -0.91 -16.33
C TRP H 76 8.95 -1.43 -14.95
N ASP H 77 9.23 -2.72 -14.83
CA ASP H 77 9.53 -3.35 -13.55
C ASP H 77 10.89 -4.04 -13.52
N PHE H 78 11.79 -3.69 -14.44
CA PHE H 78 13.15 -4.21 -14.50
C PHE H 78 13.21 -5.70 -14.79
N ASP H 79 12.11 -6.34 -15.18
CA ASP H 79 12.16 -7.76 -15.50
C ASP H 79 12.81 -8.03 -16.85
N THR H 80 12.90 -7.01 -17.71
CA THR H 80 13.47 -7.17 -19.04
C THR H 80 14.35 -5.97 -19.33
N TYR H 81 15.62 -6.23 -19.63
CA TYR H 81 16.59 -5.19 -19.93
C TYR H 81 17.04 -5.29 -21.38
N SER H 82 17.35 -4.15 -21.97
CA SER H 82 17.91 -4.10 -23.32
C SER H 82 19.20 -3.30 -23.28
N PHE H 83 20.26 -3.86 -23.84
CA PHE H 83 21.57 -3.23 -23.83
C PHE H 83 21.98 -2.92 -25.26
N TYR H 84 22.42 -1.68 -25.49
CA TYR H 84 22.79 -1.21 -26.80
C TYR H 84 24.23 -0.69 -26.80
N MET H 85 24.90 -0.85 -27.93
CA MET H 85 26.22 -0.26 -28.15
C MET H 85 26.15 0.66 -29.35
N ASP H 86 26.37 1.95 -29.12
CA ASP H 86 26.49 2.92 -30.19
C ASP H 86 27.96 3.11 -30.49
N LEU H 87 28.41 2.66 -31.65
CA LEU H 87 29.82 2.73 -32.05
C LEU H 87 29.95 3.81 -33.12
N LYS H 88 30.19 5.04 -32.66
CA LYS H 88 30.37 6.17 -33.55
C LYS H 88 31.69 6.06 -34.32
N ALA H 89 31.71 6.68 -35.49
CA ALA H 89 32.91 6.76 -36.33
C ALA H 89 33.43 5.36 -36.69
N LEU H 90 32.60 4.63 -37.43
CA LEU H 90 32.96 3.29 -37.87
C LEU H 90 34.05 3.37 -38.92
N ARG H 91 35.24 2.88 -38.59
CA ARG H 91 36.38 2.92 -39.47
C ARG H 91 36.63 1.53 -40.06
N SER H 92 37.74 1.41 -40.81
CA SER H 92 37.99 0.19 -41.58
C SER H 92 38.10 -1.03 -40.68
N ASP H 93 38.90 -0.94 -39.61
CA ASP H 93 39.16 -2.10 -38.75
C ASP H 93 38.10 -2.29 -37.66
N ASP H 94 36.83 -2.23 -38.09
CA ASP H 94 35.71 -2.48 -37.18
C ASP H 94 34.89 -3.70 -37.59
N THR H 95 35.26 -4.39 -38.66
CA THR H 95 34.54 -5.57 -39.11
C THR H 95 34.80 -6.69 -38.10
N ALA H 96 33.85 -6.92 -37.21
CA ALA H 96 34.06 -7.86 -36.12
C ALA H 96 32.72 -8.36 -35.62
N VAL H 97 32.74 -9.52 -34.98
CA VAL H 97 31.56 -10.09 -34.34
C VAL H 97 31.50 -9.59 -32.91
N TYR H 98 30.32 -9.13 -32.48
CA TYR H 98 30.16 -8.47 -31.19
C TYR H 98 29.30 -9.33 -30.28
N PHE H 99 29.79 -9.59 -29.07
CA PHE H 99 29.13 -10.42 -28.08
C PHE H 99 28.80 -9.62 -26.84
N CYS H 100 27.61 -9.83 -26.28
CA CYS H 100 27.24 -9.28 -24.99
C CYS H 100 27.28 -10.40 -23.97
N ALA H 101 28.34 -10.44 -23.17
CA ALA H 101 28.55 -11.46 -22.17
C ALA H 101 28.05 -10.99 -20.81
N ARG H 102 27.78 -11.95 -19.93
CA ARG H 102 27.23 -11.66 -18.60
C ARG H 102 28.22 -12.16 -17.56
N GLN H 103 28.90 -11.22 -16.89
CA GLN H 103 29.79 -11.58 -15.80
C GLN H 103 28.99 -12.19 -14.66
N ARG H 104 29.54 -13.25 -14.05
CA ARG H 104 28.82 -14.02 -13.05
C ARG H 104 29.34 -13.80 -11.64
N SER H 105 30.65 -13.72 -11.45
CA SER H 105 31.24 -13.64 -10.12
C SER H 105 32.44 -12.70 -10.16
N ASP H 106 33.25 -12.73 -9.12
CA ASP H 106 34.43 -11.89 -9.03
C ASP H 106 35.62 -12.46 -9.77
N TYR H 107 35.50 -13.65 -10.34
CA TYR H 107 36.54 -14.21 -11.19
C TYR H 107 36.46 -13.70 -12.62
N TRP H 108 35.46 -12.87 -12.92
CA TRP H 108 35.19 -12.42 -14.28
C TRP H 108 34.95 -13.61 -15.21
N ASP H 109 34.17 -14.57 -14.74
CA ASP H 109 33.80 -15.73 -15.53
C ASP H 109 32.44 -15.49 -16.15
N PHE H 110 32.34 -15.68 -17.46
CA PHE H 110 31.13 -15.38 -18.22
C PHE H 110 30.44 -16.70 -18.57
N ASP H 111 29.41 -17.04 -17.82
CA ASP H 111 28.70 -18.29 -18.07
C ASP H 111 27.79 -18.21 -19.29
N VAL H 112 27.30 -17.02 -19.62
CA VAL H 112 26.34 -16.82 -20.70
C VAL H 112 26.92 -15.82 -21.69
N TRP H 113 26.83 -16.13 -22.97
CA TRP H 113 27.26 -15.24 -24.03
C TRP H 113 26.13 -15.04 -25.01
N GLY H 114 26.17 -13.90 -25.71
CA GLY H 114 25.19 -13.63 -26.73
C GLY H 114 25.49 -14.38 -28.02
N SER H 115 24.47 -14.49 -28.87
CA SER H 115 24.63 -15.22 -30.12
C SER H 115 25.66 -14.55 -31.01
N GLY H 116 25.62 -13.23 -31.11
CA GLY H 116 26.58 -12.52 -31.93
C GLY H 116 25.95 -11.64 -32.98
N THR H 117 26.57 -10.49 -33.26
CA THR H 117 26.09 -9.57 -34.29
C THR H 117 27.28 -9.19 -35.16
N GLN H 118 27.30 -9.69 -36.40
CA GLN H 118 28.36 -9.37 -37.33
C GLN H 118 28.13 -7.98 -37.90
N VAL H 119 29.06 -7.07 -37.62
CA VAL H 119 28.96 -5.68 -38.06
C VAL H 119 30.09 -5.42 -39.04
N THR H 120 29.74 -4.98 -40.25
CA THR H 120 30.72 -4.65 -41.27
C THR H 120 30.41 -3.28 -41.86
N VAL H 121 31.47 -2.52 -42.12
CA VAL H 121 31.36 -1.15 -42.60
C VAL H 121 32.23 -0.99 -43.83
N SER H 122 31.61 -0.56 -44.94
CA SER H 122 32.30 -0.33 -46.20
C SER H 122 31.31 0.23 -47.20
N SER H 123 31.84 0.67 -48.34
CA SER H 123 31.04 1.11 -49.48
C SER H 123 30.58 -0.11 -50.28
N ALA H 124 30.14 0.12 -51.51
CA ALA H 124 29.71 -0.95 -52.42
C ALA H 124 28.51 -1.71 -51.85
N SER H 125 27.39 -1.00 -51.82
CA SER H 125 26.13 -1.55 -51.36
C SER H 125 25.73 -2.77 -52.19
N THR H 126 24.65 -3.41 -51.77
CA THR H 126 24.26 -4.73 -52.28
C THR H 126 24.17 -4.74 -53.81
N LYS H 127 24.74 -5.78 -54.41
CA LYS H 127 24.79 -5.90 -55.86
C LYS H 127 24.87 -7.37 -56.23
N GLY H 128 24.61 -7.65 -57.51
CA GLY H 128 24.68 -9.00 -58.03
C GLY H 128 26.10 -9.47 -58.23
N PRO H 129 26.29 -10.78 -58.22
CA PRO H 129 27.64 -11.35 -58.41
C PRO H 129 27.94 -11.64 -59.88
N SER H 130 29.18 -12.04 -60.12
CA SER H 130 29.62 -12.53 -61.42
C SER H 130 30.14 -13.94 -61.25
N VAL H 131 29.66 -14.86 -62.08
CA VAL H 131 29.95 -16.28 -61.93
C VAL H 131 30.84 -16.73 -63.08
N PHE H 132 31.97 -17.36 -62.73
CA PHE H 132 32.95 -17.82 -63.70
C PHE H 132 33.06 -19.34 -63.66
N PRO H 133 32.86 -20.03 -64.76
CA PRO H 133 33.07 -21.49 -64.78
C PRO H 133 34.56 -21.82 -64.86
N LEU H 134 34.86 -23.11 -64.63
CA LEU H 134 36.20 -23.65 -64.77
C LEU H 134 36.15 -24.72 -65.84
N ALA H 135 36.97 -24.57 -66.87
CA ALA H 135 36.96 -25.51 -67.99
C ALA H 135 37.60 -26.84 -67.58
N PRO H 136 36.90 -27.96 -67.68
CA PRO H 136 37.54 -29.25 -67.42
C PRO H 136 38.57 -29.58 -68.49
N SER H 137 39.60 -30.31 -68.08
CA SER H 137 40.67 -30.71 -68.99
C SER H 137 40.34 -32.00 -69.71
N THR H 145 39.41 -40.31 -60.67
CA THR H 145 38.52 -39.23 -60.27
C THR H 145 39.27 -37.90 -60.17
N ALA H 146 38.56 -36.80 -60.44
CA ALA H 146 39.14 -35.47 -60.43
C ALA H 146 38.19 -34.54 -59.71
N ALA H 147 38.44 -33.23 -59.81
CA ALA H 147 37.61 -32.23 -59.16
C ALA H 147 37.41 -31.05 -60.10
N LEU H 148 36.25 -30.40 -59.97
CA LEU H 148 35.93 -29.24 -60.80
C LEU H 148 34.84 -28.44 -60.10
N GLY H 149 34.77 -27.16 -60.41
CA GLY H 149 33.79 -26.32 -59.74
C GLY H 149 33.62 -24.97 -60.42
N CYS H 150 32.87 -24.11 -59.75
CA CYS H 150 32.58 -22.75 -60.21
C CYS H 150 33.22 -21.73 -59.28
N LEU H 151 33.19 -20.47 -59.72
CA LEU H 151 33.73 -19.37 -58.93
C LEU H 151 32.71 -18.24 -58.90
N VAL H 152 32.56 -17.61 -57.73
CA VAL H 152 31.66 -16.47 -57.55
C VAL H 152 32.49 -15.26 -57.17
N LYS H 153 32.16 -14.11 -57.74
CA LYS H 153 32.94 -12.90 -57.58
C LYS H 153 32.00 -11.71 -57.40
N ASP H 154 32.54 -10.66 -56.80
CA ASP H 154 31.96 -9.31 -56.75
C ASP H 154 30.48 -9.32 -56.34
N TYR H 155 30.22 -9.99 -55.23
CA TYR H 155 28.91 -9.97 -54.59
C TYR H 155 29.02 -9.26 -53.24
N PHE H 156 27.89 -8.71 -52.80
CA PHE H 156 27.84 -7.97 -51.55
C PHE H 156 26.39 -7.90 -51.06
N PRO H 157 26.13 -8.23 -49.79
CA PRO H 157 27.09 -8.79 -48.84
C PRO H 157 26.94 -10.31 -48.71
N GLU H 158 27.60 -10.89 -47.72
CA GLU H 158 27.48 -12.31 -47.46
C GLU H 158 26.07 -12.66 -47.00
N PRO H 159 25.64 -13.92 -47.21
CA PRO H 159 26.36 -15.00 -47.88
C PRO H 159 25.80 -15.38 -49.25
N VAL H 160 26.53 -16.23 -49.97
CA VAL H 160 26.05 -16.86 -51.20
C VAL H 160 26.37 -18.35 -51.12
N THR H 161 25.41 -19.18 -51.48
CA THR H 161 25.56 -20.63 -51.43
C THR H 161 25.54 -21.19 -52.84
N VAL H 162 26.40 -22.16 -53.12
CA VAL H 162 26.50 -22.79 -54.42
C VAL H 162 25.96 -24.20 -54.30
N SER H 163 24.93 -24.52 -55.09
CA SER H 163 24.35 -25.85 -55.15
C SER H 163 24.53 -26.41 -56.55
N TRP H 164 24.69 -27.73 -56.62
CA TRP H 164 24.97 -28.41 -57.88
C TRP H 164 23.79 -29.27 -58.29
N ASN H 165 23.49 -29.26 -59.59
CA ASN H 165 22.39 -30.03 -60.16
C ASN H 165 21.06 -29.67 -59.51
N SER H 166 20.91 -28.39 -59.15
CA SER H 166 19.67 -27.85 -58.56
C SER H 166 19.27 -28.64 -57.32
N GLY H 167 20.15 -28.59 -56.32
CA GLY H 167 19.89 -29.30 -55.07
C GLY H 167 19.86 -30.80 -55.19
N ALA H 168 20.74 -31.38 -55.99
CA ALA H 168 20.84 -32.82 -56.15
C ALA H 168 22.20 -33.39 -55.76
N LEU H 169 23.28 -32.70 -56.10
CA LEU H 169 24.63 -33.17 -55.80
C LEU H 169 25.23 -32.29 -54.71
N THR H 170 25.65 -32.92 -53.61
CA THR H 170 26.34 -32.24 -52.54
C THR H 170 27.53 -33.02 -52.00
N SER H 171 27.82 -34.21 -52.55
CA SER H 171 28.95 -35.00 -52.10
C SER H 171 30.25 -34.46 -52.67
N GLY H 172 31.28 -34.39 -51.82
CA GLY H 172 32.58 -33.95 -52.26
C GLY H 172 32.69 -32.45 -52.48
N VAL H 173 31.75 -31.67 -51.94
CA VAL H 173 31.80 -30.22 -52.10
C VAL H 173 32.85 -29.64 -51.17
N HIS H 174 33.64 -28.70 -51.68
CA HIS H 174 34.62 -27.97 -50.88
C HIS H 174 34.39 -26.48 -51.14
N THR H 175 33.47 -25.90 -50.38
CA THR H 175 33.15 -24.47 -50.51
C THR H 175 34.08 -23.68 -49.59
N PHE H 176 35.08 -23.04 -50.19
CA PHE H 176 36.05 -22.31 -49.41
C PHE H 176 35.40 -21.08 -48.78
N PRO H 177 35.85 -20.69 -47.58
CA PRO H 177 35.34 -19.46 -46.98
C PRO H 177 35.66 -18.24 -47.84
N ALA H 178 34.73 -17.29 -47.85
CA ALA H 178 34.86 -16.12 -48.71
C ALA H 178 36.03 -15.25 -48.28
N VAL H 179 36.59 -14.53 -49.25
CA VAL H 179 37.72 -13.63 -49.03
C VAL H 179 37.32 -12.23 -49.44
N LEU H 180 37.71 -11.24 -48.63
CA LEU H 180 37.45 -9.83 -48.91
C LEU H 180 38.68 -9.23 -49.57
N GLN H 181 38.56 -8.91 -50.85
CA GLN H 181 39.67 -8.38 -51.62
C GLN H 181 39.78 -6.87 -51.42
N SER H 182 40.80 -6.28 -52.06
CA SER H 182 41.06 -4.85 -51.88
C SER H 182 39.98 -3.98 -52.51
N SER H 183 39.22 -4.49 -53.46
CA SER H 183 38.16 -3.70 -54.07
C SER H 183 37.08 -3.35 -53.07
N GLY H 184 36.72 -4.28 -52.18
CA GLY H 184 35.62 -4.12 -51.28
C GLY H 184 34.48 -5.09 -51.52
N LEU H 185 34.64 -6.02 -52.46
CA LEU H 185 33.62 -7.01 -52.77
C LEU H 185 34.05 -8.36 -52.19
N TYR H 186 33.22 -9.38 -52.44
CA TYR H 186 33.42 -10.69 -51.88
C TYR H 186 33.53 -11.73 -53.00
N SER H 187 34.28 -12.80 -52.74
CA SER H 187 34.49 -13.82 -53.75
C SER H 187 34.78 -15.15 -53.07
N LEU H 188 34.56 -16.23 -53.81
CA LEU H 188 34.85 -17.59 -53.35
C LEU H 188 34.86 -18.51 -54.55
N SER H 189 35.29 -19.75 -54.32
CA SER H 189 35.30 -20.78 -55.34
C SER H 189 34.83 -22.08 -54.72
N SER H 190 33.86 -22.74 -55.35
CA SER H 190 33.29 -23.98 -54.84
C SER H 190 33.53 -25.09 -55.85
N VAL H 191 34.20 -26.15 -55.42
CA VAL H 191 34.54 -27.27 -56.28
C VAL H 191 34.02 -28.56 -55.65
N VAL H 192 33.69 -29.52 -56.51
CA VAL H 192 33.22 -30.84 -56.10
C VAL H 192 34.06 -31.88 -56.81
N THR H 193 34.21 -33.04 -56.16
CA THR H 193 34.89 -34.17 -56.77
C THR H 193 33.93 -34.99 -57.60
N VAL H 194 34.43 -35.56 -58.69
CA VAL H 194 33.60 -36.30 -59.64
C VAL H 194 34.51 -37.28 -60.39
N PRO H 195 34.05 -38.51 -60.65
CA PRO H 195 34.87 -39.45 -61.41
C PRO H 195 35.22 -38.91 -62.80
N SER H 196 36.42 -39.27 -63.26
CA SER H 196 36.87 -38.82 -64.57
C SER H 196 36.02 -39.37 -65.70
N SER H 197 35.31 -40.48 -65.47
CA SER H 197 34.43 -41.04 -66.50
C SER H 197 33.12 -40.27 -66.63
N SER H 198 32.74 -39.48 -65.62
CA SER H 198 31.52 -38.70 -65.70
C SER H 198 31.66 -37.48 -66.60
N LEU H 199 32.87 -36.98 -66.81
CA LEU H 199 33.09 -35.84 -67.69
C LEU H 199 32.76 -36.23 -69.13
N GLY H 200 32.02 -35.36 -69.82
CA GLY H 200 31.59 -35.63 -71.17
C GLY H 200 30.29 -36.39 -71.28
N THR H 201 29.74 -36.87 -70.17
CA THR H 201 28.49 -37.60 -70.16
C THR H 201 27.43 -37.00 -69.25
N GLN H 202 27.83 -36.27 -68.22
CA GLN H 202 26.89 -35.69 -67.26
C GLN H 202 26.92 -34.17 -67.36
N THR H 203 25.73 -33.57 -67.24
CA THR H 203 25.58 -32.12 -67.26
C THR H 203 25.56 -31.59 -65.84
N TYR H 204 26.50 -30.72 -65.51
CA TYR H 204 26.66 -30.18 -64.17
C TYR H 204 26.38 -28.68 -64.18
N ILE H 205 25.57 -28.23 -63.24
CA ILE H 205 25.18 -26.82 -63.13
C ILE H 205 25.47 -26.36 -61.70
N CYS H 206 25.94 -25.13 -61.57
CA CYS H 206 26.14 -24.50 -60.27
C CYS H 206 25.15 -23.35 -60.12
N ASN H 207 24.41 -23.37 -59.02
CA ASN H 207 23.37 -22.39 -58.74
C ASN H 207 23.75 -21.57 -57.52
N VAL H 208 23.72 -20.26 -57.65
CA VAL H 208 24.07 -19.33 -56.58
C VAL H 208 22.86 -18.48 -56.25
N ASN H 209 22.53 -18.41 -54.96
CA ASN H 209 21.44 -17.60 -54.43
C ASN H 209 22.04 -16.51 -53.55
N HIS H 210 21.72 -15.27 -53.87
CA HIS H 210 22.20 -14.10 -53.13
C HIS H 210 20.97 -13.36 -52.60
N LYS H 211 20.56 -13.70 -51.38
CA LYS H 211 19.32 -13.17 -50.82
C LYS H 211 19.32 -11.66 -50.67
N PRO H 212 20.35 -11.01 -50.10
CA PRO H 212 20.29 -9.55 -49.97
C PRO H 212 20.18 -8.81 -51.30
N SER H 213 20.79 -9.32 -52.37
CA SER H 213 20.66 -8.70 -53.68
C SER H 213 19.55 -9.32 -54.51
N ASN H 214 18.92 -10.39 -54.03
CA ASN H 214 17.82 -11.06 -54.72
C ASN H 214 18.22 -11.44 -56.14
N THR H 215 19.40 -12.04 -56.27
CA THR H 215 19.93 -12.49 -57.55
C THR H 215 20.23 -13.97 -57.49
N LYS H 216 19.65 -14.73 -58.41
CA LYS H 216 19.87 -16.17 -58.52
C LYS H 216 20.44 -16.47 -59.90
N VAL H 217 21.58 -17.16 -59.94
CA VAL H 217 22.26 -17.43 -61.21
C VAL H 217 22.62 -18.92 -61.26
N ASP H 218 22.15 -19.60 -62.29
CA ASP H 218 22.52 -20.99 -62.54
C ASP H 218 23.33 -21.07 -63.83
N LYS H 219 24.51 -21.68 -63.75
CA LYS H 219 25.40 -21.77 -64.89
C LYS H 219 25.85 -23.20 -65.11
N LYS H 220 25.81 -23.64 -66.37
CA LYS H 220 26.33 -24.95 -66.74
C LYS H 220 27.86 -24.89 -66.84
N VAL H 221 28.51 -25.99 -66.47
CA VAL H 221 29.95 -26.12 -66.63
C VAL H 221 30.22 -27.17 -67.72
N GLU H 222 30.89 -26.75 -68.79
CA GLU H 222 31.20 -27.59 -69.93
C GLU H 222 32.61 -27.29 -70.41
N PRO H 223 33.29 -28.27 -71.01
CA PRO H 223 34.64 -28.04 -71.54
C PRO H 223 34.64 -27.19 -72.80
N ASP I 1 49.33 -4.70 -14.80
CA ASP I 1 50.60 -5.42 -14.77
C ASP I 1 50.42 -6.92 -14.93
N ILE I 2 49.32 -7.32 -15.57
CA ILE I 2 48.99 -8.73 -15.72
C ILE I 2 49.70 -9.25 -16.98
N GLN I 3 50.55 -10.25 -16.80
CA GLN I 3 51.29 -10.88 -17.88
C GLN I 3 50.80 -12.31 -18.03
N MET I 4 50.37 -12.67 -19.23
CA MET I 4 49.84 -14.00 -19.51
C MET I 4 50.33 -14.45 -20.88
N THR I 5 50.38 -15.78 -21.06
CA THR I 5 50.85 -16.36 -22.31
C THR I 5 49.93 -17.51 -22.68
N GLN I 6 50.34 -18.28 -23.68
CA GLN I 6 49.53 -19.40 -24.17
C GLN I 6 50.45 -20.38 -24.89
N SER I 7 49.97 -21.62 -25.01
CA SER I 7 50.67 -22.71 -25.69
C SER I 7 50.97 -22.33 -27.14
N PRO I 8 51.88 -23.05 -27.82
CA PRO I 8 52.20 -22.72 -29.22
C PRO I 8 51.00 -22.70 -30.16
N SER I 9 49.84 -23.16 -29.68
CA SER I 9 48.58 -23.09 -30.40
C SER I 9 48.54 -23.94 -31.66
N SER I 10 49.35 -25.00 -31.70
CA SER I 10 49.34 -25.93 -32.84
C SER I 10 49.73 -27.30 -32.33
N LEU I 11 48.73 -28.13 -32.05
CA LEU I 11 48.97 -29.46 -31.52
C LEU I 11 47.84 -30.39 -31.98
N SER I 12 48.19 -31.64 -32.24
CA SER I 12 47.26 -32.61 -32.82
C SER I 12 47.26 -33.89 -31.98
N ALA I 13 46.06 -34.35 -31.63
CA ALA I 13 45.88 -35.58 -30.89
C ALA I 13 44.76 -36.38 -31.53
N SER I 14 44.89 -37.71 -31.46
CA SER I 14 43.90 -38.59 -32.06
C SER I 14 42.68 -38.73 -31.16
N VAL I 15 41.68 -39.48 -31.64
CA VAL I 15 40.46 -39.69 -30.87
C VAL I 15 40.78 -40.54 -29.65
N GLY I 16 40.11 -40.26 -28.54
CA GLY I 16 40.36 -40.98 -27.30
C GLY I 16 41.73 -40.73 -26.72
N ASP I 17 42.25 -39.51 -26.85
CA ASP I 17 43.56 -39.14 -26.35
C ASP I 17 43.42 -38.11 -25.24
N THR I 18 44.53 -37.88 -24.54
CA THR I 18 44.60 -36.92 -23.45
C THR I 18 45.51 -35.77 -23.85
N VAL I 19 45.05 -34.54 -23.60
CA VAL I 19 45.74 -33.34 -24.03
C VAL I 19 45.77 -32.33 -22.89
N THR I 20 46.89 -31.63 -22.76
CA THR I 20 47.06 -30.61 -21.73
C THR I 20 47.54 -29.31 -22.37
N ILE I 21 46.96 -28.20 -21.92
CA ILE I 21 47.34 -26.86 -22.38
C ILE I 21 47.69 -26.02 -21.16
N THR I 22 48.76 -25.24 -21.28
CA THR I 22 49.33 -24.51 -20.16
C THR I 22 49.23 -23.00 -20.40
N CYS I 23 48.90 -22.26 -19.35
CA CYS I 23 48.96 -20.81 -19.35
C CYS I 23 49.79 -20.35 -18.16
N GLN I 24 50.40 -19.17 -18.29
CA GLN I 24 51.24 -18.58 -17.24
C GLN I 24 50.71 -17.19 -16.92
N ALA I 25 49.73 -17.12 -16.03
CA ALA I 25 49.11 -15.87 -15.64
C ALA I 25 49.32 -15.61 -14.16
N ASN I 26 48.93 -14.41 -13.73
CA ASN I 26 49.03 -14.00 -12.33
C ASN I 26 47.73 -13.34 -11.88
N GLY I 27 46.60 -13.98 -12.19
CA GLY I 27 45.30 -13.49 -11.78
C GLY I 27 44.28 -14.60 -11.94
N TYR I 28 43.08 -14.33 -11.43
CA TYR I 28 41.97 -15.26 -11.57
C TYR I 28 41.81 -15.66 -13.03
N LEU I 29 42.02 -16.93 -13.34
CA LEU I 29 42.04 -17.43 -14.71
C LEU I 29 40.88 -18.36 -14.95
N ASN I 30 40.30 -18.28 -16.14
CA ASN I 30 39.22 -19.16 -16.55
C ASN I 30 39.58 -19.81 -17.88
N TRP I 31 38.93 -20.93 -18.17
CA TRP I 31 39.17 -21.71 -19.38
C TRP I 31 37.89 -21.77 -20.18
N TYR I 32 37.94 -21.20 -21.40
CA TYR I 32 36.82 -21.15 -22.32
C TYR I 32 37.11 -21.99 -23.56
N GLN I 33 36.06 -22.61 -24.08
CA GLN I 33 36.10 -23.33 -25.35
C GLN I 33 35.24 -22.60 -26.37
N GLN I 34 35.81 -22.33 -27.53
CA GLN I 34 35.12 -21.68 -28.62
C GLN I 34 35.21 -22.53 -29.88
N ARG I 35 34.09 -22.62 -30.60
CA ARG I 35 34.03 -23.29 -31.88
C ARG I 35 34.39 -22.30 -32.98
N ARG I 36 34.13 -22.68 -34.23
CA ARG I 36 34.35 -21.77 -35.34
C ARG I 36 33.19 -20.79 -35.46
N GLY I 37 33.44 -19.53 -35.15
CA GLY I 37 32.44 -18.49 -35.28
C GLY I 37 31.21 -18.71 -34.43
N LYS I 38 31.42 -19.03 -33.16
CA LYS I 38 30.34 -19.32 -32.24
C LYS I 38 30.64 -18.67 -30.90
N ALA I 39 29.60 -18.47 -30.11
CA ALA I 39 29.76 -17.87 -28.78
C ALA I 39 30.57 -18.81 -27.90
N PRO I 40 31.72 -18.37 -27.37
CA PRO I 40 32.53 -19.26 -26.54
C PRO I 40 31.78 -19.70 -25.30
N LYS I 41 32.08 -20.91 -24.85
CA LYS I 41 31.45 -21.49 -23.67
C LYS I 41 32.47 -21.61 -22.56
N LEU I 42 32.09 -21.21 -21.36
CA LEU I 42 32.97 -21.37 -20.20
C LEU I 42 33.07 -22.84 -19.84
N LEU I 43 34.30 -23.29 -19.58
CA LEU I 43 34.56 -24.65 -19.12
C LEU I 43 35.00 -24.68 -17.67
N ILE I 44 36.02 -23.88 -17.33
CA ILE I 44 36.60 -23.90 -15.99
C ILE I 44 36.66 -22.48 -15.46
N TYR I 45 36.29 -22.29 -14.20
CA TYR I 45 36.46 -21.00 -13.54
C TYR I 45 37.28 -21.17 -12.28
N ASP I 46 38.15 -20.20 -12.02
CA ASP I 46 39.10 -20.23 -10.90
C ASP I 46 40.03 -21.44 -11.04
N GLY I 47 40.75 -21.47 -12.16
CA GLY I 47 41.82 -22.44 -12.32
C GLY I 47 41.39 -23.88 -12.54
N SER I 48 40.61 -24.43 -11.61
CA SER I 48 40.36 -25.86 -11.61
C SER I 48 38.88 -26.22 -11.48
N LYS I 49 38.07 -25.34 -10.88
CA LYS I 49 36.68 -25.68 -10.61
C LYS I 49 35.92 -25.92 -11.91
N LEU I 50 35.04 -26.92 -11.88
CA LEU I 50 34.31 -27.35 -13.06
C LEU I 50 32.89 -26.80 -13.03
N GLU I 51 32.38 -26.45 -14.21
CA GLU I 51 31.08 -25.82 -14.33
C GLU I 51 29.98 -26.85 -14.58
N ARG I 52 28.78 -26.54 -14.09
CA ARG I 52 27.63 -27.38 -14.32
C ARG I 52 27.36 -27.52 -15.82
N GLY I 53 26.95 -28.72 -16.24
CA GLY I 53 26.70 -28.99 -17.64
C GLY I 53 27.94 -29.02 -18.51
N VAL I 54 29.02 -29.62 -18.01
CA VAL I 54 30.27 -29.75 -18.76
C VAL I 54 30.71 -31.21 -18.69
N PRO I 55 31.26 -31.77 -19.75
CA PRO I 55 31.79 -33.14 -19.67
C PRO I 55 32.87 -33.25 -18.61
N SER I 56 32.88 -34.39 -17.91
CA SER I 56 33.78 -34.59 -16.78
C SER I 56 35.24 -34.71 -17.19
N ARG I 57 35.53 -34.85 -18.47
CA ARG I 57 36.91 -35.06 -18.91
C ARG I 57 37.77 -33.82 -18.68
N PHE I 58 37.16 -32.63 -18.68
CA PHE I 58 37.93 -31.42 -18.46
C PHE I 58 38.31 -31.28 -16.99
N SER I 59 39.57 -30.92 -16.74
CA SER I 59 40.03 -30.70 -15.38
C SER I 59 41.12 -29.64 -15.39
N GLY I 60 41.38 -29.06 -14.23
CA GLY I 60 42.33 -27.96 -14.11
C GLY I 60 43.32 -28.18 -12.99
N ARG I 61 44.54 -27.72 -13.22
CA ARG I 61 45.63 -27.81 -12.26
C ARG I 61 46.18 -26.42 -11.98
N ARG I 62 46.17 -26.03 -10.71
CA ARG I 62 46.68 -24.74 -10.24
C ARG I 62 47.98 -25.01 -9.48
N TRP I 63 49.10 -24.81 -10.16
CA TRP I 63 50.42 -25.07 -9.58
C TRP I 63 51.36 -23.94 -9.93
N GLY I 64 51.97 -23.34 -8.92
CA GLY I 64 52.84 -22.20 -9.15
C GLY I 64 52.07 -21.08 -9.81
N GLN I 65 52.61 -20.56 -10.91
CA GLN I 65 51.88 -19.64 -11.77
C GLN I 65 51.33 -20.32 -13.01
N GLU I 66 51.58 -21.62 -13.17
CA GLU I 66 51.11 -22.37 -14.34
C GLU I 66 49.71 -22.90 -14.09
N TYR I 67 48.82 -22.71 -15.06
CA TYR I 67 47.50 -23.29 -15.05
C TYR I 67 47.42 -24.34 -16.15
N ASN I 68 46.99 -25.54 -15.79
CA ASN I 68 46.89 -26.67 -16.70
C ASN I 68 45.42 -26.97 -16.98
N LEU I 69 45.07 -27.11 -18.26
CA LEU I 69 43.79 -27.65 -18.66
C LEU I 69 44.02 -29.02 -19.28
N THR I 70 43.35 -30.04 -18.74
CA THR I 70 43.51 -31.41 -19.19
C THR I 70 42.17 -31.94 -19.72
N ILE I 71 42.20 -32.49 -20.92
CA ILE I 71 41.04 -33.12 -21.56
C ILE I 71 41.40 -34.57 -21.81
N ASN I 72 40.58 -35.49 -21.29
CA ASN I 72 40.84 -36.92 -21.39
C ASN I 72 39.88 -37.55 -22.38
N ASN I 73 40.33 -38.65 -22.98
CA ASN I 73 39.56 -39.46 -23.94
C ASN I 73 38.78 -38.58 -24.91
N LEU I 74 39.54 -37.83 -25.70
CA LEU I 74 38.97 -36.84 -26.62
C LEU I 74 37.96 -37.46 -27.57
N GLN I 75 36.87 -36.74 -27.80
CA GLN I 75 35.82 -37.08 -28.74
C GLN I 75 35.91 -36.23 -30.00
N PRO I 76 35.37 -36.71 -31.12
CA PRO I 76 35.52 -35.96 -32.38
C PRO I 76 34.91 -34.57 -32.37
N GLU I 77 33.96 -34.30 -31.47
CA GLU I 77 33.34 -32.97 -31.40
C GLU I 77 34.11 -31.99 -30.54
N ASP I 78 35.23 -32.40 -29.94
CA ASP I 78 36.02 -31.52 -29.09
C ASP I 78 37.11 -30.79 -29.86
N ILE I 79 37.19 -30.96 -31.18
CA ILE I 79 38.20 -30.27 -31.98
C ILE I 79 37.72 -28.82 -32.14
N ALA I 80 38.31 -27.92 -31.38
CA ALA I 80 37.90 -26.51 -31.35
C ALA I 80 39.10 -25.69 -30.89
N THR I 81 38.85 -24.44 -30.52
CA THR I 81 39.89 -23.61 -29.91
C THR I 81 39.59 -23.42 -28.44
N TYR I 82 40.65 -23.32 -27.64
CA TYR I 82 40.55 -23.18 -26.20
C TYR I 82 41.45 -22.04 -25.75
N PHE I 83 40.94 -21.17 -24.87
CA PHE I 83 41.75 -20.06 -24.41
C PHE I 83 41.54 -19.82 -22.93
N CYS I 84 42.59 -19.30 -22.29
CA CYS I 84 42.55 -18.92 -20.89
C CYS I 84 42.34 -17.41 -20.78
N GLN I 85 41.39 -17.02 -19.95
CA GLN I 85 40.96 -15.64 -19.82
C GLN I 85 41.29 -15.11 -18.44
N VAL I 86 41.86 -13.90 -18.40
CA VAL I 86 42.12 -13.17 -17.17
C VAL I 86 41.17 -11.98 -17.26
N TYR I 87 41.16 -11.10 -16.26
CA TYR I 87 40.13 -10.08 -16.12
C TYR I 87 39.76 -9.42 -17.45
N GLU I 88 40.71 -8.75 -18.08
CA GLU I 88 40.43 -8.06 -19.35
C GLU I 88 41.42 -8.42 -20.43
N PHE I 89 42.28 -9.41 -20.22
CA PHE I 89 43.27 -9.83 -21.20
C PHE I 89 42.96 -11.26 -21.63
N VAL I 90 42.83 -11.47 -22.93
CA VAL I 90 42.55 -12.78 -23.50
C VAL I 90 43.56 -13.06 -24.59
N VAL I 91 44.20 -14.22 -24.51
CA VAL I 91 45.13 -14.67 -25.56
C VAL I 91 44.31 -15.23 -26.72
N PRO I 92 44.86 -15.27 -27.94
CA PRO I 92 44.07 -15.81 -29.06
C PRO I 92 43.57 -17.23 -28.82
N GLY I 93 44.38 -18.08 -28.20
CA GLY I 93 43.97 -19.43 -27.86
C GLY I 93 44.88 -20.44 -28.51
N THR I 94 44.36 -21.67 -28.61
CA THR I 94 45.09 -22.79 -29.20
C THR I 94 44.24 -23.43 -30.29
N ARG I 95 44.91 -24.12 -31.21
CA ARG I 95 44.24 -24.80 -32.31
C ARG I 95 44.36 -26.31 -32.14
N LEU I 96 43.29 -27.02 -32.46
CA LEU I 96 43.20 -28.46 -32.26
C LEU I 96 42.91 -29.16 -33.57
N ASP I 97 43.44 -30.37 -33.73
CA ASP I 97 43.18 -31.20 -34.89
C ASP I 97 43.61 -32.63 -34.55
N LEU I 98 43.48 -33.52 -35.53
CA LEU I 98 43.84 -34.92 -35.36
C LEU I 98 45.18 -35.21 -36.03
N LYS I 99 45.99 -36.05 -35.39
CA LYS I 99 47.36 -36.27 -35.80
C LYS I 99 47.48 -37.47 -36.73
N ARG I 100 48.69 -37.65 -37.27
CA ARG I 100 49.11 -38.81 -38.05
C ARG I 100 48.34 -38.97 -39.36
N THR I 101 47.59 -37.96 -39.78
CA THR I 101 46.92 -38.00 -41.09
C THR I 101 47.76 -37.33 -42.17
N VAL I 102 49.02 -37.74 -42.27
CA VAL I 102 49.95 -37.15 -43.23
C VAL I 102 49.67 -37.71 -44.62
N ALA I 103 49.61 -36.83 -45.61
CA ALA I 103 49.31 -37.26 -46.97
C ALA I 103 49.85 -36.23 -47.96
N ALA I 104 50.14 -36.70 -49.16
CA ALA I 104 50.58 -35.83 -50.24
C ALA I 104 49.39 -35.07 -50.81
N PRO I 105 49.46 -33.75 -50.93
CA PRO I 105 48.32 -32.99 -51.45
C PRO I 105 48.03 -33.32 -52.90
N SER I 106 46.76 -33.20 -53.27
CA SER I 106 46.33 -33.32 -54.66
C SER I 106 46.33 -31.93 -55.28
N VAL I 107 47.09 -31.77 -56.35
CA VAL I 107 47.30 -30.47 -56.98
C VAL I 107 46.41 -30.33 -58.20
N PHE I 108 45.68 -29.22 -58.28
CA PHE I 108 44.84 -28.90 -59.43
C PHE I 108 45.15 -27.49 -59.88
N ILE I 109 45.20 -27.30 -61.20
CA ILE I 109 45.41 -25.99 -61.80
C ILE I 109 44.27 -25.73 -62.78
N PHE I 110 43.69 -24.54 -62.69
CA PHE I 110 42.56 -24.17 -63.53
C PHE I 110 42.85 -22.83 -64.20
N PRO I 111 43.11 -22.80 -65.51
CA PRO I 111 43.33 -21.52 -66.17
C PRO I 111 42.04 -20.71 -66.21
N PRO I 112 42.13 -19.38 -66.23
CA PRO I 112 40.92 -18.56 -66.31
C PRO I 112 40.16 -18.83 -67.61
N SER I 113 38.84 -18.83 -67.51
CA SER I 113 38.01 -19.09 -68.67
C SER I 113 38.11 -17.94 -69.67
N ASP I 114 37.78 -18.25 -70.93
CA ASP I 114 37.86 -17.24 -71.98
C ASP I 114 36.91 -16.08 -71.71
N GLU I 115 35.71 -16.39 -71.20
CA GLU I 115 34.73 -15.35 -70.92
C GLU I 115 35.12 -14.46 -69.74
N GLN I 116 36.10 -14.86 -68.93
CA GLN I 116 36.54 -13.98 -67.85
C GLN I 116 37.38 -12.83 -68.38
N LEU I 117 38.20 -13.09 -69.41
CA LEU I 117 39.04 -12.03 -69.96
C LEU I 117 38.25 -11.02 -70.77
N LYS I 118 37.02 -11.37 -71.20
CA LYS I 118 36.18 -10.41 -71.92
C LYS I 118 35.77 -9.24 -71.05
N SER I 119 35.81 -9.40 -69.73
CA SER I 119 35.57 -8.31 -68.79
C SER I 119 36.86 -7.64 -68.33
N GLY I 120 38.00 -8.04 -68.89
CA GLY I 120 39.28 -7.47 -68.51
C GLY I 120 39.73 -7.81 -67.10
N THR I 121 39.46 -9.03 -66.65
CA THR I 121 39.88 -9.49 -65.33
C THR I 121 40.60 -10.83 -65.46
N ALA I 122 41.78 -10.92 -64.88
CA ALA I 122 42.59 -12.13 -64.93
C ALA I 122 42.78 -12.67 -63.53
N SER I 123 42.49 -13.96 -63.34
CA SER I 123 42.62 -14.60 -62.04
C SER I 123 43.05 -16.05 -62.25
N VAL I 124 44.26 -16.38 -61.78
CA VAL I 124 44.80 -17.72 -61.89
C VAL I 124 44.86 -18.34 -60.50
N VAL I 125 44.42 -19.59 -60.40
CA VAL I 125 44.30 -20.28 -59.11
C VAL I 125 45.00 -21.63 -59.21
N CYS I 126 45.67 -22.03 -58.14
CA CYS I 126 46.17 -23.39 -57.99
C CYS I 126 45.49 -24.02 -56.77
N LEU I 127 44.89 -25.18 -56.97
CA LEU I 127 44.06 -25.82 -55.96
C LEU I 127 44.86 -26.91 -55.26
N LEU I 128 44.76 -26.95 -53.93
CA LEU I 128 45.36 -28.00 -53.11
C LEU I 128 44.23 -28.74 -52.40
N ASN I 129 44.23 -30.07 -52.51
CA ASN I 129 43.18 -30.89 -51.93
C ASN I 129 43.81 -32.08 -51.21
N ASN I 130 43.20 -32.45 -50.08
CA ASN I 130 43.62 -33.61 -49.28
C ASN I 130 45.09 -33.47 -48.88
N PHE I 131 45.33 -32.48 -48.01
CA PHE I 131 46.65 -32.25 -47.46
C PHE I 131 46.55 -32.02 -45.96
N TYR I 132 47.66 -32.33 -45.27
CA TYR I 132 47.78 -32.18 -43.82
C TYR I 132 49.27 -32.22 -43.49
N PRO I 133 49.77 -31.33 -42.62
CA PRO I 133 49.04 -30.32 -41.85
C PRO I 133 48.59 -29.11 -42.67
N ARG I 134 47.82 -28.23 -42.03
CA ARG I 134 47.28 -27.08 -42.72
C ARG I 134 48.38 -26.14 -43.21
N GLU I 135 49.44 -25.98 -42.43
CA GLU I 135 50.50 -25.05 -42.76
C GLU I 135 51.23 -25.49 -44.02
N ALA I 136 50.99 -24.78 -45.12
CA ALA I 136 51.65 -25.05 -46.40
C ALA I 136 52.18 -23.74 -46.97
N LYS I 137 53.39 -23.79 -47.52
CA LYS I 137 54.02 -22.64 -48.14
C LYS I 137 53.69 -22.66 -49.62
N VAL I 138 52.75 -21.80 -50.04
CA VAL I 138 52.34 -21.70 -51.43
C VAL I 138 53.05 -20.51 -52.06
N GLN I 139 53.83 -20.77 -53.10
CA GLN I 139 54.57 -19.75 -53.80
C GLN I 139 54.16 -19.72 -55.27
N TRP I 140 53.96 -18.52 -55.80
CA TRP I 140 53.59 -18.33 -57.20
C TRP I 140 54.79 -17.84 -57.99
N LYS I 141 55.01 -18.45 -59.15
CA LYS I 141 56.10 -18.06 -60.04
C LYS I 141 55.52 -17.74 -61.41
N VAL I 142 55.76 -16.51 -61.87
CA VAL I 142 55.42 -16.11 -63.23
C VAL I 142 56.72 -16.18 -64.03
N ASP I 143 56.96 -17.35 -64.63
CA ASP I 143 58.23 -17.67 -65.26
C ASP I 143 59.39 -17.49 -64.28
N ASN I 144 59.28 -18.18 -63.14
CA ASN I 144 60.29 -18.17 -62.08
C ASN I 144 60.48 -16.78 -61.50
N ALA I 145 59.38 -16.04 -61.34
CA ALA I 145 59.39 -14.74 -60.69
C ALA I 145 58.32 -14.75 -59.60
N LEU I 146 58.72 -14.52 -58.35
CA LEU I 146 57.80 -14.61 -57.23
C LEU I 146 56.82 -13.44 -57.25
N GLN I 147 55.55 -13.75 -57.02
CA GLN I 147 54.50 -12.73 -56.93
C GLN I 147 54.07 -12.60 -55.48
N SER I 148 54.02 -11.37 -54.99
CA SER I 148 53.70 -11.10 -53.60
C SER I 148 52.62 -10.03 -53.49
N GLY I 149 51.64 -10.29 -52.64
CA GLY I 149 50.58 -9.34 -52.35
C GLY I 149 49.34 -9.49 -53.20
N ASN I 150 49.43 -10.14 -54.35
CA ASN I 150 48.30 -10.29 -55.26
C ASN I 150 47.63 -11.65 -55.13
N SER I 151 47.99 -12.43 -54.12
CA SER I 151 47.42 -13.75 -53.90
C SER I 151 46.60 -13.76 -52.61
N GLN I 152 45.44 -14.41 -52.68
CA GLN I 152 44.58 -14.62 -51.53
C GLN I 152 44.47 -16.12 -51.25
N GLU I 153 44.69 -16.51 -50.00
CA GLU I 153 44.76 -17.90 -49.62
C GLU I 153 43.69 -18.23 -48.58
N SER I 154 43.06 -19.38 -48.75
CA SER I 154 42.07 -19.85 -47.78
C SER I 154 42.20 -21.36 -47.64
N VAL I 155 41.77 -21.87 -46.48
CA VAL I 155 41.81 -23.29 -46.16
C VAL I 155 40.44 -23.72 -45.67
N THR I 156 39.93 -24.81 -46.21
CA THR I 156 38.63 -25.33 -45.80
C THR I 156 38.73 -25.96 -44.42
N GLU I 157 37.57 -26.29 -43.86
CA GLU I 157 37.51 -26.92 -42.55
C GLU I 157 37.97 -28.37 -42.63
N GLN I 158 38.30 -28.94 -41.47
CA GLN I 158 38.67 -30.35 -41.41
C GLN I 158 37.45 -31.21 -41.67
N ASP I 159 37.50 -32.01 -42.73
CA ASP I 159 36.35 -32.81 -43.11
C ASP I 159 36.15 -33.96 -42.13
N SER I 160 34.93 -34.52 -42.14
CA SER I 160 34.51 -35.44 -41.10
C SER I 160 35.31 -36.74 -41.12
N LYS I 161 35.41 -37.38 -42.27
CA LYS I 161 35.98 -38.73 -42.34
C LYS I 161 37.48 -38.71 -42.59
N ASP I 162 37.90 -38.16 -43.73
CA ASP I 162 39.31 -38.19 -44.11
C ASP I 162 40.16 -37.32 -43.19
N SER I 163 39.57 -36.33 -42.52
CA SER I 163 40.30 -35.41 -41.66
C SER I 163 41.46 -34.75 -42.39
N THR I 164 41.20 -34.36 -43.64
CA THR I 164 42.19 -33.71 -44.48
C THR I 164 41.69 -32.32 -44.85
N TYR I 165 42.63 -31.44 -45.20
CA TYR I 165 42.32 -30.06 -45.52
C TYR I 165 42.49 -29.82 -47.02
N SER I 166 41.91 -28.72 -47.49
CA SER I 166 42.01 -28.31 -48.88
C SER I 166 42.25 -26.81 -48.93
N LEU I 167 43.28 -26.39 -49.66
CA LEU I 167 43.67 -25.00 -49.75
C LEU I 167 43.40 -24.45 -51.13
N SER I 168 42.91 -23.20 -51.18
CA SER I 168 42.70 -22.48 -52.43
C SER I 168 43.52 -21.19 -52.38
N SER I 169 44.44 -21.05 -53.33
CA SER I 169 45.26 -19.86 -53.48
C SER I 169 44.97 -19.23 -54.84
N THR I 170 44.46 -18.00 -54.82
CA THR I 170 44.13 -17.27 -56.04
C THR I 170 45.22 -16.22 -56.27
N LEU I 171 45.83 -16.26 -57.44
CA LEU I 171 46.80 -15.26 -57.85
C LEU I 171 46.17 -14.32 -58.87
N THR I 172 46.27 -13.02 -58.63
CA THR I 172 45.69 -12.01 -59.50
C THR I 172 46.80 -11.32 -60.27
N LEU I 173 46.69 -11.32 -61.60
CA LEU I 173 47.71 -10.77 -62.48
C LEU I 173 47.06 -9.88 -63.52
N SER I 174 47.89 -9.02 -64.12
CA SER I 174 47.43 -8.15 -65.19
C SER I 174 47.15 -8.95 -66.45
N LYS I 175 46.38 -8.35 -67.36
CA LYS I 175 46.05 -9.01 -68.61
C LYS I 175 47.29 -9.17 -69.50
N ALA I 176 48.25 -8.26 -69.39
CA ALA I 176 49.40 -8.28 -70.28
C ALA I 176 50.26 -9.53 -70.06
N ASP I 177 50.50 -9.91 -68.80
CA ASP I 177 51.46 -10.96 -68.52
C ASP I 177 50.88 -12.36 -68.69
N TYR I 178 49.55 -12.51 -68.51
CA TYR I 178 48.96 -13.84 -68.62
C TYR I 178 48.87 -14.29 -70.08
N GLU I 179 48.43 -13.40 -70.97
CA GLU I 179 48.19 -13.78 -72.35
C GLU I 179 49.44 -13.78 -73.22
N LYS I 180 50.57 -13.29 -72.71
CA LYS I 180 51.78 -13.21 -73.51
C LYS I 180 52.59 -14.51 -73.48
N HIS I 181 52.39 -15.35 -72.49
CA HIS I 181 53.14 -16.60 -72.36
C HIS I 181 52.17 -17.78 -72.34
N LYS I 182 52.75 -18.99 -72.20
CA LYS I 182 51.99 -20.22 -72.24
C LYS I 182 52.07 -21.01 -70.94
N VAL I 183 53.27 -21.26 -70.43
CA VAL I 183 53.47 -22.14 -69.30
C VAL I 183 53.42 -21.34 -68.00
N TYR I 184 52.63 -21.82 -67.04
CA TYR I 184 52.55 -21.24 -65.71
C TYR I 184 52.30 -22.37 -64.71
N ALA I 185 53.00 -22.30 -63.57
CA ALA I 185 52.92 -23.36 -62.58
C ALA I 185 52.81 -22.78 -61.18
N CYS I 186 52.07 -23.47 -60.33
CA CYS I 186 51.98 -23.16 -58.91
C CYS I 186 52.46 -24.40 -58.15
N GLU I 187 53.77 -24.49 -57.95
CA GLU I 187 54.34 -25.61 -57.22
C GLU I 187 54.35 -25.31 -55.73
N VAL I 188 53.92 -26.29 -54.93
CA VAL I 188 53.86 -26.17 -53.48
C VAL I 188 54.67 -27.31 -52.88
N THR I 189 55.46 -27.00 -51.86
CA THR I 189 56.19 -28.00 -51.11
C THR I 189 55.43 -28.28 -49.81
N HIS I 190 55.17 -29.55 -49.55
CA HIS I 190 54.39 -29.97 -48.40
C HIS I 190 55.12 -31.10 -47.67
N GLN I 191 54.98 -31.12 -46.35
CA GLN I 191 55.56 -32.19 -45.56
C GLN I 191 54.96 -33.54 -45.92
N GLY I 192 53.69 -33.55 -46.34
CA GLY I 192 53.07 -34.79 -46.76
C GLY I 192 53.68 -35.35 -48.04
N LEU I 193 53.90 -34.49 -49.04
CA LEU I 193 54.42 -34.97 -50.31
C LEU I 193 55.90 -35.30 -50.21
N SER I 194 56.33 -36.33 -50.95
CA SER I 194 57.72 -36.71 -50.98
C SER I 194 58.52 -35.93 -52.02
N SER I 195 57.88 -35.60 -53.14
CA SER I 195 58.54 -34.89 -54.24
C SER I 195 57.68 -33.72 -54.68
N PRO I 196 58.30 -32.66 -55.21
CA PRO I 196 57.51 -31.54 -55.74
C PRO I 196 56.57 -31.99 -56.83
N VAL I 197 55.27 -31.87 -56.55
CA VAL I 197 54.22 -32.25 -57.48
C VAL I 197 53.65 -31.00 -58.12
N THR I 198 53.56 -31.01 -59.46
CA THR I 198 53.07 -29.86 -60.22
C THR I 198 52.02 -30.33 -61.22
N LYS I 199 50.95 -29.56 -61.33
CA LYS I 199 49.86 -29.84 -62.26
C LYS I 199 49.94 -28.88 -63.42
N SER I 200 49.81 -29.41 -64.64
CA SER I 200 49.88 -28.63 -65.87
C SER I 200 48.62 -28.85 -66.68
N PHE I 201 48.49 -28.12 -67.79
CA PHE I 201 47.33 -28.22 -68.65
C PHE I 201 47.74 -27.82 -70.07
N ASN I 202 47.20 -28.50 -71.06
CA ASN I 202 47.50 -28.24 -72.46
C ASN I 202 46.37 -27.46 -73.10
N ARG I 203 46.69 -26.34 -73.71
CA ARG I 203 45.70 -25.47 -74.34
C ARG I 203 45.20 -26.12 -75.62
N GLY I 204 44.02 -26.73 -75.57
CA GLY I 204 43.43 -27.38 -76.72
C GLY I 204 42.28 -28.30 -76.35
N GLN J 1 -28.01 3.42 -48.54
CA GLN J 1 -26.61 3.82 -48.52
C GLN J 1 -26.49 5.30 -48.18
N LEU J 2 -25.27 5.81 -48.16
CA LEU J 2 -24.99 7.21 -47.86
C LEU J 2 -24.48 7.91 -49.11
N HIS J 3 -25.15 8.99 -49.50
CA HIS J 3 -24.76 9.79 -50.66
C HIS J 3 -24.73 11.25 -50.25
N LEU J 4 -23.66 11.94 -50.60
CA LEU J 4 -23.47 13.35 -50.29
C LEU J 4 -23.35 14.12 -51.58
N GLN J 5 -24.32 14.98 -51.86
CA GLN J 5 -24.33 15.82 -53.04
C GLN J 5 -24.55 17.27 -52.62
N GLU J 6 -23.74 18.17 -53.16
CA GLU J 6 -23.80 19.59 -52.79
C GLU J 6 -23.87 20.45 -54.04
N SER J 7 -24.71 21.49 -53.99
CA SER J 7 -24.84 22.44 -55.09
C SER J 7 -24.33 23.82 -54.71
N GLY J 8 -24.87 24.41 -53.63
CA GLY J 8 -24.44 25.71 -53.18
C GLY J 8 -24.66 26.81 -54.19
N PRO J 9 -24.17 28.02 -53.88
CA PRO J 9 -24.35 29.12 -54.83
C PRO J 9 -23.46 29.00 -56.06
N GLY J 10 -22.20 28.62 -55.87
CA GLY J 10 -21.26 28.56 -56.97
C GLY J 10 -20.24 29.67 -56.91
N LEU J 11 -20.12 30.46 -57.98
CA LEU J 11 -19.22 31.59 -58.00
C LEU J 11 -19.84 32.77 -57.28
N VAL J 12 -19.03 33.45 -56.47
CA VAL J 12 -19.48 34.60 -55.70
C VAL J 12 -18.43 35.70 -55.76
N ARG J 13 -18.87 36.91 -55.43
CA ARG J 13 -17.98 38.07 -55.46
C ARG J 13 -16.88 37.93 -54.42
N PRO J 14 -15.70 38.48 -54.68
CA PRO J 14 -14.66 38.49 -53.65
C PRO J 14 -15.11 39.23 -52.41
N SER J 15 -14.58 38.79 -51.26
CA SER J 15 -14.97 39.31 -49.94
C SER J 15 -16.46 39.12 -49.68
N GLU J 16 -16.98 37.96 -50.10
CA GLU J 16 -18.37 37.60 -49.87
C GLU J 16 -18.45 36.18 -49.33
N THR J 17 -19.43 35.95 -48.46
CA THR J 17 -19.59 34.64 -47.83
C THR J 17 -19.91 33.57 -48.85
N LEU J 18 -19.26 32.41 -48.72
CA LEU J 18 -19.54 31.23 -49.54
C LEU J 18 -20.35 30.27 -48.67
N SER J 19 -21.67 30.29 -48.82
CA SER J 19 -22.57 29.46 -48.02
C SER J 19 -22.89 28.19 -48.81
N LEU J 20 -21.98 27.23 -48.72
CA LEU J 20 -22.16 25.95 -49.39
C LEU J 20 -23.00 25.01 -48.54
N THR J 21 -23.91 24.30 -49.19
CA THR J 21 -24.83 23.39 -48.52
C THR J 21 -24.66 21.98 -49.08
N CYS J 22 -24.49 21.00 -48.19
CA CYS J 22 -24.31 19.61 -48.56
C CYS J 22 -25.57 18.83 -48.22
N ASP J 23 -26.06 18.05 -49.19
CA ASP J 23 -27.28 17.27 -49.02
C ASP J 23 -26.91 15.82 -48.71
N VAL J 24 -27.49 15.29 -47.63
CA VAL J 24 -27.31 13.90 -47.25
C VAL J 24 -28.52 13.11 -47.72
N SER J 25 -28.28 12.04 -48.48
CA SER J 25 -29.36 11.24 -49.04
C SER J 25 -29.15 9.77 -48.68
N GLY J 26 -30.23 9.12 -48.30
CA GLY J 26 -30.20 7.72 -47.91
C GLY J 26 -29.96 7.47 -46.44
N GLY J 27 -28.87 8.03 -45.90
CA GLY J 27 -28.57 7.96 -44.50
C GLY J 27 -28.84 9.26 -43.79
N ALA J 28 -28.27 9.40 -42.60
CA ALA J 28 -28.43 10.61 -41.82
C ALA J 28 -27.26 10.75 -40.86
N PHE J 29 -26.89 11.98 -40.57
CA PHE J 29 -25.82 12.28 -39.61
C PHE J 29 -26.40 12.48 -38.21
N ASN J 30 -27.13 11.46 -37.74
CA ASN J 30 -27.69 11.53 -36.40
C ASN J 30 -26.62 11.32 -35.34
N ASP J 31 -25.55 10.61 -35.67
CA ASP J 31 -24.43 10.40 -34.75
C ASP J 31 -23.07 10.62 -35.39
N ALA J 32 -22.94 10.55 -36.71
CA ALA J 32 -21.66 10.72 -37.38
C ALA J 32 -21.28 12.20 -37.44
N TYR J 33 -20.05 12.44 -37.86
CA TYR J 33 -19.49 13.78 -37.99
C TYR J 33 -19.27 14.10 -39.46
N CYS J 34 -19.71 15.28 -39.88
CA CYS J 34 -19.53 15.72 -41.25
C CYS J 34 -18.36 16.69 -41.33
N SER J 35 -17.59 16.58 -42.41
CA SER J 35 -16.37 17.35 -42.57
C SER J 35 -16.33 17.97 -43.95
N TRP J 36 -15.58 19.07 -44.06
CA TRP J 36 -15.40 19.77 -45.33
C TRP J 36 -13.93 19.73 -45.71
N ILE J 37 -13.67 19.35 -46.96
CA ILE J 37 -12.32 19.31 -47.51
C ILE J 37 -12.31 20.08 -48.82
N ARG J 38 -11.34 20.98 -48.98
CA ARG J 38 -11.18 21.72 -50.22
C ARG J 38 -9.84 21.37 -50.87
N ARG J 39 -9.85 21.27 -52.19
CA ARG J 39 -8.69 20.81 -52.95
C ARG J 39 -8.28 21.92 -53.91
N PHE J 40 -7.14 22.55 -53.63
CA PHE J 40 -6.62 23.59 -54.50
C PHE J 40 -6.21 22.99 -55.85
N PRO J 41 -6.15 23.81 -56.90
CA PRO J 41 -5.62 23.30 -58.17
C PRO J 41 -4.21 22.80 -58.01
N GLY J 42 -4.00 21.52 -58.35
CA GLY J 42 -2.75 20.88 -58.02
C GLY J 42 -2.58 20.79 -56.52
N GLY J 43 -1.33 20.86 -56.06
CA GLY J 43 -1.08 20.92 -54.63
C GLY J 43 -1.66 19.74 -53.89
N GLY J 44 -2.35 20.03 -52.80
CA GLY J 44 -2.94 18.99 -51.97
C GLY J 44 -4.32 19.34 -51.44
N LEU J 45 -4.67 18.78 -50.29
CA LEU J 45 -5.98 18.97 -49.69
C LEU J 45 -5.81 19.54 -48.28
N GLU J 46 -6.67 20.48 -47.92
CA GLU J 46 -6.64 21.12 -46.61
C GLU J 46 -7.97 20.88 -45.90
N TRP J 47 -7.88 20.37 -44.68
CA TRP J 47 -9.08 20.02 -43.92
C TRP J 47 -9.75 21.27 -43.37
N ILE J 48 -11.06 21.35 -43.53
CA ILE J 48 -11.86 22.42 -42.96
C ILE J 48 -12.63 21.83 -41.78
N GLY J 49 -13.19 22.70 -40.94
CA GLY J 49 -13.77 22.31 -39.67
C GLY J 49 -14.80 21.19 -39.69
N ARG J 50 -15.16 20.71 -38.51
CA ARG J 50 -15.97 19.52 -38.33
C ARG J 50 -17.22 19.85 -37.53
N ILE J 51 -18.27 19.06 -37.73
CA ILE J 51 -19.55 19.26 -37.06
C ILE J 51 -20.06 17.91 -36.58
N SER J 52 -20.67 17.88 -35.40
CA SER J 52 -21.26 16.67 -34.88
C SER J 52 -22.73 16.58 -35.27
N GLY J 53 -23.32 15.41 -35.05
CA GLY J 53 -24.70 15.18 -35.41
C GLY J 53 -25.66 15.23 -34.24
N ARG J 54 -25.27 14.60 -33.13
CA ARG J 54 -26.13 14.64 -31.94
C ARG J 54 -26.12 16.02 -31.29
N ASP J 55 -25.01 16.74 -31.38
CA ASP J 55 -24.86 18.05 -30.77
C ASP J 55 -24.37 19.03 -31.82
N GLY J 56 -24.57 20.31 -31.53
CA GLY J 56 -24.02 21.35 -32.38
C GLY J 56 -22.69 21.83 -31.87
N TYR J 57 -21.61 21.29 -32.42
CA TYR J 57 -20.25 21.67 -32.03
C TYR J 57 -19.38 21.74 -33.27
N VAL J 58 -18.61 22.82 -33.37
CA VAL J 58 -17.84 23.13 -34.56
C VAL J 58 -16.37 23.15 -34.22
N GLU J 59 -15.57 22.37 -34.95
CA GLU J 59 -14.13 22.46 -34.93
C GLU J 59 -13.67 23.37 -36.07
N SER J 60 -12.39 23.73 -36.04
CA SER J 60 -11.89 24.68 -37.03
C SER J 60 -10.39 24.52 -37.18
N ASN J 61 -9.92 24.61 -38.41
CA ASN J 61 -8.49 24.64 -38.67
C ASN J 61 -7.91 25.94 -38.13
N PRO J 62 -6.82 25.91 -37.35
CA PRO J 62 -6.28 27.15 -36.79
C PRO J 62 -5.87 28.17 -37.84
N ALA J 63 -5.54 27.74 -39.04
CA ALA J 63 -5.26 28.69 -40.12
C ALA J 63 -6.48 29.56 -40.40
N LEU J 64 -7.66 28.94 -40.47
CA LEU J 64 -8.92 29.68 -40.57
C LEU J 64 -9.46 29.89 -39.16
N THR J 65 -8.79 30.77 -38.44
CA THR J 65 -9.03 30.92 -37.00
C THR J 65 -10.44 31.42 -36.70
N GLY J 66 -10.95 32.35 -37.51
CA GLY J 66 -12.26 32.93 -37.23
C GLY J 66 -13.12 33.08 -38.45
N ARG J 67 -12.65 32.57 -39.59
CA ARG J 67 -13.39 32.73 -40.84
C ARG J 67 -14.53 31.73 -41.00
N VAL J 68 -14.58 30.68 -40.19
CA VAL J 68 -15.45 29.53 -40.45
C VAL J 68 -16.62 29.56 -39.48
N THR J 69 -17.77 29.08 -39.95
CA THR J 69 -18.96 28.90 -39.12
C THR J 69 -19.81 27.81 -39.76
N MET J 70 -20.34 26.91 -38.93
CA MET J 70 -21.09 25.76 -39.40
C MET J 70 -22.46 25.73 -38.74
N SER J 71 -23.40 25.07 -39.41
CA SER J 71 -24.77 24.98 -38.92
C SER J 71 -25.34 23.60 -39.20
N ILE J 72 -26.16 23.12 -38.28
CA ILE J 72 -26.92 21.89 -38.43
C ILE J 72 -28.35 22.17 -37.98
N ASP J 73 -29.30 21.36 -38.46
CA ASP J 73 -30.70 21.62 -38.18
C ASP J 73 -31.42 20.39 -37.65
N ALA J 74 -32.76 20.48 -37.54
CA ALA J 74 -33.54 19.42 -36.92
C ALA J 74 -33.36 18.08 -37.66
N THR J 75 -33.79 18.03 -38.92
CA THR J 75 -33.46 16.88 -39.74
C THR J 75 -31.97 16.85 -40.00
N TRP J 76 -31.43 15.64 -40.12
CA TRP J 76 -29.98 15.46 -40.22
C TRP J 76 -29.54 15.17 -41.65
N LYS J 77 -30.17 15.83 -42.62
CA LYS J 77 -29.77 15.74 -44.01
C LYS J 77 -29.41 17.08 -44.62
N LYS J 78 -29.43 18.16 -43.83
CA LYS J 78 -29.09 19.50 -44.30
C LYS J 78 -27.96 20.06 -43.46
N ILE J 79 -26.94 20.60 -44.13
CA ILE J 79 -25.77 21.17 -43.47
C ILE J 79 -25.23 22.29 -44.34
N VAL J 80 -24.76 23.37 -43.70
CA VAL J 80 -24.31 24.57 -44.39
C VAL J 80 -22.93 24.95 -43.86
N LEU J 81 -22.02 25.28 -44.77
CA LEU J 81 -20.70 25.78 -44.45
C LEU J 81 -20.63 27.28 -44.74
N ARG J 82 -20.21 28.07 -43.76
CA ARG J 82 -20.21 29.52 -43.86
C ARG J 82 -18.80 30.05 -43.64
N LEU J 83 -18.30 30.83 -44.59
CA LEU J 83 -16.98 31.44 -44.52
C LEU J 83 -17.09 32.95 -44.59
N THR J 84 -16.32 33.64 -43.76
CA THR J 84 -16.35 35.09 -43.67
C THR J 84 -15.03 35.67 -44.15
N SER J 85 -15.11 36.85 -44.80
CA SER J 85 -13.94 37.53 -45.35
C SER J 85 -13.16 36.63 -46.30
N MET J 86 -13.88 36.02 -47.23
CA MET J 86 -13.27 35.08 -48.17
C MET J 86 -12.39 35.83 -49.15
N THR J 87 -11.11 35.46 -49.21
CA THR J 87 -10.12 36.19 -49.98
C THR J 87 -10.08 35.68 -51.42
N ALA J 88 -9.10 36.14 -52.19
CA ALA J 88 -8.97 35.76 -53.59
C ALA J 88 -8.21 34.46 -53.79
N SER J 89 -7.61 33.91 -52.73
CA SER J 89 -6.87 32.65 -52.80
C SER J 89 -7.70 31.47 -52.31
N ASP J 90 -9.00 31.49 -52.57
CA ASP J 90 -9.89 30.45 -52.08
C ASP J 90 -10.56 29.71 -53.23
N THR J 91 -9.80 29.39 -54.27
CA THR J 91 -10.30 28.58 -55.37
C THR J 91 -9.91 27.12 -55.12
N ALA J 92 -10.91 26.24 -55.09
CA ALA J 92 -10.70 24.84 -54.74
C ALA J 92 -11.97 24.07 -55.08
N THR J 93 -11.91 22.75 -54.91
CA THR J 93 -13.06 21.87 -55.10
C THR J 93 -13.53 21.43 -53.72
N TYR J 94 -14.45 22.19 -53.14
CA TYR J 94 -14.93 21.94 -51.79
C TYR J 94 -15.68 20.62 -51.73
N PHE J 95 -15.07 19.60 -51.12
CA PHE J 95 -15.66 18.28 -51.04
C PHE J 95 -16.60 18.19 -49.83
N CYS J 96 -17.20 17.01 -49.67
CA CYS J 96 -18.12 16.77 -48.56
C CYS J 96 -18.01 15.29 -48.21
N ALA J 97 -17.36 14.99 -47.09
CA ALA J 97 -17.14 13.62 -46.67
C ALA J 97 -17.52 13.47 -45.19
N GLY J 98 -17.96 12.28 -44.83
CA GLY J 98 -18.41 11.98 -43.48
C GLY J 98 -17.46 11.03 -42.78
N GLU J 99 -17.18 11.32 -41.51
CA GLU J 99 -16.29 10.48 -40.72
C GLU J 99 -16.92 9.12 -40.46
N THR J 100 -16.06 8.13 -40.27
CA THR J 100 -16.52 6.76 -40.04
C THR J 100 -17.13 6.64 -38.65
N PRO J 101 -18.38 6.19 -38.52
CA PRO J 101 -19.00 6.15 -37.18
C PRO J 101 -18.49 5.01 -36.33
N GLU J 102 -18.10 3.88 -36.93
CA GLU J 102 -17.57 2.75 -36.18
C GLU J 102 -16.61 2.00 -37.07
N ASP J 103 -15.70 1.25 -36.44
CA ASP J 103 -14.68 0.51 -37.16
C ASP J 103 -14.13 -0.57 -36.24
N ASP J 104 -13.38 -1.50 -36.82
CA ASP J 104 -12.77 -2.57 -36.05
C ASP J 104 -11.80 -2.04 -35.00
N PHE J 105 -11.21 -0.87 -35.24
CA PHE J 105 -10.12 -0.37 -34.42
C PHE J 105 -10.50 0.84 -33.57
N GLY J 106 -11.73 1.32 -33.65
CA GLY J 106 -12.10 2.48 -32.86
C GLY J 106 -13.50 2.95 -33.20
N TYR J 107 -13.87 4.06 -32.56
CA TYR J 107 -15.18 4.69 -32.72
C TYR J 107 -15.01 6.15 -33.08
N TYR J 108 -15.83 6.61 -34.04
CA TYR J 108 -15.79 8.00 -34.51
C TYR J 108 -14.41 8.38 -35.03
N GLN J 109 -13.75 7.44 -35.70
CA GLN J 109 -12.43 7.73 -36.26
C GLN J 109 -12.57 8.67 -37.45
N PRO J 110 -11.84 9.78 -37.47
CA PRO J 110 -12.02 10.78 -38.53
C PRO J 110 -11.16 10.52 -39.77
N TYR J 111 -11.38 9.38 -40.40
CA TYR J 111 -10.85 9.11 -41.74
C TYR J 111 -12.03 8.98 -42.68
N PHE J 112 -11.98 9.71 -43.79
CA PHE J 112 -13.16 9.95 -44.62
C PHE J 112 -13.49 8.72 -45.44
N LYS J 113 -14.62 8.09 -45.13
CA LYS J 113 -15.00 6.87 -45.81
C LYS J 113 -15.52 7.16 -47.22
N THR J 114 -16.60 7.93 -47.31
CA THR J 114 -17.23 8.25 -48.59
C THR J 114 -17.17 9.76 -48.81
N TRP J 115 -16.65 10.16 -49.96
CA TRP J 115 -16.57 11.56 -50.31
C TRP J 115 -17.83 11.99 -51.07
N GLY J 116 -17.92 13.29 -51.33
CA GLY J 116 -19.00 13.85 -52.11
C GLY J 116 -18.62 14.05 -53.56
N GLN J 117 -19.36 14.92 -54.23
CA GLN J 117 -19.05 15.30 -55.60
C GLN J 117 -18.29 16.63 -55.67
N GLY J 118 -18.62 17.58 -54.80
CA GLY J 118 -17.90 18.82 -54.77
C GLY J 118 -18.22 19.73 -55.95
N LEU J 119 -17.47 20.82 -56.02
CA LEU J 119 -17.64 21.79 -57.09
C LEU J 119 -16.37 22.63 -57.17
N GLY J 120 -15.95 22.94 -58.40
CA GLY J 120 -14.77 23.75 -58.58
C GLY J 120 -15.09 25.23 -58.56
N VAL J 121 -14.88 25.85 -57.40
CA VAL J 121 -15.24 27.25 -57.20
C VAL J 121 -14.01 28.13 -57.47
N THR J 122 -14.24 29.29 -58.06
CA THR J 122 -13.21 30.29 -58.26
C THR J 122 -13.76 31.66 -57.86
N VAL J 123 -12.85 32.53 -57.43
CA VAL J 123 -13.21 33.86 -56.95
C VAL J 123 -12.36 34.89 -57.68
N SER J 124 -13.02 35.92 -58.23
CA SER J 124 -12.33 36.97 -58.96
C SER J 124 -13.32 38.09 -59.25
N SER J 125 -12.83 39.32 -59.18
CA SER J 125 -13.59 40.48 -59.63
C SER J 125 -13.43 40.67 -61.14
N ALA J 126 -14.16 41.63 -61.69
CA ALA J 126 -14.21 41.85 -63.13
C ALA J 126 -14.53 40.55 -63.87
N SER J 127 -15.52 39.82 -63.34
CA SER J 127 -15.79 38.47 -63.80
C SER J 127 -16.36 38.47 -65.21
N THR J 128 -17.52 39.09 -65.40
CA THR J 128 -18.23 39.01 -66.67
C THR J 128 -17.44 39.62 -67.82
N LYS J 129 -17.04 38.80 -68.77
CA LYS J 129 -16.33 39.28 -69.96
C LYS J 129 -16.46 38.25 -71.07
N GLY J 130 -16.72 38.71 -72.29
CA GLY J 130 -16.89 37.85 -73.42
C GLY J 130 -15.57 37.41 -74.02
N PRO J 131 -15.56 36.20 -74.59
CA PRO J 131 -14.32 35.68 -75.18
C PRO J 131 -13.89 36.48 -76.40
N SER J 132 -12.58 36.52 -76.62
CA SER J 132 -12.00 37.13 -77.81
C SER J 132 -11.11 36.10 -78.48
N VAL J 133 -11.35 35.83 -79.76
CA VAL J 133 -10.68 34.76 -80.48
C VAL J 133 -9.56 35.34 -81.33
N PHE J 134 -8.39 34.70 -81.28
CA PHE J 134 -7.25 34.99 -82.12
C PHE J 134 -6.80 33.73 -82.85
N PRO J 135 -6.38 33.84 -84.10
CA PRO J 135 -5.83 32.69 -84.82
C PRO J 135 -4.32 32.59 -84.63
N LEU J 136 -3.78 31.45 -85.06
CA LEU J 136 -2.36 31.19 -84.98
C LEU J 136 -1.88 30.64 -86.30
N ALA J 137 -0.73 31.14 -86.77
CA ALA J 137 -0.21 30.73 -88.07
C ALA J 137 1.29 30.99 -88.17
N PRO J 138 2.07 30.03 -88.65
CA PRO J 138 3.50 30.27 -88.86
C PRO J 138 3.78 31.24 -90.00
N CYS J 139 5.05 31.52 -90.27
CA CYS J 139 5.44 32.37 -91.38
C CYS J 139 5.98 31.60 -92.57
N SER J 140 6.55 30.42 -92.34
CA SER J 140 7.10 29.59 -93.42
C SER J 140 7.19 28.14 -92.99
N THR J 147 7.70 19.93 -89.73
CA THR J 147 6.33 19.90 -89.23
C THR J 147 5.99 21.19 -88.47
N ALA J 148 4.86 21.77 -88.79
CA ALA J 148 4.36 22.98 -88.15
C ALA J 148 2.99 22.70 -87.53
N ALA J 149 2.35 23.76 -87.02
CA ALA J 149 1.04 23.62 -86.40
C ALA J 149 0.33 24.97 -86.44
N LEU J 150 -0.93 24.97 -86.03
CA LEU J 150 -1.73 26.19 -85.93
C LEU J 150 -2.39 26.20 -84.55
N GLY J 151 -3.29 27.15 -84.33
CA GLY J 151 -3.96 27.23 -83.05
C GLY J 151 -5.05 28.29 -83.06
N CYS J 152 -5.90 28.22 -82.03
CA CYS J 152 -7.02 29.14 -81.87
C CYS J 152 -7.05 29.59 -80.41
N LEU J 153 -6.40 30.73 -80.14
CA LEU J 153 -6.35 31.27 -78.79
C LEU J 153 -7.66 31.96 -78.44
N VAL J 154 -8.09 31.78 -77.19
CA VAL J 154 -9.26 32.46 -76.65
C VAL J 154 -8.82 33.24 -75.42
N LYS J 155 -9.14 34.54 -75.40
CA LYS J 155 -8.70 35.44 -74.35
C LYS J 155 -9.91 36.03 -73.63
N ASP J 156 -9.65 36.49 -72.41
CA ASP J 156 -10.59 37.25 -71.58
C ASP J 156 -12.01 36.72 -71.67
N TYR J 157 -12.14 35.39 -71.57
CA TYR J 157 -13.42 34.72 -71.53
C TYR J 157 -13.83 34.41 -70.11
N PHE J 158 -15.14 34.23 -69.92
CA PHE J 158 -15.69 33.92 -68.60
C PHE J 158 -17.12 33.42 -68.74
N PRO J 159 -17.49 32.33 -68.06
CA PRO J 159 -16.59 31.51 -67.24
C PRO J 159 -16.10 30.25 -67.96
N GLU J 160 -15.42 29.39 -67.22
CA GLU J 160 -15.00 28.11 -67.78
C GLU J 160 -16.21 27.21 -68.02
N PRO J 161 -16.13 26.31 -69.01
CA PRO J 161 -15.05 26.16 -69.98
C PRO J 161 -15.43 26.67 -71.37
N VAL J 162 -14.50 26.56 -72.32
CA VAL J 162 -14.74 26.90 -73.72
C VAL J 162 -14.32 25.71 -74.57
N THR J 163 -15.28 25.10 -75.27
CA THR J 163 -14.96 23.94 -76.10
C THR J 163 -14.22 24.38 -77.36
N VAL J 164 -13.30 23.53 -77.81
CA VAL J 164 -12.48 23.81 -78.98
C VAL J 164 -12.74 22.70 -79.98
N SER J 165 -13.67 22.93 -80.91
CA SER J 165 -14.01 21.94 -81.92
C SER J 165 -13.07 22.09 -83.10
N TRP J 166 -12.19 21.11 -83.26
CA TRP J 166 -11.25 21.04 -84.39
C TRP J 166 -11.97 20.38 -85.56
N ASN J 167 -12.40 21.20 -86.52
CA ASN J 167 -13.05 20.76 -87.75
C ASN J 167 -14.34 19.99 -87.50
N SER J 168 -14.83 19.97 -86.26
CA SER J 168 -16.05 19.25 -85.89
C SER J 168 -16.02 17.81 -86.38
N GLY J 169 -15.01 17.08 -85.93
CA GLY J 169 -14.80 15.72 -86.38
C GLY J 169 -13.34 15.33 -86.51
N SER J 170 -12.45 16.30 -86.34
CA SER J 170 -11.01 16.06 -86.36
C SER J 170 -10.42 15.95 -84.96
N LEU J 171 -11.17 15.38 -84.02
CA LEU J 171 -10.69 15.18 -82.65
C LEU J 171 -9.99 13.83 -82.51
N THR J 172 -9.03 13.56 -83.38
CA THR J 172 -8.41 12.24 -83.47
C THR J 172 -6.94 12.24 -83.06
N SER J 173 -6.11 13.05 -83.69
CA SER J 173 -4.66 13.00 -83.48
C SER J 173 -4.09 14.40 -83.32
N GLY J 174 -3.08 14.51 -82.48
CA GLY J 174 -2.39 15.78 -82.29
C GLY J 174 -3.22 16.87 -81.64
N VAL J 175 -4.34 16.51 -81.02
CA VAL J 175 -5.23 17.49 -80.39
C VAL J 175 -4.75 17.66 -78.96
N HIS J 176 -3.81 18.56 -78.76
CA HIS J 176 -3.25 18.84 -77.43
C HIS J 176 -3.94 20.09 -76.88
N THR J 177 -5.17 19.91 -76.42
CA THR J 177 -5.93 21.00 -75.80
C THR J 177 -5.35 21.27 -74.42
N PHE J 178 -4.57 22.34 -74.31
CA PHE J 178 -3.87 22.62 -73.07
C PHE J 178 -4.84 23.11 -71.99
N PRO J 179 -4.50 22.90 -70.72
CA PRO J 179 -5.33 23.45 -69.64
C PRO J 179 -5.40 24.96 -69.69
N ALA J 180 -6.55 25.50 -69.27
CA ALA J 180 -6.74 26.94 -69.23
C ALA J 180 -5.79 27.57 -68.23
N VAL J 181 -5.37 28.80 -68.52
CA VAL J 181 -4.42 29.52 -67.67
C VAL J 181 -5.06 30.83 -67.22
N LEU J 182 -4.69 31.26 -66.03
CA LEU J 182 -5.14 32.52 -65.46
C LEU J 182 -3.94 33.44 -65.24
N GLN J 183 -4.06 34.68 -65.71
CA GLN J 183 -3.01 35.67 -65.57
C GLN J 183 -3.35 36.66 -64.46
N SER J 184 -2.48 37.65 -64.26
CA SER J 184 -2.68 38.63 -63.22
C SER J 184 -3.86 39.56 -63.51
N SER J 185 -4.32 39.61 -64.76
CA SER J 185 -5.46 40.46 -65.11
C SER J 185 -6.80 39.87 -64.69
N GLY J 186 -6.83 38.61 -64.26
CA GLY J 186 -8.06 37.99 -63.82
C GLY J 186 -8.93 37.43 -64.92
N LEU J 187 -8.55 37.60 -66.18
CA LEU J 187 -9.31 37.09 -67.31
C LEU J 187 -8.51 36.00 -68.01
N TYR J 188 -9.13 34.84 -68.19
CA TYR J 188 -8.40 33.63 -68.52
C TYR J 188 -7.95 33.62 -69.99
N SER J 189 -6.89 32.87 -70.24
CA SER J 189 -6.37 32.62 -71.58
C SER J 189 -6.32 31.12 -71.81
N LEU J 190 -6.78 30.69 -73.00
CA LEU J 190 -6.86 29.27 -73.34
C LEU J 190 -6.33 29.07 -74.74
N SER J 191 -5.25 28.30 -74.87
CA SER J 191 -4.65 28.00 -76.16
C SER J 191 -5.16 26.67 -76.68
N SER J 192 -4.93 26.44 -77.98
CA SER J 192 -5.33 25.21 -78.63
C SER J 192 -4.37 24.92 -79.77
N VAL J 193 -4.35 23.66 -80.20
CA VAL J 193 -3.44 23.23 -81.25
C VAL J 193 -3.91 21.89 -81.79
N VAL J 194 -3.70 21.67 -83.09
CA VAL J 194 -3.81 20.35 -83.70
C VAL J 194 -2.55 20.13 -84.54
N THR J 195 -1.90 18.98 -84.33
CA THR J 195 -0.62 18.71 -84.99
C THR J 195 -0.87 18.18 -86.39
N VAL J 196 -0.31 18.85 -87.39
CA VAL J 196 -0.47 18.46 -88.78
C VAL J 196 0.90 18.48 -89.46
N PRO J 197 1.22 17.52 -90.33
CA PRO J 197 2.53 17.53 -90.99
C PRO J 197 2.64 18.62 -92.05
N SER J 198 3.77 18.64 -92.76
CA SER J 198 4.05 19.65 -93.78
C SER J 198 3.71 19.15 -95.19
N SER J 199 2.64 18.38 -95.32
CA SER J 199 2.23 17.86 -96.62
C SER J 199 0.82 18.28 -97.03
N SER J 200 0.03 18.86 -96.11
CA SER J 200 -1.35 19.25 -96.39
C SER J 200 -1.58 20.69 -95.91
N LEU J 201 -0.64 21.58 -96.23
CA LEU J 201 -0.73 22.97 -95.83
C LEU J 201 -1.10 23.82 -97.04
N GLY J 202 -2.04 24.74 -96.84
CA GLY J 202 -2.50 25.62 -97.90
C GLY J 202 -3.56 25.02 -98.81
N THR J 203 -3.96 23.77 -98.58
CA THR J 203 -4.94 23.09 -99.43
C THR J 203 -6.23 22.78 -98.71
N GLN J 204 -6.16 22.07 -97.58
CA GLN J 204 -7.34 21.68 -96.83
C GLN J 204 -7.62 22.69 -95.73
N THR J 205 -8.86 23.14 -95.65
CA THR J 205 -9.23 24.14 -94.65
C THR J 205 -9.26 23.51 -93.25
N TYR J 206 -8.59 24.16 -92.31
CA TYR J 206 -8.61 23.74 -90.91
C TYR J 206 -9.59 24.64 -90.16
N VAL J 207 -10.87 24.35 -90.32
CA VAL J 207 -11.90 25.14 -89.65
C VAL J 207 -11.86 24.83 -88.16
N CYS J 208 -11.94 25.88 -87.34
CA CYS J 208 -11.72 25.80 -85.90
C CYS J 208 -12.89 26.49 -85.21
N ASN J 209 -13.94 25.73 -84.88
CA ASN J 209 -15.16 26.33 -84.36
C ASN J 209 -15.16 26.28 -82.83
N VAL J 210 -14.32 27.14 -82.26
CA VAL J 210 -14.26 27.27 -80.81
C VAL J 210 -15.52 27.95 -80.31
N ASN J 211 -16.16 27.35 -79.32
CA ASN J 211 -17.45 27.83 -78.84
C ASN J 211 -17.45 27.93 -77.31
N HIS J 212 -18.01 29.03 -76.82
CA HIS J 212 -18.26 29.21 -75.39
C HIS J 212 -19.75 29.01 -75.13
N LYS J 213 -20.08 28.21 -74.12
CA LYS J 213 -21.47 27.81 -73.91
C LYS J 213 -22.42 28.98 -73.67
N PRO J 214 -22.14 29.93 -72.76
CA PRO J 214 -23.12 31.01 -72.52
C PRO J 214 -23.13 32.09 -73.59
N SER J 215 -22.16 32.11 -74.50
CA SER J 215 -22.08 33.15 -75.51
C SER J 215 -22.16 32.65 -76.95
N ASN J 216 -21.74 31.41 -77.20
CA ASN J 216 -21.74 30.83 -78.55
C ASN J 216 -20.92 31.69 -79.52
N THR J 217 -19.62 31.78 -79.22
CA THR J 217 -18.69 32.59 -80.02
C THR J 217 -18.26 31.82 -81.27
N LYS J 218 -19.22 31.59 -82.15
CA LYS J 218 -18.98 30.85 -83.39
C LYS J 218 -18.16 31.71 -84.33
N VAL J 219 -16.86 31.43 -84.40
CA VAL J 219 -15.94 32.15 -85.27
C VAL J 219 -15.15 31.14 -86.09
N ASP J 220 -15.02 31.41 -87.39
CA ASP J 220 -14.31 30.53 -88.32
C ASP J 220 -12.98 31.16 -88.70
N LYS J 221 -11.92 30.36 -88.69
CA LYS J 221 -10.59 30.84 -89.03
C LYS J 221 -9.76 29.70 -89.58
N ARG J 222 -8.68 30.05 -90.28
CA ARG J 222 -7.80 29.08 -90.91
C ARG J 222 -6.37 29.59 -90.84
N VAL J 223 -5.43 28.66 -90.98
CA VAL J 223 -4.01 28.98 -90.92
C VAL J 223 -3.54 29.50 -92.28
N GLU J 224 -2.70 30.53 -92.26
CA GLU J 224 -2.15 31.13 -93.47
C GLU J 224 -0.64 31.25 -93.35
N ILE J 225 0.06 31.00 -94.46
CA ILE J 225 1.51 31.16 -94.53
C ILE J 225 1.80 32.39 -95.36
N LYS J 226 2.41 33.39 -94.72
CA LYS J 226 2.70 34.68 -95.36
C LYS J 226 4.20 34.85 -95.52
N THR J 227 4.62 35.17 -96.73
CA THR J 227 6.03 35.41 -97.03
C THR J 227 6.20 36.61 -97.95
N ASP K 1 -0.49 21.33 -37.70
CA ASP K 1 0.49 21.16 -36.62
C ASP K 1 1.45 20.03 -36.95
N ILE K 2 0.93 18.95 -37.52
CA ILE K 2 1.73 17.81 -37.93
C ILE K 2 1.94 17.88 -39.43
N GLN K 3 3.20 17.86 -39.86
CA GLN K 3 3.55 17.97 -41.27
C GLN K 3 3.94 16.58 -41.78
N LEU K 4 3.18 16.07 -42.73
CA LEU K 4 3.48 14.80 -43.37
C LEU K 4 4.19 15.07 -44.69
N ILE K 5 5.33 14.40 -44.91
CA ILE K 5 6.09 14.53 -46.14
C ILE K 5 6.15 13.17 -46.79
N GLN K 6 5.66 13.06 -48.02
CA GLN K 6 5.63 11.79 -48.74
C GLN K 6 6.60 11.83 -49.90
N SER K 7 7.24 10.70 -50.15
CA SER K 7 8.28 10.57 -51.16
C SER K 7 8.08 9.26 -51.93
N PRO K 8 8.46 9.22 -53.22
CA PRO K 8 8.94 10.39 -53.97
C PRO K 8 7.80 11.26 -54.46
N SER K 9 8.04 12.57 -54.55
CA SER K 9 7.03 13.48 -55.08
C SER K 9 6.73 13.24 -56.54
N SER K 10 7.57 12.48 -57.25
CA SER K 10 7.33 12.14 -58.64
C SER K 10 8.05 10.84 -58.94
N VAL K 11 7.31 9.84 -59.41
CA VAL K 11 7.88 8.55 -59.77
C VAL K 11 7.08 7.99 -60.94
N SER K 12 7.75 7.23 -61.79
CA SER K 12 7.11 6.63 -62.95
C SER K 12 7.53 5.18 -63.09
N ALA K 13 6.59 4.33 -63.49
CA ALA K 13 6.85 2.91 -63.66
C ALA K 13 5.91 2.37 -64.73
N SER K 14 6.30 1.24 -65.32
CA SER K 14 5.54 0.63 -66.39
C SER K 14 4.50 -0.33 -65.80
N LEU K 15 3.82 -1.07 -66.67
CA LEU K 15 2.79 -1.99 -66.22
C LEU K 15 3.39 -3.17 -65.47
N GLY K 16 2.76 -3.53 -64.36
CA GLY K 16 3.17 -4.72 -63.62
C GLY K 16 4.48 -4.61 -62.87
N ASP K 17 4.90 -3.39 -62.52
CA ASP K 17 6.15 -3.21 -61.80
C ASP K 17 5.92 -3.37 -60.31
N ARG K 18 6.94 -3.06 -59.50
CA ARG K 18 6.85 -3.08 -58.04
C ARG K 18 7.16 -1.67 -57.55
N VAL K 19 6.14 -0.98 -57.06
CA VAL K 19 6.24 0.42 -56.68
C VAL K 19 6.08 0.55 -55.18
N THR K 20 6.88 1.43 -54.58
CA THR K 20 6.79 1.72 -53.15
C THR K 20 6.76 3.24 -52.94
N ILE K 21 6.05 3.65 -51.89
CA ILE K 21 5.93 5.03 -51.49
C ILE K 21 6.21 5.10 -49.99
N THR K 22 6.55 6.29 -49.50
CA THR K 22 6.72 6.51 -48.07
C THR K 22 6.04 7.80 -47.69
N CYS K 23 5.57 7.86 -46.44
CA CYS K 23 4.94 9.06 -45.88
C CYS K 23 5.48 9.25 -44.47
N ARG K 24 6.57 10.00 -44.35
CA ARG K 24 7.22 10.24 -43.08
C ARG K 24 6.58 11.40 -42.35
N SER K 25 6.38 11.22 -41.05
CA SER K 25 5.77 12.23 -40.19
C SER K 25 6.85 12.96 -39.39
N THR K 26 6.49 14.14 -38.90
CA THR K 26 7.36 14.89 -38.00
C THR K 26 7.08 14.59 -36.54
N GLN K 27 5.93 14.01 -36.22
CA GLN K 27 5.60 13.55 -34.88
C GLN K 27 4.99 12.17 -34.96
N GLY K 28 5.13 11.41 -33.87
CA GLY K 28 4.58 10.08 -33.83
C GLY K 28 3.07 10.06 -33.88
N ILE K 29 2.51 9.51 -34.95
CA ILE K 29 1.06 9.43 -35.10
C ILE K 29 0.56 8.00 -34.83
N GLY K 30 1.33 7.21 -34.09
CA GLY K 30 0.92 5.86 -33.77
C GLY K 30 0.71 5.05 -35.04
N SER K 31 -0.43 4.35 -35.10
CA SER K 31 -0.81 3.60 -36.29
C SER K 31 -1.94 4.28 -37.06
N ASP K 32 -2.31 5.50 -36.68
CA ASP K 32 -3.41 6.21 -37.32
C ASP K 32 -2.92 6.79 -38.65
N LEU K 33 -3.43 6.26 -39.75
CA LEU K 33 -3.09 6.79 -41.07
C LEU K 33 -4.13 6.29 -42.07
N ALA K 34 -4.24 7.00 -43.18
CA ALA K 34 -5.13 6.61 -44.26
C ALA K 34 -4.51 7.01 -45.58
N TRP K 35 -4.74 6.18 -46.60
CA TRP K 35 -4.20 6.42 -47.94
C TRP K 35 -5.35 6.59 -48.93
N TYR K 36 -5.12 7.44 -49.92
CA TYR K 36 -6.13 7.77 -50.91
C TYR K 36 -5.54 7.70 -52.31
N GLN K 37 -6.41 7.46 -53.29
CA GLN K 37 -6.04 7.42 -54.70
C GLN K 37 -6.90 8.46 -55.41
N ALA K 38 -6.43 9.71 -55.42
CA ALA K 38 -7.22 10.84 -55.90
C ALA K 38 -6.88 11.13 -57.34
N THR K 39 -7.65 10.55 -58.26
CA THR K 39 -7.52 10.92 -59.66
C THR K 39 -8.02 12.36 -59.85
N PRO K 40 -7.27 13.18 -60.59
CA PRO K 40 -7.72 14.56 -60.83
C PRO K 40 -9.08 14.60 -61.52
N GLY K 41 -9.89 15.58 -61.14
CA GLY K 41 -11.22 15.72 -61.67
C GLY K 41 -12.28 14.90 -60.95
N THR K 42 -11.93 14.19 -59.88
CA THR K 42 -12.90 13.40 -59.15
C THR K 42 -12.44 13.26 -57.70
N ALA K 43 -13.37 12.87 -56.84
CA ALA K 43 -13.09 12.76 -55.43
C ALA K 43 -12.13 11.61 -55.15
N PRO K 44 -11.35 11.69 -54.07
CA PRO K 44 -10.44 10.59 -53.73
C PRO K 44 -11.21 9.37 -53.24
N LYS K 45 -10.60 8.20 -53.42
CA LYS K 45 -11.18 6.93 -53.00
C LYS K 45 -10.28 6.32 -51.93
N LEU K 46 -10.84 6.01 -50.78
CA LEU K 46 -10.07 5.46 -49.68
C LEU K 46 -9.52 4.08 -50.04
N LEU K 47 -8.27 3.84 -49.65
CA LEU K 47 -7.62 2.55 -49.89
C LEU K 47 -7.25 1.84 -48.60
N ILE K 48 -6.56 2.51 -47.69
CA ILE K 48 -6.08 1.92 -46.45
C ILE K 48 -6.53 2.78 -45.29
N TYR K 49 -6.92 2.13 -44.19
CA TYR K 49 -7.14 2.81 -42.92
C TYR K 49 -6.41 2.05 -41.83
N ASN K 50 -5.98 2.78 -40.81
CA ASN K 50 -5.09 2.26 -39.75
C ASN K 50 -3.78 1.73 -40.31
N SER K 51 -3.42 2.17 -41.52
CA SER K 51 -2.11 1.97 -42.14
C SER K 51 -1.86 0.53 -42.60
N PHE K 52 -2.72 -0.42 -42.24
CA PHE K 52 -2.61 -1.75 -42.81
C PHE K 52 -3.93 -2.40 -43.19
N ALA K 53 -5.07 -1.88 -42.74
CA ALA K 53 -6.36 -2.53 -42.98
C ALA K 53 -6.87 -2.14 -44.36
N LEU K 54 -6.95 -3.10 -45.27
CA LEU K 54 -7.49 -2.85 -46.59
C LEU K 54 -8.98 -2.56 -46.50
N HIS K 55 -9.42 -1.56 -47.26
CA HIS K 55 -10.84 -1.24 -47.33
C HIS K 55 -11.59 -2.35 -48.07
N LYS K 56 -12.90 -2.43 -47.82
CA LYS K 56 -13.73 -3.40 -48.51
C LYS K 56 -14.10 -2.90 -49.89
N GLY K 57 -14.15 -3.81 -50.85
CA GLY K 57 -14.50 -3.50 -52.22
C GLY K 57 -13.33 -3.11 -53.10
N VAL K 58 -12.34 -2.42 -52.54
CA VAL K 58 -11.16 -2.00 -53.29
C VAL K 58 -10.32 -3.22 -53.60
N PRO K 59 -9.52 -3.21 -54.67
CA PRO K 59 -8.65 -4.37 -54.96
C PRO K 59 -7.70 -4.63 -53.80
N SER K 60 -7.45 -5.91 -53.54
CA SER K 60 -6.66 -6.34 -52.40
C SER K 60 -5.17 -6.44 -52.70
N ARG K 61 -4.68 -5.72 -53.70
CA ARG K 61 -3.26 -5.68 -54.01
C ARG K 61 -2.55 -4.49 -53.38
N PHE K 62 -3.28 -3.64 -52.64
CA PHE K 62 -2.68 -2.48 -51.98
C PHE K 62 -2.16 -2.90 -50.61
N SER K 63 -1.07 -3.67 -50.63
CA SER K 63 -0.49 -4.21 -49.41
C SER K 63 0.25 -3.10 -48.67
N GLY K 64 -0.52 -2.33 -47.91
CA GLY K 64 0.07 -1.26 -47.12
C GLY K 64 0.88 -1.79 -45.95
N SER K 65 1.73 -0.92 -45.42
CA SER K 65 2.62 -1.30 -44.33
C SER K 65 2.99 -0.04 -43.55
N GLY K 66 3.99 -0.16 -42.68
CA GLY K 66 4.46 0.96 -41.91
C GLY K 66 3.79 1.07 -40.56
N SER K 67 4.55 1.57 -39.58
CA SER K 67 4.04 1.80 -38.25
C SER K 67 4.95 2.80 -37.54
N GLY K 68 4.37 3.55 -36.61
CA GLY K 68 5.13 4.55 -35.88
C GLY K 68 5.21 5.87 -36.61
N THR K 69 6.33 6.13 -37.26
CA THR K 69 6.53 7.36 -38.03
C THR K 69 6.80 7.10 -39.50
N GLU K 70 7.59 6.08 -39.83
CA GLU K 70 7.90 5.73 -41.21
C GLU K 70 6.82 4.81 -41.75
N PHE K 71 5.93 5.36 -42.59
CA PHE K 71 4.84 4.60 -43.20
C PHE K 71 5.14 4.40 -44.68
N SER K 72 4.89 3.18 -45.17
CA SER K 72 5.18 2.85 -46.55
C SER K 72 4.03 2.06 -47.15
N LEU K 73 3.83 2.24 -48.45
CA LEU K 73 2.80 1.53 -49.21
C LEU K 73 3.46 0.78 -50.35
N THR K 74 2.89 -0.38 -50.69
CA THR K 74 3.44 -1.24 -51.73
C THR K 74 2.31 -1.72 -52.65
N ILE K 75 2.62 -1.78 -53.94
CA ILE K 75 1.68 -2.23 -54.97
C ILE K 75 2.35 -3.36 -55.74
N THR K 76 1.62 -4.48 -55.92
CA THR K 76 2.17 -5.64 -56.60
C THR K 76 1.95 -5.57 -58.11
N GLY K 77 0.69 -5.49 -58.53
CA GLY K 77 0.34 -5.37 -59.93
C GLY K 77 -0.26 -4.01 -60.20
N LEU K 78 -0.02 -3.48 -61.39
CA LEU K 78 -0.46 -2.15 -61.77
C LEU K 78 -1.60 -2.26 -62.79
N GLN K 79 -2.74 -1.68 -62.45
CA GLN K 79 -3.88 -1.53 -63.33
C GLN K 79 -3.76 -0.23 -64.11
N PRO K 80 -4.55 -0.06 -65.18
CA PRO K 80 -4.58 1.25 -65.85
C PRO K 80 -5.01 2.38 -64.94
N GLU K 81 -5.84 2.09 -63.93
CA GLU K 81 -6.29 3.10 -62.99
C GLU K 81 -5.31 3.32 -61.85
N ASP K 82 -4.20 2.59 -61.81
CA ASP K 82 -3.20 2.79 -60.76
C ASP K 82 -2.52 4.14 -60.89
N PHE K 83 -2.29 4.61 -62.10
CA PHE K 83 -1.51 5.83 -62.35
C PHE K 83 -2.37 7.04 -62.00
N ALA K 84 -2.23 7.51 -60.75
CA ALA K 84 -2.95 8.67 -60.27
C ALA K 84 -2.24 9.20 -59.04
N THR K 85 -2.66 10.39 -58.60
CA THR K 85 -2.06 11.01 -57.43
C THR K 85 -2.49 10.31 -56.15
N TYR K 86 -1.52 10.07 -55.27
CA TYR K 86 -1.77 9.41 -53.99
C TYR K 86 -1.56 10.39 -52.85
N TYR K 87 -2.42 10.31 -51.84
CA TYR K 87 -2.31 11.17 -50.66
C TYR K 87 -2.32 10.31 -49.40
N CYS K 88 -1.48 10.67 -48.45
CA CYS K 88 -1.44 10.02 -47.14
C CYS K 88 -1.97 11.00 -46.10
N GLN K 89 -2.92 10.54 -45.30
CA GLN K 89 -3.60 11.38 -44.32
C GLN K 89 -3.51 10.75 -42.94
N HIS K 90 -3.31 11.59 -41.93
CA HIS K 90 -3.30 11.17 -40.54
C HIS K 90 -4.57 11.64 -39.86
N TYR K 91 -4.96 10.92 -38.81
CA TYR K 91 -6.08 11.33 -37.97
C TYR K 91 -5.75 11.12 -36.50
N ARG K 92 -4.53 11.47 -36.10
CA ARG K 92 -4.13 11.29 -34.70
C ARG K 92 -4.72 12.40 -33.82
N ARG K 93 -4.37 13.64 -34.09
CA ARG K 93 -4.91 14.78 -33.36
C ARG K 93 -5.14 15.93 -34.33
N LEU K 94 -6.06 16.81 -33.96
CA LEU K 94 -6.40 17.95 -34.81
C LEU K 94 -5.19 18.89 -34.92
N PRO K 95 -4.99 19.52 -36.08
CA PRO K 95 -5.78 19.43 -37.32
C PRO K 95 -5.47 18.18 -38.13
N LEU K 96 -6.30 17.90 -39.12
CA LEU K 96 -6.16 16.68 -39.95
C LEU K 96 -5.42 17.05 -41.23
N THR K 97 -4.12 17.22 -41.11
CA THR K 97 -3.30 17.60 -42.25
C THR K 97 -3.13 16.42 -43.21
N PHE K 98 -3.16 16.71 -44.50
CA PHE K 98 -2.97 15.71 -45.54
C PHE K 98 -1.50 15.66 -45.94
N GLY K 99 -1.21 14.96 -47.04
CA GLY K 99 0.13 14.87 -47.57
C GLY K 99 0.32 15.74 -48.81
N GLY K 100 1.58 15.81 -49.25
CA GLY K 100 1.90 16.62 -50.42
C GLY K 100 1.28 16.08 -51.69
N GLY K 101 1.37 14.78 -51.91
CA GLY K 101 0.78 14.17 -53.08
C GLY K 101 1.80 13.65 -54.07
N THR K 102 2.04 12.33 -54.05
CA THR K 102 2.95 11.72 -55.00
C THR K 102 2.23 11.41 -56.31
N ASN K 103 3.01 11.25 -57.37
CA ASN K 103 2.49 10.99 -58.71
C ASN K 103 3.08 9.70 -59.25
N ILE K 104 2.25 8.90 -59.91
CA ILE K 104 2.67 7.66 -60.55
C ILE K 104 2.16 7.67 -61.98
N GLU K 105 3.06 7.37 -62.93
CA GLU K 105 2.73 7.40 -64.35
C GLU K 105 3.50 6.33 -65.08
N VAL K 106 3.08 6.06 -66.31
CA VAL K 106 3.75 5.09 -67.17
C VAL K 106 5.05 5.70 -67.69
N LYS K 107 6.11 4.90 -67.67
CA LYS K 107 7.45 5.35 -68.07
C LYS K 107 7.88 4.54 -69.29
N ARG K 108 7.50 5.01 -70.49
CA ARG K 108 7.83 4.34 -71.73
C ARG K 108 7.99 5.37 -72.84
N ALA K 109 8.62 4.94 -73.93
CA ALA K 109 8.75 5.71 -75.16
C ALA K 109 9.47 7.04 -74.92
N VAL K 110 10.75 6.92 -74.52
CA VAL K 110 11.57 8.10 -74.34
C VAL K 110 11.96 8.66 -75.70
N ALA K 111 11.79 9.98 -75.87
CA ALA K 111 12.08 10.64 -77.13
C ALA K 111 12.54 12.05 -76.84
N ALA K 112 12.73 12.84 -77.91
CA ALA K 112 13.22 14.21 -77.81
C ALA K 112 12.12 15.20 -78.15
N PRO K 113 12.10 16.36 -77.49
CA PRO K 113 11.03 17.33 -77.75
C PRO K 113 11.10 17.90 -79.16
N SER K 114 9.92 18.23 -79.68
CA SER K 114 9.79 18.91 -80.96
C SER K 114 9.44 20.37 -80.70
N VAL K 115 10.34 21.27 -81.10
CA VAL K 115 10.20 22.70 -80.83
C VAL K 115 9.56 23.37 -82.03
N PHE K 116 8.55 24.20 -81.77
CA PHE K 116 7.87 24.98 -82.79
C PHE K 116 8.02 26.46 -82.49
N ILE K 117 7.56 27.28 -83.43
CA ILE K 117 7.58 28.73 -83.29
C ILE K 117 6.54 29.32 -84.22
N PHE K 118 5.78 30.30 -83.71
CA PHE K 118 4.70 30.92 -84.47
C PHE K 118 4.71 32.42 -84.23
N PRO K 119 5.23 33.20 -85.17
CA PRO K 119 5.16 34.65 -85.03
C PRO K 119 3.72 35.12 -85.06
N PRO K 120 3.41 36.24 -84.39
CA PRO K 120 2.01 36.69 -84.33
C PRO K 120 1.46 37.05 -85.70
N SER K 121 0.15 36.84 -85.85
CA SER K 121 -0.54 37.14 -87.09
C SER K 121 -0.89 38.62 -87.16
N GLU K 122 -1.29 39.06 -88.37
CA GLU K 122 -1.56 40.47 -88.60
C GLU K 122 -2.79 40.95 -87.83
N ASP K 123 -3.80 40.10 -87.68
CA ASP K 123 -5.01 40.52 -86.99
C ASP K 123 -4.83 40.59 -85.48
N GLN K 124 -3.78 39.98 -84.95
CA GLN K 124 -3.44 40.20 -83.54
C GLN K 124 -2.84 41.58 -83.32
N VAL K 125 -2.39 42.24 -84.38
CA VAL K 125 -1.89 43.61 -84.27
C VAL K 125 -3.04 44.61 -84.20
N LYS K 126 -4.21 44.26 -84.74
CA LYS K 126 -5.36 45.15 -84.68
C LYS K 126 -5.73 45.52 -83.25
N SER K 127 -5.48 44.63 -82.31
CA SER K 127 -5.64 44.92 -80.89
C SER K 127 -4.29 45.24 -80.27
N GLY K 128 -4.32 46.07 -79.22
CA GLY K 128 -3.10 46.53 -78.59
C GLY K 128 -2.40 45.47 -77.77
N THR K 129 -2.08 44.34 -78.40
CA THR K 129 -1.39 43.26 -77.71
C THR K 129 -0.63 42.42 -78.74
N VAL K 130 0.36 41.69 -78.25
CA VAL K 130 1.15 40.77 -79.07
C VAL K 130 1.04 39.38 -78.45
N SER K 131 0.66 38.40 -79.26
CA SER K 131 0.51 37.02 -78.82
C SER K 131 1.47 36.15 -79.61
N VAL K 132 2.64 35.90 -79.05
CA VAL K 132 3.64 35.03 -79.64
C VAL K 132 3.91 33.87 -78.68
N VAL K 133 3.92 32.65 -79.21
CA VAL K 133 4.04 31.44 -78.41
C VAL K 133 5.08 30.52 -79.04
N CYS K 134 5.91 29.92 -78.19
CA CYS K 134 6.83 28.87 -78.60
C CYS K 134 6.28 27.55 -78.07
N LEU K 135 5.84 26.67 -78.97
CA LEU K 135 5.17 25.44 -78.58
C LEU K 135 6.18 24.31 -78.41
N LEU K 136 5.97 23.50 -77.38
CA LEU K 136 6.73 22.29 -77.13
C LEU K 136 5.82 21.08 -77.30
N ASN K 137 6.32 20.04 -77.96
CA ASN K 137 5.52 18.88 -78.24
C ASN K 137 6.38 17.63 -78.24
N ASN K 138 5.77 16.50 -77.89
CA ASN K 138 6.38 15.17 -77.97
C ASN K 138 7.70 15.11 -77.18
N PHE K 139 7.58 15.29 -75.86
CA PHE K 139 8.74 15.25 -74.99
C PHE K 139 8.43 14.40 -73.77
N TYR K 140 9.50 13.89 -73.15
CA TYR K 140 9.42 13.12 -71.93
C TYR K 140 10.77 13.20 -71.21
N PRO K 141 10.80 13.49 -69.90
CA PRO K 141 9.66 13.70 -69.01
C PRO K 141 9.11 15.12 -69.00
N ARG K 142 8.39 15.47 -67.92
CA ARG K 142 7.66 16.73 -67.85
C ARG K 142 8.60 17.93 -67.77
N GLU K 143 9.59 17.87 -66.88
CA GLU K 143 10.38 19.05 -66.57
C GLU K 143 11.23 19.48 -67.77
N ALA K 144 11.24 20.78 -68.04
CA ALA K 144 12.01 21.37 -69.12
C ALA K 144 12.01 22.88 -68.91
N SER K 145 13.15 23.51 -69.20
CA SER K 145 13.32 24.95 -69.04
C SER K 145 13.45 25.58 -70.42
N VAL K 146 12.58 26.54 -70.72
CA VAL K 146 12.59 27.26 -71.99
C VAL K 146 13.25 28.61 -71.76
N LYS K 147 14.26 28.92 -72.57
CA LYS K 147 14.98 30.18 -72.48
C LYS K 147 14.59 31.08 -73.64
N TRP K 148 14.64 32.38 -73.42
CA TRP K 148 14.28 33.38 -74.44
C TRP K 148 15.36 34.46 -74.43
N LYS K 149 16.32 34.34 -75.35
CA LYS K 149 17.40 35.30 -75.48
C LYS K 149 16.91 36.51 -76.27
N VAL K 150 16.29 37.44 -75.56
CA VAL K 150 15.79 38.67 -76.15
C VAL K 150 16.94 39.65 -76.29
N ASP K 151 17.59 39.66 -77.47
CA ASP K 151 18.79 40.46 -77.72
C ASP K 151 19.90 40.13 -76.73
N GLY K 152 19.91 38.90 -76.22
CA GLY K 152 20.89 38.49 -75.24
C GLY K 152 20.53 38.76 -73.80
N VAL K 153 19.41 39.44 -73.53
CA VAL K 153 18.94 39.71 -72.18
C VAL K 153 17.60 39.02 -72.00
N LEU K 154 17.44 38.33 -70.86
CA LEU K 154 16.23 37.56 -70.58
C LEU K 154 15.31 38.39 -69.70
N LYS K 155 14.24 38.92 -70.30
CA LYS K 155 13.20 39.62 -69.54
C LYS K 155 12.22 38.59 -68.99
N THR K 156 12.70 37.84 -67.99
CA THR K 156 11.96 36.71 -67.46
C THR K 156 10.70 37.17 -66.74
N GLY K 157 9.73 36.25 -66.66
CA GLY K 157 8.46 36.49 -66.00
C GLY K 157 7.26 36.32 -66.91
N ASN K 158 7.42 36.60 -68.20
CA ASN K 158 6.32 36.53 -69.16
C ASN K 158 6.20 35.17 -69.83
N SER K 159 7.04 34.20 -69.47
CA SER K 159 7.01 32.87 -70.09
C SER K 159 6.02 31.99 -69.34
N GLN K 160 4.79 31.95 -69.85
CA GLN K 160 3.75 31.12 -69.25
C GLN K 160 3.89 29.67 -69.71
N GLU K 161 3.37 28.75 -68.89
CA GLU K 161 3.45 27.33 -69.17
C GLU K 161 2.09 26.68 -68.95
N SER K 162 1.83 25.64 -69.73
CA SER K 162 0.59 24.87 -69.60
C SER K 162 0.85 23.48 -70.17
N VAL K 163 0.91 22.48 -69.31
CA VAL K 163 1.28 21.12 -69.68
C VAL K 163 0.05 20.23 -69.59
N THR K 164 -0.23 19.51 -70.68
CA THR K 164 -1.26 18.48 -70.66
C THR K 164 -0.76 17.24 -69.91
N GLU K 165 -1.71 16.39 -69.53
CA GLU K 165 -1.40 15.24 -68.70
C GLU K 165 -0.66 14.17 -69.51
N GLN K 166 -0.39 13.05 -68.85
CA GLN K 166 0.31 11.95 -69.49
C GLN K 166 -0.52 11.40 -70.65
N ASP K 167 0.16 11.11 -71.76
CA ASP K 167 -0.53 10.65 -72.95
C ASP K 167 -0.88 9.17 -72.83
N SER K 168 -1.94 8.77 -73.52
CA SER K 168 -2.40 7.39 -73.55
C SER K 168 -1.94 6.63 -74.79
N LYS K 169 -1.17 7.27 -75.67
CA LYS K 169 -0.69 6.62 -76.89
C LYS K 169 0.82 6.42 -76.89
N ASP K 170 1.59 7.49 -76.71
CA ASP K 170 3.05 7.40 -76.70
C ASP K 170 3.67 8.00 -75.44
N ASN K 171 2.85 8.36 -74.45
CA ASN K 171 3.32 8.76 -73.13
C ASN K 171 4.24 9.99 -73.20
N THR K 172 3.66 11.11 -73.65
CA THR K 172 4.37 12.37 -73.73
C THR K 172 3.51 13.48 -73.13
N TYR K 173 4.00 14.71 -73.26
CA TYR K 173 3.34 15.90 -72.73
C TYR K 173 3.37 16.99 -73.79
N SER K 174 2.85 18.17 -73.43
CA SER K 174 2.80 19.29 -74.36
C SER K 174 2.73 20.58 -73.56
N LEU K 175 3.80 21.36 -73.59
CA LEU K 175 3.88 22.64 -72.89
C LEU K 175 3.65 23.78 -73.88
N SER K 176 2.92 24.80 -73.43
CA SER K 176 2.62 25.98 -74.24
C SER K 176 3.37 27.16 -73.64
N SER K 177 4.55 27.44 -74.16
CA SER K 177 5.39 28.54 -73.69
C SER K 177 5.10 29.78 -74.53
N THR K 178 4.47 30.77 -73.94
CA THR K 178 4.11 32.00 -74.63
C THR K 178 4.57 33.21 -73.83
N LEU K 179 4.85 34.30 -74.55
CA LEU K 179 5.20 35.58 -73.94
C LEU K 179 4.31 36.65 -74.57
N THR K 180 3.25 37.03 -73.88
CA THR K 180 2.31 38.02 -74.37
C THR K 180 2.83 39.42 -74.06
N LEU K 181 3.13 40.18 -75.12
CA LEU K 181 3.67 41.53 -74.99
C LEU K 181 2.74 42.52 -75.68
N SER K 182 3.18 43.77 -75.76
CA SER K 182 2.47 44.83 -76.45
C SER K 182 3.25 45.27 -77.69
N ASN K 183 2.62 46.13 -78.49
CA ASN K 183 3.27 46.62 -79.70
C ASN K 183 4.42 47.57 -79.38
N THR K 184 4.42 48.21 -78.22
CA THR K 184 5.45 49.17 -77.86
C THR K 184 6.73 48.50 -77.35
N ASP K 185 6.69 47.21 -77.04
CA ASP K 185 7.86 46.48 -76.56
C ASP K 185 8.27 45.33 -77.47
N TYR K 186 7.31 44.69 -78.14
CA TYR K 186 7.65 43.58 -79.02
C TYR K 186 8.50 44.04 -80.21
N GLN K 187 8.17 45.20 -80.78
CA GLN K 187 8.93 45.71 -81.91
C GLN K 187 10.25 46.35 -81.50
N SER K 188 10.48 46.55 -80.21
CA SER K 188 11.71 47.23 -79.78
C SER K 188 12.92 46.33 -79.93
N HIS K 189 12.81 45.06 -79.55
CA HIS K 189 13.94 44.14 -79.59
C HIS K 189 14.01 43.42 -80.94
N ASN K 190 15.17 42.81 -81.21
CA ASN K 190 15.44 42.21 -82.51
C ASN K 190 15.11 40.72 -82.54
N VAL K 191 15.75 39.93 -81.68
CA VAL K 191 15.68 38.47 -81.74
C VAL K 191 14.80 37.96 -80.60
N TYR K 192 13.86 37.07 -80.94
CA TYR K 192 13.02 36.36 -79.99
C TYR K 192 13.15 34.88 -80.31
N ALA K 193 14.14 34.23 -79.72
CA ALA K 193 14.40 32.81 -79.93
C ALA K 193 14.14 32.06 -78.63
N CYS K 194 13.46 30.92 -78.75
CA CYS K 194 13.16 30.07 -77.61
C CYS K 194 14.07 28.84 -77.64
N GLU K 195 14.77 28.60 -76.53
CA GLU K 195 15.69 27.49 -76.41
C GLU K 195 15.33 26.68 -75.17
N VAL K 196 15.21 25.36 -75.34
CA VAL K 196 14.78 24.47 -74.29
C VAL K 196 15.94 23.59 -73.86
N THR K 197 15.74 22.87 -72.76
CA THR K 197 16.73 21.92 -72.24
C THR K 197 16.08 20.54 -72.13
N HIS K 198 16.82 19.51 -72.54
CA HIS K 198 16.34 18.14 -72.49
C HIS K 198 17.55 17.21 -72.55
N GLN K 199 17.31 15.95 -72.20
CA GLN K 199 18.37 14.95 -72.16
C GLN K 199 18.36 14.00 -73.36
N GLY K 200 17.17 13.64 -73.85
CA GLY K 200 17.08 12.70 -74.95
C GLY K 200 17.58 13.24 -76.27
N LEU K 201 17.57 14.56 -76.44
CA LEU K 201 18.04 15.18 -77.68
C LEU K 201 19.55 15.29 -77.67
N SER K 202 20.10 15.88 -78.74
CA SER K 202 21.54 16.06 -78.89
C SER K 202 21.98 17.48 -78.52
N SER K 203 21.40 18.49 -79.16
CA SER K 203 21.72 19.88 -78.88
C SER K 203 20.42 20.66 -78.73
N PRO K 204 20.34 21.62 -77.79
CA PRO K 204 19.12 22.43 -77.66
C PRO K 204 18.81 23.17 -78.96
N VAL K 205 17.68 22.82 -79.59
CA VAL K 205 17.34 23.35 -80.89
C VAL K 205 16.75 24.75 -80.71
N THR K 206 17.31 25.72 -81.40
CA THR K 206 16.87 27.11 -81.31
C THR K 206 15.81 27.37 -82.39
N LYS K 207 14.69 27.95 -81.97
CA LYS K 207 13.61 28.31 -82.89
C LYS K 207 13.29 29.79 -82.72
N SER K 208 13.19 30.50 -83.84
CA SER K 208 12.89 31.92 -83.83
C SER K 208 12.20 32.29 -85.14
N PHE K 209 11.93 33.57 -85.30
CA PHE K 209 11.33 34.11 -86.51
C PHE K 209 12.14 35.31 -86.99
N ASN K 210 12.22 35.47 -88.31
CA ASN K 210 13.00 36.56 -88.88
C ASN K 210 12.38 37.91 -88.51
N ARG K 211 13.25 38.90 -88.30
CA ARG K 211 12.80 40.23 -87.94
C ARG K 211 12.16 40.91 -89.14
N GLY K 212 10.86 41.19 -89.05
CA GLY K 212 10.14 41.79 -90.15
C GLY K 212 8.80 41.14 -90.40
N GLU K 213 8.61 40.60 -91.61
CA GLU K 213 7.34 40.01 -91.99
C GLU K 213 7.11 38.63 -91.38
N CYS K 214 8.17 37.97 -90.93
CA CYS K 214 8.02 36.64 -90.32
C CYS K 214 8.10 36.74 -88.80
N ILE L 8 -0.52 -14.79 58.97
CA ILE L 8 0.07 -14.81 57.64
C ILE L 8 -0.41 -13.60 56.84
N PHE L 9 0.31 -13.30 55.76
CA PHE L 9 0.03 -12.12 54.94
C PHE L 9 0.02 -12.51 53.47
N GLY L 10 -0.63 -11.68 52.66
CA GLY L 10 -0.61 -11.81 51.22
C GLY L 10 0.59 -11.11 50.61
N PHE L 11 0.55 -10.99 49.29
CA PHE L 11 1.63 -10.32 48.58
C PHE L 11 1.82 -8.90 49.09
N LEU L 12 3.05 -8.57 49.48
CA LEU L 12 3.41 -7.26 50.02
C LEU L 12 2.66 -6.93 51.30
N GLY L 13 2.04 -7.93 51.94
CA GLY L 13 1.17 -7.66 53.07
C GLY L 13 1.91 -7.15 54.30
N ALA L 14 3.19 -7.48 54.41
CA ALA L 14 4.00 -7.06 55.56
C ALA L 14 4.92 -5.91 55.20
N ALA L 15 4.52 -5.06 54.26
CA ALA L 15 5.36 -3.93 53.85
C ALA L 15 5.51 -2.90 54.95
N GLY L 16 4.57 -2.83 55.89
CA GLY L 16 4.66 -1.86 56.97
C GLY L 16 5.32 -2.35 58.23
N SER L 17 5.53 -3.66 58.36
CA SER L 17 6.12 -4.22 59.56
C SER L 17 7.63 -3.96 59.58
N THR L 18 8.22 -4.13 60.76
CA THR L 18 9.63 -3.86 60.94
C THR L 18 10.47 -4.91 60.20
N MET L 19 11.78 -4.65 60.14
CA MET L 19 12.67 -5.53 59.40
C MET L 19 12.69 -6.93 59.99
N GLY L 20 12.75 -7.04 61.32
CA GLY L 20 12.84 -8.34 61.95
C GLY L 20 11.55 -9.12 61.92
N ALA L 21 10.40 -8.44 61.81
CA ALA L 21 9.10 -9.11 61.81
C ALA L 21 8.56 -9.36 60.41
N ALA L 22 8.97 -8.58 59.42
CA ALA L 22 8.55 -8.78 58.05
C ALA L 22 9.43 -9.76 57.30
N SER L 23 10.45 -10.30 57.95
CA SER L 23 11.33 -11.28 57.33
C SER L 23 10.83 -12.70 57.47
N ASN L 24 9.69 -12.91 58.13
CA ASN L 24 9.06 -14.23 58.22
C ASN L 24 8.06 -14.45 57.10
N THR L 25 8.03 -13.58 56.09
CA THR L 25 7.10 -13.69 54.97
C THR L 25 7.81 -13.48 53.64
N LEU L 26 9.11 -13.81 53.59
CA LEU L 26 9.86 -13.61 52.37
C LEU L 26 9.36 -14.49 51.23
N THR L 27 8.87 -15.69 51.54
CA THR L 27 8.42 -16.59 50.50
C THR L 27 7.14 -16.11 49.82
N VAL L 28 6.39 -15.22 50.48
CA VAL L 28 5.14 -14.73 49.89
C VAL L 28 5.42 -13.83 48.70
N GLN L 29 6.42 -12.96 48.82
CA GLN L 29 6.80 -12.07 47.72
C GLN L 29 7.82 -12.70 46.79
N ALA L 30 8.36 -13.87 47.10
CA ALA L 30 9.32 -14.54 46.23
C ALA L 30 8.67 -15.56 45.31
N ARG L 31 7.42 -15.96 45.59
CA ARG L 31 6.72 -16.92 44.76
C ARG L 31 5.99 -16.28 43.59
N GLN L 32 6.06 -14.96 43.44
CA GLN L 32 5.24 -14.23 42.47
C GLN L 32 6.11 -13.32 41.62
N LEU L 33 7.21 -13.86 41.09
CA LEU L 33 8.07 -13.10 40.19
C LEU L 33 7.98 -13.56 38.74
N LEU L 34 7.33 -14.68 38.46
CA LEU L 34 7.11 -15.13 37.10
C LEU L 34 5.64 -15.48 36.89
N SER L 35 4.98 -15.92 37.95
CA SER L 35 3.59 -16.34 37.85
C SER L 35 2.69 -15.13 37.65
N GLY L 36 1.79 -15.23 36.67
CA GLY L 36 0.85 -14.16 36.41
C GLY L 36 -0.36 -14.67 35.68
N ILE L 37 -1.07 -13.73 35.04
CA ILE L 37 -2.20 -14.07 34.18
C ILE L 37 -1.82 -14.05 32.70
N VAL L 38 -0.67 -13.45 32.37
CA VAL L 38 -0.32 -13.17 30.98
C VAL L 38 -0.11 -14.43 30.15
N GLN L 39 0.24 -15.56 30.79
CA GLN L 39 0.59 -16.75 30.02
C GLN L 39 -0.59 -17.35 29.28
N GLN L 40 -1.83 -17.02 29.67
CA GLN L 40 -2.99 -17.52 28.95
C GLN L 40 -3.02 -16.94 27.54
N GLN L 41 -3.60 -17.71 26.60
CA GLN L 41 -3.58 -17.30 25.21
C GLN L 41 -4.49 -16.11 24.96
N SER L 42 -5.81 -16.31 25.11
CA SER L 42 -6.80 -15.26 24.87
C SER L 42 -8.19 -15.75 25.24
N ASN L 43 -9.19 -14.88 25.12
CA ASN L 43 -10.58 -15.33 25.22
C ASN L 43 -10.91 -16.29 24.08
N LEU L 44 -10.48 -15.98 22.87
CA LEU L 44 -10.62 -16.86 21.72
C LEU L 44 -9.62 -16.45 20.64
N PRO L 45 -8.88 -17.40 20.06
CA PRO L 45 -7.86 -17.11 19.05
C PRO L 45 -8.44 -17.03 17.64
N HIS L 53 -6.72 -9.65 10.55
CA HIS L 53 -5.97 -10.90 10.66
C HIS L 53 -4.70 -10.73 11.48
N LEU L 54 -3.94 -11.81 11.62
CA LEU L 54 -2.69 -11.82 12.38
C LEU L 54 -2.91 -11.34 13.80
N LEU L 55 -3.64 -12.18 14.55
CA LEU L 55 -4.06 -11.84 15.92
C LEU L 55 -2.90 -11.49 16.84
N GLN L 56 -1.66 -11.71 16.41
CA GLN L 56 -0.50 -11.35 17.21
C GLN L 56 -0.05 -9.92 16.98
N LEU L 57 -0.70 -9.18 16.08
CA LEU L 57 -0.40 -7.77 15.85
C LEU L 57 -1.54 -6.85 16.26
N THR L 58 -2.49 -7.35 17.02
CA THR L 58 -3.52 -6.50 17.60
C THR L 58 -2.88 -5.51 18.57
N VAL L 59 -3.63 -4.46 18.92
CA VAL L 59 -3.13 -3.49 19.89
C VAL L 59 -2.79 -4.18 21.20
N TRP L 60 -3.63 -5.12 21.62
CA TRP L 60 -3.41 -5.87 22.85
C TRP L 60 -2.71 -7.20 22.61
N GLY L 61 -2.28 -7.46 21.38
CA GLY L 61 -1.38 -8.56 21.11
C GLY L 61 0.07 -8.21 21.25
N ILE L 62 0.39 -6.91 21.27
CA ILE L 62 1.74 -6.43 21.49
C ILE L 62 1.94 -5.97 22.93
N LYS L 63 0.91 -5.37 23.53
CA LYS L 63 0.98 -5.03 24.94
C LYS L 63 0.99 -6.26 25.83
N GLN L 64 0.70 -7.44 25.29
CA GLN L 64 0.84 -8.70 26.01
C GLN L 64 2.12 -9.43 25.67
N LEU L 65 2.63 -9.26 24.46
CA LEU L 65 3.92 -9.85 24.11
C LEU L 65 5.05 -9.19 24.89
N GLN L 66 4.97 -7.88 25.10
CA GLN L 66 6.00 -7.18 25.86
C GLN L 66 5.79 -7.28 27.36
N ALA L 67 4.63 -7.73 27.81
CA ALA L 67 4.47 -8.06 29.22
C ALA L 67 5.13 -9.39 29.55
N ARG L 68 5.17 -10.33 28.60
CA ARG L 68 5.85 -11.60 28.82
C ARG L 68 7.36 -11.41 28.86
N VAL L 69 7.88 -10.45 28.09
CA VAL L 69 9.32 -10.23 28.06
C VAL L 69 9.75 -9.43 29.29
N LEU L 70 8.92 -8.49 29.74
CA LEU L 70 9.26 -7.74 30.94
C LEU L 70 9.29 -8.62 32.17
N ALA L 71 8.42 -9.64 32.24
CA ALA L 71 8.45 -10.55 33.37
C ALA L 71 9.74 -11.35 33.41
N VAL L 72 10.25 -11.74 32.25
CA VAL L 72 11.45 -12.56 32.20
C VAL L 72 12.68 -11.76 32.63
N GLU L 73 12.81 -10.54 32.12
CA GLU L 73 13.98 -9.73 32.44
C GLU L 73 13.99 -9.30 33.89
N ARG L 74 12.80 -8.99 34.45
CA ARG L 74 12.73 -8.61 35.85
C ARG L 74 13.15 -9.76 36.75
N TYR L 75 12.76 -10.99 36.40
CA TYR L 75 13.16 -12.15 37.19
C TYR L 75 14.64 -12.47 37.01
N LEU L 76 15.12 -12.43 35.77
CA LEU L 76 16.52 -12.76 35.51
C LEU L 76 17.48 -11.69 36.00
N GLU L 77 16.98 -10.50 36.35
CA GLU L 77 17.86 -9.44 36.81
C GLU L 77 18.42 -9.74 38.19
N VAL L 78 17.62 -10.32 39.07
CA VAL L 78 18.11 -10.67 40.40
C VAL L 78 18.71 -12.06 40.44
N GLN L 79 18.25 -12.97 39.58
CA GLN L 79 18.85 -14.31 39.53
C GLN L 79 20.29 -14.25 39.04
N LYS L 80 20.64 -13.23 38.26
CA LYS L 80 22.03 -13.05 37.86
C LYS L 80 22.91 -12.72 39.05
N PHE L 81 22.43 -11.83 39.93
CA PHE L 81 23.22 -11.43 41.09
C PHE L 81 23.34 -12.58 42.09
N LEU L 82 22.27 -13.36 42.26
CA LEU L 82 22.32 -14.49 43.16
C LEU L 82 23.35 -15.51 42.69
N GLY L 83 23.45 -15.71 41.37
CA GLY L 83 24.43 -16.65 40.86
C GLY L 83 25.86 -16.19 41.10
N LEU L 84 26.14 -14.91 40.86
CA LEU L 84 27.49 -14.40 41.08
C LEU L 84 27.88 -14.49 42.55
N TRP L 85 26.97 -14.10 43.45
CA TRP L 85 27.28 -14.04 44.87
C TRP L 85 27.36 -15.41 45.52
N GLY L 86 27.00 -16.47 44.81
CA GLY L 86 27.01 -17.80 45.40
C GLY L 86 25.79 -18.14 46.22
N CYS L 87 24.69 -17.42 46.03
CA CYS L 87 23.47 -17.63 46.80
C CYS L 87 22.37 -18.26 45.95
N SER L 88 22.73 -19.04 44.94
CA SER L 88 21.75 -19.69 44.10
C SER L 88 21.02 -20.77 44.89
N GLY L 89 19.70 -20.82 44.73
CA GLY L 89 18.91 -21.82 45.41
C GLY L 89 18.71 -21.57 46.89
N LYS L 90 18.88 -20.34 47.34
CA LYS L 90 18.71 -20.00 48.75
C LYS L 90 17.88 -18.73 48.87
N ILE L 91 17.11 -18.64 49.95
CA ILE L 91 16.30 -17.46 50.22
C ILE L 91 17.03 -16.47 51.11
N ILE L 92 17.61 -16.96 52.20
CA ILE L 92 18.49 -16.15 53.06
C ILE L 92 19.89 -16.74 52.96
N CYS L 93 20.84 -15.92 52.55
CA CYS L 93 22.18 -16.38 52.24
C CYS L 93 23.20 -15.58 53.04
N CYS L 94 24.03 -16.28 53.80
CA CYS L 94 25.05 -15.64 54.60
C CYS L 94 26.32 -15.49 53.78
N THR L 95 26.98 -14.34 53.91
CA THR L 95 28.14 -14.01 53.11
C THR L 95 29.29 -13.64 54.02
N ALA L 96 30.51 -13.76 53.51
CA ALA L 96 31.73 -13.52 54.26
C ALA L 96 32.28 -12.11 54.06
N VAL L 97 31.40 -11.13 53.88
CA VAL L 97 31.79 -9.74 53.64
C VAL L 97 31.51 -8.96 54.93
N PRO L 98 32.54 -8.45 55.61
CA PRO L 98 32.29 -7.70 56.84
C PRO L 98 31.62 -6.36 56.58
N TRP L 99 30.83 -5.92 57.55
CA TRP L 99 30.12 -4.65 57.48
C TRP L 99 31.01 -3.56 58.08
N ASN L 100 31.42 -2.58 57.25
CA ASN L 100 32.30 -1.52 57.71
C ASN L 100 31.59 -0.36 58.40
N SER L 101 30.26 -0.38 58.47
CA SER L 101 29.51 0.59 59.25
C SER L 101 29.58 2.00 58.68
N THR L 102 30.34 2.21 57.60
CA THR L 102 30.25 3.49 56.90
C THR L 102 29.06 3.52 55.96
N TRP L 103 28.58 2.37 55.52
CA TRP L 103 27.30 2.32 54.83
C TRP L 103 26.16 2.62 55.78
N SER L 104 26.24 2.08 57.00
CA SER L 104 25.35 2.44 58.10
C SER L 104 25.91 1.90 59.41
N ASN L 105 26.04 2.75 60.43
CA ASN L 105 26.60 2.36 61.71
C ASN L 105 25.54 2.17 62.78
N LYS L 106 24.28 1.94 62.40
CA LYS L 106 23.25 1.68 63.37
C LYS L 106 23.46 0.32 64.04
N SER L 107 23.07 0.23 65.30
CA SER L 107 23.28 -0.99 66.07
C SER L 107 22.31 -2.07 65.61
N PHE L 108 22.43 -3.25 66.23
CA PHE L 108 21.58 -4.38 65.87
C PHE L 108 20.12 -4.10 66.20
N GLU L 109 19.85 -3.48 67.34
CA GLU L 109 18.48 -3.24 67.76
C GLU L 109 17.84 -2.04 67.06
N GLN L 110 18.63 -1.17 66.44
CA GLN L 110 18.09 -0.04 65.69
C GLN L 110 17.87 -0.36 64.22
N ILE L 111 18.07 -1.61 63.82
CA ILE L 111 17.87 -2.05 62.44
C ILE L 111 16.76 -3.09 62.35
N TRP L 112 16.87 -4.16 63.12
CA TRP L 112 15.93 -5.28 63.04
C TRP L 112 14.67 -5.08 63.87
N ASN L 113 14.61 -4.03 64.68
CA ASN L 113 13.46 -3.81 65.55
C ASN L 113 12.94 -2.39 65.49
N ASN L 114 13.49 -1.54 64.61
CA ASN L 114 13.12 -0.14 64.61
C ASN L 114 12.87 0.45 63.23
N MET L 115 13.41 -0.14 62.15
CA MET L 115 13.25 0.39 60.81
C MET L 115 12.29 -0.48 60.00
N THR L 116 12.15 -0.13 58.73
CA THR L 116 11.33 -0.85 57.77
C THR L 116 12.19 -1.20 56.57
N TRP L 117 11.81 -2.27 55.86
CA TRP L 117 12.58 -2.71 54.72
C TRP L 117 12.62 -1.64 53.63
N ILE L 118 11.57 -0.83 53.52
CA ILE L 118 11.60 0.30 52.59
C ILE L 118 12.47 1.42 53.12
N GLU L 119 12.35 1.75 54.40
CA GLU L 119 13.19 2.79 54.99
C GLU L 119 14.65 2.40 54.99
N TRP L 120 14.95 1.14 55.29
CA TRP L 120 16.34 0.69 55.32
C TRP L 120 16.97 0.76 53.94
N GLU L 121 16.28 0.26 52.92
CA GLU L 121 16.86 0.21 51.59
C GLU L 121 17.02 1.60 50.98
N ARG L 122 16.25 2.58 51.45
CA ARG L 122 16.47 3.96 51.03
C ARG L 122 17.62 4.60 51.78
N GLU L 123 17.99 4.07 52.94
CA GLU L 123 19.08 4.64 53.72
C GLU L 123 20.45 4.31 53.12
N ILE L 124 20.62 3.10 52.62
CA ILE L 124 21.90 2.67 52.07
C ILE L 124 21.82 2.57 50.55
N SER L 125 20.91 3.33 49.94
CA SER L 125 20.84 3.35 48.49
C SER L 125 22.08 3.97 47.86
N ASN L 126 22.84 4.77 48.61
CA ASN L 126 24.08 5.32 48.10
C ASN L 126 25.06 4.22 47.74
N TYR L 127 25.23 3.25 48.63
CA TYR L 127 26.32 2.29 48.54
C TYR L 127 25.96 0.97 47.90
N THR L 128 24.70 0.74 47.49
CA THR L 128 24.34 -0.55 46.92
C THR L 128 25.09 -0.82 45.63
N SER L 129 25.53 0.22 44.92
CA SER L 129 26.32 -0.01 43.72
C SER L 129 27.71 -0.53 44.04
N GLN L 130 28.21 -0.25 45.24
CA GLN L 130 29.51 -0.75 45.66
C GLN L 130 29.42 -2.07 46.40
N ILE L 131 28.37 -2.28 47.19
CA ILE L 131 28.22 -3.55 47.90
C ILE L 131 28.06 -4.69 46.91
N TYR L 132 27.39 -4.44 45.79
CA TYR L 132 27.25 -5.47 44.78
C TYR L 132 28.60 -5.86 44.20
N ASP L 133 29.49 -4.89 44.00
CA ASP L 133 30.82 -5.19 43.51
C ASP L 133 31.64 -5.94 44.55
N ILE L 134 31.53 -5.54 45.82
CA ILE L 134 32.28 -6.21 46.87
C ILE L 134 31.79 -7.65 47.06
N LEU L 135 30.47 -7.85 47.05
CA LEU L 135 29.92 -9.18 47.22
C LEU L 135 30.35 -10.11 46.08
N THR L 136 30.34 -9.60 44.85
CA THR L 136 30.75 -10.43 43.71
C THR L 136 32.22 -10.80 43.80
N GLU L 137 33.08 -9.84 44.12
CA GLU L 137 34.51 -10.11 44.16
C GLU L 137 34.88 -11.03 45.32
N SER L 138 34.13 -10.96 46.43
CA SER L 138 34.42 -11.84 47.55
C SER L 138 34.15 -13.29 47.19
N GLN L 139 33.10 -13.55 46.41
CA GLN L 139 32.83 -14.92 45.99
C GLN L 139 33.90 -15.42 45.03
N PHE L 140 34.43 -14.54 44.18
CA PHE L 140 35.49 -14.95 43.27
C PHE L 140 36.73 -15.37 44.03
N GLN L 141 37.06 -14.67 45.12
CA GLN L 141 38.22 -15.04 45.91
C GLN L 141 38.03 -16.38 46.60
N GLN L 142 36.80 -16.74 46.96
CA GLN L 142 36.55 -18.05 47.56
C GLN L 142 36.79 -19.17 46.55
N ASP L 143 36.46 -18.93 45.28
CA ASP L 143 36.64 -19.97 44.27
C ASP L 143 38.11 -20.14 43.91
N ILE L 144 38.88 -19.05 43.93
CA ILE L 144 40.32 -19.16 43.70
C ILE L 144 40.97 -19.94 44.83
N ASN L 145 40.53 -19.71 46.07
CA ASN L 145 41.15 -20.37 47.21
C ASN L 145 40.98 -21.88 47.15
N GLU L 146 39.79 -22.35 46.78
CA GLU L 146 39.56 -23.80 46.77
C GLU L 146 40.23 -24.48 45.58
N VAL L 147 40.55 -23.74 44.52
CA VAL L 147 41.25 -24.35 43.39
C VAL L 147 42.68 -24.70 43.78
N ASP L 148 43.34 -23.82 44.52
CA ASP L 148 44.68 -24.07 45.02
C ASP L 148 44.68 -24.68 46.42
N LEU L 149 43.60 -25.36 46.80
CA LEU L 149 43.49 -26.01 48.10
C LEU L 149 43.13 -27.49 47.99
N LEU L 150 42.30 -27.86 47.02
CA LEU L 150 41.90 -29.25 46.84
C LEU L 150 42.92 -30.03 46.01
N ILE M 8 21.25 -44.67 26.52
CA ILE M 8 20.96 -45.61 25.46
C ILE M 8 19.57 -45.34 24.89
N PHE M 9 18.81 -44.50 25.58
CA PHE M 9 17.46 -44.15 25.18
C PHE M 9 17.44 -42.77 24.54
N GLY M 10 16.40 -42.53 23.74
CA GLY M 10 16.16 -41.23 23.14
C GLY M 10 15.28 -40.37 24.01
N PHE M 11 14.93 -39.21 23.48
CA PHE M 11 14.02 -38.30 24.17
C PHE M 11 12.68 -38.97 24.40
N LEU M 12 12.18 -38.91 25.63
CA LEU M 12 10.94 -39.54 26.04
C LEU M 12 10.93 -41.04 25.79
N GLY M 13 12.11 -41.66 25.69
CA GLY M 13 12.18 -43.08 25.38
C GLY M 13 11.75 -43.98 26.52
N ALA M 14 11.80 -43.48 27.76
CA ALA M 14 11.47 -44.27 28.92
C ALA M 14 10.09 -43.94 29.48
N ALA M 15 9.20 -43.38 28.65
CA ALA M 15 7.89 -42.99 29.14
C ALA M 15 7.01 -44.19 29.47
N GLY M 16 7.39 -45.39 29.04
CA GLY M 16 6.60 -46.57 29.35
C GLY M 16 7.21 -47.45 30.42
N SER M 17 8.48 -47.20 30.74
CA SER M 17 9.17 -48.02 31.72
C SER M 17 8.69 -47.70 33.13
N THR M 18 8.98 -48.62 34.05
CA THR M 18 8.64 -48.41 35.45
C THR M 18 9.49 -47.29 36.04
N MET M 19 8.98 -46.69 37.12
CA MET M 19 9.66 -45.53 37.71
C MET M 19 11.07 -45.86 38.14
N GLY M 20 11.31 -47.09 38.60
CA GLY M 20 12.66 -47.47 39.01
C GLY M 20 13.63 -47.47 37.85
N ALA M 21 13.22 -48.00 36.71
CA ALA M 21 14.10 -48.09 35.55
C ALA M 21 14.03 -46.87 34.64
N ALA M 22 13.08 -45.96 34.87
CA ALA M 22 12.96 -44.76 34.08
C ALA M 22 13.62 -43.55 34.72
N SER M 23 14.17 -43.70 35.93
CA SER M 23 14.91 -42.62 36.57
C SER M 23 16.39 -42.67 36.23
N ASN M 24 16.85 -43.66 35.47
CA ASN M 24 18.24 -43.72 35.03
C ASN M 24 18.49 -42.90 33.78
N THR M 25 17.44 -42.39 33.14
CA THR M 25 17.57 -41.60 31.92
C THR M 25 16.98 -40.21 32.12
N LEU M 26 17.25 -39.60 33.29
CA LEU M 26 16.72 -38.27 33.55
C LEU M 26 17.41 -37.22 32.70
N THR M 27 18.72 -37.35 32.48
CA THR M 27 19.45 -36.36 31.72
C THR M 27 19.02 -36.30 30.26
N VAL M 28 18.47 -37.39 29.73
CA VAL M 28 18.05 -37.40 28.33
C VAL M 28 16.91 -36.40 28.11
N GLN M 29 15.94 -36.37 29.01
CA GLN M 29 14.83 -35.42 28.90
C GLN M 29 15.17 -34.06 29.49
N ALA M 30 16.34 -33.91 30.10
CA ALA M 30 16.73 -32.65 30.73
C ALA M 30 17.60 -31.77 29.83
N ARG M 31 18.34 -32.37 28.90
CA ARG M 31 19.18 -31.59 28.00
C ARG M 31 18.37 -30.80 26.98
N GLN M 32 17.08 -31.04 26.86
CA GLN M 32 16.32 -30.49 25.75
C GLN M 32 15.18 -29.58 26.20
N LEU M 33 15.45 -28.67 27.13
CA LEU M 33 14.46 -27.69 27.55
C LEU M 33 14.76 -26.28 27.04
N LEU M 34 15.89 -26.09 26.36
CA LEU M 34 16.16 -24.82 25.68
C LEU M 34 16.57 -25.08 24.23
N SER M 35 17.31 -26.16 24.01
CA SER M 35 17.86 -26.44 22.69
C SER M 35 16.75 -26.71 21.68
N GLY M 36 16.83 -26.06 20.53
CA GLY M 36 15.84 -26.24 19.48
C GLY M 36 16.33 -25.69 18.15
N ILE M 37 15.55 -25.96 17.12
CA ILE M 37 15.89 -25.49 15.78
C ILE M 37 15.60 -24.00 15.64
N VAL M 38 14.73 -23.45 16.51
CA VAL M 38 14.17 -22.12 16.29
C VAL M 38 15.26 -21.04 16.35
N GLN M 39 16.34 -21.29 17.07
CA GLN M 39 17.33 -20.24 17.32
C GLN M 39 18.07 -19.80 16.05
N GLN M 40 17.96 -20.54 14.96
CA GLN M 40 18.57 -20.11 13.71
C GLN M 40 17.79 -18.94 13.12
N GLN M 41 18.40 -18.24 12.16
CA GLN M 41 17.79 -17.03 11.62
C GLN M 41 16.75 -17.35 10.56
N SER M 42 17.18 -17.93 9.43
CA SER M 42 16.30 -18.21 8.30
C SER M 42 17.04 -18.92 7.18
N ASN M 43 16.31 -19.27 6.11
CA ASN M 43 16.98 -19.79 4.92
C ASN M 43 17.86 -18.72 4.28
N LEU M 44 17.37 -17.48 4.21
CA LEU M 44 18.14 -16.36 3.69
C LEU M 44 17.58 -15.09 4.28
N PRO M 45 18.43 -14.14 4.71
CA PRO M 45 17.98 -12.86 5.28
C PRO M 45 17.60 -11.84 4.22
N HIS M 53 8.15 -6.52 1.88
CA HIS M 53 9.29 -7.24 2.42
C HIS M 53 9.17 -7.39 3.93
N LEU M 54 10.11 -6.80 4.67
CA LEU M 54 10.09 -6.78 6.13
C LEU M 54 10.07 -8.21 6.69
N LEU M 55 11.19 -8.91 6.45
CA LEU M 55 11.28 -10.32 6.78
C LEU M 55 11.03 -10.58 8.27
N GLN M 56 11.27 -9.60 9.13
CA GLN M 56 11.07 -9.79 10.55
C GLN M 56 9.60 -9.76 10.97
N LEU M 57 8.69 -9.33 10.10
CA LEU M 57 7.27 -9.35 10.39
C LEU M 57 6.49 -10.19 9.39
N THR M 58 7.14 -11.15 8.74
CA THR M 58 6.43 -12.14 7.96
C THR M 58 5.54 -12.96 8.89
N VAL M 59 4.53 -13.62 8.32
CA VAL M 59 3.65 -14.44 9.13
C VAL M 59 4.43 -15.52 9.86
N TRP M 60 5.47 -16.05 9.22
CA TRP M 60 6.35 -17.02 9.88
C TRP M 60 7.57 -16.36 10.53
N GLY M 61 7.70 -15.04 10.41
CA GLY M 61 8.67 -14.34 11.24
C GLY M 61 8.15 -13.98 12.60
N ILE M 62 6.84 -14.09 12.80
CA ILE M 62 6.21 -13.82 14.08
C ILE M 62 6.03 -15.10 14.89
N LYS M 63 5.69 -16.20 14.22
CA LYS M 63 5.59 -17.47 14.92
C LYS M 63 6.93 -17.92 15.47
N GLN M 64 8.03 -17.53 14.82
CA GLN M 64 9.34 -17.85 15.37
C GLN M 64 9.65 -16.96 16.57
N LEU M 65 9.22 -15.70 16.53
CA LEU M 65 9.46 -14.81 17.67
C LEU M 65 8.73 -15.30 18.92
N GLN M 66 7.49 -15.77 18.76
CA GLN M 66 6.74 -16.27 19.90
C GLN M 66 7.10 -17.70 20.26
N ALA M 67 7.78 -18.42 19.37
CA ALA M 67 8.29 -19.73 19.74
C ALA M 67 9.53 -19.61 20.61
N ARG M 68 10.33 -18.56 20.39
CA ARG M 68 11.51 -18.34 21.22
C ARG M 68 11.10 -17.92 22.63
N VAL M 69 10.07 -17.10 22.76
CA VAL M 69 9.63 -16.67 24.09
C VAL M 69 8.98 -17.83 24.84
N LEU M 70 8.22 -18.67 24.15
CA LEU M 70 7.58 -19.81 24.80
C LEU M 70 8.62 -20.78 25.35
N ALA M 71 9.69 -21.02 24.59
CA ALA M 71 10.74 -21.91 25.06
C ALA M 71 11.45 -21.34 26.28
N VAL M 72 11.72 -20.04 26.29
CA VAL M 72 12.39 -19.42 27.44
C VAL M 72 11.50 -19.48 28.67
N GLU M 73 10.22 -19.18 28.52
CA GLU M 73 9.31 -19.18 29.67
C GLU M 73 9.10 -20.59 30.21
N ARG M 74 9.04 -21.59 29.32
CA ARG M 74 8.83 -22.95 29.76
C ARG M 74 9.99 -23.43 30.61
N TYR M 75 11.22 -23.09 30.21
CA TYR M 75 12.39 -23.44 30.99
C TYR M 75 12.37 -22.75 32.35
N LEU M 76 11.97 -21.48 32.38
CA LEU M 76 12.02 -20.69 33.61
C LEU M 76 10.90 -21.01 34.57
N GLU M 77 9.91 -21.81 34.17
CA GLU M 77 8.87 -22.21 35.11
C GLU M 77 9.34 -23.30 36.05
N VAL M 78 10.25 -24.16 35.61
CA VAL M 78 10.79 -25.18 36.49
C VAL M 78 12.04 -24.68 37.21
N GLN M 79 12.84 -23.82 36.57
CA GLN M 79 13.99 -23.26 37.24
C GLN M 79 13.57 -22.34 38.38
N LYS M 80 12.38 -21.75 38.28
CA LYS M 80 11.88 -20.90 39.36
C LYS M 80 11.65 -21.71 40.62
N PHE M 81 11.07 -22.91 40.48
CA PHE M 81 10.78 -23.74 41.64
C PHE M 81 12.07 -24.26 42.27
N LEU M 82 12.97 -24.81 41.45
CA LEU M 82 14.21 -25.37 41.98
C LEU M 82 15.01 -24.33 42.76
N GLY M 83 14.88 -23.05 42.40
CA GLY M 83 15.54 -22.02 43.18
C GLY M 83 14.97 -21.89 44.57
N LEU M 84 13.65 -21.97 44.69
CA LEU M 84 13.00 -21.83 45.99
C LEU M 84 13.20 -23.07 46.85
N TRP M 85 13.09 -24.26 46.25
CA TRP M 85 13.22 -25.50 47.00
C TRP M 85 14.63 -25.80 47.45
N GLY M 86 15.62 -25.04 46.98
CA GLY M 86 16.99 -25.31 47.33
C GLY M 86 17.67 -26.36 46.48
N CYS M 87 17.09 -26.74 45.36
CA CYS M 87 17.60 -27.82 44.53
C CYS M 87 18.23 -27.30 43.23
N SER M 88 18.84 -26.13 43.29
CA SER M 88 19.49 -25.57 42.11
C SER M 88 20.82 -26.27 41.86
N GLY M 89 21.06 -26.69 40.63
CA GLY M 89 22.28 -27.37 40.29
C GLY M 89 22.28 -28.85 40.57
N LYS M 90 21.10 -29.47 40.67
CA LYS M 90 20.99 -30.88 40.98
C LYS M 90 19.88 -31.50 40.14
N ILE M 91 19.99 -32.80 39.89
CA ILE M 91 19.00 -33.53 39.13
C ILE M 91 18.07 -34.33 40.03
N ILE M 92 18.62 -35.01 41.04
CA ILE M 92 17.83 -35.73 42.02
C ILE M 92 18.14 -35.13 43.37
N CYS M 93 17.25 -34.26 43.85
CA CYS M 93 17.48 -33.48 45.05
C CYS M 93 16.67 -34.05 46.19
N CYS M 94 17.35 -34.43 47.27
CA CYS M 94 16.72 -35.07 48.41
C CYS M 94 16.39 -34.00 49.45
N THR M 95 15.11 -33.86 49.79
CA THR M 95 14.63 -32.79 50.66
C THR M 95 14.33 -33.34 52.05
N ALA M 96 13.80 -32.46 52.90
CA ALA M 96 13.50 -32.77 54.30
C ALA M 96 12.00 -32.72 54.60
N VAL M 97 11.16 -32.87 53.59
CA VAL M 97 9.71 -32.86 53.77
C VAL M 97 9.24 -34.30 53.92
N PRO M 98 8.59 -34.66 55.03
CA PRO M 98 8.14 -36.04 55.22
C PRO M 98 6.82 -36.30 54.49
N TRP M 99 6.85 -37.23 53.55
CA TRP M 99 5.65 -37.75 52.90
C TRP M 99 4.74 -38.35 53.95
N ASN M 100 3.53 -37.79 54.13
CA ASN M 100 2.73 -38.21 55.28
C ASN M 100 1.77 -39.34 54.93
N SER M 101 1.84 -39.87 53.71
CA SER M 101 1.04 -41.02 53.27
C SER M 101 -0.42 -40.65 53.03
N THR M 102 -0.81 -39.42 53.33
CA THR M 102 -2.13 -38.97 52.92
C THR M 102 -2.17 -38.65 51.43
N TRP M 103 -1.07 -38.11 50.89
CA TRP M 103 -0.97 -37.94 49.44
C TRP M 103 -1.03 -39.28 48.72
N SER M 104 -0.36 -40.29 49.26
CA SER M 104 -0.44 -41.64 48.72
C SER M 104 0.07 -42.62 49.77
N ASN M 105 -0.69 -43.68 50.01
CA ASN M 105 -0.33 -44.71 50.98
C ASN M 105 0.27 -45.95 50.33
N LYS M 106 0.57 -45.89 49.04
CA LYS M 106 1.12 -47.05 48.36
C LYS M 106 2.51 -47.39 48.90
N SER M 107 2.80 -48.67 48.96
CA SER M 107 4.07 -49.13 49.51
C SER M 107 5.22 -48.72 48.60
N PHE M 108 6.43 -48.75 49.16
CA PHE M 108 7.61 -48.39 48.38
C PHE M 108 7.80 -49.33 47.21
N GLU M 109 7.50 -50.61 47.39
CA GLU M 109 7.59 -51.56 46.28
C GLU M 109 6.60 -51.22 45.17
N GLN M 110 5.34 -50.97 45.53
CA GLN M 110 4.32 -50.71 44.52
C GLN M 110 4.54 -49.40 43.79
N ILE M 111 5.29 -48.46 44.35
CA ILE M 111 5.51 -47.16 43.72
C ILE M 111 6.56 -47.31 42.63
N TRP M 112 7.70 -47.89 42.97
CA TRP M 112 8.83 -47.93 42.05
C TRP M 112 8.90 -49.19 41.21
N ASN M 113 7.90 -50.09 41.27
CA ASN M 113 8.09 -51.40 40.65
C ASN M 113 6.95 -51.92 39.78
N ASN M 114 5.70 -51.41 39.84
CA ASN M 114 4.95 -51.51 38.59
C ASN M 114 4.34 -50.19 38.16
N MET M 115 4.89 -49.04 38.53
CA MET M 115 4.28 -47.77 38.17
C MET M 115 5.20 -46.99 37.24
N THR M 116 4.59 -46.29 36.31
CA THR M 116 5.29 -45.42 35.39
C THR M 116 5.17 -43.98 35.85
N TRP M 117 6.09 -43.14 35.36
CA TRP M 117 6.13 -41.75 35.82
C TRP M 117 4.86 -41.00 35.44
N ILE M 118 4.20 -41.38 34.35
CA ILE M 118 2.96 -40.72 33.97
C ILE M 118 1.83 -41.08 34.92
N GLU M 119 1.70 -42.37 35.25
CA GLU M 119 0.63 -42.79 36.15
C GLU M 119 0.79 -42.22 37.54
N TRP M 120 2.02 -42.14 38.03
CA TRP M 120 2.26 -41.60 39.36
C TRP M 120 1.84 -40.14 39.45
N GLU M 121 2.19 -39.35 38.44
CA GLU M 121 1.86 -37.92 38.48
C GLU M 121 0.36 -37.70 38.49
N ARG M 122 -0.40 -38.60 37.84
CA ARG M 122 -1.85 -38.42 37.76
C ARG M 122 -2.50 -38.64 39.12
N GLU M 123 -2.06 -39.63 39.89
CA GLU M 123 -2.80 -40.02 41.08
C GLU M 123 -2.39 -39.19 42.29
N ILE M 124 -1.35 -38.37 42.15
CA ILE M 124 -1.05 -37.35 43.14
C ILE M 124 -1.27 -35.94 42.56
N SER M 125 -1.93 -35.85 41.40
CA SER M 125 -2.13 -34.55 40.77
C SER M 125 -2.99 -33.62 41.60
N ASN M 126 -3.74 -34.16 42.57
CA ASN M 126 -4.58 -33.31 43.40
C ASN M 126 -3.77 -32.54 44.44
N TYR M 127 -2.58 -33.01 44.79
CA TYR M 127 -1.84 -32.47 45.91
C TYR M 127 -0.56 -31.75 45.51
N THR M 128 -0.19 -31.72 44.23
CA THR M 128 1.05 -31.04 43.85
C THR M 128 0.98 -29.55 44.17
N SER M 129 -0.21 -28.97 44.19
CA SER M 129 -0.34 -27.57 44.58
C SER M 129 -0.04 -27.36 46.06
N GLN M 130 -0.11 -28.42 46.87
CA GLN M 130 0.22 -28.31 48.28
C GLN M 130 1.62 -28.80 48.61
N ILE M 131 2.14 -29.78 47.87
CA ILE M 131 3.52 -30.21 48.07
C ILE M 131 4.48 -29.08 47.67
N TYR M 132 4.13 -28.32 46.64
CA TYR M 132 4.99 -27.23 46.20
C TYR M 132 5.11 -26.16 47.27
N ASP M 133 4.01 -25.86 47.96
CA ASP M 133 4.06 -24.84 49.02
C ASP M 133 4.74 -25.38 50.27
N ILE M 134 4.62 -26.68 50.54
CA ILE M 134 5.31 -27.24 51.69
C ILE M 134 6.81 -27.30 51.43
N LEU M 135 7.21 -27.69 50.23
CA LEU M 135 8.64 -27.78 49.90
C LEU M 135 9.31 -26.42 49.97
N THR M 136 8.57 -25.34 49.68
CA THR M 136 9.13 -24.01 49.79
C THR M 136 9.27 -23.59 51.25
N GLU M 137 8.29 -23.95 52.08
CA GLU M 137 8.33 -23.53 53.48
C GLU M 137 9.43 -24.25 54.26
N SER M 138 9.71 -25.51 53.92
CA SER M 138 10.78 -26.22 54.61
C SER M 138 12.14 -25.58 54.33
N GLN M 139 12.38 -25.18 53.08
CA GLN M 139 13.66 -24.55 52.75
C GLN M 139 13.80 -23.19 53.43
N PHE M 140 12.72 -22.42 53.49
CA PHE M 140 12.76 -21.14 54.19
C PHE M 140 13.05 -21.34 55.67
N GLN M 141 12.44 -22.36 56.28
CA GLN M 141 12.71 -22.64 57.68
C GLN M 141 14.14 -23.13 57.89
N GLN M 142 14.73 -23.75 56.86
CA GLN M 142 16.14 -24.12 56.96
C GLN M 142 17.03 -22.89 57.01
N ASP M 143 16.75 -21.90 56.16
CA ASP M 143 17.62 -20.73 56.07
C ASP M 143 17.50 -19.84 57.29
N ILE M 144 16.31 -19.78 57.91
CA ILE M 144 16.17 -19.03 59.16
C ILE M 144 16.99 -19.68 60.26
N ASN M 145 16.99 -21.01 60.33
CA ASN M 145 17.71 -21.71 61.39
C ASN M 145 19.21 -21.50 61.31
N GLU M 146 19.78 -21.35 60.12
CA GLU M 146 21.21 -21.08 59.99
C GLU M 146 21.59 -19.66 60.37
N VAL M 147 20.68 -18.71 60.21
CA VAL M 147 21.00 -17.32 60.49
C VAL M 147 21.30 -17.12 61.97
N ASP M 148 20.49 -17.73 62.84
CA ASP M 148 20.69 -17.65 64.28
C ASP M 148 21.42 -18.88 64.82
N LEU M 149 22.29 -19.50 64.00
CA LEU M 149 23.07 -20.65 64.44
C LEU M 149 24.55 -20.44 64.15
N LEU M 150 24.87 -19.70 63.08
CA LEU M 150 26.24 -19.45 62.71
C LEU M 150 26.79 -18.19 63.39
N ILE N 8 43.89 -3.39 37.21
CA ILE N 8 42.57 -3.94 36.92
C ILE N 8 42.17 -3.64 35.49
N PHE N 9 41.56 -4.63 34.83
CA PHE N 9 41.23 -4.57 33.42
C PHE N 9 39.74 -4.44 33.21
N GLY N 10 39.36 -4.00 32.02
CA GLY N 10 37.98 -3.88 31.62
C GLY N 10 37.49 -5.09 30.86
N PHE N 11 36.40 -4.89 30.12
CA PHE N 11 35.80 -5.97 29.36
C PHE N 11 36.76 -6.47 28.29
N LEU N 12 37.05 -7.77 28.30
CA LEU N 12 37.98 -8.42 27.39
C LEU N 12 39.38 -7.83 27.48
N GLY N 13 39.68 -7.11 28.57
CA GLY N 13 40.96 -6.43 28.68
C GLY N 13 42.15 -7.36 28.84
N ALA N 14 41.92 -8.59 29.30
CA ALA N 14 42.98 -9.58 29.46
C ALA N 14 42.83 -10.74 28.49
N ALA N 15 42.23 -10.48 27.33
CA ALA N 15 42.05 -11.53 26.34
C ALA N 15 43.36 -11.94 25.69
N GLY N 16 44.38 -11.09 25.75
CA GLY N 16 45.67 -11.43 25.17
C GLY N 16 46.65 -11.95 26.18
N SER N 17 46.31 -11.86 27.46
CA SER N 17 47.17 -12.36 28.52
C SER N 17 47.03 -13.88 28.64
N THR N 18 48.06 -14.50 29.21
CA THR N 18 48.07 -15.95 29.35
C THR N 18 46.99 -16.42 30.30
N MET N 19 46.66 -17.71 30.21
CA MET N 19 45.55 -18.25 30.99
C MET N 19 45.78 -18.10 32.48
N GLY N 20 47.04 -18.08 32.92
CA GLY N 20 47.31 -17.89 34.34
C GLY N 20 46.88 -16.54 34.84
N ALA N 21 47.21 -15.48 34.10
CA ALA N 21 46.92 -14.12 34.52
C ALA N 21 45.60 -13.59 33.95
N ALA N 22 45.01 -14.27 32.98
CA ALA N 22 43.69 -13.89 32.49
C ALA N 22 42.56 -14.48 33.31
N SER N 23 42.87 -15.40 34.22
CA SER N 23 41.87 -16.03 35.07
C SER N 23 41.70 -15.30 36.39
N ASN N 24 42.44 -14.23 36.63
CA ASN N 24 42.26 -13.40 37.82
C ASN N 24 41.30 -12.25 37.59
N THR N 25 40.71 -12.16 36.40
CA THR N 25 39.73 -11.13 36.05
C THR N 25 38.53 -11.75 35.35
N LEU N 26 38.02 -12.85 35.91
CA LEU N 26 36.85 -13.48 35.33
C LEU N 26 35.56 -12.72 35.62
N THR N 27 35.55 -11.91 36.68
CA THR N 27 34.32 -11.22 37.05
C THR N 27 34.00 -10.06 36.13
N VAL N 28 35.02 -9.45 35.50
CA VAL N 28 34.75 -8.30 34.65
C VAL N 28 34.01 -8.71 33.38
N GLN N 29 34.30 -9.90 32.84
CA GLN N 29 33.54 -10.40 31.70
C GLN N 29 32.29 -11.16 32.11
N ALA N 30 32.04 -11.32 33.41
CA ALA N 30 30.85 -12.01 33.88
C ALA N 30 29.76 -11.06 34.35
N ARG N 31 30.09 -9.83 34.72
CA ARG N 31 29.09 -8.86 35.11
C ARG N 31 28.28 -8.34 33.93
N GLN N 32 28.65 -8.68 32.70
CA GLN N 32 28.06 -8.04 31.53
C GLN N 32 27.48 -9.03 30.55
N LEU N 33 26.69 -9.99 31.04
CA LEU N 33 25.97 -10.91 30.18
C LEU N 33 24.48 -10.63 30.09
N LEU N 34 23.94 -9.77 30.95
CA LEU N 34 22.57 -9.31 30.86
C LEU N 34 22.43 -7.80 30.85
N SER N 35 23.29 -7.08 31.56
CA SER N 35 23.19 -5.64 31.65
C SER N 35 23.49 -5.00 30.29
N GLY N 36 22.60 -4.13 29.84
CA GLY N 36 22.82 -3.46 28.56
C GLY N 36 22.02 -2.17 28.49
N ILE N 37 22.32 -1.40 27.45
CA ILE N 37 21.59 -0.16 27.21
C ILE N 37 20.16 -0.43 26.78
N VAL N 38 19.87 -1.64 26.30
CA VAL N 38 18.59 -1.93 25.67
C VAL N 38 17.42 -1.85 26.65
N GLN N 39 17.68 -1.97 27.95
CA GLN N 39 16.60 -1.88 28.93
C GLN N 39 16.01 -0.49 29.04
N GLN N 40 16.66 0.54 28.49
CA GLN N 40 16.09 1.86 28.45
C GLN N 40 14.89 1.90 27.50
N GLN N 41 14.00 2.87 27.73
CA GLN N 41 12.76 2.91 26.95
C GLN N 41 12.97 3.55 25.58
N SER N 42 13.28 4.85 25.57
CA SER N 42 13.44 5.60 24.34
C SER N 42 13.87 7.04 24.65
N ASN N 43 14.09 7.84 23.61
CA ASN N 43 14.31 9.26 23.81
C ASN N 43 13.06 9.94 24.36
N LEU N 44 11.89 9.57 23.84
CA LEU N 44 10.62 10.09 24.34
C LEU N 44 9.52 9.09 24.02
N PRO N 45 8.60 8.82 24.94
CA PRO N 45 7.48 7.90 24.70
C PRO N 45 6.28 8.58 24.04
N HIS N 53 1.49 5.56 14.34
CA HIS N 53 1.72 5.38 15.76
C HIS N 53 2.19 3.95 16.02
N LEU N 54 1.80 3.39 17.16
CA LEU N 54 2.24 2.08 17.61
C LEU N 54 3.78 2.03 17.61
N LEU N 55 4.36 2.79 18.55
CA LEU N 55 5.81 2.95 18.60
C LEU N 55 6.52 1.62 18.85
N GLN N 56 5.82 0.61 19.33
CA GLN N 56 6.38 -0.72 19.48
C GLN N 56 6.52 -1.47 18.16
N LEU N 57 6.22 -0.81 17.04
CA LEU N 57 6.32 -1.44 15.73
C LEU N 57 7.26 -0.68 14.80
N THR N 58 7.79 0.46 15.23
CA THR N 58 8.73 1.23 14.43
C THR N 58 9.94 0.38 14.06
N VAL N 59 10.60 0.74 12.96
CA VAL N 59 11.78 -0.01 12.51
C VAL N 59 12.81 -0.08 13.62
N TRP N 60 13.06 1.04 14.31
CA TRP N 60 13.95 1.02 15.45
C TRP N 60 13.32 0.35 16.68
N GLY N 61 12.03 0.05 16.63
CA GLY N 61 11.34 -0.54 17.76
C GLY N 61 11.19 -2.04 17.65
N ILE N 62 11.63 -2.62 16.54
CA ILE N 62 11.61 -4.07 16.38
C ILE N 62 13.01 -4.62 16.59
N LYS N 63 14.03 -3.87 16.16
CA LYS N 63 15.40 -4.26 16.45
C LYS N 63 15.66 -4.23 17.95
N GLN N 64 14.96 -3.38 18.68
CA GLN N 64 15.13 -3.32 20.13
C GLN N 64 14.37 -4.44 20.84
N LEU N 65 13.31 -4.96 20.23
CA LEU N 65 12.62 -6.10 20.84
C LEU N 65 13.41 -7.37 20.67
N GLN N 66 13.99 -7.58 19.49
CA GLN N 66 14.77 -8.78 19.24
C GLN N 66 16.17 -8.71 19.86
N ALA N 67 16.61 -7.52 20.26
CA ALA N 67 17.87 -7.42 20.99
C ALA N 67 17.68 -7.63 22.49
N ARG N 68 16.43 -7.70 22.96
CA ARG N 68 16.19 -8.09 24.34
C ARG N 68 16.02 -9.59 24.47
N VAL N 69 15.40 -10.22 23.46
CA VAL N 69 15.29 -11.67 23.47
C VAL N 69 16.65 -12.32 23.21
N LEU N 70 17.48 -11.70 22.38
CA LEU N 70 18.83 -12.22 22.17
C LEU N 70 19.66 -12.14 23.44
N ALA N 71 19.53 -11.05 24.19
CA ALA N 71 20.29 -10.90 25.43
C ALA N 71 19.87 -11.96 26.45
N VAL N 72 18.58 -12.25 26.52
CA VAL N 72 18.09 -13.25 27.46
C VAL N 72 18.56 -14.64 27.05
N GLU N 73 18.39 -14.99 25.77
CA GLU N 73 18.73 -16.34 25.34
C GLU N 73 20.21 -16.62 25.46
N ARG N 74 21.07 -15.67 25.11
CA ARG N 74 22.51 -15.89 25.21
C ARG N 74 22.96 -16.06 26.65
N TYR N 75 22.18 -15.57 27.61
CA TYR N 75 22.50 -15.76 29.02
C TYR N 75 22.10 -17.14 29.50
N LEU N 76 20.97 -17.66 29.01
CA LEU N 76 20.45 -18.94 29.51
C LEU N 76 21.22 -20.12 28.94
N GLU N 77 21.71 -20.04 27.71
CA GLU N 77 22.42 -21.18 27.12
C GLU N 77 23.74 -21.47 27.83
N VAL N 78 24.24 -20.55 28.65
CA VAL N 78 25.45 -20.81 29.42
C VAL N 78 25.05 -21.13 30.85
N GLN N 79 23.91 -20.60 31.31
CA GLN N 79 23.41 -20.95 32.62
C GLN N 79 22.75 -22.32 32.65
N LYS N 80 22.20 -22.75 31.51
CA LYS N 80 21.61 -24.09 31.44
C LYS N 80 22.65 -25.16 31.67
N PHE N 81 23.83 -25.01 31.07
CA PHE N 81 24.90 -25.99 31.26
C PHE N 81 25.38 -26.00 32.70
N LEU N 82 25.52 -24.83 33.31
CA LEU N 82 25.98 -24.76 34.69
C LEU N 82 25.03 -25.49 35.62
N GLY N 83 23.72 -25.42 35.34
CA GLY N 83 22.76 -26.12 36.18
C GLY N 83 22.91 -27.62 36.10
N LEU N 84 23.21 -28.16 34.91
CA LEU N 84 23.31 -29.60 34.76
C LEU N 84 24.59 -30.15 35.38
N TRP N 85 25.68 -29.39 35.31
CA TRP N 85 26.95 -29.87 35.82
C TRP N 85 27.10 -29.69 37.33
N GLY N 86 26.15 -29.05 37.99
CA GLY N 86 26.26 -28.81 39.41
C GLY N 86 27.12 -27.63 39.78
N CYS N 87 27.30 -26.67 38.87
CA CYS N 87 28.15 -25.52 39.09
C CYS N 87 27.35 -24.22 39.23
N SER N 88 26.04 -24.33 39.48
CA SER N 88 25.21 -23.15 39.63
C SER N 88 25.65 -22.32 40.82
N GLY N 89 25.77 -21.01 40.62
CA GLY N 89 26.19 -20.12 41.69
C GLY N 89 27.67 -20.08 41.94
N LYS N 90 28.49 -20.59 41.02
CA LYS N 90 29.93 -20.62 41.20
C LYS N 90 30.60 -20.06 39.96
N ILE N 91 31.73 -19.39 40.17
CA ILE N 91 32.52 -18.87 39.07
C ILE N 91 33.53 -19.88 38.58
N ILE N 92 34.26 -20.50 39.50
CA ILE N 92 35.20 -21.58 39.18
C ILE N 92 34.70 -22.83 39.89
N CYS N 93 34.46 -23.89 39.12
CA CYS N 93 33.78 -25.09 39.60
C CYS N 93 34.65 -26.31 39.35
N CYS N 94 35.13 -26.92 40.42
CA CYS N 94 35.86 -28.18 40.29
C CYS N 94 34.90 -29.30 39.91
N THR N 95 35.46 -30.41 39.44
CA THR N 95 34.64 -31.52 38.98
C THR N 95 35.42 -32.81 39.15
N ALA N 96 34.70 -33.93 39.21
CA ALA N 96 35.28 -35.26 39.35
C ALA N 96 35.42 -35.98 38.02
N VAL N 97 35.70 -35.25 36.95
CA VAL N 97 35.89 -35.82 35.61
C VAL N 97 37.39 -35.75 35.29
N PRO N 98 38.06 -36.88 35.12
CA PRO N 98 39.51 -36.84 34.86
C PRO N 98 39.84 -36.57 33.40
N TRP N 99 40.90 -35.79 33.19
CA TRP N 99 41.40 -35.50 31.85
C TRP N 99 42.09 -36.74 31.30
N ASN N 100 41.66 -37.22 30.12
CA ASN N 100 42.30 -38.38 29.50
C ASN N 100 43.50 -38.03 28.64
N SER N 101 43.79 -36.76 28.41
CA SER N 101 44.90 -36.28 27.59
C SER N 101 44.75 -36.64 26.12
N THR N 102 43.70 -37.39 25.74
CA THR N 102 43.37 -37.50 24.33
C THR N 102 42.84 -36.18 23.80
N TRP N 103 42.09 -35.46 24.64
CA TRP N 103 41.66 -34.11 24.27
C TRP N 103 42.85 -33.18 24.10
N SER N 104 43.82 -33.26 25.01
CA SER N 104 45.03 -32.45 24.94
C SER N 104 46.08 -33.06 25.86
N ASN N 105 47.25 -33.35 25.33
CA ASN N 105 48.30 -34.04 26.08
C ASN N 105 49.40 -33.10 26.55
N LYS N 106 49.10 -31.82 26.71
CA LYS N 106 50.10 -30.87 27.18
C LYS N 106 50.27 -30.97 28.69
N SER N 107 51.39 -30.44 29.17
CA SER N 107 51.67 -30.44 30.60
C SER N 107 50.90 -29.31 31.29
N PHE N 108 51.14 -29.17 32.59
CA PHE N 108 50.48 -28.09 33.33
C PHE N 108 51.10 -26.74 33.01
N GLU N 109 52.43 -26.67 32.92
CA GLU N 109 53.09 -25.41 32.67
C GLU N 109 52.79 -24.89 31.26
N GLN N 110 52.72 -25.80 30.28
CA GLN N 110 52.49 -25.40 28.90
C GLN N 110 51.08 -24.89 28.66
N ILE N 111 50.18 -25.04 29.61
CA ILE N 111 48.80 -24.58 29.46
C ILE N 111 48.59 -23.24 30.15
N TRP N 112 48.95 -23.14 31.43
CA TRP N 112 48.64 -21.97 32.22
C TRP N 112 49.70 -20.88 32.11
N ASN N 113 50.80 -21.14 31.41
CA ASN N 113 51.87 -20.16 31.27
C ASN N 113 52.29 -19.94 29.83
N ASN N 114 51.66 -20.61 28.87
CA ASN N 114 52.04 -20.54 27.46
C ASN N 114 50.85 -20.43 26.51
N MET N 115 49.65 -20.10 26.99
CA MET N 115 48.51 -19.99 26.10
C MET N 115 47.56 -18.93 26.61
N THR N 116 46.80 -18.36 25.68
CA THR N 116 45.68 -17.50 26.02
C THR N 116 44.40 -18.31 25.90
N TRP N 117 43.33 -17.77 26.48
CA TRP N 117 42.08 -18.53 26.53
C TRP N 117 41.53 -18.82 25.15
N ILE N 118 41.84 -17.97 24.16
CA ILE N 118 41.30 -18.17 22.82
C ILE N 118 41.98 -19.36 22.14
N GLU N 119 43.31 -19.46 22.26
CA GLU N 119 44.01 -20.59 21.64
C GLU N 119 43.61 -21.91 22.29
N TRP N 120 43.43 -21.91 23.61
CA TRP N 120 43.05 -23.13 24.31
C TRP N 120 41.69 -23.63 23.84
N GLU N 121 40.73 -22.71 23.68
CA GLU N 121 39.40 -23.10 23.23
C GLU N 121 39.37 -23.51 21.76
N ARG N 122 40.46 -23.31 21.02
CA ARG N 122 40.53 -23.78 19.65
C ARG N 122 41.14 -25.16 19.53
N GLU N 123 42.00 -25.56 20.47
CA GLU N 123 42.57 -26.90 20.42
C GLU N 123 41.55 -27.96 20.82
N ILE N 124 40.69 -27.66 21.79
CA ILE N 124 39.71 -28.63 22.27
C ILE N 124 38.32 -28.34 21.68
N SER N 125 38.25 -27.62 20.57
CA SER N 125 36.96 -27.41 19.93
C SER N 125 36.41 -28.69 19.33
N ASN N 126 37.25 -29.72 19.20
CA ASN N 126 36.78 -31.00 18.71
C ASN N 126 35.85 -31.66 19.73
N TYR N 127 36.22 -31.61 21.00
CA TYR N 127 35.69 -32.48 22.05
C TYR N 127 34.72 -31.79 23.02
N THR N 128 34.49 -30.48 22.87
CA THR N 128 33.56 -29.81 23.77
C THR N 128 32.16 -30.40 23.67
N SER N 129 31.78 -30.90 22.50
CA SER N 129 30.51 -31.61 22.39
C SER N 129 30.51 -32.90 23.20
N GLN N 130 31.67 -33.47 23.47
CA GLN N 130 31.77 -34.68 24.28
C GLN N 130 32.14 -34.41 25.72
N ILE N 131 32.91 -33.35 25.99
CA ILE N 131 33.21 -33.00 27.37
C ILE N 131 31.94 -32.57 28.10
N TYR N 132 31.02 -31.92 27.39
CA TYR N 132 29.76 -31.53 28.02
C TYR N 132 28.96 -32.76 28.43
N ASP N 133 28.94 -33.80 27.59
CA ASP N 133 28.19 -35.00 27.94
C ASP N 133 28.84 -35.77 29.07
N ILE N 134 30.17 -35.77 29.15
CA ILE N 134 30.85 -36.41 30.28
C ILE N 134 30.57 -35.64 31.57
N LEU N 135 30.53 -34.30 31.48
CA LEU N 135 30.24 -33.50 32.66
C LEU N 135 28.83 -33.74 33.17
N THR N 136 27.85 -33.85 32.27
CA THR N 136 26.48 -34.07 32.68
C THR N 136 26.31 -35.43 33.35
N GLU N 137 26.92 -36.47 32.78
CA GLU N 137 26.78 -37.81 33.35
C GLU N 137 27.40 -37.90 34.73
N SER N 138 28.54 -37.22 34.94
CA SER N 138 29.19 -37.29 36.24
C SER N 138 28.32 -36.69 37.33
N GLN N 139 27.67 -35.56 37.06
CA GLN N 139 26.79 -34.96 38.06
C GLN N 139 25.58 -35.84 38.31
N PHE N 140 25.04 -36.46 37.26
CA PHE N 140 23.94 -37.38 37.44
C PHE N 140 24.37 -38.58 38.29
N GLN N 141 25.58 -39.09 38.05
CA GLN N 141 26.08 -40.22 38.82
C GLN N 141 26.40 -39.83 40.25
N GLN N 142 26.55 -38.54 40.54
CA GLN N 142 26.73 -38.12 41.92
C GLN N 142 25.42 -38.22 42.69
N ASP N 143 24.30 -37.91 42.02
CA ASP N 143 23.00 -37.91 42.70
C ASP N 143 22.49 -39.33 42.93
N ILE N 144 22.63 -40.20 41.93
CA ILE N 144 22.22 -41.59 42.11
C ILE N 144 23.04 -42.26 43.20
N ASN N 145 24.35 -42.02 43.20
CA ASN N 145 25.21 -42.56 44.23
C ASN N 145 24.94 -41.97 45.61
N GLU N 146 24.13 -40.91 45.68
CA GLU N 146 23.81 -40.27 46.94
C GLU N 146 22.37 -40.53 47.40
N VAL N 147 21.45 -40.78 46.46
CA VAL N 147 20.09 -41.16 46.84
C VAL N 147 20.06 -42.55 47.44
N ASP N 148 20.72 -43.50 46.79
CA ASP N 148 20.74 -44.88 47.25
C ASP N 148 21.84 -45.16 48.28
N LEU N 149 22.34 -44.11 48.92
CA LEU N 149 23.37 -44.25 49.95
C LEU N 149 22.94 -43.69 51.29
N LEU N 150 22.23 -42.56 51.31
CA LEU N 150 21.71 -42.02 52.56
C LEU N 150 20.44 -42.73 52.98
#